data_2YS5
#
_entry.id   2YS5
#
loop_
_entity.id
_entity.type
_entity.pdbx_description
1 polymer 'Fibroblast growth factor receptor substrate 3'
2 polymer 'ALK tyrosine kinase receptor'
#
loop_
_entity_poly.entity_id
_entity_poly.type
_entity_poly.pdbx_seq_one_letter_code
_entity_poly.pdbx_strand_id
1 'polypeptide(L)'
;GSSGSSGLNRDSVPDNHPTKFKVTNVDDEGVELGSGVMELTQSELVLHLHRREAVRWPYLCLRRYGYDSNLFSFESGRRC
QTGQGIFAFKCSRAEEIFNLLQDLMQCNSINVMEEPVIITRNSHPAELDLPRAPQPPNALGYTVSS
;
A
2 'polypeptide(L)' LFRLRHFPCGNVNYGYQQQ B
#
# COMPACT_ATOMS: atom_id res chain seq x y z
N GLY A 1 9.66 -3.99 -13.10
CA GLY A 1 10.08 -5.25 -13.70
C GLY A 1 11.29 -5.84 -13.03
N SER A 2 11.19 -7.09 -12.61
CA SER A 2 12.29 -7.77 -11.94
C SER A 2 12.01 -9.27 -11.83
N SER A 3 13.06 -10.04 -11.54
CA SER A 3 12.94 -11.49 -11.41
C SER A 3 14.14 -12.08 -10.68
N GLY A 4 14.08 -13.38 -10.41
CA GLY A 4 15.18 -14.03 -9.73
C GLY A 4 14.69 -14.93 -8.60
N SER A 5 14.69 -16.24 -8.85
CA SER A 5 14.25 -17.20 -7.84
C SER A 5 15.36 -18.17 -7.49
N SER A 6 15.52 -18.43 -6.19
CA SER A 6 16.56 -19.33 -5.71
C SER A 6 16.01 -20.28 -4.65
N GLY A 7 16.62 -21.46 -4.55
CA GLY A 7 16.17 -22.44 -3.57
C GLY A 7 16.95 -22.35 -2.27
N LEU A 8 17.18 -21.13 -1.79
CA LEU A 8 17.92 -20.92 -0.55
C LEU A 8 16.99 -20.48 0.57
N ASN A 9 17.05 -21.19 1.69
CA ASN A 9 16.20 -20.87 2.84
C ASN A 9 16.64 -19.55 3.48
N ARG A 10 15.69 -18.86 4.08
CA ARG A 10 15.98 -17.59 4.75
C ARG A 10 16.03 -17.76 6.26
N ASP A 11 16.98 -17.10 6.90
CA ASP A 11 17.15 -17.18 8.34
C ASP A 11 16.44 -16.01 9.03
N SER A 12 16.78 -14.79 8.62
CA SER A 12 16.18 -13.60 9.20
C SER A 12 16.01 -12.51 8.14
N VAL A 13 14.78 -12.04 7.98
CA VAL A 13 14.46 -11.00 7.00
C VAL A 13 15.31 -9.75 7.26
N PRO A 14 16.06 -9.33 6.23
CA PRO A 14 16.92 -8.15 6.31
C PRO A 14 16.12 -6.85 6.37
N ASP A 15 16.78 -5.76 6.74
CA ASP A 15 16.12 -4.46 6.84
C ASP A 15 16.10 -3.77 5.48
N ASN A 16 16.60 -4.46 4.46
CA ASN A 16 16.65 -3.90 3.10
C ASN A 16 16.10 -4.90 2.09
N HIS A 17 15.17 -5.74 2.52
CA HIS A 17 14.57 -6.74 1.66
C HIS A 17 13.78 -6.08 0.53
N PRO A 18 13.86 -6.66 -0.67
CA PRO A 18 13.15 -6.15 -1.85
C PRO A 18 11.65 -6.34 -1.76
N THR A 19 11.23 -7.45 -1.15
CA THR A 19 9.82 -7.75 -1.00
C THR A 19 9.33 -7.38 0.40
N LYS A 20 10.25 -7.33 1.35
CA LYS A 20 9.91 -6.98 2.73
C LYS A 20 10.57 -5.67 3.14
N PHE A 21 9.98 -5.00 4.12
CA PHE A 21 10.51 -3.72 4.61
C PHE A 21 10.08 -3.47 6.05
N LYS A 22 11.02 -3.63 6.98
CA LYS A 22 10.74 -3.42 8.40
C LYS A 22 10.30 -1.99 8.65
N VAL A 23 9.05 -1.81 9.06
CA VAL A 23 8.50 -0.49 9.34
C VAL A 23 8.25 -0.31 10.83
N THR A 24 8.07 0.94 11.26
CA THR A 24 7.83 1.25 12.66
C THR A 24 6.65 2.20 12.81
N ASN A 25 5.49 1.64 13.16
CA ASN A 25 4.29 2.43 13.34
C ASN A 25 4.52 3.58 14.31
N VAL A 26 4.37 4.81 13.83
CA VAL A 26 4.57 5.99 14.66
C VAL A 26 3.27 6.77 14.82
N ASP A 27 3.32 7.82 15.63
CA ASP A 27 2.15 8.66 15.89
C ASP A 27 2.30 10.01 15.20
N ASP A 28 1.27 10.86 15.33
CA ASP A 28 1.28 12.17 14.73
C ASP A 28 2.63 12.86 14.96
N GLU A 29 3.15 12.74 16.18
CA GLU A 29 4.42 13.35 16.53
C GLU A 29 5.58 12.68 15.77
N GLY A 30 5.43 11.39 15.54
CA GLY A 30 6.47 10.65 14.83
C GLY A 30 7.18 9.65 15.74
N VAL A 31 6.82 9.64 17.01
CA VAL A 31 7.43 8.74 17.98
C VAL A 31 7.24 7.29 17.56
N GLU A 32 7.99 6.39 18.18
CA GLU A 32 7.90 4.96 17.87
C GLU A 32 6.98 4.24 18.87
N LEU A 33 5.86 3.74 18.36
CA LEU A 33 4.90 3.04 19.20
C LEU A 33 5.15 1.53 19.17
N GLY A 34 5.18 0.97 17.96
CA GLY A 34 5.42 -0.46 17.81
C GLY A 34 6.13 -0.80 16.52
N SER A 35 6.86 -1.91 16.52
CA SER A 35 7.59 -2.34 15.33
C SER A 35 6.77 -3.33 14.51
N GLY A 36 6.95 -3.29 13.20
CA GLY A 36 6.21 -4.19 12.32
C GLY A 36 6.88 -4.36 10.98
N VAL A 37 6.44 -5.37 10.22
CA VAL A 37 7.02 -5.64 8.91
C VAL A 37 5.94 -5.58 7.82
N MET A 38 6.17 -4.73 6.83
CA MET A 38 5.22 -4.58 5.73
C MET A 38 5.60 -5.47 4.55
N GLU A 39 4.60 -6.08 3.93
CA GLU A 39 4.84 -6.97 2.79
C GLU A 39 4.12 -6.46 1.55
N LEU A 40 4.83 -6.42 0.42
CA LEU A 40 4.26 -5.95 -0.83
C LEU A 40 4.08 -7.11 -1.80
N THR A 41 2.96 -7.82 -1.67
CA THR A 41 2.67 -8.95 -2.54
C THR A 41 1.45 -8.67 -3.41
N GLN A 42 1.52 -9.09 -4.67
CA GLN A 42 0.42 -8.89 -5.61
C GLN A 42 -0.93 -8.99 -4.90
N SER A 43 -1.01 -9.88 -3.91
CA SER A 43 -2.24 -10.09 -3.16
C SER A 43 -2.68 -8.79 -2.49
N GLU A 44 -1.94 -8.38 -1.46
CA GLU A 44 -2.26 -7.15 -0.73
C GLU A 44 -1.18 -6.84 0.30
N LEU A 45 -1.36 -5.74 1.02
CA LEU A 45 -0.40 -5.32 2.05
C LEU A 45 -0.75 -5.95 3.39
N VAL A 46 0.21 -6.65 3.97
CA VAL A 46 0.01 -7.29 5.27
C VAL A 46 1.10 -6.89 6.26
N LEU A 47 0.68 -6.50 7.46
CA LEU A 47 1.62 -6.08 8.50
C LEU A 47 1.83 -7.20 9.51
N HIS A 48 3.08 -7.35 9.97
CA HIS A 48 3.42 -8.38 10.93
C HIS A 48 3.88 -7.76 12.24
N LEU A 49 3.48 -8.36 13.36
CA LEU A 49 3.85 -7.87 14.68
C LEU A 49 3.89 -9.00 15.70
N HIS A 50 4.13 -8.66 16.96
CA HIS A 50 4.19 -9.65 18.03
C HIS A 50 2.99 -10.59 17.96
N ARG A 51 2.98 -11.58 18.85
CA ARG A 51 1.89 -12.56 18.90
C ARG A 51 0.57 -11.89 18.54
N ARG A 52 0.41 -10.63 18.91
CA ARG A 52 -0.81 -9.88 18.64
C ARG A 52 -1.34 -10.22 17.24
N GLU A 53 -2.63 -9.97 17.04
CA GLU A 53 -3.26 -10.25 15.75
C GLU A 53 -2.68 -9.35 14.65
N ALA A 54 -2.60 -9.89 13.45
CA ALA A 54 -2.06 -9.14 12.31
C ALA A 54 -3.15 -8.35 11.61
N VAL A 55 -2.77 -7.64 10.54
CA VAL A 55 -3.73 -6.84 9.79
C VAL A 55 -3.43 -6.91 8.29
N ARG A 56 -4.45 -6.64 7.48
CA ARG A 56 -4.29 -6.67 6.04
C ARG A 56 -5.00 -5.48 5.38
N TRP A 57 -4.49 -5.05 4.24
CA TRP A 57 -5.07 -3.92 3.52
C TRP A 57 -5.07 -4.18 2.02
N PRO A 58 -6.28 -4.28 1.44
CA PRO A 58 -6.44 -4.53 -0.01
C PRO A 58 -6.04 -3.33 -0.85
N TYR A 59 -5.23 -3.57 -1.87
CA TYR A 59 -4.77 -2.51 -2.76
C TYR A 59 -5.94 -1.69 -3.29
N LEU A 60 -7.13 -2.30 -3.28
CA LEU A 60 -8.33 -1.63 -3.76
C LEU A 60 -8.65 -0.41 -2.92
N CYS A 61 -9.18 -0.65 -1.72
CA CYS A 61 -9.54 0.43 -0.80
C CYS A 61 -8.53 1.58 -0.91
N LEU A 62 -7.25 1.25 -0.78
CA LEU A 62 -6.20 2.25 -0.86
C LEU A 62 -6.55 3.34 -1.85
N ARG A 63 -7.08 4.45 -1.33
CA ARG A 63 -7.47 5.58 -2.17
C ARG A 63 -6.26 6.41 -2.55
N ARG A 64 -5.40 6.68 -1.57
CA ARG A 64 -4.19 7.47 -1.82
C ARG A 64 -2.98 6.83 -1.14
N TYR A 65 -1.86 6.82 -1.84
CA TYR A 65 -0.63 6.24 -1.32
C TYR A 65 0.58 7.10 -1.69
N GLY A 66 1.14 7.77 -0.69
CA GLY A 66 2.30 8.61 -0.92
C GLY A 66 3.53 8.14 -0.17
N TYR A 67 4.51 9.02 -0.03
CA TYR A 67 5.75 8.68 0.67
C TYR A 67 6.49 9.94 1.10
N ASP A 68 7.51 9.77 1.93
CA ASP A 68 8.30 10.89 2.41
C ASP A 68 9.49 10.40 3.23
N SER A 69 10.44 11.30 3.48
CA SER A 69 11.63 10.95 4.25
C SER A 69 11.28 10.01 5.41
N ASN A 70 11.87 8.83 5.39
CA ASN A 70 11.62 7.84 6.44
C ASN A 70 10.19 7.94 6.96
N LEU A 71 9.24 8.11 6.03
CA LEU A 71 7.84 8.22 6.39
C LEU A 71 6.95 7.61 5.31
N PHE A 72 6.08 6.70 5.72
CA PHE A 72 5.17 6.04 4.79
C PHE A 72 3.82 5.79 5.44
N SER A 73 2.75 6.16 4.73
CA SER A 73 1.40 5.98 5.24
C SER A 73 0.41 5.75 4.10
N PHE A 74 -0.80 5.34 4.44
CA PHE A 74 -1.83 5.08 3.45
C PHE A 74 -3.23 5.31 4.03
N GLU A 75 -4.14 5.79 3.19
CA GLU A 75 -5.51 6.05 3.64
C GLU A 75 -6.44 4.91 3.25
N SER A 76 -7.24 4.45 4.19
CA SER A 76 -8.17 3.36 3.95
C SER A 76 -9.58 3.74 4.38
N GLY A 77 -10.58 3.13 3.75
CA GLY A 77 -11.96 3.41 4.09
C GLY A 77 -12.36 2.85 5.44
N ARG A 78 -13.62 2.47 5.57
CA ARG A 78 -14.13 1.91 6.82
C ARG A 78 -14.52 0.45 6.65
N ARG A 79 -14.39 -0.05 5.42
CA ARG A 79 -14.73 -1.44 5.12
C ARG A 79 -13.56 -2.37 5.45
N CYS A 80 -12.39 -1.79 5.68
CA CYS A 80 -11.20 -2.56 5.99
C CYS A 80 -11.23 -3.04 7.44
N GLN A 81 -10.59 -4.17 7.71
CA GLN A 81 -10.55 -4.73 9.05
C GLN A 81 -10.43 -3.63 10.10
N THR A 82 -9.28 -2.96 10.13
CA THR A 82 -9.04 -1.90 11.09
C THR A 82 -10.21 -0.92 11.12
N GLY A 83 -10.49 -0.30 9.97
CA GLY A 83 -11.58 0.65 9.88
C GLY A 83 -11.12 2.01 9.40
N GLN A 84 -12.04 2.98 9.41
CA GLN A 84 -11.73 4.33 8.98
C GLN A 84 -10.58 4.92 9.80
N GLY A 85 -9.59 5.46 9.10
CA GLY A 85 -8.44 6.04 9.79
C GLY A 85 -7.15 5.83 9.04
N ILE A 86 -6.23 6.78 9.16
CA ILE A 86 -4.93 6.69 8.49
C ILE A 86 -3.88 6.06 9.39
N PHE A 87 -2.90 5.42 8.78
CA PHE A 87 -1.83 4.77 9.54
C PHE A 87 -0.47 5.04 8.90
N ALA A 88 0.42 5.69 9.65
CA ALA A 88 1.75 6.01 9.16
C ALA A 88 2.81 5.18 9.87
N PHE A 89 3.95 5.00 9.20
CA PHE A 89 5.05 4.23 9.78
C PHE A 89 6.39 4.79 9.34
N LYS A 90 7.40 4.63 10.19
CA LYS A 90 8.74 5.13 9.90
C LYS A 90 9.63 3.99 9.38
N CYS A 91 10.23 4.21 8.22
CA CYS A 91 11.11 3.22 7.61
C CYS A 91 12.37 3.87 7.04
N SER A 92 13.24 3.06 6.47
CA SER A 92 14.48 3.55 5.89
C SER A 92 14.41 3.55 4.37
N ARG A 93 13.55 2.70 3.82
CA ARG A 93 13.38 2.60 2.37
C ARG A 93 11.93 2.84 1.98
N ALA A 94 11.35 3.92 2.49
CA ALA A 94 9.97 4.26 2.19
C ALA A 94 9.75 4.38 0.70
N GLU A 95 10.64 5.09 0.02
CA GLU A 95 10.54 5.28 -1.43
C GLU A 95 10.42 3.93 -2.14
N GLU A 96 11.30 2.99 -1.79
CA GLU A 96 11.29 1.68 -2.39
C GLU A 96 9.88 1.08 -2.39
N ILE A 97 9.22 1.15 -1.23
CA ILE A 97 7.87 0.62 -1.10
C ILE A 97 6.88 1.43 -1.92
N PHE A 98 7.14 2.72 -2.06
CA PHE A 98 6.27 3.60 -2.83
C PHE A 98 6.42 3.33 -4.33
N ASN A 99 7.64 3.06 -4.76
CA ASN A 99 7.91 2.79 -6.17
C ASN A 99 7.42 1.39 -6.56
N LEU A 100 7.24 0.53 -5.56
CA LEU A 100 6.78 -0.82 -5.80
C LEU A 100 5.26 -0.92 -5.67
N LEU A 101 4.70 -0.14 -4.75
CA LEU A 101 3.25 -0.12 -4.53
C LEU A 101 2.52 0.12 -5.85
N GLN A 102 2.88 1.21 -6.53
CA GLN A 102 2.25 1.55 -7.80
C GLN A 102 2.51 0.48 -8.86
N ASP A 103 3.44 -0.42 -8.55
CA ASP A 103 3.79 -1.51 -9.47
C ASP A 103 2.81 -2.67 -9.34
N LEU A 104 2.38 -2.93 -8.11
CA LEU A 104 1.44 -4.02 -7.84
C LEU A 104 0.00 -3.55 -8.04
N MET A 105 -0.24 -2.27 -7.79
CA MET A 105 -1.58 -1.70 -7.95
C MET A 105 -1.99 -1.67 -9.42
N GLN A 106 -1.09 -1.19 -10.26
CA GLN A 106 -1.37 -1.10 -11.70
C GLN A 106 -1.65 -2.48 -12.27
N CYS A 107 -0.89 -3.47 -11.82
CA CYS A 107 -1.06 -4.85 -12.29
C CYS A 107 -2.47 -5.35 -12.03
N ASN A 108 -3.15 -4.73 -11.06
CA ASN A 108 -4.50 -5.12 -10.70
C ASN A 108 -4.67 -6.63 -10.79
N SER A 109 -3.77 -7.36 -10.16
CA SER A 109 -3.81 -8.82 -10.16
C SER A 109 -5.26 -9.31 -10.11
N ILE A 110 -5.71 -9.93 -11.21
CA ILE A 110 -7.07 -10.44 -11.28
C ILE A 110 -7.12 -11.91 -10.86
N ASN A 111 -7.56 -12.15 -9.64
CA ASN A 111 -7.66 -13.51 -9.12
C ASN A 111 -6.47 -14.35 -9.56
N VAL A 112 -5.32 -13.71 -9.74
CA VAL A 112 -4.12 -14.39 -10.17
C VAL A 112 -4.04 -15.79 -9.57
N MET A 113 -4.60 -15.95 -8.37
CA MET A 113 -4.60 -17.24 -7.68
C MET A 113 -6.02 -17.69 -7.37
N GLU A 114 -6.23 -19.00 -7.35
CA GLU A 114 -7.55 -19.57 -7.06
C GLU A 114 -7.96 -19.26 -5.63
N GLU A 115 -8.75 -18.19 -5.47
CA GLU A 115 -9.23 -17.80 -4.15
C GLU A 115 -10.43 -18.63 -3.72
N PRO A 116 -10.62 -18.79 -2.41
CA PRO A 116 -11.72 -19.55 -1.84
C PRO A 116 -13.06 -18.87 -2.05
N VAL A 117 -14.12 -19.45 -1.47
CA VAL A 117 -15.46 -18.88 -1.59
C VAL A 117 -15.57 -17.57 -0.84
N ILE A 118 -16.14 -16.57 -1.51
CA ILE A 118 -16.30 -15.25 -0.90
C ILE A 118 -17.74 -14.77 -1.02
N ILE A 119 -18.20 -14.04 -0.01
CA ILE A 119 -19.56 -13.52 0.00
C ILE A 119 -19.98 -13.03 -1.38
N THR A 120 -19.03 -12.42 -2.09
CA THR A 120 -19.29 -11.90 -3.43
C THR A 120 -20.26 -12.80 -4.18
N ARG A 121 -20.14 -14.10 -3.97
CA ARG A 121 -21.02 -15.07 -4.64
C ARG A 121 -22.45 -14.58 -4.64
N ASN A 122 -23.20 -15.01 -5.66
CA ASN A 122 -24.60 -14.61 -5.79
C ASN A 122 -25.41 -15.06 -4.58
N SER A 123 -26.03 -14.12 -3.88
CA SER A 123 -26.82 -14.42 -2.70
C SER A 123 -27.76 -13.25 -2.37
N HIS A 124 -28.61 -13.45 -1.37
CA HIS A 124 -29.56 -12.43 -0.95
C HIS A 124 -28.91 -11.04 -1.01
N PRO A 125 -29.72 -10.04 -1.39
CA PRO A 125 -29.25 -8.65 -1.49
C PRO A 125 -28.96 -8.03 -0.13
N ALA A 126 -27.97 -7.15 -0.09
CA ALA A 126 -27.59 -6.47 1.15
C ALA A 126 -26.95 -5.12 0.87
N GLU A 127 -26.63 -4.40 1.95
CA GLU A 127 -26.01 -3.09 1.81
C GLU A 127 -24.59 -3.21 1.26
N LEU A 128 -24.49 -3.32 -0.06
CA LEU A 128 -23.20 -3.44 -0.72
C LEU A 128 -22.79 -2.13 -1.39
N ASP A 129 -21.52 -1.77 -1.26
CA ASP A 129 -21.02 -0.54 -1.86
C ASP A 129 -21.55 -0.35 -3.27
N LEU A 130 -21.52 0.88 -3.76
CA LEU A 130 -21.99 1.19 -5.10
C LEU A 130 -20.85 1.69 -5.98
N PRO A 131 -20.94 1.40 -7.29
CA PRO A 131 -19.93 1.82 -8.26
C PRO A 131 -19.94 3.32 -8.50
N ARG A 132 -19.19 3.77 -9.51
CA ARG A 132 -19.11 5.18 -9.83
C ARG A 132 -20.37 5.65 -10.56
N ALA A 133 -20.44 6.94 -10.84
CA ALA A 133 -21.60 7.52 -11.53
C ALA A 133 -21.18 8.71 -12.39
N PRO A 134 -21.83 8.86 -13.56
CA PRO A 134 -21.54 9.95 -14.49
C PRO A 134 -22.01 11.30 -13.95
N GLN A 135 -21.56 12.37 -14.59
CA GLN A 135 -21.94 13.72 -14.18
C GLN A 135 -23.14 14.22 -14.96
N PRO A 136 -24.09 14.86 -14.26
CA PRO A 136 -25.31 15.39 -14.87
C PRO A 136 -25.03 16.59 -15.77
N PRO A 137 -25.59 16.56 -16.98
CA PRO A 137 -25.41 17.65 -17.96
C PRO A 137 -26.13 18.93 -17.55
N ASN A 138 -26.12 19.92 -18.43
CA ASN A 138 -26.78 21.19 -18.15
C ASN A 138 -28.08 21.32 -18.94
N ALA A 139 -28.82 22.38 -18.68
CA ALA A 139 -30.09 22.62 -19.37
C ALA A 139 -29.99 23.85 -20.27
N LEU A 140 -30.91 23.94 -21.23
CA LEU A 140 -30.93 25.06 -22.18
C LEU A 140 -32.21 25.86 -22.02
N GLY A 141 -32.05 27.17 -21.80
CA GLY A 141 -33.20 28.05 -21.65
C GLY A 141 -34.03 28.15 -22.90
N TYR A 142 -34.77 29.24 -23.04
CA TYR A 142 -35.62 29.45 -24.20
C TYR A 142 -35.83 30.94 -24.46
N THR A 143 -36.14 31.28 -25.72
CA THR A 143 -36.38 32.67 -26.09
C THR A 143 -37.79 33.11 -25.74
N VAL A 144 -37.98 34.41 -25.60
CA VAL A 144 -39.28 34.97 -25.27
C VAL A 144 -39.96 35.56 -26.50
N SER A 145 -41.27 35.32 -26.62
CA SER A 145 -42.03 35.83 -27.76
C SER A 145 -42.38 37.30 -27.57
N SER A 146 -43.06 37.87 -28.55
CA SER A 146 -43.46 39.27 -28.49
C SER A 146 -44.42 39.52 -27.33
N LEU B 1 -1.39 0.53 15.38
CA LEU B 1 -2.18 1.16 14.33
C LEU B 1 -2.71 2.52 14.78
N PHE B 2 -1.79 3.41 15.13
CA PHE B 2 -2.16 4.76 15.59
C PHE B 2 -3.03 5.46 14.54
N ARG B 3 -4.05 6.17 15.02
CA ARG B 3 -4.95 6.89 14.13
C ARG B 3 -4.47 8.32 13.90
N LEU B 4 -4.26 8.67 12.64
CA LEU B 4 -3.79 10.01 12.28
C LEU B 4 -4.97 10.91 11.90
N ARG B 5 -4.75 12.22 12.00
CA ARG B 5 -5.79 13.19 11.66
C ARG B 5 -5.82 13.46 10.16
N HIS B 6 -4.63 13.55 9.57
CA HIS B 6 -4.51 13.81 8.13
C HIS B 6 -3.27 13.14 7.56
N PHE B 7 -3.16 13.14 6.24
CA PHE B 7 -2.02 12.53 5.57
C PHE B 7 -0.77 13.41 5.70
N PRO B 8 0.26 12.86 6.35
CA PRO B 8 1.52 13.58 6.58
C PRO B 8 2.31 13.76 5.28
N CYS B 9 1.83 13.16 4.20
CA CYS B 9 2.49 13.26 2.91
C CYS B 9 1.76 14.26 2.00
N GLY B 10 2.46 14.74 0.99
CA GLY B 10 1.87 15.70 0.07
C GLY B 10 1.91 15.22 -1.37
N ASN B 11 2.93 14.45 -1.72
CA ASN B 11 3.08 13.93 -3.06
C ASN B 11 2.58 12.49 -3.15
N VAL B 12 1.33 12.32 -3.57
CA VAL B 12 0.74 10.99 -3.69
C VAL B 12 0.24 10.74 -5.11
N ASN B 13 0.41 9.52 -5.59
CA ASN B 13 -0.02 9.15 -6.94
C ASN B 13 -1.30 8.31 -6.89
N TYR B 14 -2.42 8.96 -6.66
CA TYR B 14 -3.70 8.26 -6.59
C TYR B 14 -3.76 7.12 -7.59
N GLY B 15 -4.22 5.96 -7.11
CA GLY B 15 -4.31 4.79 -7.97
C GLY B 15 -5.74 4.37 -8.22
N TYR B 16 -6.39 3.84 -7.18
CA TYR B 16 -7.76 3.39 -7.28
C TYR B 16 -8.74 4.54 -7.09
N GLN B 17 -9.58 4.78 -8.10
CA GLN B 17 -10.56 5.86 -8.05
C GLN B 17 -11.93 5.32 -7.64
N GLN B 18 -11.98 4.04 -7.30
CA GLN B 18 -13.23 3.42 -6.88
C GLN B 18 -13.38 3.43 -5.37
N GLN B 19 -14.61 3.55 -4.90
CA GLN B 19 -14.89 3.58 -3.47
C GLN B 19 -14.26 2.39 -2.76
N GLY A 1 25.01 -15.92 -27.73
CA GLY A 1 24.78 -16.80 -26.60
C GLY A 1 24.60 -16.03 -25.30
N SER A 2 24.13 -16.73 -24.27
CA SER A 2 23.90 -16.10 -22.97
C SER A 2 24.20 -17.08 -21.84
N SER A 3 24.08 -16.60 -20.61
CA SER A 3 24.35 -17.43 -19.44
C SER A 3 23.37 -17.12 -18.31
N GLY A 4 23.31 -18.00 -17.32
CA GLY A 4 22.41 -17.79 -16.20
C GLY A 4 23.14 -17.39 -14.93
N SER A 5 22.40 -17.22 -13.85
CA SER A 5 22.98 -16.83 -12.57
C SER A 5 22.15 -17.38 -11.41
N SER A 6 22.77 -17.47 -10.24
CA SER A 6 22.10 -17.98 -9.05
C SER A 6 22.62 -17.29 -7.79
N GLY A 7 21.94 -17.52 -6.67
CA GLY A 7 22.35 -16.91 -5.42
C GLY A 7 21.63 -17.52 -4.22
N LEU A 8 22.25 -17.40 -3.05
CA LEU A 8 21.67 -17.94 -1.83
C LEU A 8 21.36 -16.83 -0.83
N ASN A 9 20.35 -17.06 0.01
CA ASN A 9 19.95 -16.07 1.00
C ASN A 9 19.86 -16.72 2.39
N ARG A 10 20.26 -15.96 3.41
CA ARG A 10 20.23 -16.44 4.78
C ARG A 10 18.79 -16.47 5.31
N ASP A 11 18.63 -17.03 6.50
CA ASP A 11 17.31 -17.11 7.13
C ASP A 11 16.86 -15.75 7.65
N SER A 12 17.79 -15.03 8.29
CA SER A 12 17.50 -13.73 8.85
C SER A 12 17.05 -12.75 7.75
N VAL A 13 16.11 -11.88 8.08
CA VAL A 13 15.60 -10.90 7.13
C VAL A 13 16.23 -9.54 7.35
N PRO A 14 16.92 -9.03 6.31
CA PRO A 14 17.59 -7.73 6.37
C PRO A 14 16.60 -6.57 6.41
N ASP A 15 17.06 -5.40 6.85
CA ASP A 15 16.22 -4.22 6.93
C ASP A 15 16.11 -3.54 5.57
N ASN A 16 16.77 -4.10 4.57
CA ASN A 16 16.74 -3.55 3.22
C ASN A 16 16.28 -4.59 2.22
N HIS A 17 15.45 -5.52 2.67
CA HIS A 17 14.93 -6.58 1.81
C HIS A 17 14.01 -6.00 0.73
N PRO A 18 14.11 -6.54 -0.48
CA PRO A 18 13.30 -6.10 -1.62
C PRO A 18 11.83 -6.47 -1.47
N THR A 19 11.58 -7.64 -0.86
CA THR A 19 10.22 -8.11 -0.66
C THR A 19 9.75 -7.80 0.76
N LYS A 20 10.69 -7.56 1.66
CA LYS A 20 10.36 -7.26 3.05
C LYS A 20 10.89 -5.87 3.44
N PHE A 21 10.11 -5.15 4.24
CA PHE A 21 10.50 -3.82 4.68
C PHE A 21 10.11 -3.59 6.14
N LYS A 22 11.10 -3.63 7.02
CA LYS A 22 10.86 -3.42 8.45
C LYS A 22 10.44 -1.98 8.73
N VAL A 23 9.21 -1.82 9.19
CA VAL A 23 8.68 -0.49 9.50
C VAL A 23 8.44 -0.34 11.00
N THR A 24 8.25 0.90 11.44
CA THR A 24 8.02 1.19 12.85
C THR A 24 6.84 2.14 13.02
N ASN A 25 5.68 1.59 13.35
CA ASN A 25 4.48 2.40 13.54
C ASN A 25 4.75 3.56 14.48
N VAL A 26 4.24 4.73 14.14
CA VAL A 26 4.42 5.93 14.95
C VAL A 26 3.11 6.65 15.18
N ASP A 27 3.16 7.76 15.91
CA ASP A 27 1.97 8.56 16.20
C ASP A 27 2.00 9.89 15.44
N ASP A 28 1.00 10.71 15.67
CA ASP A 28 0.91 12.01 15.01
C ASP A 28 2.19 12.81 15.24
N GLU A 29 2.75 12.70 16.44
CA GLU A 29 3.98 13.42 16.79
C GLU A 29 5.17 12.85 16.02
N GLY A 30 5.23 11.53 15.94
CA GLY A 30 6.32 10.88 15.24
C GLY A 30 7.12 9.94 16.13
N VAL A 31 6.53 9.59 17.27
CA VAL A 31 7.18 8.69 18.22
C VAL A 31 7.06 7.23 17.78
N GLU A 32 7.80 6.36 18.44
CA GLU A 32 7.78 4.93 18.11
C GLU A 32 6.94 4.15 19.13
N LEU A 33 5.85 3.58 18.65
CA LEU A 33 4.96 2.81 19.52
C LEU A 33 5.21 1.31 19.34
N GLY A 34 4.90 0.79 18.16
CA GLY A 34 5.09 -0.61 17.89
C GLY A 34 5.75 -0.87 16.54
N SER A 35 6.73 -1.76 16.53
CA SER A 35 7.44 -2.09 15.30
C SER A 35 6.71 -3.18 14.52
N GLY A 36 6.90 -3.18 13.20
CA GLY A 36 6.26 -4.19 12.37
C GLY A 36 6.93 -4.32 11.02
N VAL A 37 6.54 -5.35 10.26
CA VAL A 37 7.12 -5.60 8.95
C VAL A 37 6.03 -5.60 7.87
N MET A 38 6.18 -4.72 6.88
CA MET A 38 5.22 -4.62 5.79
C MET A 38 5.66 -5.47 4.60
N GLU A 39 4.74 -6.30 4.10
CA GLU A 39 5.04 -7.16 2.96
C GLU A 39 4.23 -6.74 1.74
N LEU A 40 4.90 -6.61 0.61
CA LEU A 40 4.25 -6.21 -0.63
C LEU A 40 3.96 -7.43 -1.51
N THR A 41 2.81 -8.04 -1.29
CA THR A 41 2.41 -9.22 -2.05
C THR A 41 1.28 -8.89 -3.02
N GLN A 42 1.41 -9.34 -4.27
CA GLN A 42 0.41 -9.09 -5.28
C GLN A 42 -0.99 -9.09 -4.68
N SER A 43 -1.20 -9.94 -3.67
CA SER A 43 -2.49 -10.03 -3.01
C SER A 43 -2.86 -8.71 -2.35
N GLU A 44 -2.09 -8.30 -1.35
CA GLU A 44 -2.34 -7.05 -0.64
C GLU A 44 -1.23 -6.77 0.36
N LEU A 45 -1.36 -5.65 1.08
CA LEU A 45 -0.36 -5.27 2.07
C LEU A 45 -0.68 -5.88 3.43
N VAL A 46 0.20 -6.74 3.91
CA VAL A 46 0.02 -7.39 5.20
C VAL A 46 1.12 -6.99 6.18
N LEU A 47 0.73 -6.76 7.43
CA LEU A 47 1.68 -6.37 8.46
C LEU A 47 2.03 -7.56 9.36
N HIS A 48 3.18 -7.48 10.02
CA HIS A 48 3.62 -8.54 10.91
C HIS A 48 3.96 -7.99 12.29
N LEU A 49 3.33 -8.55 13.32
CA LEU A 49 3.56 -8.12 14.69
C LEU A 49 4.01 -9.28 15.56
N HIS A 50 4.16 -9.02 16.86
CA HIS A 50 4.58 -10.05 17.80
C HIS A 50 3.39 -10.65 18.53
N ARG A 51 2.83 -9.89 19.47
CA ARG A 51 1.68 -10.35 20.25
C ARG A 51 0.38 -9.91 19.58
N ARG A 52 0.37 -8.69 19.06
CA ARG A 52 -0.81 -8.15 18.40
C ARG A 52 -1.13 -8.93 17.13
N GLU A 53 -2.39 -8.88 16.71
CA GLU A 53 -2.83 -9.59 15.51
C GLU A 53 -2.29 -8.91 14.26
N ALA A 54 -2.39 -9.62 13.13
CA ALA A 54 -1.90 -9.09 11.86
C ALA A 54 -3.01 -8.37 11.11
N VAL A 55 -2.63 -7.33 10.36
CA VAL A 55 -3.60 -6.55 9.59
C VAL A 55 -3.30 -6.62 8.10
N ARG A 56 -4.31 -6.32 7.28
CA ARG A 56 -4.15 -6.35 5.83
C ARG A 56 -4.91 -5.21 5.18
N TRP A 57 -4.43 -4.78 4.02
CA TRP A 57 -5.08 -3.69 3.29
C TRP A 57 -5.08 -3.96 1.79
N PRO A 58 -6.28 -4.15 1.23
CA PRO A 58 -6.44 -4.43 -0.20
C PRO A 58 -6.13 -3.21 -1.07
N TYR A 59 -5.19 -3.38 -1.99
CA TYR A 59 -4.79 -2.29 -2.88
C TYR A 59 -6.02 -1.56 -3.43
N LEU A 60 -7.12 -2.28 -3.53
CA LEU A 60 -8.36 -1.70 -4.05
C LEU A 60 -8.84 -0.56 -3.15
N CYS A 61 -9.18 -0.89 -1.91
CA CYS A 61 -9.66 0.11 -0.97
C CYS A 61 -8.71 1.31 -0.92
N LEU A 62 -7.41 1.04 -0.92
CA LEU A 62 -6.41 2.10 -0.88
C LEU A 62 -6.80 3.25 -1.80
N ARG A 63 -7.41 4.28 -1.23
CA ARG A 63 -7.82 5.45 -2.00
C ARG A 63 -6.62 6.26 -2.44
N ARG A 64 -5.62 6.37 -1.56
CA ARG A 64 -4.42 7.13 -1.86
C ARG A 64 -3.21 6.55 -1.13
N TYR A 65 -2.02 6.82 -1.66
CA TYR A 65 -0.78 6.31 -1.06
C TYR A 65 0.38 7.25 -1.35
N GLY A 66 1.05 7.71 -0.30
CA GLY A 66 2.18 8.60 -0.47
C GLY A 66 3.46 8.03 0.10
N TYR A 67 4.46 8.89 0.29
CA TYR A 67 5.74 8.47 0.84
C TYR A 67 6.59 9.67 1.22
N ASP A 68 7.55 9.44 2.11
CA ASP A 68 8.43 10.50 2.58
C ASP A 68 9.83 9.96 2.88
N SER A 69 10.78 10.86 3.07
CA SER A 69 12.16 10.47 3.37
C SER A 69 12.20 9.41 4.47
N ASN A 70 11.55 9.71 5.58
CA ASN A 70 11.51 8.79 6.71
C ASN A 70 10.09 8.66 7.26
N LEU A 71 9.11 8.72 6.37
CA LEU A 71 7.70 8.61 6.77
C LEU A 71 6.87 8.00 5.65
N PHE A 72 6.12 6.96 5.98
CA PHE A 72 5.27 6.29 5.01
C PHE A 72 3.90 5.96 5.60
N SER A 73 2.85 6.50 5.01
CA SER A 73 1.49 6.27 5.49
C SER A 73 0.54 6.03 4.32
N PHE A 74 -0.64 5.53 4.63
CA PHE A 74 -1.65 5.25 3.61
C PHE A 74 -3.05 5.46 4.15
N GLU A 75 -3.93 6.00 3.31
CA GLU A 75 -5.31 6.25 3.71
C GLU A 75 -6.24 5.12 3.26
N SER A 76 -7.36 4.96 3.95
CA SER A 76 -8.32 3.91 3.62
C SER A 76 -9.72 4.31 4.05
N GLY A 77 -10.73 3.76 3.38
CA GLY A 77 -12.10 4.06 3.71
C GLY A 77 -12.59 3.31 4.92
N ARG A 78 -13.79 2.72 4.81
CA ARG A 78 -14.37 1.97 5.92
C ARG A 78 -14.41 0.48 5.60
N ARG A 79 -14.92 0.15 4.42
CA ARG A 79 -15.01 -1.24 3.98
C ARG A 79 -13.82 -2.05 4.48
N CYS A 80 -12.67 -1.39 4.59
CA CYS A 80 -11.45 -2.04 5.05
C CYS A 80 -11.61 -2.52 6.49
N GLN A 81 -10.92 -3.62 6.82
CA GLN A 81 -10.99 -4.19 8.16
C GLN A 81 -10.90 -3.09 9.22
N THR A 82 -9.72 -2.48 9.34
CA THR A 82 -9.50 -1.42 10.30
C THR A 82 -10.55 -0.33 10.17
N GLY A 83 -10.94 -0.03 8.94
CA GLY A 83 -11.94 0.99 8.70
C GLY A 83 -11.33 2.38 8.61
N GLN A 84 -12.18 3.38 8.41
CA GLN A 84 -11.73 4.76 8.31
C GLN A 84 -10.55 5.01 9.25
N GLY A 85 -9.65 5.90 8.83
CA GLY A 85 -8.49 6.21 9.65
C GLY A 85 -7.19 6.02 8.92
N ILE A 86 -6.22 6.89 9.19
CA ILE A 86 -4.93 6.83 8.53
C ILE A 86 -3.87 6.20 9.46
N PHE A 87 -2.96 5.44 8.88
CA PHE A 87 -1.91 4.79 9.66
C PHE A 87 -0.54 5.04 9.04
N ALA A 88 0.34 5.67 9.80
CA ALA A 88 1.69 5.98 9.33
C ALA A 88 2.70 4.99 9.90
N PHE A 89 3.91 4.99 9.33
CA PHE A 89 4.96 4.10 9.77
C PHE A 89 6.33 4.66 9.41
N LYS A 90 7.26 4.58 10.35
CA LYS A 90 8.62 5.08 10.13
C LYS A 90 9.51 4.00 9.52
N CYS A 91 9.98 4.23 8.30
CA CYS A 91 10.84 3.28 7.61
C CYS A 91 12.06 3.97 7.02
N SER A 92 12.91 3.20 6.35
CA SER A 92 14.12 3.73 5.74
C SER A 92 14.06 3.62 4.22
N ARG A 93 13.19 2.74 3.73
CA ARG A 93 13.04 2.54 2.30
C ARG A 93 11.61 2.85 1.85
N ALA A 94 11.07 3.95 2.36
CA ALA A 94 9.71 4.36 2.01
C ALA A 94 9.53 4.41 0.50
N GLU A 95 10.31 5.25 -0.17
CA GLU A 95 10.22 5.38 -1.62
C GLU A 95 10.11 4.01 -2.28
N GLU A 96 11.09 3.16 -2.03
CA GLU A 96 11.12 1.81 -2.60
C GLU A 96 9.71 1.22 -2.64
N ILE A 97 9.06 1.16 -1.48
CA ILE A 97 7.72 0.61 -1.39
C ILE A 97 6.74 1.43 -2.22
N PHE A 98 6.98 2.73 -2.31
CA PHE A 98 6.12 3.63 -3.08
C PHE A 98 6.29 3.40 -4.57
N ASN A 99 7.51 3.03 -4.97
CA ASN A 99 7.80 2.78 -6.38
C ASN A 99 7.41 1.36 -6.78
N LEU A 100 7.26 0.50 -5.78
CA LEU A 100 6.88 -0.89 -6.02
C LEU A 100 5.37 -1.06 -5.91
N LEU A 101 4.75 -0.30 -5.03
CA LEU A 101 3.30 -0.37 -4.83
C LEU A 101 2.57 -0.09 -6.13
N GLN A 102 2.72 1.13 -6.64
CA GLN A 102 2.07 1.53 -7.88
C GLN A 102 2.32 0.50 -8.99
N ASP A 103 3.39 -0.26 -8.83
CA ASP A 103 3.75 -1.29 -9.81
C ASP A 103 2.90 -2.54 -9.62
N LEU A 104 2.51 -2.80 -8.38
CA LEU A 104 1.70 -3.97 -8.06
C LEU A 104 0.22 -3.65 -8.20
N MET A 105 -0.17 -2.45 -7.80
CA MET A 105 -1.56 -2.02 -7.88
C MET A 105 -2.07 -2.09 -9.31
N GLN A 106 -1.27 -1.59 -10.25
CA GLN A 106 -1.64 -1.60 -11.66
C GLN A 106 -1.88 -3.02 -12.15
N CYS A 107 -1.01 -3.94 -11.74
CA CYS A 107 -1.13 -5.34 -12.14
C CYS A 107 -2.30 -6.01 -11.44
N ASN A 108 -2.51 -5.66 -10.18
CA ASN A 108 -3.60 -6.22 -9.39
C ASN A 108 -4.90 -6.22 -10.18
N SER A 109 -5.63 -7.33 -10.14
CA SER A 109 -6.90 -7.45 -10.86
C SER A 109 -7.68 -6.14 -10.79
N ILE A 110 -8.18 -5.70 -11.94
CA ILE A 110 -8.95 -4.46 -12.01
C ILE A 110 -10.40 -4.75 -12.39
N ASN A 111 -10.61 -5.15 -13.64
CA ASN A 111 -11.96 -5.46 -14.12
C ASN A 111 -12.05 -6.91 -14.57
N VAL A 112 -11.38 -7.80 -13.85
CA VAL A 112 -11.39 -9.22 -14.18
C VAL A 112 -12.34 -9.99 -13.27
N MET A 113 -12.31 -9.66 -11.98
CA MET A 113 -13.17 -10.32 -11.00
C MET A 113 -14.19 -9.33 -10.42
N GLU A 114 -15.27 -9.87 -9.86
CA GLU A 114 -16.31 -9.04 -9.28
C GLU A 114 -16.13 -8.93 -7.77
N GLU A 115 -16.03 -7.69 -7.28
CA GLU A 115 -15.85 -7.44 -5.85
C GLU A 115 -17.18 -7.55 -5.11
N PRO A 116 -17.17 -8.24 -3.97
CA PRO A 116 -18.37 -8.44 -3.14
C PRO A 116 -18.83 -7.15 -2.47
N VAL A 117 -19.89 -7.24 -1.68
CA VAL A 117 -20.42 -6.08 -0.98
C VAL A 117 -20.40 -6.29 0.53
N ILE A 118 -20.07 -5.24 1.27
CA ILE A 118 -20.02 -5.31 2.72
C ILE A 118 -20.74 -4.12 3.36
N ILE A 119 -21.61 -4.41 4.31
CA ILE A 119 -22.37 -3.37 5.01
C ILE A 119 -21.94 -3.25 6.46
N THR A 120 -21.50 -2.05 6.86
CA THR A 120 -21.07 -1.81 8.22
C THR A 120 -22.00 -0.83 8.93
N ARG A 121 -22.10 -0.98 10.25
CA ARG A 121 -22.95 -0.10 11.04
C ARG A 121 -22.62 1.37 10.78
N ASN A 122 -23.63 2.14 10.40
CA ASN A 122 -23.45 3.56 10.12
C ASN A 122 -23.86 4.41 11.33
N SER A 123 -23.47 5.68 11.30
CA SER A 123 -23.80 6.59 12.39
C SER A 123 -23.91 8.03 11.87
N HIS A 124 -24.65 8.86 12.60
CA HIS A 124 -24.84 10.25 12.21
C HIS A 124 -23.58 11.07 12.49
N PRO A 125 -23.24 11.97 11.55
CA PRO A 125 -22.06 12.83 11.66
C PRO A 125 -22.20 13.87 12.77
N ALA A 126 -21.19 14.72 12.91
CA ALA A 126 -21.20 15.77 13.92
C ALA A 126 -21.66 17.10 13.32
N GLU A 127 -22.30 17.92 14.14
CA GLU A 127 -22.79 19.22 13.70
C GLU A 127 -21.91 20.35 14.24
N LEU A 128 -21.77 21.41 13.46
CA LEU A 128 -20.95 22.55 13.87
C LEU A 128 -21.84 23.70 14.36
N ASP A 129 -21.31 24.49 15.28
CA ASP A 129 -22.04 25.63 15.82
C ASP A 129 -21.21 26.90 15.76
N LEU A 130 -21.86 28.04 15.97
CA LEU A 130 -21.18 29.33 15.94
C LEU A 130 -21.24 30.01 17.31
N PRO A 131 -20.29 30.93 17.55
CA PRO A 131 -20.22 31.67 18.81
C PRO A 131 -21.35 32.67 18.96
N ARG A 132 -21.32 33.45 20.04
CA ARG A 132 -22.35 34.45 20.30
C ARG A 132 -21.77 35.86 20.21
N ALA A 133 -22.65 36.85 20.33
CA ALA A 133 -22.23 38.25 20.26
C ALA A 133 -22.93 39.08 21.32
N PRO A 134 -22.25 40.15 21.79
CA PRO A 134 -22.79 41.05 22.81
C PRO A 134 -23.94 41.89 22.28
N GLN A 135 -24.54 42.69 23.17
CA GLN A 135 -25.66 43.55 22.80
C GLN A 135 -25.31 45.02 23.01
N PRO A 136 -25.83 45.88 22.12
CA PRO A 136 -25.59 47.32 22.19
C PRO A 136 -26.30 47.97 23.38
N PRO A 137 -25.74 49.10 23.85
CA PRO A 137 -26.30 49.83 24.99
C PRO A 137 -27.63 50.52 24.64
N ASN A 138 -28.22 51.17 25.62
CA ASN A 138 -29.49 51.86 25.42
C ASN A 138 -29.34 53.37 25.66
N ALA A 139 -30.43 54.10 25.49
CA ALA A 139 -30.43 55.54 25.69
C ALA A 139 -31.68 56.00 26.42
N LEU A 140 -31.71 57.28 26.79
CA LEU A 140 -32.85 57.85 27.49
C LEU A 140 -33.20 59.23 26.95
N GLY A 141 -34.48 59.47 26.71
CA GLY A 141 -34.92 60.75 26.19
C GLY A 141 -35.27 61.72 27.29
N TYR A 142 -36.28 62.56 27.04
CA TYR A 142 -36.71 63.55 28.01
C TYR A 142 -38.19 63.38 28.34
N THR A 143 -38.68 64.19 29.28
CA THR A 143 -40.07 64.13 29.69
C THR A 143 -40.91 65.17 28.95
N VAL A 144 -40.23 66.14 28.34
CA VAL A 144 -40.91 67.20 27.59
C VAL A 144 -41.73 68.07 28.53
N SER A 145 -41.13 68.47 29.65
CA SER A 145 -41.81 69.31 30.62
C SER A 145 -42.30 70.61 29.98
N SER A 146 -43.52 71.02 30.32
CA SER A 146 -44.09 72.24 29.77
C SER A 146 -43.72 73.45 30.63
N LEU B 1 -1.75 0.24 15.80
CA LEU B 1 -2.24 1.01 14.65
C LEU B 1 -2.79 2.36 15.11
N PHE B 2 -1.89 3.31 15.33
CA PHE B 2 -2.28 4.65 15.76
C PHE B 2 -3.22 5.31 14.75
N ARG B 3 -4.24 5.99 15.25
CA ARG B 3 -5.21 6.66 14.40
C ARG B 3 -4.79 8.10 14.13
N LEU B 4 -4.40 8.38 12.90
CA LEU B 4 -3.97 9.72 12.51
C LEU B 4 -5.18 10.59 12.18
N ARG B 5 -4.92 11.90 12.03
CA ARG B 5 -5.99 12.83 11.71
C ARG B 5 -5.97 13.20 10.22
N HIS B 6 -4.77 13.41 9.69
CA HIS B 6 -4.62 13.77 8.28
C HIS B 6 -3.49 12.96 7.64
N PHE B 7 -3.25 13.22 6.36
CA PHE B 7 -2.20 12.51 5.63
C PHE B 7 -0.90 13.30 5.66
N PRO B 8 0.16 12.69 6.21
CA PRO B 8 1.48 13.31 6.32
C PRO B 8 2.17 13.47 4.97
N CYS B 9 2.14 12.40 4.17
CA CYS B 9 2.76 12.41 2.85
C CYS B 9 2.17 13.53 2.00
N GLY B 10 3.03 14.19 1.23
CA GLY B 10 2.57 15.27 0.37
C GLY B 10 2.46 14.85 -1.09
N ASN B 11 3.50 14.19 -1.59
CA ASN B 11 3.52 13.73 -2.97
C ASN B 11 2.90 12.34 -3.10
N VAL B 12 1.57 12.31 -3.27
CA VAL B 12 0.86 11.04 -3.40
C VAL B 12 0.42 10.82 -4.85
N ASN B 13 0.40 9.56 -5.26
CA ASN B 13 0.00 9.21 -6.61
C ASN B 13 -1.27 8.35 -6.60
N TYR B 14 -2.42 9.00 -6.73
CA TYR B 14 -3.70 8.29 -6.73
C TYR B 14 -3.67 7.10 -7.69
N GLY B 15 -4.27 6.00 -7.25
CA GLY B 15 -4.30 4.81 -8.09
C GLY B 15 -5.69 4.50 -8.60
N TYR B 16 -6.60 4.13 -7.69
CA TYR B 16 -7.96 3.81 -8.06
C TYR B 16 -8.86 5.05 -8.02
N GLN B 17 -9.51 5.34 -9.14
CA GLN B 17 -10.38 6.51 -9.23
C GLN B 17 -11.59 6.21 -10.11
N GLN B 18 -12.77 6.63 -9.67
CA GLN B 18 -14.00 6.41 -10.41
C GLN B 18 -14.94 7.60 -10.28
N GLN B 19 -15.52 8.01 -11.40
CA GLN B 19 -16.44 9.15 -11.40
C GLN B 19 -17.65 8.86 -10.51
N GLY A 1 14.25 -23.38 -22.21
CA GLY A 1 14.25 -21.98 -21.79
C GLY A 1 15.13 -21.73 -20.59
N SER A 2 16.44 -21.62 -20.82
CA SER A 2 17.39 -21.40 -19.75
C SER A 2 16.86 -20.35 -18.77
N SER A 3 17.28 -20.47 -17.50
CA SER A 3 16.84 -19.53 -16.47
C SER A 3 17.93 -19.35 -15.42
N GLY A 4 18.53 -18.16 -15.41
CA GLY A 4 19.58 -17.87 -14.46
C GLY A 4 19.26 -16.68 -13.58
N SER A 5 18.81 -16.94 -12.36
CA SER A 5 18.46 -15.88 -11.43
C SER A 5 19.44 -15.83 -10.27
N SER A 6 19.50 -14.69 -9.59
CA SER A 6 20.40 -14.50 -8.47
C SER A 6 19.72 -14.90 -7.15
N GLY A 7 20.44 -15.64 -6.32
CA GLY A 7 19.89 -16.06 -5.05
C GLY A 7 20.66 -15.50 -3.86
N LEU A 8 20.08 -15.60 -2.68
CA LEU A 8 20.71 -15.09 -1.47
C LEU A 8 21.33 -16.24 -0.67
N ASN A 9 22.53 -16.00 -0.12
CA ASN A 9 23.22 -17.01 0.67
C ASN A 9 23.18 -16.65 2.15
N ARG A 10 22.57 -15.51 2.47
CA ARG A 10 22.46 -15.07 3.85
C ARG A 10 21.45 -15.90 4.61
N ASP A 11 21.47 -15.77 5.94
CA ASP A 11 20.55 -16.51 6.80
C ASP A 11 19.78 -15.57 7.72
N SER A 12 19.53 -14.36 7.24
CA SER A 12 18.82 -13.35 8.03
C SER A 12 18.17 -12.32 7.12
N VAL A 13 16.97 -11.89 7.51
CA VAL A 13 16.23 -10.89 6.73
C VAL A 13 16.84 -9.51 6.90
N PRO A 14 17.33 -8.93 5.79
CA PRO A 14 17.95 -7.60 5.79
C PRO A 14 16.93 -6.49 6.03
N ASP A 15 17.38 -5.41 6.65
CA ASP A 15 16.52 -4.27 6.95
C ASP A 15 16.26 -3.45 5.68
N ASN A 16 16.75 -3.95 4.56
CA ASN A 16 16.56 -3.25 3.28
C ASN A 16 16.11 -4.22 2.19
N HIS A 17 15.44 -5.29 2.61
CA HIS A 17 14.94 -6.29 1.67
C HIS A 17 13.98 -5.67 0.66
N PRO A 18 14.08 -6.11 -0.59
CA PRO A 18 13.22 -5.60 -1.67
C PRO A 18 11.77 -6.04 -1.53
N THR A 19 11.57 -7.19 -0.87
CA THR A 19 10.24 -7.72 -0.66
C THR A 19 9.78 -7.51 0.78
N LYS A 20 10.74 -7.39 1.69
CA LYS A 20 10.44 -7.18 3.10
C LYS A 20 10.93 -5.82 3.56
N PHE A 21 10.01 -4.99 4.05
CA PHE A 21 10.35 -3.65 4.53
C PHE A 21 9.90 -3.48 5.98
N LYS A 22 10.86 -3.49 6.90
CA LYS A 22 10.58 -3.33 8.32
C LYS A 22 10.16 -1.90 8.62
N VAL A 23 8.88 -1.72 8.98
CA VAL A 23 8.36 -0.40 9.30
C VAL A 23 8.13 -0.25 10.80
N THR A 24 7.78 0.96 11.22
CA THR A 24 7.52 1.24 12.62
C THR A 24 6.37 2.22 12.80
N ASN A 25 5.21 1.71 13.22
CA ASN A 25 4.03 2.53 13.42
C ASN A 25 4.33 3.69 14.37
N VAL A 26 4.15 4.91 13.89
CA VAL A 26 4.40 6.09 14.70
C VAL A 26 3.13 6.92 14.88
N ASP A 27 3.15 7.81 15.85
CA ASP A 27 1.99 8.67 16.13
C ASP A 27 2.15 10.02 15.45
N ASP A 28 1.17 10.90 15.65
CA ASP A 28 1.19 12.23 15.05
C ASP A 28 2.52 12.93 15.34
N GLU A 29 3.01 12.78 16.56
CA GLU A 29 4.27 13.39 16.96
C GLU A 29 5.44 12.82 16.15
N GLY A 30 5.36 11.53 15.84
CA GLY A 30 6.41 10.89 15.07
C GLY A 30 7.18 9.86 15.89
N VAL A 31 6.75 9.66 17.14
CA VAL A 31 7.41 8.71 18.01
C VAL A 31 7.18 7.27 17.55
N GLU A 32 7.97 6.34 18.07
CA GLU A 32 7.85 4.94 17.71
C GLU A 32 7.03 4.18 18.75
N LEU A 33 5.81 3.81 18.38
CA LEU A 33 4.92 3.08 19.28
C LEU A 33 5.21 1.59 19.21
N GLY A 34 5.03 1.01 18.03
CA GLY A 34 5.29 -0.41 17.87
C GLY A 34 6.01 -0.73 16.57
N SER A 35 6.84 -1.76 16.60
CA SER A 35 7.61 -2.16 15.41
C SER A 35 6.83 -3.19 14.60
N GLY A 36 7.02 -3.16 13.28
CA GLY A 36 6.33 -4.09 12.41
C GLY A 36 7.00 -4.22 11.05
N VAL A 37 6.58 -5.21 10.27
CA VAL A 37 7.14 -5.43 8.94
C VAL A 37 6.05 -5.49 7.89
N MET A 38 6.14 -4.61 6.90
CA MET A 38 5.15 -4.57 5.82
C MET A 38 5.62 -5.41 4.63
N GLU A 39 4.75 -6.29 4.16
CA GLU A 39 5.06 -7.16 3.04
C GLU A 39 4.25 -6.77 1.81
N LEU A 40 4.91 -6.66 0.67
CA LEU A 40 4.26 -6.30 -0.58
C LEU A 40 4.03 -7.52 -1.46
N THR A 41 2.82 -8.06 -1.42
CA THR A 41 2.47 -9.23 -2.22
C THR A 41 1.44 -8.89 -3.29
N GLN A 42 1.65 -9.42 -4.49
CA GLN A 42 0.74 -9.17 -5.60
C GLN A 42 -0.72 -9.18 -5.13
N SER A 43 -0.96 -9.88 -4.03
CA SER A 43 -2.31 -9.99 -3.47
C SER A 43 -2.71 -8.68 -2.79
N GLU A 44 -2.10 -8.42 -1.64
CA GLU A 44 -2.40 -7.20 -0.89
C GLU A 44 -1.29 -6.90 0.12
N LEU A 45 -1.48 -5.85 0.92
CA LEU A 45 -0.51 -5.46 1.92
C LEU A 45 -0.80 -6.12 3.26
N VAL A 46 0.24 -6.67 3.89
CA VAL A 46 0.09 -7.33 5.18
C VAL A 46 1.18 -6.88 6.15
N LEU A 47 0.82 -6.80 7.43
CA LEU A 47 1.76 -6.39 8.46
C LEU A 47 2.15 -7.57 9.35
N HIS A 48 3.25 -7.40 10.09
CA HIS A 48 3.72 -8.46 10.98
C HIS A 48 4.08 -7.88 12.36
N LEU A 49 3.24 -8.19 13.35
CA LEU A 49 3.47 -7.71 14.71
C LEU A 49 2.93 -8.69 15.73
N HIS A 50 3.43 -8.61 16.96
CA HIS A 50 2.99 -9.49 18.04
C HIS A 50 1.87 -8.84 18.85
N ARG A 51 2.03 -7.56 19.13
CA ARG A 51 1.03 -6.82 19.90
C ARG A 51 -0.39 -7.32 19.58
N ARG A 52 -0.80 -7.12 18.33
CA ARG A 52 -2.13 -7.55 17.90
C ARG A 52 -2.02 -8.52 16.74
N GLU A 53 -3.18 -9.02 16.28
CA GLU A 53 -3.22 -9.97 15.18
C GLU A 53 -2.72 -9.32 13.89
N ALA A 54 -2.39 -10.15 12.91
CA ALA A 54 -1.89 -9.67 11.62
C ALA A 54 -2.95 -8.84 10.91
N VAL A 55 -2.54 -7.70 10.37
CA VAL A 55 -3.45 -6.81 9.65
C VAL A 55 -3.08 -6.70 8.18
N ARG A 56 -4.09 -6.56 7.33
CA ARG A 56 -3.86 -6.45 5.89
C ARG A 56 -4.69 -5.30 5.30
N TRP A 57 -4.48 -5.04 4.02
CA TRP A 57 -5.21 -3.98 3.34
C TRP A 57 -5.28 -4.24 1.83
N PRO A 58 -6.51 -4.33 1.31
CA PRO A 58 -6.75 -4.59 -0.12
C PRO A 58 -6.35 -3.40 -0.99
N TYR A 59 -5.44 -3.64 -1.92
CA TYR A 59 -4.98 -2.58 -2.82
C TYR A 59 -6.15 -1.72 -3.30
N LEU A 60 -7.34 -2.30 -3.27
CA LEU A 60 -8.54 -1.58 -3.70
C LEU A 60 -8.87 -0.45 -2.74
N CYS A 61 -9.29 -0.82 -1.53
CA CYS A 61 -9.64 0.16 -0.51
C CYS A 61 -8.62 1.29 -0.46
N LEU A 62 -7.35 0.96 -0.72
CA LEU A 62 -6.28 1.94 -0.70
C LEU A 62 -6.62 3.13 -1.61
N ARG A 63 -7.10 4.20 -1.00
CA ARG A 63 -7.47 5.40 -1.74
C ARG A 63 -6.22 6.14 -2.23
N ARG A 64 -5.42 6.62 -1.29
CA ARG A 64 -4.20 7.34 -1.63
C ARG A 64 -2.98 6.72 -0.94
N TYR A 65 -1.84 6.77 -1.61
CA TYR A 65 -0.61 6.20 -1.06
C TYR A 65 0.60 7.05 -1.45
N GLY A 66 1.19 7.72 -0.47
CA GLY A 66 2.35 8.56 -0.73
C GLY A 66 3.60 8.03 -0.04
N TYR A 67 4.58 8.92 0.14
CA TYR A 67 5.84 8.54 0.78
C TYR A 67 6.61 9.78 1.21
N ASP A 68 7.62 9.58 2.05
CA ASP A 68 8.45 10.67 2.54
C ASP A 68 9.62 10.15 3.37
N SER A 69 10.63 10.97 3.54
CA SER A 69 11.81 10.59 4.31
C SER A 69 11.42 9.82 5.57
N ASN A 70 12.03 8.65 5.75
CA ASN A 70 11.74 7.81 6.91
C ASN A 70 10.28 7.96 7.34
N LEU A 71 9.39 8.11 6.36
CA LEU A 71 7.96 8.26 6.63
C LEU A 71 7.13 7.61 5.53
N PHE A 72 6.21 6.74 5.94
CA PHE A 72 5.34 6.05 4.99
C PHE A 72 3.95 5.82 5.58
N SER A 73 2.94 6.43 4.98
CA SER A 73 1.57 6.30 5.45
C SER A 73 0.63 5.96 4.30
N PHE A 74 -0.60 5.59 4.64
CA PHE A 74 -1.60 5.24 3.64
C PHE A 74 -3.01 5.34 4.21
N GLU A 75 -3.94 5.85 3.41
CA GLU A 75 -5.32 5.99 3.85
C GLU A 75 -6.17 4.83 3.35
N SER A 76 -7.34 4.63 3.96
CA SER A 76 -8.24 3.56 3.58
C SER A 76 -9.67 3.90 3.95
N GLY A 77 -10.62 3.31 3.23
CA GLY A 77 -12.03 3.57 3.50
C GLY A 77 -12.44 3.16 4.90
N ARG A 78 -13.62 2.56 5.01
CA ARG A 78 -14.12 2.12 6.31
C ARG A 78 -14.44 0.63 6.29
N ARG A 79 -14.67 0.09 5.10
CA ARG A 79 -14.99 -1.32 4.95
C ARG A 79 -13.79 -2.19 5.33
N CYS A 80 -12.63 -1.57 5.45
CA CYS A 80 -11.41 -2.28 5.81
C CYS A 80 -11.55 -2.95 7.17
N GLN A 81 -10.53 -3.71 7.56
CA GLN A 81 -10.55 -4.41 8.84
C GLN A 81 -10.23 -3.44 9.99
N THR A 82 -9.20 -2.62 9.78
CA THR A 82 -8.79 -1.66 10.80
C THR A 82 -9.86 -0.58 11.00
N GLY A 83 -10.56 -0.25 9.93
CA GLY A 83 -11.60 0.76 10.01
C GLY A 83 -11.09 2.14 9.65
N GLN A 84 -11.99 3.01 9.17
CA GLN A 84 -11.62 4.36 8.79
C GLN A 84 -10.53 4.91 9.71
N GLY A 85 -9.50 5.49 9.10
CA GLY A 85 -8.41 6.05 9.88
C GLY A 85 -7.07 5.95 9.15
N ILE A 86 -6.21 6.94 9.37
CA ILE A 86 -4.90 6.96 8.74
C ILE A 86 -3.83 6.35 9.63
N PHE A 87 -2.91 5.60 9.04
CA PHE A 87 -1.83 4.97 9.79
C PHE A 87 -0.47 5.26 9.15
N ALA A 88 0.38 5.96 9.88
CA ALA A 88 1.71 6.30 9.38
C ALA A 88 2.78 5.44 10.05
N PHE A 89 3.86 5.18 9.32
CA PHE A 89 4.96 4.37 9.85
C PHE A 89 6.30 4.91 9.37
N LYS A 90 7.31 4.83 10.24
CA LYS A 90 8.64 5.31 9.93
C LYS A 90 9.44 4.24 9.18
N CYS A 91 10.04 4.62 8.06
CA CYS A 91 10.84 3.70 7.27
C CYS A 91 11.63 4.44 6.20
N SER A 92 12.94 4.48 6.36
CA SER A 92 13.81 5.16 5.41
C SER A 92 13.67 4.55 4.02
N ARG A 93 13.19 3.32 3.95
CA ARG A 93 13.00 2.63 2.68
C ARG A 93 11.55 2.75 2.20
N ALA A 94 10.96 3.91 2.45
CA ALA A 94 9.58 4.16 2.04
C ALA A 94 9.46 4.24 0.53
N GLU A 95 10.41 4.91 -0.10
CA GLU A 95 10.42 5.05 -1.55
C GLU A 95 10.26 3.70 -2.24
N GLU A 96 11.20 2.78 -1.96
CA GLU A 96 11.16 1.46 -2.55
C GLU A 96 9.74 0.90 -2.56
N ILE A 97 9.05 1.07 -1.44
CA ILE A 97 7.68 0.58 -1.32
C ILE A 97 6.71 1.43 -2.14
N PHE A 98 6.98 2.73 -2.19
CA PHE A 98 6.14 3.65 -2.94
C PHE A 98 6.35 3.48 -4.45
N ASN A 99 7.51 2.95 -4.82
CA ASN A 99 7.84 2.74 -6.22
C ASN A 99 7.38 1.35 -6.68
N LEU A 100 7.28 0.43 -5.73
CA LEU A 100 6.85 -0.92 -6.03
C LEU A 100 5.34 -1.06 -5.91
N LEU A 101 4.73 -0.21 -5.09
CA LEU A 101 3.29 -0.24 -4.89
C LEU A 101 2.55 0.05 -6.19
N GLN A 102 2.86 1.20 -6.79
CA GLN A 102 2.24 1.60 -8.05
C GLN A 102 2.44 0.55 -9.12
N ASP A 103 3.42 -0.32 -8.91
CA ASP A 103 3.72 -1.39 -9.86
C ASP A 103 2.75 -2.56 -9.70
N LEU A 104 2.34 -2.82 -8.47
CA LEU A 104 1.42 -3.91 -8.18
C LEU A 104 -0.03 -3.44 -8.31
N MET A 105 -0.31 -2.25 -7.80
CA MET A 105 -1.65 -1.68 -7.86
C MET A 105 -2.18 -1.68 -9.29
N GLN A 106 -1.29 -1.39 -10.23
CA GLN A 106 -1.67 -1.36 -11.65
C GLN A 106 -1.80 -2.77 -12.21
N CYS A 107 -1.02 -3.69 -11.66
CA CYS A 107 -1.04 -5.08 -12.11
C CYS A 107 -2.45 -5.65 -12.02
N ASN A 108 -3.23 -5.17 -11.05
CA ASN A 108 -4.60 -5.64 -10.86
C ASN A 108 -5.32 -5.78 -12.20
N SER A 109 -6.08 -6.86 -12.34
CA SER A 109 -6.82 -7.10 -13.57
C SER A 109 -7.52 -5.83 -14.06
N ILE A 110 -7.43 -5.57 -15.35
CA ILE A 110 -8.04 -4.39 -15.94
C ILE A 110 -9.17 -4.77 -16.89
N ASN A 111 -10.32 -5.12 -16.32
CA ASN A 111 -11.48 -5.51 -17.11
C ASN A 111 -11.08 -6.46 -18.24
N VAL A 112 -10.13 -7.36 -17.93
CA VAL A 112 -9.66 -8.32 -18.92
C VAL A 112 -10.15 -9.73 -18.59
N MET A 113 -10.58 -9.92 -17.35
CA MET A 113 -11.08 -11.22 -16.91
C MET A 113 -12.41 -11.06 -16.17
N GLU A 114 -12.93 -12.18 -15.66
CA GLU A 114 -14.20 -12.17 -14.93
C GLU A 114 -14.08 -12.90 -13.60
N GLU A 115 -14.07 -12.13 -12.52
CA GLU A 115 -13.95 -12.70 -11.18
C GLU A 115 -14.91 -12.01 -10.21
N PRO A 116 -15.53 -12.82 -9.32
CA PRO A 116 -16.47 -12.31 -8.33
C PRO A 116 -15.79 -11.48 -7.25
N VAL A 117 -16.48 -10.44 -6.79
CA VAL A 117 -15.95 -9.57 -5.74
C VAL A 117 -16.67 -9.78 -4.43
N ILE A 118 -15.95 -10.34 -3.45
CA ILE A 118 -16.52 -10.59 -2.13
C ILE A 118 -16.74 -9.28 -1.36
N ILE A 119 -17.71 -9.30 -0.45
CA ILE A 119 -18.01 -8.12 0.35
C ILE A 119 -17.65 -8.34 1.81
N THR A 120 -16.73 -7.53 2.33
CA THR A 120 -16.31 -7.63 3.72
C THR A 120 -16.63 -6.36 4.50
N ARG A 121 -17.83 -6.31 5.07
CA ARG A 121 -18.27 -5.16 5.83
C ARG A 121 -18.06 -5.39 7.32
N ASN A 122 -16.93 -4.93 7.84
CA ASN A 122 -16.62 -5.09 9.25
C ASN A 122 -16.25 -3.74 9.89
N SER A 123 -17.25 -2.89 10.05
CA SER A 123 -17.03 -1.57 10.65
C SER A 123 -18.36 -0.96 11.12
N HIS A 124 -18.29 0.23 11.71
CA HIS A 124 -19.46 0.91 12.21
C HIS A 124 -19.88 2.04 11.27
N PRO A 125 -21.20 2.16 11.02
CA PRO A 125 -21.75 3.18 10.15
C PRO A 125 -21.64 4.58 10.74
N ALA A 126 -21.44 5.58 9.88
CA ALA A 126 -21.33 6.96 10.32
C ALA A 126 -21.38 7.92 9.14
N GLU A 127 -21.83 9.15 9.41
CA GLU A 127 -21.94 10.16 8.36
C GLU A 127 -21.55 11.54 8.89
N LEU A 128 -21.45 12.50 7.99
CA LEU A 128 -21.08 13.86 8.37
C LEU A 128 -21.38 14.84 7.24
N ASP A 129 -21.85 16.03 7.60
CA ASP A 129 -22.18 17.06 6.62
C ASP A 129 -20.96 17.42 5.79
N LEU A 130 -21.18 17.70 4.52
CA LEU A 130 -20.10 18.07 3.61
C LEU A 130 -20.10 19.57 3.34
N PRO A 131 -18.90 20.12 3.06
CA PRO A 131 -18.73 21.55 2.78
C PRO A 131 -19.34 21.95 1.45
N ARG A 132 -20.29 22.89 1.49
CA ARG A 132 -20.95 23.36 0.29
C ARG A 132 -20.34 24.67 -0.20
N ALA A 133 -20.66 25.05 -1.42
CA ALA A 133 -20.14 26.28 -2.01
C ALA A 133 -21.18 26.96 -2.88
N PRO A 134 -21.18 28.31 -2.87
CA PRO A 134 -22.12 29.10 -3.66
C PRO A 134 -21.84 29.02 -5.16
N GLN A 135 -22.54 29.85 -5.92
CA GLN A 135 -22.36 29.87 -7.38
C GLN A 135 -22.50 31.28 -7.92
N PRO A 136 -21.76 31.57 -9.01
CA PRO A 136 -21.78 32.89 -9.65
C PRO A 136 -23.11 33.18 -10.35
N PRO A 137 -23.76 34.28 -9.95
CA PRO A 137 -25.04 34.69 -10.53
C PRO A 137 -24.90 35.17 -11.97
N ASN A 138 -25.98 35.76 -12.49
CA ASN A 138 -25.98 36.25 -13.86
C ASN A 138 -27.05 37.33 -14.05
N ALA A 139 -27.04 37.97 -15.22
CA ALA A 139 -28.01 39.01 -15.52
C ALA A 139 -27.87 39.48 -16.96
N LEU A 140 -28.74 40.42 -17.36
CA LEU A 140 -28.70 40.96 -18.72
C LEU A 140 -29.38 42.32 -18.77
N GLY A 141 -28.92 43.16 -19.70
CA GLY A 141 -29.50 44.49 -19.85
C GLY A 141 -30.03 44.74 -21.24
N TYR A 142 -30.64 45.91 -21.44
CA TYR A 142 -31.19 46.27 -22.74
C TYR A 142 -31.69 47.71 -22.73
N THR A 143 -31.78 48.30 -23.92
CA THR A 143 -32.24 49.68 -24.06
C THR A 143 -33.05 49.86 -25.33
N VAL A 144 -33.92 50.87 -25.33
CA VAL A 144 -34.76 51.16 -26.49
C VAL A 144 -34.61 52.61 -26.93
N SER A 145 -35.40 53.01 -27.92
CA SER A 145 -35.37 54.37 -28.43
C SER A 145 -36.75 54.84 -28.86
N SER A 146 -36.89 56.14 -29.09
CA SER A 146 -38.17 56.71 -29.50
C SER A 146 -38.37 56.56 -31.00
N LEU B 1 -4.14 0.25 15.58
CA LEU B 1 -3.06 1.17 15.25
C LEU B 1 -3.40 2.59 15.70
N PHE B 2 -2.50 3.52 15.43
CA PHE B 2 -2.70 4.91 15.80
C PHE B 2 -3.47 5.67 14.72
N ARG B 3 -4.52 6.37 15.13
CA ARG B 3 -5.35 7.13 14.19
C ARG B 3 -4.84 8.55 14.05
N LEU B 4 -4.43 8.91 12.84
CA LEU B 4 -3.92 10.26 12.57
C LEU B 4 -5.06 11.23 12.27
N ARG B 5 -4.70 12.47 11.96
CA ARG B 5 -5.70 13.50 11.66
C ARG B 5 -5.69 13.83 10.16
N HIS B 6 -4.54 13.65 9.53
CA HIS B 6 -4.40 13.92 8.10
C HIS B 6 -3.25 13.12 7.50
N PHE B 7 -3.00 13.34 6.22
CA PHE B 7 -1.92 12.64 5.52
C PHE B 7 -0.64 13.45 5.53
N PRO B 8 0.42 12.89 6.11
CA PRO B 8 1.73 13.55 6.19
C PRO B 8 2.42 13.66 4.83
N CYS B 9 2.40 12.57 4.07
CA CYS B 9 3.02 12.55 2.76
C CYS B 9 2.55 13.73 1.91
N GLY B 10 3.47 14.31 1.15
CA GLY B 10 3.13 15.44 0.31
C GLY B 10 2.98 15.06 -1.15
N ASN B 11 3.85 14.17 -1.62
CA ASN B 11 3.82 13.72 -3.00
C ASN B 11 3.21 12.32 -3.11
N VAL B 12 1.89 12.24 -3.11
CA VAL B 12 1.20 10.97 -3.21
C VAL B 12 0.80 10.67 -4.65
N ASN B 13 0.52 9.39 -4.92
CA ASN B 13 0.12 8.97 -6.26
C ASN B 13 -1.14 8.11 -6.20
N TYR B 14 -2.29 8.74 -6.43
CA TYR B 14 -3.56 8.02 -6.41
C TYR B 14 -3.61 6.96 -7.50
N GLY B 15 -4.23 5.83 -7.20
CA GLY B 15 -4.34 4.75 -8.16
C GLY B 15 -5.78 4.39 -8.48
N TYR B 16 -6.27 3.32 -7.89
CA TYR B 16 -7.64 2.87 -8.11
C TYR B 16 -8.59 4.06 -8.21
N GLN B 17 -9.12 4.29 -9.41
CA GLN B 17 -10.05 5.39 -9.64
C GLN B 17 -11.12 5.00 -10.65
N GLN B 18 -12.14 5.84 -10.76
CA GLN B 18 -13.24 5.58 -11.70
C GLN B 18 -13.28 6.64 -12.79
N GLN B 19 -13.68 6.24 -13.99
CA GLN B 19 -13.77 7.15 -15.13
C GLN B 19 -14.18 8.54 -14.67
N GLY A 1 19.10 -15.95 -16.01
CA GLY A 1 17.86 -16.69 -15.99
C GLY A 1 17.68 -17.48 -14.71
N SER A 2 16.46 -17.97 -14.48
CA SER A 2 16.16 -18.75 -13.28
C SER A 2 15.58 -20.11 -13.65
N SER A 3 15.62 -21.04 -12.70
CA SER A 3 15.10 -22.38 -12.92
C SER A 3 14.14 -22.79 -11.81
N GLY A 4 13.71 -21.81 -11.03
CA GLY A 4 12.79 -22.08 -9.94
C GLY A 4 13.26 -21.50 -8.63
N SER A 5 12.43 -21.62 -7.59
CA SER A 5 12.76 -21.09 -6.27
C SER A 5 13.01 -22.22 -5.29
N SER A 6 14.24 -22.33 -4.80
CA SER A 6 14.61 -23.37 -3.84
C SER A 6 15.48 -22.81 -2.73
N GLY A 7 15.05 -23.02 -1.49
CA GLY A 7 15.82 -22.53 -0.35
C GLY A 7 15.18 -21.31 0.29
N LEU A 8 13.93 -21.44 0.69
CA LEU A 8 13.20 -20.34 1.31
C LEU A 8 13.08 -20.55 2.82
N ASN A 9 12.99 -19.45 3.56
CA ASN A 9 12.87 -19.50 5.01
C ASN A 9 12.58 -18.13 5.59
N ARG A 10 11.66 -18.07 6.55
CA ARG A 10 11.29 -16.82 7.18
C ARG A 10 12.09 -16.61 8.47
N ASP A 11 13.27 -16.04 8.34
CA ASP A 11 14.13 -15.79 9.50
C ASP A 11 15.14 -14.68 9.19
N SER A 12 15.66 -14.06 10.24
CA SER A 12 16.63 -12.98 10.09
C SER A 12 16.25 -12.07 8.92
N VAL A 13 14.97 -11.79 8.79
CA VAL A 13 14.47 -10.93 7.73
C VAL A 13 15.40 -9.73 7.51
N PRO A 14 16.03 -9.68 6.32
CA PRO A 14 16.94 -8.59 5.97
C PRO A 14 16.21 -7.27 5.76
N ASP A 15 16.97 -6.17 5.74
CA ASP A 15 16.40 -4.84 5.55
C ASP A 15 16.45 -4.44 4.08
N ASN A 16 17.00 -5.32 3.24
CA ASN A 16 17.10 -5.06 1.81
C ASN A 16 16.05 -5.86 1.03
N HIS A 17 15.41 -6.80 1.71
CA HIS A 17 14.39 -7.63 1.09
C HIS A 17 13.45 -6.78 0.24
N PRO A 18 13.38 -7.08 -1.06
CA PRO A 18 12.52 -6.36 -2.01
C PRO A 18 11.05 -6.63 -1.78
N THR A 19 10.74 -7.75 -1.13
CA THR A 19 9.37 -8.12 -0.84
C THR A 19 8.98 -7.72 0.58
N LYS A 20 9.96 -7.67 1.47
CA LYS A 20 9.73 -7.30 2.86
C LYS A 20 10.32 -5.92 3.16
N PHE A 21 9.72 -5.23 4.14
CA PHE A 21 10.20 -3.90 4.52
C PHE A 21 9.81 -3.59 5.97
N LYS A 22 10.80 -3.64 6.86
CA LYS A 22 10.57 -3.35 8.27
C LYS A 22 10.07 -1.93 8.47
N VAL A 23 8.91 -1.79 9.09
CA VAL A 23 8.33 -0.49 9.35
C VAL A 23 8.10 -0.27 10.84
N THR A 24 7.86 0.99 11.21
CA THR A 24 7.63 1.33 12.61
C THR A 24 6.46 2.28 12.76
N ASN A 25 5.36 1.78 13.33
CA ASN A 25 4.16 2.60 13.53
C ASN A 25 4.46 3.81 14.41
N VAL A 26 4.04 4.98 13.97
CA VAL A 26 4.27 6.21 14.71
C VAL A 26 2.98 7.02 14.84
N ASP A 27 3.01 8.05 15.67
CA ASP A 27 1.85 8.91 15.87
C ASP A 27 2.02 10.24 15.15
N ASP A 28 1.07 11.15 15.37
CA ASP A 28 1.12 12.46 14.73
C ASP A 28 2.46 13.14 14.98
N GLU A 29 2.96 13.04 16.21
CA GLU A 29 4.24 13.63 16.57
C GLU A 29 5.38 12.95 15.83
N GLY A 30 5.24 11.65 15.60
CA GLY A 30 6.28 10.90 14.90
C GLY A 30 6.97 9.90 15.81
N VAL A 31 6.53 9.84 17.06
CA VAL A 31 7.12 8.91 18.03
C VAL A 31 6.95 7.46 17.57
N GLU A 32 7.68 6.56 18.21
CA GLU A 32 7.62 5.15 17.87
C GLU A 32 6.81 4.37 18.90
N LEU A 33 5.67 3.83 18.48
CA LEU A 33 4.81 3.07 19.37
C LEU A 33 5.15 1.58 19.32
N GLY A 34 4.99 0.98 18.15
CA GLY A 34 5.29 -0.43 18.00
C GLY A 34 6.02 -0.73 16.70
N SER A 35 6.76 -1.83 16.69
CA SER A 35 7.53 -2.22 15.51
C SER A 35 6.77 -3.27 14.70
N GLY A 36 6.89 -3.19 13.38
CA GLY A 36 6.22 -4.14 12.51
C GLY A 36 6.92 -4.30 11.17
N VAL A 37 6.57 -5.36 10.45
CA VAL A 37 7.17 -5.63 9.14
C VAL A 37 6.12 -5.60 8.05
N MET A 38 6.31 -4.72 7.07
CA MET A 38 5.38 -4.60 5.95
C MET A 38 5.81 -5.47 4.78
N GLU A 39 4.87 -6.20 4.19
CA GLU A 39 5.15 -7.07 3.06
C GLU A 39 4.30 -6.70 1.86
N LEU A 40 4.93 -6.58 0.70
CA LEU A 40 4.22 -6.24 -0.53
C LEU A 40 4.00 -7.48 -1.40
N THR A 41 2.73 -7.88 -1.53
CA THR A 41 2.38 -9.04 -2.32
C THR A 41 1.30 -8.70 -3.35
N GLN A 42 1.43 -9.23 -4.56
CA GLN A 42 0.47 -8.99 -5.62
C GLN A 42 -0.96 -8.98 -5.06
N SER A 43 -1.19 -9.78 -4.03
CA SER A 43 -2.51 -9.87 -3.41
C SER A 43 -2.88 -8.55 -2.72
N GLU A 44 -2.15 -8.21 -1.67
CA GLU A 44 -2.39 -6.99 -0.92
C GLU A 44 -1.29 -6.73 0.10
N LEU A 45 -1.44 -5.68 0.88
CA LEU A 45 -0.45 -5.32 1.90
C LEU A 45 -0.77 -6.01 3.23
N VAL A 46 0.25 -6.62 3.83
CA VAL A 46 0.09 -7.30 5.09
C VAL A 46 1.16 -6.90 6.09
N LEU A 47 0.76 -6.69 7.34
CA LEU A 47 1.70 -6.29 8.38
C LEU A 47 1.97 -7.45 9.34
N HIS A 48 3.10 -7.39 10.04
CA HIS A 48 3.48 -8.42 10.99
C HIS A 48 3.79 -7.83 12.35
N LEU A 49 3.03 -8.25 13.36
CA LEU A 49 3.23 -7.77 14.73
C LEU A 49 3.52 -8.91 15.68
N HIS A 50 3.65 -8.59 16.96
CA HIS A 50 3.93 -9.59 17.98
C HIS A 50 2.78 -9.71 18.98
N ARG A 51 2.61 -8.67 19.78
CA ARG A 51 1.54 -8.65 20.78
C ARG A 51 0.17 -8.59 20.11
N ARG A 52 0.14 -8.08 18.88
CA ARG A 52 -1.11 -7.97 18.14
C ARG A 52 -1.11 -8.91 16.95
N GLU A 53 -2.28 -9.07 16.32
CA GLU A 53 -2.41 -9.94 15.17
C GLU A 53 -2.01 -9.22 13.88
N ALA A 54 -1.93 -9.97 12.79
CA ALA A 54 -1.55 -9.40 11.50
C ALA A 54 -2.73 -8.70 10.83
N VAL A 55 -2.45 -7.69 10.03
CA VAL A 55 -3.49 -6.94 9.34
C VAL A 55 -3.29 -6.98 7.83
N ARG A 56 -4.38 -6.82 7.09
CA ARG A 56 -4.32 -6.84 5.63
C ARG A 56 -5.04 -5.63 5.04
N TRP A 57 -4.49 -5.09 3.96
CA TRP A 57 -5.08 -3.92 3.31
C TRP A 57 -5.10 -4.10 1.80
N PRO A 58 -6.31 -4.20 1.22
CA PRO A 58 -6.49 -4.38 -0.22
C PRO A 58 -6.11 -3.13 -1.01
N TYR A 59 -5.33 -3.32 -2.06
CA TYR A 59 -4.89 -2.21 -2.90
C TYR A 59 -6.06 -1.33 -3.31
N LEU A 60 -7.27 -1.89 -3.21
CA LEU A 60 -8.48 -1.17 -3.58
C LEU A 60 -8.84 -0.14 -2.51
N CYS A 61 -9.34 -0.62 -1.37
CA CYS A 61 -9.72 0.26 -0.28
C CYS A 61 -8.74 1.43 -0.15
N LEU A 62 -7.46 1.15 -0.35
CA LEU A 62 -6.43 2.16 -0.25
C LEU A 62 -6.89 3.47 -0.89
N ARG A 63 -7.46 4.36 -0.08
CA ARG A 63 -7.94 5.65 -0.57
C ARG A 63 -6.81 6.45 -1.20
N ARG A 64 -5.61 6.34 -0.63
CA ARG A 64 -4.44 7.05 -1.13
C ARG A 64 -3.16 6.51 -0.51
N TYR A 65 -2.07 6.58 -1.26
CA TYR A 65 -0.78 6.09 -0.79
C TYR A 65 0.36 6.99 -1.28
N GLY A 66 1.03 7.64 -0.34
CA GLY A 66 2.13 8.53 -0.69
C GLY A 66 3.45 8.05 -0.13
N TYR A 67 4.43 8.96 -0.07
CA TYR A 67 5.74 8.62 0.44
C TYR A 67 6.52 9.88 0.82
N ASP A 68 7.54 9.71 1.64
CA ASP A 68 8.37 10.83 2.07
C ASP A 68 9.80 10.38 2.37
N SER A 69 10.70 11.34 2.50
CA SER A 69 12.11 11.04 2.78
C SER A 69 12.23 9.85 3.72
N ASN A 70 11.86 10.06 4.99
CA ASN A 70 11.93 9.01 5.99
C ASN A 70 10.57 8.79 6.64
N LEU A 71 9.51 8.90 5.84
CA LEU A 71 8.15 8.72 6.35
C LEU A 71 7.26 8.10 5.28
N PHE A 72 6.41 7.16 5.70
CA PHE A 72 5.49 6.50 4.78
C PHE A 72 4.17 6.17 5.46
N SER A 73 3.07 6.70 4.92
CA SER A 73 1.75 6.46 5.47
C SER A 73 0.75 6.15 4.37
N PHE A 74 -0.37 5.53 4.76
CA PHE A 74 -1.41 5.17 3.81
C PHE A 74 -2.79 5.24 4.45
N GLU A 75 -3.80 5.56 3.66
CA GLU A 75 -5.17 5.67 4.16
C GLU A 75 -6.00 4.47 3.70
N SER A 76 -7.17 4.30 4.31
CA SER A 76 -8.06 3.20 3.97
C SER A 76 -9.52 3.59 4.17
N GLY A 77 -10.40 2.94 3.43
CA GLY A 77 -11.83 3.24 3.54
C GLY A 77 -12.40 2.86 4.89
N ARG A 78 -13.65 2.45 4.91
CA ARG A 78 -14.32 2.05 6.14
C ARG A 78 -14.66 0.56 6.12
N ARG A 79 -14.86 0.02 4.93
CA ARG A 79 -15.18 -1.39 4.77
C ARG A 79 -14.01 -2.28 5.21
N CYS A 80 -12.85 -1.67 5.36
CA CYS A 80 -11.65 -2.39 5.76
C CYS A 80 -11.78 -2.88 7.21
N GLN A 81 -10.93 -3.83 7.58
CA GLN A 81 -10.95 -4.38 8.93
C GLN A 81 -10.69 -3.29 9.96
N THR A 82 -9.48 -2.74 9.95
CA THR A 82 -9.11 -1.68 10.88
C THR A 82 -10.17 -0.58 10.91
N GLY A 83 -10.79 -0.33 9.77
CA GLY A 83 -11.81 0.70 9.69
C GLY A 83 -11.25 2.05 9.26
N GLN A 84 -12.13 3.04 9.12
CA GLN A 84 -11.71 4.38 8.71
C GLN A 84 -10.56 4.87 9.57
N GLY A 85 -9.67 5.66 8.98
CA GLY A 85 -8.53 6.19 9.70
C GLY A 85 -7.23 6.03 8.95
N ILE A 86 -6.31 6.97 9.16
CA ILE A 86 -5.01 6.93 8.50
C ILE A 86 -3.94 6.33 9.41
N PHE A 87 -2.98 5.64 8.80
CA PHE A 87 -1.90 5.03 9.55
C PHE A 87 -0.54 5.33 8.92
N ALA A 88 0.36 5.90 9.70
CA ALA A 88 1.69 6.24 9.21
C ALA A 88 2.74 5.30 9.79
N PHE A 89 3.90 5.23 9.13
CA PHE A 89 4.98 4.38 9.57
C PHE A 89 6.34 4.96 9.19
N LYS A 90 7.33 4.79 10.07
CA LYS A 90 8.66 5.31 9.82
C LYS A 90 9.55 4.23 9.19
N CYS A 91 10.36 4.64 8.21
CA CYS A 91 11.25 3.71 7.53
C CYS A 91 12.37 4.46 6.81
N SER A 92 13.32 3.72 6.27
CA SER A 92 14.45 4.31 5.56
C SER A 92 14.35 4.05 4.06
N ARG A 93 13.46 3.15 3.68
CA ARG A 93 13.26 2.81 2.28
C ARG A 93 11.82 3.09 1.84
N ALA A 94 11.19 4.07 2.50
CA ALA A 94 9.82 4.43 2.17
C ALA A 94 9.59 4.42 0.66
N GLU A 95 10.47 5.07 -0.08
CA GLU A 95 10.36 5.13 -1.53
C GLU A 95 10.23 3.73 -2.12
N GLU A 96 11.18 2.85 -1.77
CA GLU A 96 11.18 1.49 -2.27
C GLU A 96 9.77 0.91 -2.28
N ILE A 97 9.07 1.04 -1.16
CA ILE A 97 7.70 0.54 -1.05
C ILE A 97 6.74 1.34 -1.93
N PHE A 98 7.02 2.63 -2.07
CA PHE A 98 6.20 3.51 -2.89
C PHE A 98 6.47 3.29 -4.37
N ASN A 99 7.62 2.69 -4.68
CA ASN A 99 8.00 2.43 -6.06
C ASN A 99 7.48 1.07 -6.51
N LEU A 100 7.24 0.18 -5.56
CA LEU A 100 6.74 -1.15 -5.87
C LEU A 100 5.23 -1.21 -5.75
N LEU A 101 4.66 -0.33 -4.93
CA LEU A 101 3.22 -0.26 -4.74
C LEU A 101 2.50 -0.02 -6.06
N GLN A 102 2.82 1.10 -6.71
CA GLN A 102 2.21 1.44 -7.98
C GLN A 102 2.47 0.36 -9.03
N ASP A 103 3.54 -0.41 -8.81
CA ASP A 103 3.90 -1.49 -9.73
C ASP A 103 2.96 -2.68 -9.58
N LEU A 104 2.45 -2.88 -8.37
CA LEU A 104 1.54 -3.98 -8.09
C LEU A 104 0.09 -3.53 -8.22
N MET A 105 -0.17 -2.26 -7.91
CA MET A 105 -1.52 -1.71 -8.00
C MET A 105 -1.93 -1.52 -9.45
N GLN A 106 -1.17 -0.70 -10.18
CA GLN A 106 -1.46 -0.43 -11.58
C GLN A 106 -1.90 -1.70 -12.30
N CYS A 107 -1.27 -2.83 -11.95
CA CYS A 107 -1.59 -4.10 -12.56
C CYS A 107 -3.10 -4.31 -12.65
N ASN A 108 -3.80 -3.98 -11.57
CA ASN A 108 -5.25 -4.11 -11.51
C ASN A 108 -5.66 -5.54 -11.87
N SER A 109 -4.97 -6.52 -11.29
CA SER A 109 -5.26 -7.92 -11.55
C SER A 109 -6.77 -8.15 -11.66
N ILE A 110 -7.19 -8.78 -12.74
CA ILE A 110 -8.60 -9.06 -12.98
C ILE A 110 -8.92 -10.53 -12.68
N ASN A 111 -8.19 -11.43 -13.33
CA ASN A 111 -8.40 -12.85 -13.13
C ASN A 111 -7.12 -13.53 -12.62
N VAL A 112 -5.99 -13.11 -13.16
CA VAL A 112 -4.70 -13.67 -12.76
C VAL A 112 -4.61 -13.82 -11.25
N MET A 113 -5.40 -13.02 -10.54
CA MET A 113 -5.40 -13.07 -9.07
C MET A 113 -6.75 -13.54 -8.56
N GLU A 114 -6.88 -13.63 -7.24
CA GLU A 114 -8.12 -14.07 -6.62
C GLU A 114 -9.28 -13.16 -7.01
N GLU A 115 -10.28 -13.73 -7.67
CA GLU A 115 -11.44 -12.97 -8.11
C GLU A 115 -12.73 -13.69 -7.74
N PRO A 116 -13.79 -12.91 -7.48
CA PRO A 116 -15.10 -13.45 -7.11
C PRO A 116 -15.79 -14.15 -8.29
N VAL A 117 -17.02 -14.61 -8.06
CA VAL A 117 -17.78 -15.28 -9.10
C VAL A 117 -18.51 -14.29 -9.99
N ILE A 118 -18.16 -14.29 -11.28
CA ILE A 118 -18.79 -13.38 -12.23
C ILE A 118 -19.27 -14.13 -13.47
N ILE A 119 -20.24 -13.55 -14.17
CA ILE A 119 -20.79 -14.16 -15.37
C ILE A 119 -19.93 -13.86 -16.59
N THR A 120 -19.75 -14.85 -17.46
CA THR A 120 -18.96 -14.69 -18.66
C THR A 120 -19.74 -15.10 -19.91
N ARG A 121 -19.21 -14.75 -21.07
CA ARG A 121 -19.87 -15.08 -22.33
C ARG A 121 -19.18 -16.27 -23.01
N ASN A 122 -19.50 -17.47 -22.52
CA ASN A 122 -18.92 -18.69 -23.08
C ASN A 122 -17.40 -18.55 -23.23
N SER A 123 -16.76 -18.01 -22.21
CA SER A 123 -15.32 -17.81 -22.23
C SER A 123 -14.71 -18.03 -20.85
N HIS A 124 -13.89 -19.06 -20.71
CA HIS A 124 -13.25 -19.38 -19.44
C HIS A 124 -11.78 -19.70 -19.65
N PRO A 125 -10.94 -19.29 -18.68
CA PRO A 125 -9.50 -19.51 -18.72
C PRO A 125 -9.14 -20.98 -18.54
N ALA A 126 -7.92 -21.35 -18.93
CA ALA A 126 -7.45 -22.72 -18.79
C ALA A 126 -6.84 -22.98 -17.42
N GLU A 127 -7.70 -23.24 -16.44
CA GLU A 127 -7.24 -23.49 -15.07
C GLU A 127 -6.85 -24.95 -14.90
N LEU A 128 -5.54 -25.20 -14.84
CA LEU A 128 -5.03 -26.55 -14.67
C LEU A 128 -3.55 -26.52 -14.27
N ASP A 129 -3.17 -27.44 -13.38
CA ASP A 129 -1.80 -27.51 -12.91
C ASP A 129 -1.20 -28.89 -13.20
N LEU A 130 0.11 -28.97 -13.23
CA LEU A 130 0.81 -30.23 -13.50
C LEU A 130 1.68 -30.63 -12.33
N PRO A 131 1.44 -31.84 -11.78
CA PRO A 131 2.20 -32.37 -10.64
C PRO A 131 3.63 -32.72 -11.02
N ARG A 132 4.32 -33.40 -10.11
CA ARG A 132 5.70 -33.79 -10.35
C ARG A 132 5.85 -35.32 -10.31
N ALA A 133 7.06 -35.80 -10.56
CA ALA A 133 7.33 -37.22 -10.55
C ALA A 133 7.98 -37.65 -9.24
N PRO A 134 7.48 -38.76 -8.67
CA PRO A 134 8.00 -39.30 -7.41
C PRO A 134 9.39 -39.89 -7.55
N GLN A 135 9.93 -40.41 -6.45
CA GLN A 135 11.26 -41.01 -6.46
C GLN A 135 11.34 -42.17 -5.48
N PRO A 136 12.05 -43.24 -5.90
CA PRO A 136 12.22 -44.44 -5.07
C PRO A 136 13.11 -44.19 -3.85
N PRO A 137 12.52 -44.33 -2.66
CA PRO A 137 13.25 -44.12 -1.39
C PRO A 137 14.27 -45.22 -1.13
N ASN A 138 14.92 -45.14 0.02
CA ASN A 138 15.93 -46.13 0.40
C ASN A 138 15.63 -46.72 1.77
N ALA A 139 16.43 -47.70 2.18
CA ALA A 139 16.24 -48.36 3.46
C ALA A 139 17.54 -49.02 3.93
N LEU A 140 17.51 -49.56 5.15
CA LEU A 140 18.68 -50.22 5.71
C LEU A 140 18.28 -51.22 6.79
N GLY A 141 19.09 -52.25 6.96
CA GLY A 141 18.80 -53.27 7.97
C GLY A 141 20.04 -53.78 8.65
N TYR A 142 19.88 -54.78 9.52
CA TYR A 142 21.00 -55.35 10.24
C TYR A 142 20.68 -56.78 10.69
N THR A 143 21.72 -57.60 10.81
CA THR A 143 21.55 -58.99 11.23
C THR A 143 22.51 -59.34 12.37
N VAL A 144 22.26 -60.46 13.03
CA VAL A 144 23.10 -60.90 14.13
C VAL A 144 23.47 -62.38 13.98
N SER A 145 24.67 -62.73 14.44
CA SER A 145 25.15 -64.10 14.35
C SER A 145 25.41 -64.68 15.74
N SER A 146 25.74 -65.96 15.79
CA SER A 146 26.01 -66.64 17.05
C SER A 146 27.51 -66.76 17.29
N LEU B 1 -1.20 0.55 15.04
CA LEU B 1 -2.12 1.11 14.05
C LEU B 1 -2.69 2.46 14.52
N PHE B 2 -1.81 3.30 15.05
CA PHE B 2 -2.20 4.61 15.55
C PHE B 2 -3.02 5.36 14.49
N ARG B 3 -4.24 5.73 14.85
CA ARG B 3 -5.12 6.46 13.94
C ARG B 3 -4.67 7.91 13.78
N LEU B 4 -4.50 8.33 12.53
CA LEU B 4 -4.07 9.70 12.24
C LEU B 4 -5.25 10.57 11.84
N ARG B 5 -4.97 11.84 11.58
CA ARG B 5 -6.03 12.78 11.18
C ARG B 5 -5.70 13.40 9.83
N HIS B 6 -4.42 13.63 9.57
CA HIS B 6 -3.98 14.22 8.31
C HIS B 6 -2.98 13.32 7.61
N PHE B 7 -2.58 13.71 6.40
CA PHE B 7 -1.63 12.94 5.62
C PHE B 7 -0.28 13.66 5.52
N PRO B 8 0.74 13.09 6.17
CA PRO B 8 2.09 13.67 6.18
C PRO B 8 2.77 13.56 4.81
N CYS B 9 2.60 12.43 4.16
CA CYS B 9 3.19 12.19 2.85
C CYS B 9 3.17 13.47 2.02
N GLY B 10 1.99 13.84 1.53
CA GLY B 10 1.86 15.04 0.72
C GLY B 10 1.84 14.75 -0.76
N ASN B 11 2.96 14.26 -1.29
CA ASN B 11 3.07 13.94 -2.71
C ASN B 11 2.53 12.54 -2.98
N VAL B 12 1.26 12.33 -2.66
CA VAL B 12 0.62 11.04 -2.88
C VAL B 12 0.41 10.77 -4.36
N ASN B 13 0.56 9.51 -4.76
CA ASN B 13 0.38 9.12 -6.16
C ASN B 13 -0.91 8.34 -6.34
N TYR B 14 -2.03 9.05 -6.38
CA TYR B 14 -3.33 8.42 -6.54
C TYR B 14 -3.25 7.24 -7.50
N GLY B 15 -3.86 6.12 -7.10
CA GLY B 15 -3.84 4.93 -7.93
C GLY B 15 -5.23 4.40 -8.22
N TYR B 16 -5.30 3.23 -8.84
CA TYR B 16 -6.58 2.61 -9.17
C TYR B 16 -7.56 3.64 -9.71
N GLN B 17 -7.04 4.58 -10.51
CA GLN B 17 -7.88 5.63 -11.08
C GLN B 17 -7.43 5.95 -12.51
N GLN B 18 -8.41 6.18 -13.38
CA GLN B 18 -8.11 6.50 -14.78
C GLN B 18 -8.17 8.00 -15.02
N GLN B 19 -7.33 8.47 -15.93
CA GLN B 19 -7.28 9.90 -16.26
C GLN B 19 -7.39 10.12 -17.77
N GLY A 1 -1.30 -31.60 6.61
CA GLY A 1 -0.36 -31.09 7.59
C GLY A 1 1.05 -31.58 7.35
N SER A 2 1.99 -30.64 7.25
CA SER A 2 3.38 -30.99 7.01
C SER A 2 4.26 -30.54 8.18
N SER A 3 4.09 -29.28 8.58
CA SER A 3 4.87 -28.73 9.67
C SER A 3 3.96 -28.31 10.83
N GLY A 4 4.34 -28.70 12.04
CA GLY A 4 3.54 -28.36 13.21
C GLY A 4 4.22 -27.33 14.09
N SER A 5 4.07 -27.48 15.40
CA SER A 5 4.67 -26.54 16.35
C SER A 5 5.88 -27.16 17.03
N SER A 6 7.03 -26.49 16.93
CA SER A 6 8.26 -26.97 17.53
C SER A 6 8.78 -25.99 18.57
N GLY A 7 8.90 -24.73 18.18
CA GLY A 7 9.38 -23.71 19.09
C GLY A 7 9.83 -22.46 18.37
N LEU A 8 10.75 -21.72 18.99
CA LEU A 8 11.27 -20.49 18.40
C LEU A 8 11.95 -20.77 17.06
N ASN A 9 11.49 -20.09 16.01
CA ASN A 9 12.05 -20.26 14.68
C ASN A 9 12.65 -18.96 14.17
N ARG A 10 13.97 -18.89 14.14
CA ARG A 10 14.68 -17.70 13.67
C ARG A 10 14.62 -17.59 12.15
N ASP A 11 13.99 -16.53 11.66
CA ASP A 11 13.87 -16.32 10.23
C ASP A 11 14.81 -15.22 9.76
N SER A 12 15.74 -15.57 8.88
CA SER A 12 16.71 -14.62 8.36
C SER A 12 16.06 -13.71 7.31
N VAL A 13 15.90 -12.44 7.66
CA VAL A 13 15.30 -11.46 6.76
C VAL A 13 16.02 -10.12 6.85
N PRO A 14 16.57 -9.67 5.71
CA PRO A 14 17.29 -8.39 5.64
C PRO A 14 16.36 -7.19 5.77
N ASP A 15 16.90 -6.09 6.28
CA ASP A 15 16.12 -4.88 6.47
C ASP A 15 15.79 -4.23 5.12
N ASN A 16 16.27 -4.84 4.05
CA ASN A 16 16.03 -4.33 2.70
C ASN A 16 15.45 -5.41 1.80
N HIS A 17 14.68 -6.33 2.40
CA HIS A 17 14.07 -7.41 1.65
C HIS A 17 13.10 -6.88 0.60
N PRO A 18 13.12 -7.50 -0.59
CA PRO A 18 12.25 -7.10 -1.71
C PRO A 18 10.79 -7.43 -1.45
N THR A 19 10.55 -8.44 -0.62
CA THR A 19 9.19 -8.87 -0.30
C THR A 19 8.82 -8.45 1.12
N LYS A 20 9.83 -8.23 1.96
CA LYS A 20 9.61 -7.83 3.34
C LYS A 20 10.20 -6.45 3.60
N PHE A 21 9.46 -5.63 4.35
CA PHE A 21 9.92 -4.28 4.68
C PHE A 21 9.67 -3.97 6.15
N LYS A 22 10.74 -3.97 6.94
CA LYS A 22 10.65 -3.68 8.36
C LYS A 22 10.28 -2.22 8.60
N VAL A 23 9.02 -2.00 8.98
CA VAL A 23 8.54 -0.64 9.24
C VAL A 23 8.37 -0.40 10.74
N THR A 24 8.15 0.86 11.11
CA THR A 24 7.97 1.22 12.51
C THR A 24 6.77 2.15 12.68
N ASN A 25 5.69 1.62 13.22
CA ASN A 25 4.47 2.39 13.44
C ASN A 25 4.76 3.60 14.33
N VAL A 26 4.34 4.78 13.87
CA VAL A 26 4.56 6.01 14.63
C VAL A 26 3.26 6.79 14.78
N ASP A 27 3.31 7.87 15.55
CA ASP A 27 2.14 8.71 15.77
C ASP A 27 2.24 10.00 14.96
N ASP A 28 1.27 10.90 15.17
CA ASP A 28 1.25 12.17 14.47
C ASP A 28 2.56 12.93 14.67
N GLU A 29 3.07 12.91 15.90
CA GLU A 29 4.31 13.60 16.23
C GLU A 29 5.49 12.98 15.49
N GLY A 30 5.45 11.66 15.32
CA GLY A 30 6.51 10.96 14.63
C GLY A 30 7.34 10.09 15.56
N VAL A 31 6.73 9.68 16.67
CA VAL A 31 7.41 8.83 17.65
C VAL A 31 7.33 7.37 17.26
N GLU A 32 8.18 6.55 17.88
CA GLU A 32 8.20 5.12 17.58
C GLU A 32 7.40 4.34 18.62
N LEU A 33 6.25 3.81 18.19
CA LEU A 33 5.38 3.04 19.08
C LEU A 33 5.77 1.56 19.07
N GLY A 34 5.66 0.94 17.90
CA GLY A 34 5.99 -0.46 17.79
C GLY A 34 6.54 -0.81 16.41
N SER A 35 7.32 -1.88 16.34
CA SER A 35 7.92 -2.32 15.09
C SER A 35 6.97 -3.25 14.33
N GLY A 36 7.17 -3.36 13.02
CA GLY A 36 6.32 -4.21 12.20
C GLY A 36 6.95 -4.53 10.86
N VAL A 37 6.41 -5.53 10.18
CA VAL A 37 6.92 -5.95 8.88
C VAL A 37 5.84 -5.85 7.82
N MET A 38 6.09 -5.05 6.78
CA MET A 38 5.13 -4.88 5.69
C MET A 38 5.51 -5.75 4.51
N GLU A 39 4.51 -6.39 3.90
CA GLU A 39 4.74 -7.25 2.75
C GLU A 39 4.00 -6.72 1.53
N LEU A 40 4.71 -6.62 0.40
CA LEU A 40 4.14 -6.13 -0.83
C LEU A 40 3.92 -7.27 -1.83
N THR A 41 2.74 -7.87 -1.79
CA THR A 41 2.41 -8.97 -2.68
C THR A 41 1.10 -8.72 -3.41
N GLN A 42 1.05 -9.10 -4.68
CA GLN A 42 -0.14 -8.91 -5.50
C GLN A 42 -1.40 -9.08 -4.66
N SER A 43 -1.43 -10.14 -3.85
CA SER A 43 -2.58 -10.43 -3.01
C SER A 43 -3.02 -9.18 -2.25
N GLU A 44 -2.22 -8.76 -1.28
CA GLU A 44 -2.54 -7.58 -0.48
C GLU A 44 -1.39 -7.25 0.47
N LEU A 45 -1.53 -6.12 1.17
CA LEU A 45 -0.50 -5.69 2.11
C LEU A 45 -0.74 -6.31 3.49
N VAL A 46 0.33 -6.81 4.10
CA VAL A 46 0.24 -7.43 5.42
C VAL A 46 1.26 -6.82 6.38
N LEU A 47 0.85 -6.66 7.63
CA LEU A 47 1.73 -6.08 8.65
C LEU A 47 1.91 -7.04 9.82
N HIS A 48 3.16 -7.35 10.14
CA HIS A 48 3.46 -8.25 11.25
C HIS A 48 3.96 -7.47 12.46
N LEU A 49 3.08 -7.25 13.42
CA LEU A 49 3.44 -6.53 14.64
C LEU A 49 2.92 -7.25 15.87
N HIS A 50 3.69 -8.23 16.34
CA HIS A 50 3.32 -9.01 17.52
C HIS A 50 2.65 -8.12 18.56
N ARG A 51 3.11 -6.87 18.66
CA ARG A 51 2.55 -5.92 19.61
C ARG A 51 1.05 -6.15 19.80
N ARG A 52 0.32 -6.11 18.69
CA ARG A 52 -1.13 -6.31 18.73
C ARG A 52 -1.52 -7.55 17.92
N GLU A 53 -1.48 -7.43 16.60
CA GLU A 53 -1.84 -8.54 15.73
C GLU A 53 -1.57 -8.19 14.27
N ALA A 54 -1.75 -9.16 13.38
CA ALA A 54 -1.54 -8.96 11.96
C ALA A 54 -2.73 -8.27 11.31
N VAL A 55 -2.49 -7.54 10.23
CA VAL A 55 -3.55 -6.84 9.52
C VAL A 55 -3.33 -6.89 8.02
N ARG A 56 -4.43 -6.93 7.27
CA ARG A 56 -4.35 -6.98 5.81
C ARG A 56 -5.08 -5.79 5.20
N TRP A 57 -4.58 -5.33 4.05
CA TRP A 57 -5.17 -4.19 3.36
C TRP A 57 -5.28 -4.47 1.86
N PRO A 58 -6.51 -4.60 1.37
CA PRO A 58 -6.79 -4.86 -0.04
C PRO A 58 -6.46 -3.66 -0.93
N TYR A 59 -5.51 -3.84 -1.84
CA TYR A 59 -5.11 -2.78 -2.74
C TYR A 59 -6.31 -1.96 -3.21
N LEU A 60 -7.47 -2.61 -3.27
CA LEU A 60 -8.70 -1.95 -3.69
C LEU A 60 -9.02 -0.77 -2.79
N CYS A 61 -9.00 -0.99 -1.49
CA CYS A 61 -9.30 0.05 -0.52
C CYS A 61 -8.24 1.16 -0.59
N LEU A 62 -7.00 0.77 -0.87
CA LEU A 62 -5.90 1.73 -0.96
C LEU A 62 -6.17 2.76 -2.05
N ARG A 63 -6.46 3.99 -1.64
CA ARG A 63 -6.73 5.07 -2.58
C ARG A 63 -5.61 6.11 -2.56
N ARG A 64 -5.31 6.62 -1.37
CA ARG A 64 -4.26 7.62 -1.22
C ARG A 64 -3.02 7.01 -0.58
N TYR A 65 -1.98 6.79 -1.39
CA TYR A 65 -0.74 6.21 -0.91
C TYR A 65 0.47 6.98 -1.46
N GLY A 66 1.21 7.61 -0.57
CA GLY A 66 2.39 8.36 -0.98
C GLY A 66 3.63 7.98 -0.21
N TYR A 67 4.57 8.90 -0.10
CA TYR A 67 5.82 8.65 0.62
C TYR A 67 6.47 9.96 1.05
N ASP A 68 7.55 9.85 1.81
CA ASP A 68 8.27 11.03 2.30
C ASP A 68 9.57 10.62 2.98
N SER A 69 10.27 11.61 3.54
CA SER A 69 11.54 11.36 4.22
C SER A 69 11.32 10.47 5.44
N ASN A 70 11.71 9.20 5.31
CA ASN A 70 11.56 8.25 6.41
C ASN A 70 10.14 8.25 6.94
N LEU A 71 9.17 8.41 6.03
CA LEU A 71 7.77 8.42 6.42
C LEU A 71 6.90 7.79 5.33
N PHE A 72 5.99 6.91 5.74
CA PHE A 72 5.10 6.24 4.79
C PHE A 72 3.73 5.99 5.43
N SER A 73 2.70 6.58 4.83
CA SER A 73 1.34 6.43 5.33
C SER A 73 0.37 6.10 4.20
N PHE A 74 -0.83 5.67 4.55
CA PHE A 74 -1.84 5.32 3.57
C PHE A 74 -3.24 5.40 4.17
N GLU A 75 -4.25 5.50 3.30
CA GLU A 75 -5.63 5.59 3.76
C GLU A 75 -6.30 4.22 3.72
N SER A 76 -7.47 4.13 4.36
CA SER A 76 -8.21 2.88 4.41
C SER A 76 -9.70 3.13 4.58
N GLY A 77 -10.52 2.28 3.97
CA GLY A 77 -11.96 2.43 4.06
C GLY A 77 -12.51 1.95 5.39
N ARG A 78 -13.76 1.51 5.38
CA ARG A 78 -14.41 1.02 6.60
C ARG A 78 -14.69 -0.47 6.50
N ARG A 79 -14.88 -0.96 5.27
CA ARG A 79 -15.16 -2.37 5.05
C ARG A 79 -13.98 -3.23 5.48
N CYS A 80 -12.83 -2.60 5.68
CA CYS A 80 -11.62 -3.31 6.09
C CYS A 80 -11.66 -3.61 7.60
N GLN A 81 -10.81 -4.54 8.02
CA GLN A 81 -10.75 -4.92 9.44
C GLN A 81 -10.56 -3.71 10.33
N THR A 82 -9.38 -3.09 10.24
CA THR A 82 -9.07 -1.92 11.04
C THR A 82 -10.17 -0.86 10.93
N GLY A 83 -10.50 -0.50 9.69
CA GLY A 83 -11.55 0.49 9.47
C GLY A 83 -10.98 1.86 9.11
N GLN A 84 -11.85 2.80 8.80
CA GLN A 84 -11.43 4.14 8.43
C GLN A 84 -10.30 4.63 9.33
N GLY A 85 -9.44 5.47 8.78
CA GLY A 85 -8.32 6.00 9.55
C GLY A 85 -7.00 5.86 8.82
N ILE A 86 -6.15 6.87 8.95
CA ILE A 86 -4.85 6.86 8.29
C ILE A 86 -3.77 6.34 9.23
N PHE A 87 -2.89 5.49 8.70
CA PHE A 87 -1.81 4.91 9.49
C PHE A 87 -0.46 5.23 8.86
N ALA A 88 0.43 5.80 9.65
CA ALA A 88 1.76 6.16 9.17
C ALA A 88 2.82 5.21 9.74
N PHE A 89 3.96 5.14 9.07
CA PHE A 89 5.05 4.27 9.50
C PHE A 89 6.41 4.85 9.10
N LYS A 90 7.39 4.73 9.99
CA LYS A 90 8.73 5.23 9.72
C LYS A 90 9.61 4.15 9.13
N CYS A 91 10.25 4.46 8.00
CA CYS A 91 11.13 3.51 7.33
C CYS A 91 12.06 4.23 6.35
N SER A 92 13.35 3.96 6.47
CA SER A 92 14.34 4.59 5.60
C SER A 92 14.13 4.15 4.14
N ARG A 93 13.29 3.15 3.95
CA ARG A 93 13.00 2.64 2.61
C ARG A 93 11.58 2.96 2.20
N ALA A 94 11.06 4.08 2.69
CA ALA A 94 9.70 4.52 2.37
C ALA A 94 9.48 4.56 0.86
N GLU A 95 10.38 5.24 0.16
CA GLU A 95 10.29 5.36 -1.29
C GLU A 95 10.18 3.98 -1.94
N GLU A 96 11.13 3.12 -1.64
CA GLU A 96 11.15 1.78 -2.20
C GLU A 96 9.74 1.18 -2.22
N ILE A 97 9.08 1.18 -1.07
CA ILE A 97 7.73 0.66 -0.96
C ILE A 97 6.75 1.45 -1.82
N PHE A 98 6.98 2.76 -1.89
CA PHE A 98 6.12 3.64 -2.68
C PHE A 98 6.36 3.45 -4.17
N ASN A 99 7.55 2.96 -4.51
CA ASN A 99 7.91 2.73 -5.91
C ASN A 99 7.45 1.35 -6.37
N LEU A 100 7.26 0.45 -5.42
CA LEU A 100 6.82 -0.91 -5.73
C LEU A 100 5.31 -1.03 -5.63
N LEU A 101 4.72 -0.24 -4.73
CA LEU A 101 3.27 -0.25 -4.53
C LEU A 101 2.54 0.04 -5.84
N GLN A 102 2.80 1.21 -6.41
CA GLN A 102 2.16 1.61 -7.66
C GLN A 102 2.40 0.56 -8.75
N ASP A 103 3.53 -0.14 -8.66
CA ASP A 103 3.87 -1.17 -9.62
C ASP A 103 2.89 -2.34 -9.55
N LEU A 104 2.50 -2.69 -8.33
CA LEU A 104 1.56 -3.80 -8.11
C LEU A 104 0.13 -3.36 -8.40
N MET A 105 -0.13 -2.06 -8.24
CA MET A 105 -1.46 -1.52 -8.48
C MET A 105 -1.74 -1.42 -9.98
N GLN A 106 -0.80 -0.85 -10.72
CA GLN A 106 -0.94 -0.69 -12.16
C GLN A 106 -0.85 -2.04 -12.87
N CYS A 107 -0.05 -2.94 -12.31
CA CYS A 107 0.12 -4.27 -12.89
C CYS A 107 -1.22 -4.86 -13.31
N ASN A 108 -2.23 -4.66 -12.47
CA ASN A 108 -3.57 -5.18 -12.76
C ASN A 108 -4.56 -4.70 -11.71
N SER A 109 -5.53 -3.88 -12.15
CA SER A 109 -6.55 -3.35 -11.26
C SER A 109 -7.94 -3.75 -11.73
N ILE A 110 -8.05 -4.95 -12.28
CA ILE A 110 -9.33 -5.46 -12.77
C ILE A 110 -9.93 -6.46 -11.79
N ASN A 111 -10.48 -5.96 -10.69
CA ASN A 111 -11.09 -6.81 -9.68
C ASN A 111 -10.35 -8.14 -9.57
N VAL A 112 -9.04 -8.06 -9.36
CA VAL A 112 -8.21 -9.25 -9.23
C VAL A 112 -8.19 -9.76 -7.79
N MET A 113 -9.22 -9.40 -7.02
CA MET A 113 -9.33 -9.82 -5.64
C MET A 113 -10.48 -10.79 -5.44
N GLU A 114 -10.58 -11.78 -6.33
CA GLU A 114 -11.65 -12.76 -6.25
C GLU A 114 -11.12 -14.09 -5.71
N GLU A 115 -10.40 -14.03 -4.60
CA GLU A 115 -9.83 -15.22 -3.99
C GLU A 115 -9.95 -15.16 -2.46
N PRO A 116 -10.06 -16.34 -1.84
CA PRO A 116 -10.18 -16.45 -0.37
C PRO A 116 -8.89 -16.07 0.34
N VAL A 117 -8.99 -15.83 1.65
CA VAL A 117 -7.83 -15.46 2.45
C VAL A 117 -7.39 -16.62 3.34
N ILE A 118 -6.25 -17.22 3.02
CA ILE A 118 -5.72 -18.33 3.78
C ILE A 118 -4.46 -17.92 4.54
N ILE A 119 -4.39 -18.29 5.81
CA ILE A 119 -3.23 -17.97 6.64
C ILE A 119 -1.96 -18.61 6.08
N THR A 120 -1.43 -18.01 5.02
CA THR A 120 -0.21 -18.52 4.39
C THR A 120 1.03 -18.05 5.15
N ARG A 121 2.05 -18.91 5.20
CA ARG A 121 3.28 -18.59 5.88
C ARG A 121 4.49 -18.85 4.98
N ASN A 122 4.23 -19.00 3.68
CA ASN A 122 5.29 -19.26 2.72
C ASN A 122 6.37 -18.18 2.79
N SER A 123 7.34 -18.36 3.67
CA SER A 123 8.42 -17.41 3.83
C SER A 123 9.73 -17.96 3.24
N HIS A 124 9.88 -17.81 1.93
CA HIS A 124 11.07 -18.28 1.25
C HIS A 124 12.27 -17.38 1.55
N PRO A 125 13.27 -17.93 2.27
CA PRO A 125 14.48 -17.19 2.64
C PRO A 125 15.37 -16.91 1.44
N ALA A 126 16.29 -15.96 1.60
CA ALA A 126 17.20 -15.59 0.53
C ALA A 126 18.46 -14.92 1.08
N GLU A 127 19.62 -15.46 0.73
CA GLU A 127 20.89 -14.92 1.20
C GLU A 127 20.93 -13.40 1.02
N LEU A 128 21.45 -12.72 2.03
CA LEU A 128 21.55 -11.26 1.98
C LEU A 128 23.01 -10.82 1.87
N ASP A 129 23.21 -9.51 1.77
CA ASP A 129 24.56 -8.95 1.65
C ASP A 129 24.76 -7.81 2.65
N LEU A 130 26.00 -7.58 3.04
CA LEU A 130 26.33 -6.52 3.98
C LEU A 130 26.96 -5.33 3.27
N PRO A 131 26.60 -4.11 3.71
CA PRO A 131 27.12 -2.88 3.13
C PRO A 131 28.59 -2.66 3.47
N ARG A 132 29.16 -1.57 2.97
CA ARG A 132 30.56 -1.25 3.20
C ARG A 132 30.79 0.26 3.15
N ALA A 133 32.01 0.68 3.46
CA ALA A 133 32.36 2.10 3.45
C ALA A 133 33.53 2.36 2.52
N PRO A 134 33.34 3.27 1.55
CA PRO A 134 34.37 3.64 0.57
C PRO A 134 35.51 4.42 1.21
N GLN A 135 36.44 4.88 0.38
CA GLN A 135 37.59 5.64 0.86
C GLN A 135 37.96 6.74 -0.13
N PRO A 136 38.05 7.98 0.36
CA PRO A 136 38.40 9.14 -0.46
C PRO A 136 39.86 9.11 -0.91
N PRO A 137 40.08 9.28 -2.22
CA PRO A 137 41.42 9.28 -2.80
C PRO A 137 42.22 10.52 -2.40
N ASN A 138 43.41 10.66 -2.99
CA ASN A 138 44.26 11.80 -2.72
C ASN A 138 45.50 11.79 -3.62
N ALA A 139 45.82 12.96 -4.18
CA ALA A 139 46.98 13.09 -5.05
C ALA A 139 47.37 14.55 -5.23
N LEU A 140 48.39 14.79 -6.06
CA LEU A 140 48.86 16.14 -6.31
C LEU A 140 48.47 16.60 -7.71
N GLY A 141 47.24 17.09 -7.85
CA GLY A 141 46.77 17.56 -9.14
C GLY A 141 46.72 16.45 -10.18
N TYR A 142 45.56 15.80 -10.30
CA TYR A 142 45.39 14.72 -11.26
C TYR A 142 44.90 15.25 -12.60
N THR A 143 45.76 15.19 -13.61
CA THR A 143 45.41 15.65 -14.94
C THR A 143 46.38 15.13 -15.98
N VAL A 144 45.92 14.21 -16.82
CA VAL A 144 46.76 13.62 -17.86
C VAL A 144 45.92 13.26 -19.09
N SER A 145 46.59 13.15 -20.23
CA SER A 145 45.91 12.81 -21.47
C SER A 145 46.73 11.79 -22.27
N SER A 146 46.03 10.86 -22.92
CA SER A 146 46.69 9.83 -23.71
C SER A 146 46.36 9.99 -25.19
N LEU B 1 -0.81 0.43 14.94
CA LEU B 1 -1.85 1.05 14.11
C LEU B 1 -2.35 2.33 14.76
N PHE B 2 -1.66 3.44 14.50
CA PHE B 2 -2.04 4.73 15.05
C PHE B 2 -2.90 5.51 14.05
N ARG B 3 -4.06 5.98 14.51
CA ARG B 3 -4.96 6.74 13.67
C ARG B 3 -4.49 8.17 13.51
N LEU B 4 -4.38 8.63 12.27
CA LEU B 4 -3.93 9.99 11.98
C LEU B 4 -5.11 10.87 11.57
N ARG B 5 -4.87 12.18 11.54
CA ARG B 5 -5.91 13.13 11.17
C ARG B 5 -5.71 13.63 9.74
N HIS B 6 -4.46 13.89 9.39
CA HIS B 6 -4.12 14.37 8.05
C HIS B 6 -3.02 13.52 7.42
N PHE B 7 -2.79 13.72 6.13
CA PHE B 7 -1.77 12.97 5.42
C PHE B 7 -0.42 13.69 5.48
N PRO B 8 0.57 13.04 6.10
CA PRO B 8 1.92 13.60 6.24
C PRO B 8 2.67 13.66 4.91
N CYS B 9 2.01 13.19 3.85
CA CYS B 9 2.61 13.20 2.53
C CYS B 9 1.81 14.08 1.57
N GLY B 10 2.45 14.49 0.47
CA GLY B 10 1.77 15.34 -0.50
C GLY B 10 1.92 14.81 -1.92
N ASN B 11 2.97 14.04 -2.15
CA ASN B 11 3.22 13.47 -3.48
C ASN B 11 2.58 12.09 -3.61
N VAL B 12 1.29 12.02 -3.31
CA VAL B 12 0.56 10.76 -3.40
C VAL B 12 0.22 10.41 -4.84
N ASN B 13 0.14 9.12 -5.13
CA ASN B 13 -0.19 8.66 -6.49
C ASN B 13 -1.41 7.75 -6.46
N TYR B 14 -2.59 8.34 -6.35
CA TYR B 14 -3.83 7.57 -6.31
C TYR B 14 -3.85 6.53 -7.43
N GLY B 15 -4.43 5.37 -7.14
CA GLY B 15 -4.52 4.30 -8.11
C GLY B 15 -5.92 3.76 -8.27
N TYR B 16 -6.02 2.55 -8.80
CA TYR B 16 -7.32 1.91 -9.00
C TYR B 16 -8.37 2.94 -9.39
N GLN B 17 -8.01 3.85 -10.31
CA GLN B 17 -8.92 4.88 -10.77
C GLN B 17 -9.90 4.33 -11.80
N GLN B 18 -11.18 4.62 -11.59
CA GLN B 18 -12.23 4.15 -12.50
C GLN B 18 -13.00 5.32 -13.09
N GLN B 19 -13.59 5.10 -14.26
CA GLN B 19 -14.37 6.14 -14.92
C GLN B 19 -15.47 6.66 -14.01
N GLY A 1 4.36 -29.01 -20.06
CA GLY A 1 4.44 -28.30 -18.80
C GLY A 1 5.74 -28.53 -18.07
N SER A 2 6.30 -27.48 -17.50
CA SER A 2 7.56 -27.59 -16.76
C SER A 2 7.69 -26.46 -15.74
N SER A 3 8.67 -26.59 -14.85
CA SER A 3 8.90 -25.59 -13.82
C SER A 3 10.18 -25.88 -13.06
N GLY A 4 10.70 -24.87 -12.36
CA GLY A 4 11.93 -25.04 -11.59
C GLY A 4 11.68 -25.08 -10.10
N SER A 5 12.44 -25.91 -9.41
CA SER A 5 12.29 -26.05 -7.96
C SER A 5 13.59 -25.68 -7.25
N SER A 6 13.48 -24.76 -6.29
CA SER A 6 14.65 -24.31 -5.53
C SER A 6 14.37 -24.35 -4.03
N GLY A 7 15.38 -24.73 -3.26
CA GLY A 7 15.22 -24.80 -1.82
C GLY A 7 16.43 -24.26 -1.07
N LEU A 8 16.20 -23.75 0.13
CA LEU A 8 17.28 -23.19 0.95
C LEU A 8 16.80 -22.90 2.36
N ASN A 9 17.74 -22.71 3.27
CA ASN A 9 17.41 -22.43 4.66
C ASN A 9 18.33 -21.35 5.24
N ARG A 10 17.78 -20.16 5.46
CA ARG A 10 18.55 -19.05 6.00
C ARG A 10 17.71 -18.21 6.97
N ASP A 11 18.32 -17.79 8.07
CA ASP A 11 17.63 -16.99 9.07
C ASP A 11 18.27 -15.62 9.20
N SER A 12 17.90 -14.71 8.30
CA SER A 12 18.45 -13.36 8.31
C SER A 12 17.71 -12.46 7.33
N VAL A 13 17.02 -11.44 7.86
CA VAL A 13 16.26 -10.51 7.03
C VAL A 13 16.66 -9.07 7.33
N PRO A 14 17.32 -8.42 6.36
CA PRO A 14 17.75 -7.03 6.50
C PRO A 14 16.58 -6.05 6.49
N ASP A 15 16.87 -4.79 6.80
CA ASP A 15 15.85 -3.75 6.82
C ASP A 15 15.69 -3.11 5.45
N ASN A 16 16.35 -3.69 4.45
CA ASN A 16 16.30 -3.17 3.09
C ASN A 16 15.85 -4.25 2.11
N HIS A 17 15.43 -5.39 2.65
CA HIS A 17 14.97 -6.50 1.83
C HIS A 17 14.04 -6.01 0.72
N PRO A 18 14.21 -6.58 -0.48
CA PRO A 18 13.39 -6.22 -1.64
C PRO A 18 11.95 -6.69 -1.51
N THR A 19 11.77 -7.86 -0.89
CA THR A 19 10.43 -8.42 -0.70
C THR A 19 9.88 -8.06 0.67
N LYS A 20 10.78 -7.79 1.61
CA LYS A 20 10.39 -7.44 2.97
C LYS A 20 10.83 -6.02 3.32
N PHE A 21 10.00 -5.32 4.09
CA PHE A 21 10.31 -3.95 4.50
C PHE A 21 9.93 -3.72 5.95
N LYS A 22 10.93 -3.66 6.82
CA LYS A 22 10.70 -3.43 8.24
C LYS A 22 10.24 -2.00 8.50
N VAL A 23 9.02 -1.86 8.99
CA VAL A 23 8.45 -0.55 9.27
C VAL A 23 8.25 -0.36 10.77
N THR A 24 8.03 0.89 11.19
CA THR A 24 7.82 1.21 12.59
C THR A 24 6.64 2.16 12.77
N ASN A 25 5.50 1.61 13.13
CA ASN A 25 4.29 2.41 13.33
C ASN A 25 4.56 3.55 14.31
N VAL A 26 4.17 4.76 13.93
CA VAL A 26 4.36 5.93 14.78
C VAL A 26 3.07 6.73 14.91
N ASP A 27 3.09 7.75 15.76
CA ASP A 27 1.93 8.60 15.98
C ASP A 27 2.09 9.94 15.28
N ASP A 28 1.10 10.81 15.44
CA ASP A 28 1.13 12.13 14.81
C ASP A 28 2.46 12.83 15.09
N GLU A 29 2.91 12.77 16.35
CA GLU A 29 4.15 13.41 16.74
C GLU A 29 5.34 12.78 16.01
N GLY A 30 5.31 11.45 15.88
CA GLY A 30 6.38 10.75 15.20
C GLY A 30 7.07 9.73 16.09
N VAL A 31 6.55 9.57 17.32
CA VAL A 31 7.11 8.63 18.26
C VAL A 31 6.93 7.19 17.79
N GLU A 32 7.67 6.26 18.40
CA GLU A 32 7.58 4.86 18.03
C GLU A 32 6.72 4.09 19.02
N LEU A 33 5.61 3.55 18.53
CA LEU A 33 4.69 2.79 19.37
C LEU A 33 4.90 1.29 19.19
N GLY A 34 4.63 0.80 17.98
CA GLY A 34 4.80 -0.62 17.71
C GLY A 34 5.49 -0.87 16.38
N SER A 35 6.59 -1.61 16.41
CA SER A 35 7.34 -1.93 15.21
C SER A 35 6.74 -3.13 14.49
N GLY A 36 6.70 -3.06 13.16
CA GLY A 36 6.15 -4.15 12.38
C GLY A 36 6.83 -4.30 11.03
N VAL A 37 6.52 -5.39 10.33
CA VAL A 37 7.11 -5.63 9.02
C VAL A 37 6.04 -5.66 7.93
N MET A 38 6.20 -4.81 6.92
CA MET A 38 5.26 -4.73 5.83
C MET A 38 5.72 -5.59 4.65
N GLU A 39 4.81 -6.40 4.12
CA GLU A 39 5.12 -7.27 2.99
C GLU A 39 4.31 -6.89 1.76
N LEU A 40 4.99 -6.75 0.62
CA LEU A 40 4.32 -6.39 -0.62
C LEU A 40 4.06 -7.62 -1.48
N THR A 41 2.86 -8.17 -1.36
CA THR A 41 2.49 -9.35 -2.14
C THR A 41 1.41 -9.01 -3.16
N GLN A 42 1.57 -9.55 -4.37
CA GLN A 42 0.61 -9.32 -5.45
C GLN A 42 -0.82 -9.27 -4.90
N SER A 43 -1.05 -10.01 -3.82
CA SER A 43 -2.37 -10.06 -3.21
C SER A 43 -2.72 -8.74 -2.55
N GLU A 44 -2.00 -8.40 -1.49
CA GLU A 44 -2.23 -7.16 -0.77
C GLU A 44 -1.13 -6.90 0.25
N LEU A 45 -1.25 -5.80 0.99
CA LEU A 45 -0.26 -5.44 2.00
C LEU A 45 -0.60 -6.07 3.34
N VAL A 46 0.38 -6.73 3.95
CA VAL A 46 0.20 -7.37 5.24
C VAL A 46 1.28 -6.97 6.23
N LEU A 47 0.90 -6.80 7.49
CA LEU A 47 1.85 -6.41 8.53
C LEU A 47 2.18 -7.61 9.43
N HIS A 48 3.29 -7.50 10.14
CA HIS A 48 3.72 -8.56 11.04
C HIS A 48 4.10 -8.01 12.41
N LEU A 49 3.21 -8.18 13.38
CA LEU A 49 3.46 -7.69 14.73
C LEU A 49 3.53 -8.84 15.72
N HIS A 50 4.26 -8.64 16.81
CA HIS A 50 4.43 -9.66 17.84
C HIS A 50 3.31 -9.56 18.88
N ARG A 51 3.39 -8.52 19.72
CA ARG A 51 2.38 -8.31 20.76
C ARG A 51 0.99 -8.21 20.15
N ARG A 52 0.82 -7.29 19.20
CA ARG A 52 -0.47 -7.09 18.54
C ARG A 52 -0.62 -8.03 17.36
N GLU A 53 -1.83 -8.07 16.79
CA GLU A 53 -2.11 -8.93 15.65
C GLU A 53 -1.66 -8.26 14.35
N ALA A 54 -1.75 -9.01 13.25
CA ALA A 54 -1.36 -8.49 11.95
C ALA A 54 -2.54 -7.85 11.24
N VAL A 55 -2.25 -6.99 10.27
CA VAL A 55 -3.28 -6.30 9.51
C VAL A 55 -3.06 -6.46 8.00
N ARG A 56 -4.15 -6.44 7.25
CA ARG A 56 -4.08 -6.58 5.80
C ARG A 56 -4.88 -5.48 5.11
N TRP A 57 -4.29 -4.88 4.08
CA TRP A 57 -4.95 -3.82 3.33
C TRP A 57 -4.95 -4.12 1.83
N PRO A 58 -6.15 -4.37 1.27
CA PRO A 58 -6.32 -4.68 -0.15
C PRO A 58 -6.04 -3.47 -1.03
N TYR A 59 -5.08 -3.62 -1.94
CA TYR A 59 -4.71 -2.53 -2.84
C TYR A 59 -5.94 -1.80 -3.34
N LEU A 60 -7.08 -2.49 -3.34
CA LEU A 60 -8.33 -1.90 -3.79
C LEU A 60 -8.80 -0.82 -2.83
N CYS A 61 -9.20 -1.23 -1.62
CA CYS A 61 -9.66 -0.29 -0.61
C CYS A 61 -8.69 0.87 -0.45
N LEU A 62 -7.40 0.59 -0.66
CA LEU A 62 -6.37 1.61 -0.55
C LEU A 62 -6.67 2.79 -1.46
N ARG A 63 -7.23 3.86 -0.89
CA ARG A 63 -7.56 5.05 -1.66
C ARG A 63 -6.31 5.69 -2.24
N ARG A 64 -5.48 6.26 -1.37
CA ARG A 64 -4.25 6.91 -1.80
C ARG A 64 -3.06 6.37 -1.02
N TYR A 65 -1.86 6.57 -1.57
CA TYR A 65 -0.64 6.10 -0.92
C TYR A 65 0.51 7.08 -1.16
N GLY A 66 1.05 7.62 -0.07
CA GLY A 66 2.16 8.56 -0.18
C GLY A 66 3.47 7.98 0.32
N TYR A 67 4.50 8.81 0.36
CA TYR A 67 5.81 8.37 0.81
C TYR A 67 6.63 9.55 1.33
N ASP A 68 7.81 9.26 1.87
CA ASP A 68 8.69 10.30 2.40
C ASP A 68 10.04 9.71 2.81
N SER A 69 10.97 10.58 3.18
CA SER A 69 12.30 10.15 3.59
C SER A 69 12.22 9.05 4.66
N ASN A 70 11.67 9.41 5.81
CA ASN A 70 11.53 8.46 6.91
C ASN A 70 10.07 8.39 7.39
N LEU A 71 9.15 8.51 6.45
CA LEU A 71 7.73 8.46 6.76
C LEU A 71 6.94 7.77 5.65
N PHE A 72 6.07 6.85 6.03
CA PHE A 72 5.25 6.12 5.06
C PHE A 72 3.86 5.85 5.61
N SER A 73 2.86 6.52 5.05
CA SER A 73 1.49 6.36 5.49
C SER A 73 0.57 6.10 4.30
N PHE A 74 -0.63 5.58 4.59
CA PHE A 74 -1.60 5.29 3.54
C PHE A 74 -3.02 5.36 4.09
N GLU A 75 -3.94 5.87 3.27
CA GLU A 75 -5.34 5.99 3.67
C GLU A 75 -6.20 4.92 3.02
N SER A 76 -7.23 4.47 3.73
CA SER A 76 -8.12 3.44 3.21
C SER A 76 -9.55 3.68 3.69
N GLY A 77 -10.51 3.21 2.90
CA GLY A 77 -11.91 3.38 3.26
C GLY A 77 -12.25 2.78 4.60
N ARG A 78 -13.54 2.64 4.89
CA ARG A 78 -13.99 2.09 6.16
C ARG A 78 -14.38 0.62 6.00
N ARG A 79 -14.57 0.20 4.75
CA ARG A 79 -14.96 -1.17 4.47
C ARG A 79 -13.86 -2.15 4.88
N CYS A 80 -12.67 -1.60 5.17
CA CYS A 80 -11.54 -2.43 5.57
C CYS A 80 -11.64 -2.79 7.05
N GLN A 81 -10.75 -3.68 7.49
CA GLN A 81 -10.75 -4.12 8.89
C GLN A 81 -10.55 -2.94 9.83
N THR A 82 -9.36 -2.35 9.80
CA THR A 82 -9.03 -1.22 10.65
C THR A 82 -10.15 -0.18 10.62
N GLY A 83 -10.72 0.04 9.44
CA GLY A 83 -11.80 1.00 9.29
C GLY A 83 -11.28 2.40 8.98
N GLN A 84 -12.19 3.29 8.62
CA GLN A 84 -11.83 4.66 8.29
C GLN A 84 -10.76 5.19 9.24
N GLY A 85 -9.58 5.48 8.69
CA GLY A 85 -8.49 5.99 9.51
C GLY A 85 -7.15 5.86 8.84
N ILE A 86 -6.29 6.84 9.03
CA ILE A 86 -4.96 6.84 8.44
C ILE A 86 -3.92 6.26 9.40
N PHE A 87 -2.86 5.68 8.85
CA PHE A 87 -1.81 5.09 9.66
C PHE A 87 -0.44 5.36 9.05
N ALA A 88 0.44 5.98 9.83
CA ALA A 88 1.79 6.30 9.38
C ALA A 88 2.81 5.34 9.97
N PHE A 89 3.95 5.21 9.30
CA PHE A 89 5.01 4.32 9.76
C PHE A 89 6.38 4.83 9.32
N LYS A 90 7.34 4.82 10.24
CA LYS A 90 8.69 5.28 9.94
C LYS A 90 9.52 4.17 9.30
N CYS A 91 10.15 4.48 8.18
CA CYS A 91 10.97 3.52 7.46
C CYS A 91 11.78 4.19 6.37
N SER A 92 13.11 4.16 6.50
CA SER A 92 13.99 4.77 5.52
C SER A 92 13.80 4.14 4.15
N ARG A 93 13.14 2.99 4.12
CA ARG A 93 12.89 2.28 2.87
C ARG A 93 11.47 2.55 2.36
N ALA A 94 10.95 3.73 2.69
CA ALA A 94 9.61 4.11 2.27
C ALA A 94 9.51 4.18 0.75
N GLU A 95 10.20 5.15 0.15
CA GLU A 95 10.18 5.33 -1.29
C GLU A 95 10.07 3.98 -2.00
N GLU A 96 11.07 3.12 -1.80
CA GLU A 96 11.07 1.80 -2.42
C GLU A 96 9.66 1.21 -2.44
N ILE A 97 9.03 1.16 -1.27
CA ILE A 97 7.68 0.61 -1.16
C ILE A 97 6.69 1.42 -1.99
N PHE A 98 6.93 2.72 -2.09
CA PHE A 98 6.06 3.60 -2.86
C PHE A 98 6.31 3.45 -4.35
N ASN A 99 7.45 2.88 -4.70
CA ASN A 99 7.81 2.67 -6.10
C ASN A 99 7.38 1.29 -6.58
N LEU A 100 7.21 0.37 -5.63
CA LEU A 100 6.79 -0.99 -5.95
C LEU A 100 5.28 -1.13 -5.84
N LEU A 101 4.68 -0.38 -4.94
CA LEU A 101 3.23 -0.43 -4.74
C LEU A 101 2.50 -0.08 -6.03
N GLN A 102 2.67 1.15 -6.49
CA GLN A 102 2.02 1.61 -7.71
C GLN A 102 2.24 0.61 -8.84
N ASP A 103 3.36 -0.10 -8.80
CA ASP A 103 3.70 -1.08 -9.82
C ASP A 103 2.75 -2.28 -9.75
N LEU A 104 2.32 -2.62 -8.52
CA LEU A 104 1.43 -3.74 -8.31
C LEU A 104 -0.04 -3.29 -8.39
N MET A 105 -0.29 -2.06 -7.96
CA MET A 105 -1.63 -1.50 -7.98
C MET A 105 -2.24 -1.59 -9.38
N GLN A 106 -1.48 -1.13 -10.38
CA GLN A 106 -1.94 -1.14 -11.76
C GLN A 106 -2.52 -2.51 -12.12
N CYS A 107 -1.95 -3.56 -11.54
CA CYS A 107 -2.41 -4.93 -11.80
C CYS A 107 -3.92 -5.02 -11.71
N ASN A 108 -4.50 -4.27 -10.77
CA ASN A 108 -5.94 -4.26 -10.57
C ASN A 108 -6.46 -5.68 -10.32
N SER A 109 -5.84 -6.38 -9.39
CA SER A 109 -6.23 -7.74 -9.06
C SER A 109 -7.64 -7.77 -8.48
N ILE A 110 -8.48 -8.63 -9.04
CA ILE A 110 -9.86 -8.77 -8.59
C ILE A 110 -10.12 -10.15 -8.01
N ASN A 111 -10.21 -10.23 -6.69
CA ASN A 111 -10.46 -11.50 -6.01
C ASN A 111 -9.71 -12.64 -6.71
N VAL A 112 -8.48 -12.37 -7.12
CA VAL A 112 -7.67 -13.37 -7.80
C VAL A 112 -7.07 -14.35 -6.80
N MET A 113 -6.57 -13.83 -5.68
CA MET A 113 -5.97 -14.66 -4.65
C MET A 113 -6.85 -14.70 -3.41
N GLU A 114 -6.45 -15.51 -2.42
CA GLU A 114 -7.21 -15.65 -1.19
C GLU A 114 -7.76 -14.30 -0.74
N GLU A 115 -9.07 -14.15 -0.82
CA GLU A 115 -9.72 -12.90 -0.42
C GLU A 115 -10.09 -12.93 1.06
N PRO A 116 -9.95 -11.77 1.73
CA PRO A 116 -10.25 -11.63 3.15
C PRO A 116 -11.74 -11.72 3.44
N VAL A 117 -12.13 -11.47 4.69
CA VAL A 117 -13.53 -11.53 5.08
C VAL A 117 -14.28 -10.27 4.64
N ILE A 118 -15.41 -10.47 3.97
CA ILE A 118 -16.22 -9.37 3.50
C ILE A 118 -17.63 -9.42 4.08
N ILE A 119 -18.30 -8.27 4.08
CA ILE A 119 -19.66 -8.19 4.61
C ILE A 119 -20.69 -8.62 3.56
N THR A 120 -20.34 -9.64 2.77
CA THR A 120 -21.21 -10.14 1.73
C THR A 120 -21.11 -11.66 1.61
N ARG A 121 -22.00 -12.24 0.82
CA ARG A 121 -22.01 -13.69 0.60
C ARG A 121 -20.71 -14.14 -0.07
N ASN A 122 -19.80 -14.69 0.73
CA ASN A 122 -18.53 -15.17 0.21
C ASN A 122 -17.75 -15.94 1.28
N SER A 123 -16.97 -16.93 0.85
CA SER A 123 -16.19 -17.74 1.77
C SER A 123 -15.44 -16.86 2.77
N HIS A 124 -15.35 -17.34 4.01
CA HIS A 124 -14.67 -16.59 5.06
C HIS A 124 -13.73 -17.51 5.84
N PRO A 125 -12.43 -17.17 5.85
CA PRO A 125 -11.41 -17.95 6.56
C PRO A 125 -11.55 -17.84 8.08
N ALA A 126 -10.72 -18.59 8.80
CA ALA A 126 -10.75 -18.57 10.25
C ALA A 126 -9.54 -17.84 10.82
N GLU A 127 -9.50 -17.69 12.14
CA GLU A 127 -8.40 -17.00 12.81
C GLU A 127 -7.54 -17.99 13.60
N LEU A 128 -6.51 -17.48 14.25
CA LEU A 128 -5.61 -18.31 15.03
C LEU A 128 -5.66 -17.91 16.51
N ASP A 129 -4.86 -18.60 17.32
CA ASP A 129 -4.82 -18.32 18.75
C ASP A 129 -3.38 -18.09 19.22
N LEU A 130 -3.21 -17.91 20.52
CA LEU A 130 -1.88 -17.68 21.10
C LEU A 130 -1.47 -18.84 22.00
N PRO A 131 -0.15 -19.05 22.12
CA PRO A 131 0.41 -20.12 22.94
C PRO A 131 0.22 -19.86 24.44
N ARG A 132 0.74 -20.76 25.26
CA ARG A 132 0.61 -20.63 26.72
C ARG A 132 1.95 -20.92 27.39
N ALA A 133 2.31 -20.09 28.37
CA ALA A 133 3.55 -20.26 29.10
C ALA A 133 3.40 -21.29 30.22
N PRO A 134 4.46 -22.06 30.46
CA PRO A 134 4.47 -23.10 31.50
C PRO A 134 4.45 -22.51 32.91
N GLN A 135 4.75 -23.34 33.90
CA GLN A 135 4.77 -22.89 35.29
C GLN A 135 5.92 -23.54 36.05
N PRO A 136 6.47 -22.81 37.04
CA PRO A 136 7.58 -23.29 37.86
C PRO A 136 7.16 -24.44 38.80
N PRO A 137 7.99 -25.47 38.89
CA PRO A 137 7.74 -26.63 39.74
C PRO A 137 7.84 -26.29 41.22
N ASN A 138 7.78 -27.32 42.06
CA ASN A 138 7.86 -27.14 43.51
C ASN A 138 8.60 -28.29 44.17
N ALA A 139 8.75 -28.23 45.48
CA ALA A 139 9.43 -29.27 46.24
C ALA A 139 8.95 -29.31 47.68
N LEU A 140 9.47 -30.27 48.44
CA LEU A 140 9.09 -30.43 49.84
C LEU A 140 10.07 -31.32 50.58
N GLY A 141 10.91 -30.71 51.41
CA GLY A 141 11.89 -31.47 52.17
C GLY A 141 11.34 -32.01 53.48
N TYR A 142 12.19 -32.64 54.26
CA TYR A 142 11.78 -33.21 55.54
C TYR A 142 12.88 -33.07 56.58
N THR A 143 12.50 -33.21 57.86
CA THR A 143 13.46 -33.10 58.94
C THR A 143 13.15 -34.09 60.06
N VAL A 144 14.14 -34.36 60.91
CA VAL A 144 13.97 -35.30 62.01
C VAL A 144 14.51 -34.71 63.31
N SER A 145 13.96 -35.16 64.43
CA SER A 145 14.38 -34.68 65.74
C SER A 145 15.01 -35.80 66.55
N SER A 146 15.45 -35.48 67.77
CA SER A 146 16.08 -36.47 68.64
C SER A 146 15.43 -36.45 70.02
N LEU B 1 -1.85 0.04 16.17
CA LEU B 1 -1.82 1.11 15.17
C LEU B 1 -2.29 2.43 15.76
N PHE B 2 -1.89 3.53 15.15
CA PHE B 2 -2.28 4.86 15.62
C PHE B 2 -3.19 5.55 14.61
N ARG B 3 -4.24 6.19 15.10
CA ARG B 3 -5.19 6.89 14.24
C ARG B 3 -4.73 8.32 13.97
N LEU B 4 -4.43 8.61 12.72
CA LEU B 4 -3.97 9.94 12.33
C LEU B 4 -5.15 10.84 11.98
N ARG B 5 -4.89 12.13 11.87
CA ARG B 5 -5.93 13.10 11.53
C ARG B 5 -5.73 13.66 10.13
N HIS B 6 -4.48 13.96 9.79
CA HIS B 6 -4.16 14.52 8.48
C HIS B 6 -3.05 13.71 7.82
N PHE B 7 -3.06 13.65 6.49
CA PHE B 7 -2.06 12.91 5.74
C PHE B 7 -0.71 13.63 5.77
N PRO B 8 0.30 12.98 6.36
CA PRO B 8 1.65 13.54 6.47
C PRO B 8 2.35 13.61 5.11
N CYS B 9 2.22 12.56 4.32
CA CYS B 9 2.84 12.51 2.99
C CYS B 9 1.97 13.22 1.96
N GLY B 10 2.33 14.47 1.66
CA GLY B 10 1.58 15.23 0.68
C GLY B 10 1.71 14.68 -0.72
N ASN B 11 2.93 14.31 -1.10
CA ASN B 11 3.19 13.76 -2.42
C ASN B 11 2.58 12.38 -2.57
N VAL B 12 1.33 12.32 -3.01
CA VAL B 12 0.64 11.05 -3.20
C VAL B 12 0.37 10.79 -4.68
N ASN B 13 0.30 9.51 -5.04
CA ASN B 13 0.04 9.12 -6.41
C ASN B 13 -1.12 8.14 -6.50
N TYR B 14 -2.32 8.67 -6.73
CA TYR B 14 -3.52 7.85 -6.83
C TYR B 14 -3.28 6.64 -7.73
N GLY B 15 -3.77 5.48 -7.30
CA GLY B 15 -3.60 4.27 -8.07
C GLY B 15 -4.90 3.77 -8.66
N TYR B 16 -5.79 3.27 -7.81
CA TYR B 16 -7.08 2.76 -8.25
C TYR B 16 -8.08 3.89 -8.47
N GLN B 17 -8.54 4.04 -9.70
CA GLN B 17 -9.50 5.08 -10.04
C GLN B 17 -10.69 4.50 -10.79
N GLN B 18 -11.67 5.35 -11.09
CA GLN B 18 -12.86 4.92 -11.82
C GLN B 18 -12.73 5.23 -13.31
N GLN B 19 -12.02 4.37 -14.02
CA GLN B 19 -11.82 4.55 -15.46
C GLN B 19 -13.04 4.05 -16.24
N GLY A 1 4.21 -7.09 -15.68
CA GLY A 1 5.39 -7.53 -14.98
C GLY A 1 5.08 -8.24 -13.68
N SER A 2 6.07 -8.93 -13.12
CA SER A 2 5.88 -9.67 -11.87
C SER A 2 7.23 -9.91 -11.18
N SER A 3 7.30 -9.57 -9.91
CA SER A 3 8.53 -9.75 -9.14
C SER A 3 8.34 -10.81 -8.06
N GLY A 4 9.31 -11.70 -7.92
CA GLY A 4 9.23 -12.74 -6.91
C GLY A 4 10.53 -13.51 -6.78
N SER A 5 10.57 -14.43 -5.82
CA SER A 5 11.77 -15.23 -5.58
C SER A 5 11.39 -16.60 -5.01
N SER A 6 12.36 -17.50 -4.98
CA SER A 6 12.14 -18.85 -4.45
C SER A 6 13.40 -19.39 -3.78
N GLY A 7 13.24 -19.93 -2.59
CA GLY A 7 14.37 -20.48 -1.85
C GLY A 7 14.03 -20.80 -0.41
N LEU A 8 14.95 -21.49 0.26
CA LEU A 8 14.74 -21.86 1.66
C LEU A 8 14.54 -20.63 2.53
N ASN A 9 13.62 -20.72 3.48
CA ASN A 9 13.32 -19.61 4.38
C ASN A 9 14.04 -19.80 5.72
N ARG A 10 15.30 -20.24 5.65
CA ARG A 10 16.09 -20.46 6.85
C ARG A 10 16.93 -19.22 7.19
N ASP A 11 16.34 -18.04 6.99
CA ASP A 11 17.04 -16.79 7.27
C ASP A 11 16.08 -15.75 7.83
N SER A 12 16.43 -15.20 8.99
CA SER A 12 15.59 -14.20 9.65
C SER A 12 15.36 -13.01 8.72
N VAL A 13 14.09 -12.72 8.45
CA VAL A 13 13.72 -11.61 7.58
C VAL A 13 14.61 -10.40 7.84
N PRO A 14 15.43 -10.04 6.83
CA PRO A 14 16.34 -8.90 6.93
C PRO A 14 15.61 -7.56 6.93
N ASP A 15 16.35 -6.49 6.68
CA ASP A 15 15.76 -5.15 6.65
C ASP A 15 15.98 -4.49 5.29
N ASN A 16 16.38 -5.29 4.31
CA ASN A 16 16.62 -4.78 2.97
C ASN A 16 15.82 -5.56 1.93
N HIS A 17 15.05 -6.53 2.40
CA HIS A 17 14.22 -7.36 1.52
C HIS A 17 13.51 -6.49 0.48
N PRO A 18 13.56 -6.94 -0.78
CA PRO A 18 12.93 -6.22 -1.90
C PRO A 18 11.41 -6.28 -1.83
N THR A 19 10.88 -7.23 -1.08
CA THR A 19 9.45 -7.40 -0.93
C THR A 19 9.00 -7.10 0.49
N LYS A 20 9.89 -7.32 1.45
CA LYS A 20 9.59 -7.06 2.86
C LYS A 20 10.34 -5.84 3.36
N PHE A 21 9.62 -4.93 4.01
CA PHE A 21 10.23 -3.71 4.55
C PHE A 21 9.83 -3.50 6.00
N LYS A 22 10.77 -3.71 6.91
CA LYS A 22 10.52 -3.54 8.34
C LYS A 22 10.17 -2.09 8.66
N VAL A 23 8.91 -1.86 9.02
CA VAL A 23 8.44 -0.53 9.35
C VAL A 23 8.25 -0.37 10.86
N THR A 24 7.94 0.85 11.29
CA THR A 24 7.73 1.13 12.70
C THR A 24 6.51 2.02 12.91
N ASN A 25 5.45 1.45 13.47
CA ASN A 25 4.21 2.19 13.72
C ASN A 25 4.50 3.41 14.58
N VAL A 26 4.22 4.59 14.04
CA VAL A 26 4.44 5.84 14.76
C VAL A 26 3.14 6.64 14.87
N ASP A 27 3.19 7.74 15.62
CA ASP A 27 2.03 8.59 15.81
C ASP A 27 2.20 9.91 15.05
N ASP A 28 1.22 10.79 15.21
CA ASP A 28 1.26 12.10 14.55
C ASP A 28 2.57 12.81 14.84
N GLU A 29 3.04 12.71 16.08
CA GLU A 29 4.27 13.35 16.49
C GLU A 29 5.48 12.70 15.80
N GLY A 30 5.39 11.40 15.58
CA GLY A 30 6.47 10.68 14.94
C GLY A 30 7.18 9.73 15.89
N VAL A 31 6.62 9.55 17.08
CA VAL A 31 7.20 8.66 18.07
C VAL A 31 7.07 7.20 17.65
N GLU A 32 7.83 6.34 18.31
CA GLU A 32 7.79 4.91 18.00
C GLU A 32 6.97 4.15 19.04
N LEU A 33 5.84 3.60 18.60
CA LEU A 33 4.96 2.85 19.49
C LEU A 33 5.26 1.36 19.42
N GLY A 34 5.17 0.80 18.21
CA GLY A 34 5.44 -0.62 18.04
C GLY A 34 6.10 -0.91 16.70
N SER A 35 7.00 -1.90 16.69
CA SER A 35 7.70 -2.28 15.48
C SER A 35 6.89 -3.29 14.67
N GLY A 36 6.99 -3.19 13.36
CA GLY A 36 6.25 -4.10 12.49
C GLY A 36 6.95 -4.31 11.15
N VAL A 37 6.47 -5.29 10.38
CA VAL A 37 7.04 -5.59 9.08
C VAL A 37 5.98 -5.56 8.00
N MET A 38 6.18 -4.73 6.98
CA MET A 38 5.24 -4.61 5.87
C MET A 38 5.65 -5.51 4.71
N GLU A 39 4.68 -6.25 4.17
CA GLU A 39 4.94 -7.15 3.05
C GLU A 39 4.09 -6.78 1.84
N LEU A 40 4.72 -6.73 0.67
CA LEU A 40 4.02 -6.39 -0.56
C LEU A 40 3.74 -7.63 -1.39
N THR A 41 2.47 -7.83 -1.74
CA THR A 41 2.08 -8.99 -2.53
C THR A 41 1.02 -8.61 -3.57
N GLN A 42 1.01 -9.33 -4.69
CA GLN A 42 0.06 -9.07 -5.75
C GLN A 42 -1.37 -9.06 -5.22
N SER A 43 -1.55 -9.58 -4.02
CA SER A 43 -2.87 -9.64 -3.40
C SER A 43 -3.18 -8.34 -2.66
N GLU A 44 -2.42 -8.06 -1.61
CA GLU A 44 -2.61 -6.85 -0.83
C GLU A 44 -1.46 -6.64 0.15
N LEU A 45 -1.55 -5.59 0.94
CA LEU A 45 -0.51 -5.27 1.92
C LEU A 45 -0.79 -5.97 3.25
N VAL A 46 0.27 -6.44 3.89
CA VAL A 46 0.14 -7.13 5.17
C VAL A 46 1.17 -6.62 6.18
N LEU A 47 0.81 -6.65 7.45
CA LEU A 47 1.70 -6.19 8.52
C LEU A 47 1.96 -7.30 9.53
N HIS A 48 3.16 -7.31 10.11
CA HIS A 48 3.52 -8.32 11.10
C HIS A 48 3.99 -7.65 12.39
N LEU A 49 3.25 -7.87 13.47
CA LEU A 49 3.58 -7.30 14.76
C LEU A 49 3.58 -8.36 15.85
N HIS A 50 4.72 -8.53 16.52
CA HIS A 50 4.84 -9.51 17.58
C HIS A 50 3.89 -9.20 18.73
N ARG A 51 3.46 -7.95 18.81
CA ARG A 51 2.55 -7.51 19.86
C ARG A 51 1.10 -7.56 19.38
N ARG A 52 0.85 -6.92 18.24
CA ARG A 52 -0.50 -6.89 17.67
C ARG A 52 -0.72 -8.07 16.72
N GLU A 53 -1.89 -8.11 16.10
CA GLU A 53 -2.22 -9.19 15.17
C GLU A 53 -1.81 -8.82 13.75
N ALA A 54 -2.04 -9.75 12.82
CA ALA A 54 -1.69 -9.53 11.42
C ALA A 54 -2.79 -8.74 10.71
N VAL A 55 -2.46 -7.52 10.30
CA VAL A 55 -3.42 -6.66 9.60
C VAL A 55 -3.09 -6.58 8.11
N ARG A 56 -4.13 -6.47 7.30
CA ARG A 56 -3.96 -6.39 5.85
C ARG A 56 -4.78 -5.22 5.27
N TRP A 57 -4.41 -4.80 4.07
CA TRP A 57 -5.10 -3.69 3.41
C TRP A 57 -5.13 -3.90 1.90
N PRO A 58 -6.34 -4.09 1.36
CA PRO A 58 -6.54 -4.30 -0.08
C PRO A 58 -6.27 -3.04 -0.89
N TYR A 59 -5.47 -3.18 -1.95
CA TYR A 59 -5.13 -2.04 -2.81
C TYR A 59 -6.38 -1.27 -3.20
N LEU A 60 -7.52 -1.96 -3.24
CA LEU A 60 -8.79 -1.34 -3.60
C LEU A 60 -9.17 -0.27 -2.59
N CYS A 61 -9.40 -0.70 -1.35
CA CYS A 61 -9.78 0.23 -0.28
C CYS A 61 -8.79 1.38 -0.18
N LEU A 62 -7.50 1.06 -0.36
CA LEU A 62 -6.45 2.07 -0.28
C LEU A 62 -6.81 3.29 -1.10
N ARG A 63 -7.51 4.24 -0.47
CA ARG A 63 -7.91 5.47 -1.15
C ARG A 63 -6.71 6.17 -1.79
N ARG A 64 -5.59 6.18 -1.08
CA ARG A 64 -4.37 6.81 -1.57
C ARG A 64 -3.14 6.22 -0.88
N TYR A 65 -1.99 6.33 -1.55
CA TYR A 65 -0.74 5.82 -1.01
C TYR A 65 0.43 6.70 -1.43
N GLY A 66 1.00 7.42 -0.47
CA GLY A 66 2.12 8.29 -0.76
C GLY A 66 3.37 7.89 -0.01
N TYR A 67 4.30 8.84 0.16
CA TYR A 67 5.54 8.57 0.86
C TYR A 67 6.28 9.87 1.17
N ASP A 68 7.32 9.78 1.98
CA ASP A 68 8.11 10.94 2.35
C ASP A 68 9.36 10.53 3.14
N SER A 69 10.32 11.44 3.24
CA SER A 69 11.56 11.18 3.96
C SER A 69 11.28 10.44 5.27
N ASN A 70 11.98 9.33 5.49
CA ASN A 70 11.80 8.54 6.70
C ASN A 70 10.36 8.60 7.18
N LEU A 71 9.42 8.64 6.24
CA LEU A 71 8.00 8.69 6.57
C LEU A 71 7.16 8.09 5.44
N PHE A 72 6.31 7.13 5.80
CA PHE A 72 5.45 6.47 4.83
C PHE A 72 4.11 6.10 5.45
N SER A 73 3.04 6.68 4.91
CA SER A 73 1.69 6.41 5.42
C SER A 73 0.74 6.07 4.28
N PHE A 74 -0.44 5.56 4.63
CA PHE A 74 -1.43 5.20 3.63
C PHE A 74 -2.85 5.28 4.22
N GLU A 75 -3.79 5.74 3.41
CA GLU A 75 -5.17 5.87 3.84
C GLU A 75 -6.00 4.68 3.39
N SER A 76 -7.09 4.41 4.11
CA SER A 76 -7.97 3.30 3.78
C SER A 76 -9.41 3.60 4.20
N GLY A 77 -10.36 3.11 3.41
CA GLY A 77 -11.77 3.34 3.70
C GLY A 77 -12.18 2.69 5.00
N ARG A 78 -13.48 2.38 5.11
CA ARG A 78 -14.00 1.75 6.32
C ARG A 78 -14.29 0.28 6.08
N ARG A 79 -14.35 -0.11 4.82
CA ARG A 79 -14.62 -1.51 4.46
C ARG A 79 -13.45 -2.41 4.87
N CYS A 80 -12.33 -1.79 5.20
CA CYS A 80 -11.14 -2.53 5.60
C CYS A 80 -11.27 -3.02 7.05
N GLN A 81 -10.71 -4.18 7.33
CA GLN A 81 -10.76 -4.76 8.66
C GLN A 81 -10.69 -3.67 9.73
N THR A 82 -9.52 -3.05 9.86
CA THR A 82 -9.32 -1.99 10.85
C THR A 82 -10.48 -0.99 10.80
N GLY A 83 -10.71 -0.41 9.63
CA GLY A 83 -11.78 0.56 9.49
C GLY A 83 -11.29 1.92 9.05
N GLN A 84 -12.18 2.89 9.01
CA GLN A 84 -11.81 4.25 8.60
C GLN A 84 -10.71 4.81 9.49
N GLY A 85 -9.68 5.38 8.86
CA GLY A 85 -8.58 5.94 9.62
C GLY A 85 -7.26 5.82 8.88
N ILE A 86 -6.37 6.78 9.10
CA ILE A 86 -5.06 6.77 8.46
C ILE A 86 -3.99 6.27 9.41
N PHE A 87 -2.96 5.64 8.86
CA PHE A 87 -1.86 5.10 9.65
C PHE A 87 -0.51 5.41 9.00
N ALA A 88 0.45 5.86 9.81
CA ALA A 88 1.78 6.18 9.32
C ALA A 88 2.84 5.29 9.95
N PHE A 89 3.90 5.01 9.21
CA PHE A 89 4.98 4.16 9.70
C PHE A 89 6.34 4.69 9.24
N LYS A 90 7.31 4.70 10.14
CA LYS A 90 8.64 5.18 9.82
C LYS A 90 9.48 4.07 9.19
N CYS A 91 10.38 4.45 8.28
CA CYS A 91 11.24 3.49 7.60
C CYS A 91 12.42 4.20 6.94
N SER A 92 13.28 3.41 6.31
CA SER A 92 14.46 3.96 5.63
C SER A 92 14.33 3.80 4.12
N ARG A 93 13.50 2.85 3.69
CA ARG A 93 13.30 2.60 2.27
C ARG A 93 11.84 2.83 1.88
N ALA A 94 11.28 3.94 2.35
CA ALA A 94 9.89 4.28 2.05
C ALA A 94 9.66 4.33 0.54
N GLU A 95 10.58 4.97 -0.18
CA GLU A 95 10.47 5.08 -1.63
C GLU A 95 10.30 3.71 -2.28
N GLU A 96 11.23 2.81 -1.96
CA GLU A 96 11.18 1.45 -2.52
C GLU A 96 9.77 0.89 -2.47
N ILE A 97 9.11 1.07 -1.34
CA ILE A 97 7.74 0.57 -1.17
C ILE A 97 6.75 1.40 -1.98
N PHE A 98 7.03 2.69 -2.10
CA PHE A 98 6.16 3.59 -2.85
C PHE A 98 6.37 3.42 -4.36
N ASN A 99 7.53 2.86 -4.73
CA ASN A 99 7.85 2.64 -6.13
C ASN A 99 7.37 1.26 -6.59
N LEU A 100 7.19 0.36 -5.64
CA LEU A 100 6.73 -1.00 -5.94
C LEU A 100 5.21 -1.08 -5.88
N LEU A 101 4.62 -0.39 -4.91
CA LEU A 101 3.18 -0.39 -4.74
C LEU A 101 2.48 -0.06 -6.06
N GLN A 102 2.86 1.06 -6.67
CA GLN A 102 2.28 1.48 -7.92
C GLN A 102 2.57 0.48 -9.03
N ASP A 103 3.51 -0.42 -8.77
CA ASP A 103 3.90 -1.43 -9.75
C ASP A 103 2.94 -2.63 -9.69
N LEU A 104 2.40 -2.89 -8.50
CA LEU A 104 1.48 -4.00 -8.31
C LEU A 104 0.04 -3.53 -8.45
N MET A 105 -0.22 -2.30 -8.04
CA MET A 105 -1.56 -1.73 -8.12
C MET A 105 -1.93 -1.40 -9.56
N GLN A 106 -0.96 -0.89 -10.32
CA GLN A 106 -1.17 -0.54 -11.71
C GLN A 106 -1.75 -1.72 -12.49
N CYS A 107 -1.45 -2.92 -12.02
CA CYS A 107 -1.94 -4.13 -12.67
C CYS A 107 -3.46 -4.24 -12.57
N ASN A 108 -3.99 -3.89 -11.41
CA ASN A 108 -5.43 -3.95 -11.18
C ASN A 108 -5.96 -5.35 -11.43
N SER A 109 -5.12 -6.35 -11.20
CA SER A 109 -5.51 -7.75 -11.40
C SER A 109 -6.89 -8.02 -10.82
N ILE A 110 -7.74 -8.66 -11.60
CA ILE A 110 -9.09 -8.97 -11.17
C ILE A 110 -9.14 -10.35 -10.51
N ASN A 111 -8.33 -11.27 -11.00
CA ASN A 111 -8.28 -12.62 -10.46
C ASN A 111 -7.88 -12.60 -8.99
N VAL A 112 -7.47 -11.43 -8.51
CA VAL A 112 -7.06 -11.27 -7.12
C VAL A 112 -8.27 -11.03 -6.21
N MET A 113 -9.42 -10.81 -6.83
CA MET A 113 -10.65 -10.55 -6.09
C MET A 113 -11.84 -11.26 -6.74
N GLU A 114 -12.99 -11.20 -6.07
CA GLU A 114 -14.20 -11.84 -6.58
C GLU A 114 -14.83 -11.01 -7.69
N GLU A 115 -15.96 -11.48 -8.22
CA GLU A 115 -16.65 -10.78 -9.28
C GLU A 115 -16.90 -9.32 -8.92
N PRO A 116 -16.71 -8.42 -9.90
CA PRO A 116 -16.89 -6.97 -9.69
C PRO A 116 -18.37 -6.61 -9.51
N VAL A 117 -18.62 -5.61 -8.67
CA VAL A 117 -19.98 -5.15 -8.41
C VAL A 117 -20.32 -3.91 -9.23
N ILE A 118 -21.45 -3.96 -9.93
CA ILE A 118 -21.87 -2.83 -10.74
C ILE A 118 -22.60 -1.79 -9.90
N ILE A 119 -22.02 -0.59 -9.82
CA ILE A 119 -22.61 0.49 -9.06
C ILE A 119 -23.85 1.06 -9.76
N THR A 120 -24.87 1.37 -8.96
CA THR A 120 -26.10 1.92 -9.51
C THR A 120 -26.02 3.43 -9.65
N ARG A 121 -25.39 4.09 -8.68
CA ARG A 121 -25.25 5.54 -8.70
C ARG A 121 -24.03 5.95 -9.53
N ASN A 122 -24.24 6.89 -10.44
CA ASN A 122 -23.16 7.37 -11.30
C ASN A 122 -23.59 8.61 -12.08
N SER A 123 -22.62 9.37 -12.57
CA SER A 123 -22.90 10.57 -13.33
C SER A 123 -21.61 11.19 -13.87
N HIS A 124 -21.74 11.97 -14.94
CA HIS A 124 -20.58 12.62 -15.55
C HIS A 124 -20.96 13.98 -16.13
N PRO A 125 -20.05 14.95 -16.00
CA PRO A 125 -20.27 16.31 -16.50
C PRO A 125 -20.27 16.38 -18.02
N ALA A 126 -20.61 17.54 -18.57
CA ALA A 126 -20.65 17.73 -20.01
C ALA A 126 -19.92 19.02 -20.41
N GLU A 127 -19.05 18.90 -21.41
CA GLU A 127 -18.29 20.05 -21.89
C GLU A 127 -18.12 19.99 -23.40
N LEU A 128 -17.81 21.14 -23.99
CA LEU A 128 -17.62 21.23 -25.45
C LEU A 128 -17.01 22.57 -25.83
N ASP A 129 -16.23 22.56 -26.91
CA ASP A 129 -15.59 23.78 -27.39
C ASP A 129 -16.14 24.19 -28.75
N LEU A 130 -15.81 25.40 -29.19
CA LEU A 130 -16.28 25.91 -30.47
C LEU A 130 -15.10 26.34 -31.34
N PRO A 131 -15.16 25.99 -32.64
CA PRO A 131 -14.12 26.33 -33.60
C PRO A 131 -14.07 27.83 -33.90
N ARG A 132 -13.20 28.21 -34.83
CA ARG A 132 -13.06 29.60 -35.21
C ARG A 132 -12.08 29.76 -36.37
N ALA A 133 -12.19 30.88 -37.09
CA ALA A 133 -11.32 31.14 -38.22
C ALA A 133 -11.54 32.54 -38.77
N PRO A 134 -10.43 33.29 -38.95
CA PRO A 134 -10.48 34.66 -39.47
C PRO A 134 -10.88 34.71 -40.95
N GLN A 135 -10.66 35.86 -41.58
CA GLN A 135 -11.00 36.03 -42.98
C GLN A 135 -10.00 36.94 -43.68
N PRO A 136 -9.14 36.34 -44.52
CA PRO A 136 -8.12 37.09 -45.27
C PRO A 136 -8.72 37.97 -46.35
N PRO A 137 -8.35 39.27 -46.33
CA PRO A 137 -8.85 40.24 -47.31
C PRO A 137 -8.27 40.01 -48.69
N ASN A 138 -8.47 40.98 -49.58
CA ASN A 138 -7.98 40.87 -50.95
C ASN A 138 -8.24 42.16 -51.73
N ALA A 139 -7.40 42.44 -52.71
CA ALA A 139 -7.54 43.63 -53.53
C ALA A 139 -6.56 43.63 -54.70
N LEU A 140 -7.01 44.08 -55.86
CA LEU A 140 -6.18 44.13 -57.05
C LEU A 140 -6.90 44.82 -58.20
N GLY A 141 -6.24 45.80 -58.82
CA GLY A 141 -6.84 46.51 -59.92
C GLY A 141 -5.83 46.86 -61.00
N TYR A 142 -6.31 46.99 -62.24
CA TYR A 142 -5.44 47.31 -63.36
C TYR A 142 -6.26 47.62 -64.61
N THR A 143 -5.81 48.61 -65.37
CA THR A 143 -6.50 49.00 -66.60
C THR A 143 -5.60 48.86 -67.81
N VAL A 144 -6.01 48.01 -68.75
CA VAL A 144 -5.24 47.78 -69.97
C VAL A 144 -5.67 48.74 -71.08
N SER A 145 -5.03 48.60 -72.24
CA SER A 145 -5.34 49.45 -73.38
C SER A 145 -5.55 48.61 -74.64
N SER A 146 -6.64 48.89 -75.36
CA SER A 146 -6.96 48.16 -76.58
C SER A 146 -8.18 48.77 -77.27
N LEU B 1 -1.59 -0.11 15.57
CA LEU B 1 -2.18 0.79 14.59
C LEU B 1 -2.61 2.10 15.23
N PHE B 2 -1.91 3.17 14.89
CA PHE B 2 -2.23 4.49 15.43
C PHE B 2 -3.21 5.23 14.52
N ARG B 3 -4.25 5.79 15.13
CA ARG B 3 -5.27 6.52 14.39
C ARG B 3 -4.83 7.97 14.15
N LEU B 4 -4.61 8.31 12.89
CA LEU B 4 -4.19 9.67 12.54
C LEU B 4 -5.39 10.54 12.19
N ARG B 5 -5.17 11.84 12.06
CA ARG B 5 -6.23 12.78 11.74
C ARG B 5 -6.13 13.22 10.28
N HIS B 6 -4.90 13.34 9.79
CA HIS B 6 -4.67 13.76 8.41
C HIS B 6 -3.47 13.03 7.81
N PHE B 7 -3.24 13.22 6.51
CA PHE B 7 -2.13 12.58 5.83
C PHE B 7 -0.84 13.38 6.02
N PRO B 8 0.17 12.74 6.64
CA PRO B 8 1.46 13.37 6.90
C PRO B 8 2.26 13.60 5.62
N CYS B 9 1.73 13.12 4.50
CA CYS B 9 2.39 13.28 3.21
C CYS B 9 1.62 14.24 2.31
N GLY B 10 2.29 14.80 1.32
CA GLY B 10 1.65 15.73 0.41
C GLY B 10 1.77 15.29 -1.04
N ASN B 11 2.81 14.51 -1.34
CA ASN B 11 3.02 14.04 -2.70
C ASN B 11 2.55 12.59 -2.85
N VAL B 12 1.25 12.43 -3.08
CA VAL B 12 0.66 11.11 -3.24
C VAL B 12 0.32 10.83 -4.69
N ASN B 13 0.34 9.55 -5.07
CA ASN B 13 0.03 9.16 -6.44
C ASN B 13 -1.15 8.20 -6.48
N TYR B 14 -2.35 8.77 -6.51
CA TYR B 14 -3.57 7.95 -6.54
C TYR B 14 -3.39 6.73 -7.43
N GLY B 15 -4.11 5.67 -7.11
CA GLY B 15 -4.03 4.44 -7.90
C GLY B 15 -5.37 4.01 -8.45
N TYR B 16 -6.08 3.17 -7.70
CA TYR B 16 -7.38 2.68 -8.13
C TYR B 16 -8.29 3.83 -8.56
N GLN B 17 -8.39 4.85 -7.71
CA GLN B 17 -9.22 6.01 -8.01
C GLN B 17 -8.59 6.88 -9.08
N GLN B 18 -9.20 6.88 -10.27
CA GLN B 18 -8.69 7.65 -11.40
C GLN B 18 -9.16 9.10 -11.29
N GLN B 19 -9.09 9.66 -10.10
CA GLN B 19 -9.51 11.05 -9.87
C GLN B 19 -8.94 11.97 -10.94
N GLY A 1 -8.97 -12.68 13.85
CA GLY A 1 -8.08 -12.27 12.78
C GLY A 1 -7.82 -13.38 11.78
N SER A 2 -6.64 -13.35 11.16
CA SER A 2 -6.26 -14.36 10.19
C SER A 2 -4.81 -14.79 10.38
N SER A 3 -4.52 -16.03 10.03
CA SER A 3 -3.17 -16.57 10.16
C SER A 3 -3.02 -17.89 9.42
N GLY A 4 -2.23 -17.88 8.35
CA GLY A 4 -2.02 -19.10 7.58
C GLY A 4 -0.56 -19.42 7.39
N SER A 5 -0.17 -20.64 7.79
CA SER A 5 1.22 -21.07 7.67
C SER A 5 1.41 -21.94 6.43
N SER A 6 2.03 -21.36 5.40
CA SER A 6 2.27 -22.09 4.15
C SER A 6 3.74 -22.01 3.77
N GLY A 7 4.21 -23.03 3.05
CA GLY A 7 5.60 -23.07 2.62
C GLY A 7 6.54 -22.61 3.71
N LEU A 8 7.73 -22.16 3.31
CA LEU A 8 8.74 -21.69 4.25
C LEU A 8 8.29 -20.38 4.90
N ASN A 9 8.87 -20.08 6.07
CA ASN A 9 8.53 -18.86 6.79
C ASN A 9 9.75 -17.95 6.92
N ARG A 10 9.67 -16.77 6.31
CA ARG A 10 10.76 -15.80 6.35
C ARG A 10 11.46 -15.85 7.71
N ASP A 11 12.74 -15.49 7.72
CA ASP A 11 13.53 -15.49 8.95
C ASP A 11 14.82 -14.70 8.77
N SER A 12 15.00 -13.66 9.58
CA SER A 12 16.18 -12.82 9.49
C SER A 12 16.13 -11.92 8.26
N VAL A 13 14.97 -11.35 8.00
CA VAL A 13 14.79 -10.47 6.85
C VAL A 13 15.67 -9.24 6.96
N PRO A 14 16.41 -8.93 5.88
CA PRO A 14 17.31 -7.78 5.84
C PRO A 14 16.55 -6.45 5.81
N ASP A 15 17.12 -5.43 6.45
CA ASP A 15 16.50 -4.11 6.50
C ASP A 15 16.38 -3.52 5.11
N ASN A 16 16.95 -4.22 4.12
CA ASN A 16 16.89 -3.74 2.73
C ASN A 16 16.38 -4.84 1.81
N HIS A 17 15.35 -5.55 2.26
CA HIS A 17 14.76 -6.62 1.47
C HIS A 17 13.91 -6.07 0.33
N PRO A 18 14.07 -6.63 -0.86
CA PRO A 18 13.32 -6.20 -2.05
C PRO A 18 11.84 -6.57 -1.97
N THR A 19 11.53 -7.57 -1.15
CA THR A 19 10.16 -8.02 -0.98
C THR A 19 9.60 -7.59 0.37
N LYS A 20 10.49 -7.44 1.36
CA LYS A 20 10.09 -7.04 2.70
C LYS A 20 10.64 -5.65 3.03
N PHE A 21 10.01 -5.00 4.01
CA PHE A 21 10.44 -3.66 4.42
C PHE A 21 9.99 -3.37 5.85
N LYS A 22 10.94 -3.42 6.79
CA LYS A 22 10.65 -3.16 8.19
C LYS A 22 9.99 -1.80 8.36
N VAL A 23 9.05 -1.70 9.30
CA VAL A 23 8.36 -0.45 9.57
C VAL A 23 7.95 -0.35 11.03
N THR A 24 7.42 0.81 11.42
CA THR A 24 6.98 1.03 12.80
C THR A 24 5.82 2.02 12.85
N ASN A 25 4.68 1.54 13.33
CA ASN A 25 3.49 2.38 13.44
C ASN A 25 3.72 3.53 14.42
N VAL A 26 3.85 4.73 13.89
CA VAL A 26 4.08 5.91 14.71
C VAL A 26 2.88 6.85 14.67
N ASP A 27 2.81 7.77 15.63
CA ASP A 27 1.72 8.72 15.69
C ASP A 27 2.14 10.09 15.17
N ASP A 28 1.25 11.06 15.26
CA ASP A 28 1.53 12.41 14.78
C ASP A 28 2.90 12.89 15.29
N GLU A 29 3.13 12.74 16.58
CA GLU A 29 4.38 13.15 17.19
C GLU A 29 5.57 12.40 16.56
N GLY A 30 5.33 11.17 16.15
CA GLY A 30 6.37 10.37 15.54
C GLY A 30 6.84 9.24 16.44
N VAL A 31 6.26 9.15 17.62
CA VAL A 31 6.63 8.11 18.57
C VAL A 31 6.43 6.72 17.98
N GLU A 32 7.02 5.71 18.63
CA GLU A 32 6.91 4.34 18.16
C GLU A 32 5.78 3.61 18.88
N LEU A 33 4.66 3.44 18.19
CA LEU A 33 3.50 2.76 18.76
C LEU A 33 3.67 1.24 18.69
N GLY A 34 3.77 0.72 17.47
CA GLY A 34 3.94 -0.70 17.29
C GLY A 34 4.91 -1.05 16.17
N SER A 35 5.85 -1.94 16.45
CA SER A 35 6.84 -2.34 15.47
C SER A 35 6.32 -3.49 14.60
N GLY A 36 6.52 -3.38 13.29
CA GLY A 36 6.07 -4.40 12.39
C GLY A 36 6.78 -4.35 11.05
N VAL A 37 6.60 -5.39 10.24
CA VAL A 37 7.23 -5.46 8.93
C VAL A 37 6.19 -5.47 7.81
N MET A 38 6.27 -4.48 6.92
CA MET A 38 5.33 -4.37 5.82
C MET A 38 5.80 -5.21 4.62
N GLU A 39 4.91 -6.05 4.12
CA GLU A 39 5.23 -6.90 2.98
C GLU A 39 4.40 -6.53 1.75
N LEU A 40 5.08 -6.36 0.62
CA LEU A 40 4.41 -5.99 -0.62
C LEU A 40 4.19 -7.21 -1.50
N THR A 41 3.05 -7.88 -1.30
CA THR A 41 2.71 -9.07 -2.08
C THR A 41 1.59 -8.78 -3.06
N GLN A 42 1.76 -9.25 -4.30
CA GLN A 42 0.76 -9.04 -5.34
C GLN A 42 -0.65 -9.10 -4.75
N SER A 43 -0.82 -9.89 -3.70
CA SER A 43 -2.12 -10.05 -3.06
C SER A 43 -2.54 -8.74 -2.38
N GLU A 44 -1.79 -8.34 -1.35
CA GLU A 44 -2.08 -7.12 -0.62
C GLU A 44 -0.99 -6.80 0.38
N LEU A 45 -1.17 -5.73 1.14
CA LEU A 45 -0.19 -5.32 2.14
C LEU A 45 -0.46 -5.99 3.48
N VAL A 46 0.47 -6.82 3.93
CA VAL A 46 0.34 -7.53 5.20
C VAL A 46 1.44 -7.13 6.16
N LEU A 47 1.08 -6.93 7.42
CA LEU A 47 2.05 -6.56 8.45
C LEU A 47 2.43 -7.76 9.30
N HIS A 48 3.69 -7.77 9.76
CA HIS A 48 4.18 -8.87 10.58
C HIS A 48 4.64 -8.35 11.95
N LEU A 49 3.97 -8.81 13.00
CA LEU A 49 4.30 -8.40 14.36
C LEU A 49 4.79 -9.59 15.18
N HIS A 50 5.01 -9.36 16.47
CA HIS A 50 5.47 -10.41 17.37
C HIS A 50 4.35 -10.88 18.27
N ARG A 51 3.82 -12.06 17.99
CA ARG A 51 2.72 -12.62 18.78
C ARG A 51 1.52 -11.69 18.78
N ARG A 52 1.34 -10.95 17.69
CA ARG A 52 0.22 -10.03 17.57
C ARG A 52 -0.65 -10.37 16.37
N GLU A 53 -1.67 -9.56 16.13
CA GLU A 53 -2.58 -9.78 15.01
C GLU A 53 -2.01 -9.21 13.73
N ALA A 54 -2.23 -9.92 12.62
CA ALA A 54 -1.74 -9.48 11.32
C ALA A 54 -2.81 -8.67 10.57
N VAL A 55 -2.50 -7.41 10.29
CA VAL A 55 -3.43 -6.55 9.58
C VAL A 55 -3.16 -6.55 8.08
N ARG A 56 -4.23 -6.50 7.29
CA ARG A 56 -4.11 -6.50 5.84
C ARG A 56 -4.85 -5.32 5.23
N TRP A 57 -4.35 -4.84 4.09
CA TRP A 57 -4.96 -3.71 3.41
C TRP A 57 -4.99 -3.94 1.90
N PRO A 58 -6.21 -4.10 1.34
CA PRO A 58 -6.40 -4.33 -0.09
C PRO A 58 -6.08 -3.09 -0.92
N TYR A 59 -5.18 -3.26 -1.90
CA TYR A 59 -4.79 -2.16 -2.76
C TYR A 59 -6.01 -1.40 -3.27
N LEU A 60 -7.16 -2.06 -3.25
CA LEU A 60 -8.41 -1.44 -3.71
C LEU A 60 -8.81 -0.28 -2.81
N CYS A 61 -8.77 -0.51 -1.50
CA CYS A 61 -9.13 0.52 -0.53
C CYS A 61 -8.10 1.64 -0.53
N LEU A 62 -6.84 1.28 -0.77
CA LEU A 62 -5.76 2.27 -0.80
C LEU A 62 -6.03 3.36 -1.83
N ARG A 63 -6.70 4.42 -1.40
CA ARG A 63 -7.03 5.53 -2.28
C ARG A 63 -5.83 6.47 -2.45
N ARG A 64 -5.28 6.93 -1.34
CA ARG A 64 -4.13 7.82 -1.37
C ARG A 64 -2.95 7.20 -0.62
N TYR A 65 -1.79 7.16 -1.29
CA TYR A 65 -0.59 6.60 -0.70
C TYR A 65 0.64 7.43 -1.05
N GLY A 66 1.27 8.00 -0.04
CA GLY A 66 2.45 8.81 -0.26
C GLY A 66 3.71 8.19 0.29
N TYR A 67 4.77 8.97 0.41
CA TYR A 67 6.04 8.49 0.92
C TYR A 67 6.97 9.64 1.29
N ASP A 68 7.82 9.41 2.28
CA ASP A 68 8.75 10.43 2.74
C ASP A 68 10.09 9.81 3.10
N SER A 69 11.10 10.66 3.32
CA SER A 69 12.43 10.19 3.68
C SER A 69 12.36 9.08 4.72
N ASN A 70 11.88 9.43 5.91
CA ASN A 70 11.76 8.46 7.00
C ASN A 70 10.33 8.42 7.53
N LEU A 71 9.36 8.54 6.62
CA LEU A 71 7.96 8.52 7.00
C LEU A 71 7.10 8.00 5.86
N PHE A 72 6.38 6.91 6.12
CA PHE A 72 5.51 6.32 5.12
C PHE A 72 4.11 6.04 5.68
N SER A 73 3.15 6.85 5.29
CA SER A 73 1.78 6.70 5.76
C SER A 73 0.83 6.44 4.60
N PHE A 74 -0.34 5.88 4.92
CA PHE A 74 -1.34 5.57 3.90
C PHE A 74 -2.74 5.63 4.49
N GLU A 75 -3.68 6.19 3.72
CA GLU A 75 -5.06 6.30 4.16
C GLU A 75 -5.91 5.17 3.58
N SER A 76 -7.02 4.89 4.26
CA SER A 76 -7.92 3.83 3.83
C SER A 76 -9.35 4.11 4.28
N GLY A 77 -10.32 3.59 3.52
CA GLY A 77 -11.72 3.79 3.85
C GLY A 77 -12.13 3.05 5.11
N ARG A 78 -13.39 2.66 5.18
CA ARG A 78 -13.91 1.94 6.33
C ARG A 78 -14.08 0.46 6.02
N ARG A 79 -14.38 0.15 4.77
CA ARG A 79 -14.56 -1.23 4.34
C ARG A 79 -13.42 -2.11 4.82
N CYS A 80 -12.25 -1.50 5.02
CA CYS A 80 -11.08 -2.22 5.49
C CYS A 80 -11.27 -2.71 6.91
N GLN A 81 -10.40 -3.62 7.35
CA GLN A 81 -10.46 -4.17 8.70
C GLN A 81 -10.38 -3.07 9.75
N THR A 82 -9.20 -2.46 9.84
CA THR A 82 -8.98 -1.39 10.80
C THR A 82 -10.08 -0.34 10.73
N GLY A 83 -10.43 0.08 9.51
CA GLY A 83 -11.46 1.06 9.33
C GLY A 83 -10.92 2.42 8.91
N GLN A 84 -11.81 3.39 8.73
CA GLN A 84 -11.40 4.73 8.32
C GLN A 84 -10.26 5.24 9.20
N GLY A 85 -9.52 6.21 8.69
CA GLY A 85 -8.41 6.77 9.43
C GLY A 85 -7.08 6.55 8.75
N ILE A 86 -6.14 7.47 8.95
CA ILE A 86 -4.81 7.38 8.35
C ILE A 86 -3.84 6.63 9.25
N PHE A 87 -2.95 5.87 8.64
CA PHE A 87 -1.96 5.10 9.39
C PHE A 87 -0.54 5.41 8.90
N ALA A 88 0.28 5.95 9.80
CA ALA A 88 1.66 6.28 9.46
C ALA A 88 2.63 5.20 9.95
N PHE A 89 3.79 5.15 9.32
CA PHE A 89 4.80 4.16 9.68
C PHE A 89 6.21 4.67 9.35
N LYS A 90 7.14 4.47 10.28
CA LYS A 90 8.51 4.90 10.08
C LYS A 90 9.32 3.84 9.34
N CYS A 91 9.85 4.21 8.17
CA CYS A 91 10.63 3.29 7.36
C CYS A 91 11.84 4.01 6.77
N SER A 92 12.78 3.22 6.23
CA SER A 92 13.99 3.77 5.63
C SER A 92 13.87 3.82 4.11
N ARG A 93 13.41 2.73 3.52
CA ARG A 93 13.25 2.65 2.08
C ARG A 93 11.81 2.92 1.67
N ALA A 94 11.27 4.04 2.12
CA ALA A 94 9.90 4.41 1.80
C ALA A 94 9.66 4.43 0.30
N GLU A 95 10.34 5.35 -0.39
CA GLU A 95 10.20 5.47 -1.84
C GLU A 95 10.01 4.10 -2.48
N GLU A 96 11.00 3.23 -2.33
CA GLU A 96 10.94 1.89 -2.89
C GLU A 96 9.53 1.32 -2.80
N ILE A 97 9.01 1.25 -1.58
CA ILE A 97 7.67 0.74 -1.36
C ILE A 97 6.63 1.54 -2.13
N PHE A 98 6.90 2.82 -2.30
CA PHE A 98 5.98 3.71 -3.02
C PHE A 98 6.07 3.47 -4.52
N ASN A 99 7.27 3.11 -4.99
CA ASN A 99 7.49 2.86 -6.41
C ASN A 99 7.08 1.43 -6.78
N LEU A 100 7.13 0.54 -5.80
CA LEU A 100 6.76 -0.86 -6.01
C LEU A 100 5.25 -1.05 -5.86
N LEU A 101 4.66 -0.33 -4.91
CA LEU A 101 3.23 -0.43 -4.67
C LEU A 101 2.44 -0.34 -5.97
N GLN A 102 2.46 0.83 -6.59
CA GLN A 102 1.74 1.04 -7.85
C GLN A 102 2.02 -0.10 -8.82
N ASP A 103 3.27 -0.57 -8.86
CA ASP A 103 3.66 -1.66 -9.74
C ASP A 103 2.81 -2.90 -9.48
N LEU A 104 2.49 -3.13 -8.22
CA LEU A 104 1.69 -4.29 -7.84
C LEU A 104 0.20 -3.98 -7.96
N MET A 105 -0.16 -2.73 -7.68
CA MET A 105 -1.56 -2.31 -7.75
C MET A 105 -2.18 -2.71 -9.08
N GLN A 106 -1.37 -2.67 -10.14
CA GLN A 106 -1.85 -3.04 -11.47
C GLN A 106 -2.04 -4.55 -11.59
N CYS A 107 -1.16 -5.31 -10.93
CA CYS A 107 -1.24 -6.76 -10.97
C CYS A 107 -2.35 -7.26 -10.06
N ASN A 108 -2.64 -6.51 -9.00
CA ASN A 108 -3.68 -6.89 -8.06
C ASN A 108 -5.00 -7.16 -8.78
N SER A 109 -6.04 -7.49 -8.01
CA SER A 109 -7.35 -7.77 -8.59
C SER A 109 -7.30 -9.02 -9.46
N ILE A 110 -6.83 -10.13 -8.87
CA ILE A 110 -6.73 -11.39 -9.60
C ILE A 110 -7.86 -12.33 -9.20
N ASN A 111 -9.05 -12.09 -9.74
CA ASN A 111 -10.21 -12.93 -9.45
C ASN A 111 -10.28 -13.26 -7.96
N VAL A 112 -10.22 -12.21 -7.13
CA VAL A 112 -10.27 -12.39 -5.69
C VAL A 112 -11.41 -13.34 -5.29
N MET A 113 -12.43 -13.41 -6.13
CA MET A 113 -13.58 -14.27 -5.87
C MET A 113 -13.12 -15.65 -5.39
N GLU A 114 -13.23 -15.87 -4.09
CA GLU A 114 -12.82 -17.15 -3.49
C GLU A 114 -13.54 -17.38 -2.16
N GLU A 115 -13.71 -18.64 -1.81
CA GLU A 115 -14.37 -19.00 -0.56
C GLU A 115 -14.06 -17.99 0.54
N PRO A 116 -15.00 -17.83 1.49
CA PRO A 116 -14.85 -16.90 2.60
C PRO A 116 -13.78 -17.35 3.60
N VAL A 117 -13.66 -16.61 4.70
CA VAL A 117 -12.68 -16.94 5.73
C VAL A 117 -13.24 -16.70 7.12
N ILE A 118 -12.98 -17.64 8.03
CA ILE A 118 -13.46 -17.53 9.40
C ILE A 118 -12.47 -16.78 10.28
N ILE A 119 -12.98 -16.02 11.24
CA ILE A 119 -12.14 -15.25 12.14
C ILE A 119 -11.85 -16.05 13.41
N THR A 120 -10.63 -15.88 13.94
CA THR A 120 -10.22 -16.58 15.15
C THR A 120 -10.47 -15.72 16.38
N ARG A 121 -10.20 -16.29 17.56
CA ARG A 121 -10.40 -15.58 18.82
C ARG A 121 -9.68 -14.24 18.80
N ASN A 122 -10.43 -13.16 19.01
CA ASN A 122 -9.87 -11.82 19.02
C ASN A 122 -9.13 -11.55 20.32
N SER A 123 -7.91 -11.02 20.22
CA SER A 123 -7.11 -10.72 21.39
C SER A 123 -7.73 -9.58 22.20
N HIS A 124 -7.11 -9.27 23.34
CA HIS A 124 -7.61 -8.20 24.20
C HIS A 124 -7.07 -6.85 23.75
N PRO A 125 -7.94 -5.83 23.79
CA PRO A 125 -7.58 -4.46 23.38
C PRO A 125 -6.61 -3.81 24.36
N ALA A 126 -6.31 -2.53 24.13
CA ALA A 126 -5.40 -1.80 24.99
C ALA A 126 -5.89 -0.37 25.20
N GLU A 127 -5.25 0.35 26.13
CA GLU A 127 -5.62 1.73 26.43
C GLU A 127 -5.51 2.60 25.18
N LEU A 128 -6.28 3.68 25.15
CA LEU A 128 -6.27 4.60 24.01
C LEU A 128 -6.17 6.05 24.49
N ASP A 129 -5.59 6.90 23.65
CA ASP A 129 -5.44 8.31 23.99
C ASP A 129 -6.18 9.20 22.98
N LEU A 130 -6.61 10.37 23.42
CA LEU A 130 -7.33 11.30 22.57
C LEU A 130 -6.39 12.39 22.03
N PRO A 131 -6.56 12.73 20.75
CA PRO A 131 -5.74 13.76 20.10
C PRO A 131 -6.04 15.16 20.62
N ARG A 132 -5.38 16.16 20.05
CA ARG A 132 -5.57 17.54 20.46
C ARG A 132 -5.98 18.41 19.27
N ALA A 133 -6.71 19.48 19.55
CA ALA A 133 -7.16 20.39 18.51
C ALA A 133 -6.00 20.84 17.63
N PRO A 134 -6.21 20.82 16.31
CA PRO A 134 -5.19 21.22 15.34
C PRO A 134 -4.93 22.72 15.37
N GLN A 135 -4.04 23.19 14.49
CA GLN A 135 -3.69 24.60 14.42
C GLN A 135 -3.52 25.04 12.97
N PRO A 136 -4.02 26.25 12.66
CA PRO A 136 -3.93 26.81 11.31
C PRO A 136 -2.50 27.21 10.93
N PRO A 137 -1.99 26.59 9.85
CA PRO A 137 -0.63 26.86 9.38
C PRO A 137 -0.50 28.25 8.77
N ASN A 138 0.74 28.61 8.39
CA ASN A 138 1.00 29.91 7.80
C ASN A 138 1.67 29.77 6.44
N ALA A 139 0.99 30.24 5.39
CA ALA A 139 1.52 30.16 4.03
C ALA A 139 1.72 31.55 3.45
N LEU A 140 2.25 31.61 2.24
CA LEU A 140 2.50 32.88 1.56
C LEU A 140 1.45 33.13 0.48
N GLY A 141 1.36 34.38 0.03
CA GLY A 141 0.40 34.73 -0.99
C GLY A 141 0.99 34.69 -2.38
N TYR A 142 1.19 35.86 -2.98
CA TYR A 142 1.76 35.96 -4.32
C TYR A 142 2.78 37.08 -4.40
N THR A 143 3.64 37.02 -5.40
CA THR A 143 4.67 38.03 -5.60
C THR A 143 4.32 38.94 -6.78
N VAL A 144 3.04 39.26 -6.92
CA VAL A 144 2.58 40.12 -7.99
C VAL A 144 3.31 39.81 -9.29
N SER A 145 3.56 38.53 -9.53
CA SER A 145 4.26 38.10 -10.73
C SER A 145 3.27 37.60 -11.79
N SER A 146 2.98 38.46 -12.77
CA SER A 146 2.04 38.12 -13.82
C SER A 146 2.74 38.10 -15.19
N LEU B 1 -4.16 0.55 15.10
CA LEU B 1 -2.81 1.11 15.17
C LEU B 1 -2.84 2.50 15.80
N PHE B 2 -3.39 3.48 15.08
CA PHE B 2 -3.47 4.85 15.57
C PHE B 2 -4.24 5.73 14.59
N ARG B 3 -4.73 6.86 15.09
CA ARG B 3 -5.49 7.79 14.26
C ARG B 3 -4.71 9.10 14.07
N LEU B 4 -4.42 9.43 12.82
CA LEU B 4 -3.68 10.65 12.51
C LEU B 4 -4.64 11.81 12.24
N ARG B 5 -4.10 13.02 12.19
CA ARG B 5 -4.91 14.21 11.94
C ARG B 5 -4.72 14.70 10.51
N HIS B 6 -3.47 14.70 10.05
CA HIS B 6 -3.16 15.16 8.70
C HIS B 6 -2.14 14.23 8.04
N PHE B 7 -2.10 14.24 6.71
CA PHE B 7 -1.17 13.40 5.96
C PHE B 7 0.24 13.96 6.01
N PRO B 8 1.16 13.20 6.62
CA PRO B 8 2.57 13.61 6.74
C PRO B 8 3.30 13.61 5.40
N CYS B 9 3.12 12.54 4.65
CA CYS B 9 3.76 12.41 3.34
C CYS B 9 3.26 13.49 2.38
N GLY B 10 4.07 13.80 1.38
CA GLY B 10 3.69 14.81 0.40
C GLY B 10 3.47 14.23 -0.99
N ASN B 11 4.55 13.76 -1.60
CA ASN B 11 4.48 13.18 -2.93
C ASN B 11 3.63 11.91 -2.93
N VAL B 12 2.37 12.04 -3.32
CA VAL B 12 1.46 10.90 -3.35
C VAL B 12 0.93 10.68 -4.76
N ASN B 13 0.95 9.44 -5.21
CA ASN B 13 0.46 9.08 -6.54
C ASN B 13 -0.83 8.27 -6.46
N TYR B 14 -1.94 8.95 -6.25
CA TYR B 14 -3.24 8.28 -6.15
C TYR B 14 -3.31 7.08 -7.09
N GLY B 15 -4.00 6.03 -6.65
CA GLY B 15 -4.12 4.84 -7.46
C GLY B 15 -5.57 4.51 -7.77
N TYR B 16 -6.16 3.63 -6.97
CA TYR B 16 -7.55 3.22 -7.16
C TYR B 16 -8.49 4.39 -6.91
N GLN B 17 -8.59 5.29 -7.88
CA GLN B 17 -9.47 6.46 -7.76
C GLN B 17 -10.59 6.40 -8.79
N GLN B 18 -11.77 6.85 -8.40
CA GLN B 18 -12.93 6.86 -9.29
C GLN B 18 -12.61 7.59 -10.59
N GLN B 19 -12.73 6.89 -11.71
CA GLN B 19 -12.46 7.49 -13.01
C GLN B 19 -13.61 8.36 -13.46
N GLY A 1 31.38 -6.43 -27.74
CA GLY A 1 31.26 -7.39 -26.65
C GLY A 1 31.04 -6.71 -25.30
N SER A 2 30.30 -7.40 -24.42
CA SER A 2 30.01 -6.85 -23.10
C SER A 2 29.44 -7.92 -22.19
N SER A 3 29.91 -7.95 -20.94
CA SER A 3 29.44 -8.94 -19.97
C SER A 3 29.71 -8.46 -18.55
N GLY A 4 29.21 -9.21 -17.57
CA GLY A 4 29.40 -8.85 -16.18
C GLY A 4 28.19 -9.17 -15.32
N SER A 5 28.44 -9.74 -14.14
CA SER A 5 27.37 -10.10 -13.23
C SER A 5 27.93 -10.57 -11.89
N SER A 6 27.17 -10.35 -10.83
CA SER A 6 27.58 -10.76 -9.49
C SER A 6 26.40 -11.24 -8.67
N GLY A 7 26.67 -11.70 -7.46
CA GLY A 7 25.62 -12.20 -6.59
C GLY A 7 25.85 -11.84 -5.13
N LEU A 8 24.88 -12.19 -4.29
CA LEU A 8 24.99 -11.89 -2.85
C LEU A 8 24.18 -12.91 -2.05
N ASN A 9 24.30 -12.81 -0.72
CA ASN A 9 23.59 -13.72 0.17
C ASN A 9 23.53 -13.16 1.58
N ARG A 10 22.42 -13.41 2.27
CA ARG A 10 22.23 -12.92 3.64
C ARG A 10 21.71 -14.03 4.54
N ASP A 11 21.65 -13.75 5.84
CA ASP A 11 21.17 -14.72 6.81
C ASP A 11 19.82 -14.30 7.38
N SER A 12 19.77 -13.11 7.98
CA SER A 12 18.54 -12.60 8.56
C SER A 12 17.99 -11.44 7.74
N VAL A 13 16.68 -11.41 7.56
CA VAL A 13 16.03 -10.36 6.79
C VAL A 13 16.59 -8.99 7.16
N PRO A 14 17.29 -8.36 6.20
CA PRO A 14 17.89 -7.04 6.39
C PRO A 14 16.84 -5.93 6.49
N ASP A 15 17.23 -4.80 7.07
CA ASP A 15 16.33 -3.67 7.22
C ASP A 15 16.15 -2.94 5.90
N ASN A 16 16.78 -3.46 4.85
CA ASN A 16 16.70 -2.85 3.53
C ASN A 16 16.40 -3.91 2.46
N HIS A 17 15.60 -4.91 2.84
CA HIS A 17 15.24 -5.98 1.91
C HIS A 17 14.35 -5.45 0.79
N PRO A 18 14.61 -5.94 -0.44
CA PRO A 18 13.85 -5.52 -1.62
C PRO A 18 12.42 -6.05 -1.60
N THR A 19 12.21 -7.19 -0.95
CA THR A 19 10.89 -7.80 -0.86
C THR A 19 10.22 -7.45 0.47
N LYS A 20 11.03 -7.33 1.52
CA LYS A 20 10.51 -6.99 2.84
C LYS A 20 11.00 -5.62 3.29
N PHE A 21 10.20 -4.96 4.12
CA PHE A 21 10.54 -3.63 4.62
C PHE A 21 10.05 -3.45 6.05
N LYS A 22 10.98 -3.49 7.01
CA LYS A 22 10.64 -3.32 8.41
C LYS A 22 10.15 -1.90 8.70
N VAL A 23 8.92 -1.78 9.18
CA VAL A 23 8.34 -0.49 9.49
C VAL A 23 8.05 -0.35 10.97
N THR A 24 7.78 0.87 11.42
CA THR A 24 7.49 1.13 12.82
C THR A 24 6.23 1.97 12.98
N ASN A 25 5.23 1.41 13.62
CA ASN A 25 3.96 2.11 13.84
C ASN A 25 4.18 3.37 14.67
N VAL A 26 4.09 4.53 14.03
CA VAL A 26 4.27 5.80 14.70
C VAL A 26 3.03 6.67 14.58
N ASP A 27 2.95 7.71 15.42
CA ASP A 27 1.81 8.62 15.39
C ASP A 27 2.11 9.84 14.52
N ASP A 28 1.19 10.80 14.53
CA ASP A 28 1.35 12.01 13.73
C ASP A 28 2.70 12.67 14.01
N GLU A 29 3.02 12.83 15.29
CA GLU A 29 4.27 13.44 15.70
C GLU A 29 5.47 12.66 15.16
N GLY A 30 5.42 11.33 15.33
CA GLY A 30 6.50 10.49 14.85
C GLY A 30 6.96 9.51 15.90
N VAL A 31 6.32 9.53 17.07
CA VAL A 31 6.68 8.64 18.16
C VAL A 31 6.67 7.18 17.70
N GLU A 32 7.45 6.35 18.38
CA GLU A 32 7.54 4.93 18.05
C GLU A 32 6.74 4.09 19.05
N LEU A 33 5.60 3.57 18.60
CA LEU A 33 4.75 2.75 19.44
C LEU A 33 5.18 1.29 19.40
N GLY A 34 5.08 0.68 18.22
CA GLY A 34 5.47 -0.71 18.07
C GLY A 34 6.21 -0.96 16.77
N SER A 35 6.74 -2.17 16.62
CA SER A 35 7.49 -2.53 15.42
C SER A 35 6.68 -3.49 14.56
N GLY A 36 6.93 -3.45 13.25
CA GLY A 36 6.21 -4.32 12.33
C GLY A 36 6.90 -4.45 11.00
N VAL A 37 6.53 -5.46 10.22
CA VAL A 37 7.12 -5.68 8.91
C VAL A 37 6.04 -5.70 7.82
N MET A 38 6.17 -4.80 6.85
CA MET A 38 5.22 -4.72 5.75
C MET A 38 5.68 -5.57 4.57
N GLU A 39 4.76 -6.40 4.06
CA GLU A 39 5.08 -7.27 2.93
C GLU A 39 4.29 -6.85 1.69
N LEU A 40 4.99 -6.73 0.57
CA LEU A 40 4.37 -6.34 -0.68
C LEU A 40 4.09 -7.55 -1.56
N THR A 41 2.88 -8.10 -1.44
CA THR A 41 2.50 -9.26 -2.22
C THR A 41 1.39 -8.91 -3.22
N GLN A 42 1.54 -9.39 -4.45
CA GLN A 42 0.56 -9.12 -5.49
C GLN A 42 -0.86 -9.07 -4.91
N SER A 43 -1.10 -9.91 -3.90
CA SER A 43 -2.41 -9.97 -3.27
C SER A 43 -2.75 -8.64 -2.61
N GLU A 44 -2.01 -8.30 -1.56
CA GLU A 44 -2.24 -7.06 -0.83
C GLU A 44 -1.13 -6.81 0.18
N LEU A 45 -1.22 -5.69 0.90
CA LEU A 45 -0.23 -5.34 1.91
C LEU A 45 -0.58 -5.94 3.25
N VAL A 46 0.39 -6.59 3.88
CA VAL A 46 0.18 -7.22 5.18
C VAL A 46 1.34 -6.90 6.13
N LEU A 47 1.01 -6.70 7.41
CA LEU A 47 2.01 -6.38 8.42
C LEU A 47 2.29 -7.60 9.30
N HIS A 48 3.38 -7.53 10.05
CA HIS A 48 3.76 -8.63 10.93
C HIS A 48 4.13 -8.10 12.32
N LEU A 49 3.28 -8.37 13.31
CA LEU A 49 3.52 -7.92 14.66
C LEU A 49 3.43 -9.09 15.65
N HIS A 50 3.68 -8.80 16.92
CA HIS A 50 3.61 -9.82 17.96
C HIS A 50 2.47 -9.56 18.92
N ARG A 51 2.60 -8.50 19.72
CA ARG A 51 1.57 -8.14 20.69
C ARG A 51 0.23 -7.88 19.99
N ARG A 52 0.29 -7.32 18.79
CA ARG A 52 -0.90 -7.02 18.01
C ARG A 52 -1.19 -8.12 16.99
N GLU A 53 -2.30 -8.00 16.30
CA GLU A 53 -2.69 -8.98 15.29
C GLU A 53 -2.14 -8.59 13.91
N ALA A 54 -2.42 -9.42 12.92
CA ALA A 54 -1.95 -9.18 11.56
C ALA A 54 -2.89 -8.21 10.84
N VAL A 55 -2.35 -7.08 10.41
CA VAL A 55 -3.13 -6.07 9.71
C VAL A 55 -2.86 -6.13 8.21
N ARG A 56 -3.93 -6.09 7.42
CA ARG A 56 -3.81 -6.13 5.97
C ARG A 56 -4.48 -4.92 5.33
N TRP A 57 -4.26 -4.74 4.03
CA TRP A 57 -4.84 -3.62 3.30
C TRP A 57 -4.97 -3.94 1.81
N PRO A 58 -6.21 -4.07 1.34
CA PRO A 58 -6.49 -4.36 -0.07
C PRO A 58 -6.14 -3.20 -0.99
N TYR A 59 -5.14 -3.41 -1.84
CA TYR A 59 -4.71 -2.39 -2.78
C TYR A 59 -5.90 -1.55 -3.27
N LEU A 60 -7.05 -2.20 -3.37
CA LEU A 60 -8.27 -1.52 -3.83
C LEU A 60 -8.56 -0.29 -2.97
N CYS A 61 -8.78 -0.51 -1.69
CA CYS A 61 -9.06 0.58 -0.76
C CYS A 61 -7.95 1.64 -0.80
N LEU A 62 -6.71 1.17 -0.89
CA LEU A 62 -5.56 2.05 -0.94
C LEU A 62 -5.64 3.00 -2.13
N ARG A 63 -6.43 4.06 -2.00
CA ARG A 63 -6.59 5.04 -3.06
C ARG A 63 -5.46 6.04 -3.06
N ARG A 64 -5.24 6.68 -1.91
CA ARG A 64 -4.18 7.68 -1.78
C ARG A 64 -3.01 7.11 -0.98
N TYR A 65 -1.85 7.04 -1.62
CA TYR A 65 -0.64 6.52 -0.97
C TYR A 65 0.57 7.35 -1.34
N GLY A 66 1.18 7.96 -0.31
CA GLY A 66 2.36 8.79 -0.54
C GLY A 66 3.61 8.18 0.05
N TYR A 67 4.63 9.01 0.26
CA TYR A 67 5.89 8.55 0.83
C TYR A 67 6.73 9.73 1.31
N ASP A 68 7.86 9.43 1.94
CA ASP A 68 8.76 10.46 2.45
C ASP A 68 10.09 9.85 2.89
N SER A 69 11.06 10.72 3.16
CA SER A 69 12.38 10.27 3.59
C SER A 69 12.27 9.10 4.55
N ASN A 70 11.67 9.35 5.71
CA ASN A 70 11.51 8.31 6.72
C ASN A 70 10.07 8.29 7.24
N LEU A 71 9.11 8.38 6.33
CA LEU A 71 7.70 8.37 6.69
C LEU A 71 6.85 7.78 5.56
N PHE A 72 6.06 6.76 5.89
CA PHE A 72 5.21 6.10 4.91
C PHE A 72 3.81 5.88 5.47
N SER A 73 2.83 6.55 4.88
CA SER A 73 1.44 6.42 5.32
C SER A 73 0.52 6.11 4.14
N PHE A 74 -0.71 5.71 4.45
CA PHE A 74 -1.69 5.38 3.43
C PHE A 74 -3.11 5.53 3.96
N GLU A 75 -4.05 5.78 3.06
CA GLU A 75 -5.45 5.95 3.44
C GLU A 75 -6.22 4.64 3.25
N SER A 76 -7.39 4.55 3.88
CA SER A 76 -8.22 3.36 3.79
C SER A 76 -9.69 3.71 4.00
N GLY A 77 -10.56 3.15 3.15
CA GLY A 77 -11.98 3.41 3.27
C GLY A 77 -12.56 2.92 4.58
N ARG A 78 -13.63 2.13 4.49
CA ARG A 78 -14.28 1.59 5.68
C ARG A 78 -14.45 0.08 5.57
N ARG A 79 -14.96 -0.37 4.42
CA ARG A 79 -15.18 -1.79 4.19
C ARG A 79 -13.92 -2.59 4.54
N CYS A 80 -12.78 -1.93 4.51
CA CYS A 80 -11.51 -2.58 4.83
C CYS A 80 -11.49 -3.07 6.27
N GLN A 81 -10.43 -3.78 6.63
CA GLN A 81 -10.29 -4.31 7.99
C GLN A 81 -10.08 -3.18 8.99
N THR A 82 -8.99 -2.45 8.83
CA THR A 82 -8.67 -1.34 9.72
C THR A 82 -9.81 -0.32 9.75
N GLY A 83 -10.45 -0.12 8.60
CA GLY A 83 -11.54 0.84 8.52
C GLY A 83 -11.06 2.27 8.47
N GLN A 84 -11.98 3.19 8.22
CA GLN A 84 -11.65 4.61 8.14
C GLN A 84 -10.53 4.96 9.12
N GLY A 85 -9.53 5.70 8.63
CA GLY A 85 -8.42 6.09 9.47
C GLY A 85 -7.08 5.91 8.79
N ILE A 86 -6.23 6.92 8.89
CA ILE A 86 -4.91 6.88 8.27
C ILE A 86 -3.87 6.32 9.22
N PHE A 87 -2.90 5.59 8.68
CA PHE A 87 -1.84 5.00 9.50
C PHE A 87 -0.47 5.28 8.89
N ALA A 88 0.40 5.90 9.68
CA ALA A 88 1.74 6.23 9.23
C ALA A 88 2.78 5.35 9.90
N PHE A 89 3.84 5.01 9.18
CA PHE A 89 4.90 4.17 9.71
C PHE A 89 6.27 4.70 9.29
N LYS A 90 7.26 4.53 10.16
CA LYS A 90 8.62 4.98 9.89
C LYS A 90 9.43 3.88 9.21
N CYS A 91 9.82 4.12 7.97
CA CYS A 91 10.61 3.16 7.21
C CYS A 91 11.83 3.83 6.58
N SER A 92 12.89 3.05 6.38
CA SER A 92 14.11 3.56 5.80
C SER A 92 14.00 3.63 4.28
N ARG A 93 13.30 2.66 3.70
CA ARG A 93 13.12 2.61 2.26
C ARG A 93 11.66 2.91 1.89
N ALA A 94 11.11 3.96 2.48
CA ALA A 94 9.73 4.35 2.20
C ALA A 94 9.47 4.44 0.70
N GLU A 95 10.28 5.24 0.01
CA GLU A 95 10.14 5.41 -1.42
C GLU A 95 10.00 4.06 -2.12
N GLU A 96 10.99 3.19 -1.94
CA GLU A 96 10.97 1.87 -2.55
C GLU A 96 9.56 1.29 -2.55
N ILE A 97 8.97 1.20 -1.36
CA ILE A 97 7.63 0.66 -1.22
C ILE A 97 6.62 1.47 -2.03
N PHE A 98 6.87 2.77 -2.14
CA PHE A 98 5.99 3.66 -2.89
C PHE A 98 6.17 3.47 -4.40
N ASN A 99 7.35 3.00 -4.79
CA ASN A 99 7.65 2.78 -6.20
C ASN A 99 7.25 1.36 -6.62
N LEU A 100 7.21 0.45 -5.65
CA LEU A 100 6.83 -0.93 -5.92
C LEU A 100 5.33 -1.14 -5.76
N LEU A 101 4.73 -0.37 -4.87
CA LEU A 101 3.29 -0.46 -4.62
C LEU A 101 2.51 -0.28 -5.91
N GLN A 102 2.59 0.91 -6.50
CA GLN A 102 1.90 1.21 -7.74
C GLN A 102 2.15 0.12 -8.77
N ASP A 103 3.34 -0.45 -8.75
CA ASP A 103 3.70 -1.50 -9.69
C ASP A 103 2.76 -2.69 -9.56
N LEU A 104 2.36 -2.99 -8.33
CA LEU A 104 1.46 -4.11 -8.07
C LEU A 104 0.00 -3.67 -8.16
N MET A 105 -0.29 -2.49 -7.61
CA MET A 105 -1.64 -1.96 -7.63
C MET A 105 -2.22 -1.97 -9.05
N GLN A 106 -1.46 -1.43 -10.00
CA GLN A 106 -1.89 -1.39 -11.38
C GLN A 106 -2.55 -2.69 -11.79
N CYS A 107 -1.96 -3.81 -11.38
CA CYS A 107 -2.49 -5.12 -11.71
C CYS A 107 -3.99 -5.18 -11.45
N ASN A 108 -4.42 -4.59 -10.34
CA ASN A 108 -5.83 -4.58 -9.96
C ASN A 108 -6.40 -6.00 -9.92
N SER A 109 -5.61 -6.93 -9.40
CA SER A 109 -6.03 -8.32 -9.30
C SER A 109 -7.53 -8.42 -9.04
N ILE A 110 -8.24 -9.06 -9.95
CA ILE A 110 -9.69 -9.22 -9.80
C ILE A 110 -10.04 -10.59 -9.22
N ASN A 111 -9.54 -11.64 -9.88
CA ASN A 111 -9.80 -13.00 -9.42
C ASN A 111 -9.46 -13.16 -7.94
N VAL A 112 -8.40 -12.48 -7.51
CA VAL A 112 -7.96 -12.54 -6.12
C VAL A 112 -9.13 -12.32 -5.17
N MET A 113 -10.19 -11.68 -5.68
CA MET A 113 -11.37 -11.41 -4.87
C MET A 113 -12.15 -12.69 -4.60
N GLU A 114 -12.92 -12.69 -3.51
CA GLU A 114 -13.70 -13.85 -3.13
C GLU A 114 -14.67 -14.24 -4.25
N GLU A 115 -15.41 -15.33 -4.03
CA GLU A 115 -16.37 -15.80 -5.02
C GLU A 115 -17.07 -14.63 -5.71
N PRO A 116 -17.46 -14.84 -6.98
CA PRO A 116 -18.14 -13.82 -7.77
C PRO A 116 -19.56 -13.55 -7.27
N VAL A 117 -20.04 -12.33 -7.50
CA VAL A 117 -21.38 -11.95 -7.09
C VAL A 117 -22.06 -11.07 -8.13
N ILE A 118 -23.15 -11.58 -8.70
CA ILE A 118 -23.89 -10.85 -9.71
C ILE A 118 -24.64 -9.67 -9.10
N ILE A 119 -24.44 -8.48 -9.68
CA ILE A 119 -25.10 -7.27 -9.20
C ILE A 119 -25.94 -6.63 -10.30
N THR A 120 -27.04 -6.00 -9.90
CA THR A 120 -27.93 -5.35 -10.84
C THR A 120 -27.15 -4.51 -11.85
N ARG A 121 -27.26 -4.87 -13.12
CA ARG A 121 -26.57 -4.15 -14.19
C ARG A 121 -27.27 -2.83 -14.50
N ASN A 122 -26.50 -1.85 -14.96
CA ASN A 122 -27.05 -0.54 -15.31
C ASN A 122 -26.41 0.00 -16.58
N SER A 123 -26.87 1.16 -17.01
CA SER A 123 -26.35 1.79 -18.23
C SER A 123 -24.82 1.86 -18.19
N HIS A 124 -24.23 2.29 -19.30
CA HIS A 124 -22.77 2.40 -19.39
C HIS A 124 -22.36 3.07 -20.69
N PRO A 125 -21.36 3.95 -20.61
CA PRO A 125 -20.85 4.69 -21.78
C PRO A 125 -20.10 3.78 -22.75
N ALA A 126 -19.54 4.38 -23.80
CA ALA A 126 -18.79 3.62 -24.79
C ALA A 126 -17.71 4.48 -25.45
N GLU A 127 -16.66 3.84 -25.93
CA GLU A 127 -15.57 4.55 -26.58
C GLU A 127 -15.87 4.81 -28.05
N LEU A 128 -14.95 5.50 -28.72
CA LEU A 128 -15.13 5.82 -30.14
C LEU A 128 -13.90 5.38 -30.95
N ASP A 129 -14.07 5.29 -32.26
CA ASP A 129 -12.98 4.88 -33.14
C ASP A 129 -12.58 6.05 -34.06
N LEU A 130 -11.60 5.80 -34.92
CA LEU A 130 -11.12 6.80 -35.84
C LEU A 130 -11.31 6.36 -37.29
N PRO A 131 -11.47 7.34 -38.20
CA PRO A 131 -11.66 7.06 -39.63
C PRO A 131 -10.41 6.52 -40.29
N ARG A 132 -10.40 6.49 -41.61
CA ARG A 132 -9.26 5.99 -42.37
C ARG A 132 -8.82 7.01 -43.42
N ALA A 133 -7.72 6.70 -44.10
CA ALA A 133 -7.19 7.58 -45.14
C ALA A 133 -7.14 6.87 -46.49
N PRO A 134 -7.23 7.66 -47.57
CA PRO A 134 -7.20 7.13 -48.94
C PRO A 134 -5.82 6.62 -49.32
N GLN A 135 -5.69 6.17 -50.57
CA GLN A 135 -4.42 5.65 -51.06
C GLN A 135 -4.19 6.04 -52.52
N PRO A 136 -3.06 6.72 -52.78
CA PRO A 136 -2.71 7.16 -54.13
C PRO A 136 -2.34 6.00 -55.05
N PRO A 137 -2.40 6.25 -56.36
CA PRO A 137 -2.06 5.23 -57.37
C PRO A 137 -0.58 4.90 -57.40
N ASN A 138 -0.18 4.09 -58.37
CA ASN A 138 1.21 3.70 -58.52
C ASN A 138 1.66 3.78 -59.97
N ALA A 139 2.95 3.52 -60.21
CA ALA A 139 3.50 3.56 -61.55
C ALA A 139 4.22 2.26 -61.90
N LEU A 140 4.58 2.11 -63.16
CA LEU A 140 5.27 0.90 -63.62
C LEU A 140 6.27 1.24 -64.73
N GLY A 141 7.47 0.68 -64.62
CA GLY A 141 8.49 0.93 -65.62
C GLY A 141 8.28 0.12 -66.88
N TYR A 142 9.37 -0.25 -67.54
CA TYR A 142 9.29 -1.02 -68.77
C TYR A 142 10.68 -1.50 -69.20
N THR A 143 10.71 -2.42 -70.16
CA THR A 143 11.97 -2.96 -70.67
C THR A 143 11.82 -3.46 -72.09
N VAL A 144 12.95 -3.78 -72.73
CA VAL A 144 12.95 -4.27 -74.10
C VAL A 144 14.21 -5.07 -74.40
N SER A 145 14.14 -5.89 -75.45
CA SER A 145 15.28 -6.72 -75.84
C SER A 145 15.27 -6.97 -77.35
N SER A 146 16.46 -7.18 -77.91
CA SER A 146 16.59 -7.44 -79.34
C SER A 146 16.90 -8.90 -79.60
N LEU B 1 -3.85 -0.03 15.72
CA LEU B 1 -2.92 0.96 15.18
C LEU B 1 -3.33 2.37 15.59
N PHE B 2 -2.51 3.35 15.24
CA PHE B 2 -2.79 4.73 15.56
C PHE B 2 -3.57 5.43 14.45
N ARG B 3 -4.62 6.14 14.82
CA ARG B 3 -5.46 6.85 13.85
C ARG B 3 -5.00 8.29 13.69
N LEU B 4 -4.55 8.63 12.48
CA LEU B 4 -4.08 9.99 12.19
C LEU B 4 -5.25 10.89 11.83
N ARG B 5 -4.97 12.19 11.72
CA ARG B 5 -5.99 13.17 11.39
C ARG B 5 -5.74 13.78 10.00
N HIS B 6 -4.48 14.10 9.74
CA HIS B 6 -4.09 14.69 8.46
C HIS B 6 -3.00 13.86 7.78
N PHE B 7 -3.01 13.86 6.45
CA PHE B 7 -2.02 13.11 5.69
C PHE B 7 -0.66 13.79 5.74
N PRO B 8 0.32 13.11 6.35
CA PRO B 8 1.68 13.62 6.48
C PRO B 8 2.42 13.66 5.15
N CYS B 9 2.37 12.55 4.42
CA CYS B 9 3.03 12.46 3.12
C CYS B 9 2.45 13.48 2.14
N GLY B 10 3.30 13.99 1.27
CA GLY B 10 2.86 14.96 0.28
C GLY B 10 2.82 14.40 -1.12
N ASN B 11 3.96 13.92 -1.60
CA ASN B 11 4.05 13.34 -2.94
C ASN B 11 3.29 12.02 -3.03
N VAL B 12 2.03 12.10 -3.42
CA VAL B 12 1.19 10.91 -3.54
C VAL B 12 0.80 10.67 -4.99
N ASN B 13 0.80 9.39 -5.39
CA ASN B 13 0.44 9.03 -6.76
C ASN B 13 -0.74 8.06 -6.76
N TYR B 14 -1.94 8.62 -6.71
CA TYR B 14 -3.16 7.82 -6.70
C TYR B 14 -3.01 6.60 -7.60
N GLY B 15 -3.63 5.50 -7.21
CA GLY B 15 -3.56 4.28 -8.00
C GLY B 15 -4.88 3.92 -8.65
N TYR B 16 -5.89 3.67 -7.83
CA TYR B 16 -7.21 3.32 -8.33
C TYR B 16 -8.01 4.56 -8.69
N GLN B 17 -7.37 5.49 -9.40
CA GLN B 17 -8.01 6.73 -9.80
C GLN B 17 -7.35 7.31 -11.05
N GLN B 18 -8.08 7.26 -12.17
CA GLN B 18 -7.56 7.78 -13.43
C GLN B 18 -8.40 8.95 -13.93
N GLN B 19 -7.76 9.89 -14.60
CA GLN B 19 -8.44 11.06 -15.14
C GLN B 19 -9.68 10.65 -15.93
N GLY A 1 28.75 -6.39 -22.25
CA GLY A 1 29.84 -6.44 -21.29
C GLY A 1 29.41 -5.97 -19.91
N SER A 2 29.34 -6.91 -18.98
CA SER A 2 28.93 -6.58 -17.60
C SER A 2 29.23 -7.75 -16.66
N SER A 3 29.76 -7.42 -15.49
CA SER A 3 30.11 -8.44 -14.50
C SER A 3 28.89 -8.82 -13.67
N GLY A 4 29.06 -9.79 -12.77
CA GLY A 4 27.96 -10.21 -11.92
C GLY A 4 28.43 -10.60 -10.54
N SER A 5 27.68 -11.49 -9.89
CA SER A 5 28.02 -11.95 -8.54
C SER A 5 27.50 -13.36 -8.30
N SER A 6 28.27 -14.15 -7.56
CA SER A 6 27.90 -15.53 -7.26
C SER A 6 28.24 -15.88 -5.82
N GLY A 7 27.45 -16.78 -5.23
CA GLY A 7 27.67 -17.18 -3.86
C GLY A 7 26.39 -17.53 -3.13
N LEU A 8 26.48 -18.42 -2.16
CA LEU A 8 25.32 -18.84 -1.39
C LEU A 8 24.88 -17.74 -0.43
N ASN A 9 23.57 -17.53 -0.34
CA ASN A 9 23.01 -16.51 0.54
C ASN A 9 21.98 -17.11 1.49
N ARG A 10 22.42 -17.43 2.71
CA ARG A 10 21.53 -18.01 3.70
C ARG A 10 21.49 -17.14 4.96
N ASP A 11 20.56 -16.20 4.99
CA ASP A 11 20.41 -15.30 6.13
C ASP A 11 18.96 -14.85 6.28
N SER A 12 18.56 -14.58 7.52
CA SER A 12 17.20 -14.14 7.79
C SER A 12 16.81 -12.96 6.91
N VAL A 13 15.54 -12.61 6.93
CA VAL A 13 15.03 -11.49 6.13
C VAL A 13 15.92 -10.26 6.30
N PRO A 14 16.52 -9.80 5.19
CA PRO A 14 17.40 -8.64 5.19
C PRO A 14 16.63 -7.33 5.42
N ASP A 15 17.32 -6.35 5.98
CA ASP A 15 16.70 -5.05 6.25
C ASP A 15 16.55 -4.25 4.97
N ASN A 16 16.95 -4.84 3.85
CA ASN A 16 16.87 -4.17 2.56
C ASN A 16 16.21 -5.08 1.52
N HIS A 17 15.26 -5.88 1.96
CA HIS A 17 14.55 -6.80 1.07
C HIS A 17 13.67 -6.03 0.09
N PRO A 18 13.70 -6.46 -1.18
CA PRO A 18 12.91 -5.82 -2.25
C PRO A 18 11.41 -6.08 -2.09
N THR A 19 11.08 -7.25 -1.54
CA THR A 19 9.68 -7.62 -1.34
C THR A 19 9.26 -7.39 0.10
N LYS A 20 10.23 -7.33 1.00
CA LYS A 20 9.96 -7.12 2.42
C LYS A 20 10.57 -5.80 2.90
N PHE A 21 9.79 -5.05 3.67
CA PHE A 21 10.25 -3.76 4.19
C PHE A 21 9.81 -3.57 5.64
N LYS A 22 10.76 -3.68 6.57
CA LYS A 22 10.47 -3.52 7.99
C LYS A 22 10.11 -2.07 8.31
N VAL A 23 8.93 -1.88 8.89
CA VAL A 23 8.46 -0.54 9.25
C VAL A 23 8.28 -0.41 10.75
N THR A 24 7.78 0.74 11.18
CA THR A 24 7.55 1.00 12.61
C THR A 24 6.41 1.97 12.82
N ASN A 25 5.26 1.46 13.26
CA ASN A 25 4.09 2.29 13.51
C ASN A 25 4.45 3.49 14.39
N VAL A 26 4.07 4.67 13.94
CA VAL A 26 4.35 5.90 14.68
C VAL A 26 3.11 6.79 14.75
N ASP A 27 3.16 7.79 15.62
CA ASP A 27 2.05 8.71 15.78
C ASP A 27 2.35 10.06 15.13
N ASP A 28 1.41 10.99 15.22
CA ASP A 28 1.58 12.31 14.63
C ASP A 28 2.97 12.87 14.92
N GLU A 29 3.35 12.87 16.20
CA GLU A 29 4.65 13.36 16.61
C GLU A 29 5.77 12.59 15.93
N GLY A 30 5.48 11.34 15.57
CA GLY A 30 6.47 10.50 14.91
C GLY A 30 7.06 9.47 15.84
N VAL A 31 6.62 9.49 17.10
CA VAL A 31 7.11 8.54 18.10
C VAL A 31 6.93 7.11 17.63
N GLU A 32 7.63 6.18 18.28
CA GLU A 32 7.54 4.77 17.94
C GLU A 32 6.70 4.00 18.95
N LEU A 33 5.51 3.59 18.55
CA LEU A 33 4.61 2.85 19.42
C LEU A 33 4.79 1.34 19.24
N GLY A 34 4.53 0.86 18.04
CA GLY A 34 4.68 -0.56 17.76
C GLY A 34 5.39 -0.82 16.46
N SER A 35 6.44 -1.65 16.51
CA SER A 35 7.21 -1.97 15.31
C SER A 35 6.55 -3.11 14.54
N GLY A 36 6.62 -3.03 13.21
CA GLY A 36 6.02 -4.05 12.37
C GLY A 36 6.72 -4.18 11.04
N VAL A 37 6.37 -5.22 10.29
CA VAL A 37 6.97 -5.45 8.97
C VAL A 37 5.92 -5.38 7.87
N MET A 38 6.16 -4.51 6.90
CA MET A 38 5.24 -4.34 5.77
C MET A 38 5.71 -5.14 4.57
N GLU A 39 4.85 -6.05 4.09
CA GLU A 39 5.19 -6.89 2.94
C GLU A 39 4.33 -6.50 1.74
N LEU A 40 4.99 -6.30 0.59
CA LEU A 40 4.29 -5.93 -0.63
C LEU A 40 4.04 -7.15 -1.51
N THR A 41 2.88 -7.79 -1.31
CA THR A 41 2.53 -8.97 -2.09
C THR A 41 1.41 -8.65 -3.09
N GLN A 42 1.57 -9.13 -4.31
CA GLN A 42 0.58 -8.90 -5.36
C GLN A 42 -0.84 -8.97 -4.79
N SER A 43 -1.02 -9.80 -3.77
CA SER A 43 -2.32 -9.97 -3.14
C SER A 43 -2.76 -8.68 -2.44
N GLU A 44 -2.01 -8.29 -1.41
CA GLU A 44 -2.33 -7.09 -0.65
C GLU A 44 -1.22 -6.77 0.35
N LEU A 45 -1.39 -5.68 1.08
CA LEU A 45 -0.41 -5.26 2.08
C LEU A 45 -0.69 -5.92 3.43
N VAL A 46 0.34 -6.55 3.99
CA VAL A 46 0.20 -7.22 5.28
C VAL A 46 1.25 -6.73 6.27
N LEU A 47 0.90 -6.71 7.55
CA LEU A 47 1.80 -6.25 8.59
C LEU A 47 2.16 -7.40 9.54
N HIS A 48 3.33 -7.32 10.15
CA HIS A 48 3.78 -8.35 11.08
C HIS A 48 4.18 -7.72 12.41
N LEU A 49 3.38 -7.97 13.44
CA LEU A 49 3.65 -7.44 14.77
C LEU A 49 3.26 -8.45 15.85
N HIS A 50 3.57 -8.12 17.10
CA HIS A 50 3.24 -8.99 18.22
C HIS A 50 2.18 -8.36 19.12
N ARG A 51 2.30 -7.05 19.32
CA ARG A 51 1.34 -6.32 20.15
C ARG A 51 -0.09 -6.59 19.70
N ARG A 52 -0.34 -6.41 18.41
CA ARG A 52 -1.67 -6.63 17.85
C ARG A 52 -1.65 -7.77 16.84
N GLU A 53 -2.84 -8.15 16.36
CA GLU A 53 -2.96 -9.23 15.40
C GLU A 53 -2.63 -8.74 13.99
N ALA A 54 -2.11 -9.64 13.16
CA ALA A 54 -1.76 -9.29 11.78
C ALA A 54 -2.88 -8.52 11.10
N VAL A 55 -2.53 -7.50 10.35
CA VAL A 55 -3.51 -6.68 9.64
C VAL A 55 -3.31 -6.77 8.13
N ARG A 56 -4.37 -6.48 7.38
CA ARG A 56 -4.32 -6.53 5.93
C ARG A 56 -5.02 -5.32 5.32
N TRP A 57 -4.67 -5.00 4.08
CA TRP A 57 -5.27 -3.86 3.39
C TRP A 57 -5.24 -4.06 1.88
N PRO A 58 -6.42 -4.20 1.28
CA PRO A 58 -6.56 -4.41 -0.17
C PRO A 58 -6.19 -3.17 -0.97
N TYR A 59 -5.27 -3.33 -1.91
CA TYR A 59 -4.82 -2.21 -2.75
C TYR A 59 -6.00 -1.36 -3.19
N LEU A 60 -7.17 -1.99 -3.30
CA LEU A 60 -8.38 -1.29 -3.72
C LEU A 60 -8.75 -0.20 -2.72
N CYS A 61 -9.09 -0.61 -1.51
CA CYS A 61 -9.47 0.33 -0.46
C CYS A 61 -8.46 1.47 -0.36
N LEU A 62 -7.18 1.12 -0.42
CA LEU A 62 -6.11 2.11 -0.34
C LEU A 62 -6.46 3.35 -1.13
N ARG A 63 -7.03 4.35 -0.46
CA ARG A 63 -7.41 5.59 -1.12
C ARG A 63 -6.24 6.21 -1.85
N ARG A 64 -5.10 6.32 -1.17
CA ARG A 64 -3.90 6.88 -1.77
C ARG A 64 -2.64 6.31 -1.11
N TYR A 65 -1.50 6.50 -1.75
CA TYR A 65 -0.23 6.00 -1.24
C TYR A 65 0.89 7.00 -1.49
N GLY A 66 1.56 7.41 -0.42
CA GLY A 66 2.66 8.36 -0.56
C GLY A 66 3.95 7.85 0.05
N TYR A 67 4.89 8.75 0.27
CA TYR A 67 6.18 8.38 0.85
C TYR A 67 6.91 9.61 1.39
N ASP A 68 8.00 9.38 2.11
CA ASP A 68 8.78 10.46 2.68
C ASP A 68 10.16 9.96 3.11
N SER A 69 11.07 10.89 3.36
CA SER A 69 12.42 10.56 3.79
C SER A 69 12.41 9.36 4.72
N ASN A 70 11.82 9.53 5.90
CA ASN A 70 11.75 8.46 6.89
C ASN A 70 10.32 8.31 7.42
N LEU A 71 9.34 8.50 6.55
CA LEU A 71 7.95 8.39 6.94
C LEU A 71 7.11 7.81 5.80
N PHE A 72 6.17 6.94 6.16
CA PHE A 72 5.31 6.31 5.16
C PHE A 72 3.90 6.08 5.73
N SER A 73 2.91 6.70 5.09
CA SER A 73 1.53 6.57 5.54
C SER A 73 0.61 6.26 4.36
N PHE A 74 -0.52 5.63 4.65
CA PHE A 74 -1.49 5.26 3.62
C PHE A 74 -2.92 5.39 4.15
N GLU A 75 -3.83 5.81 3.28
CA GLU A 75 -5.23 5.96 3.66
C GLU A 75 -6.06 4.77 3.18
N SER A 76 -7.04 4.37 3.98
CA SER A 76 -7.90 3.25 3.64
C SER A 76 -9.37 3.63 3.80
N GLY A 77 -10.24 2.95 3.05
CA GLY A 77 -11.66 3.22 3.12
C GLY A 77 -12.23 2.96 4.49
N ARG A 78 -13.42 2.36 4.53
CA ARG A 78 -14.07 2.05 5.79
C ARG A 78 -14.41 0.57 5.89
N ARG A 79 -14.89 0.01 4.78
CA ARG A 79 -15.25 -1.41 4.74
C ARG A 79 -14.06 -2.28 5.10
N CYS A 80 -12.86 -1.70 5.07
CA CYS A 80 -11.65 -2.43 5.39
C CYS A 80 -11.72 -3.01 6.80
N GLN A 81 -10.97 -4.08 7.04
CA GLN A 81 -10.94 -4.74 8.33
C GLN A 81 -10.84 -3.71 9.46
N THR A 82 -9.69 -3.03 9.53
CA THR A 82 -9.47 -2.03 10.56
C THR A 82 -10.51 -0.92 10.49
N GLY A 83 -10.81 -0.47 9.28
CA GLY A 83 -11.80 0.57 9.10
C GLY A 83 -11.17 1.93 8.84
N GLN A 84 -12.00 2.95 8.69
CA GLN A 84 -11.52 4.31 8.45
C GLN A 84 -10.42 4.68 9.44
N GLY A 85 -9.39 5.36 8.95
CA GLY A 85 -8.29 5.77 9.81
C GLY A 85 -6.94 5.69 9.11
N ILE A 86 -6.13 6.72 9.26
CA ILE A 86 -4.82 6.76 8.64
C ILE A 86 -3.74 6.25 9.60
N PHE A 87 -2.86 5.40 9.09
CA PHE A 87 -1.78 4.85 9.90
C PHE A 87 -0.42 5.15 9.28
N ALA A 88 0.44 5.82 10.04
CA ALA A 88 1.77 6.16 9.57
C ALA A 88 2.82 5.23 10.15
N PHE A 89 3.95 5.09 9.45
CA PHE A 89 5.03 4.23 9.90
C PHE A 89 6.39 4.80 9.50
N LYS A 90 7.41 4.45 10.26
CA LYS A 90 8.77 4.93 10.00
C LYS A 90 9.60 3.85 9.30
N CYS A 91 10.29 4.24 8.24
CA CYS A 91 11.12 3.32 7.49
C CYS A 91 12.14 4.06 6.64
N SER A 92 13.19 3.36 6.21
CA SER A 92 14.23 3.96 5.39
C SER A 92 13.92 3.79 3.91
N ARG A 93 13.42 2.62 3.55
CA ARG A 93 13.09 2.32 2.15
C ARG A 93 11.63 2.66 1.87
N ALA A 94 11.13 3.71 2.50
CA ALA A 94 9.75 4.13 2.31
C ALA A 94 9.45 4.45 0.85
N GLU A 95 10.47 4.96 0.15
CA GLU A 95 10.33 5.30 -1.26
C GLU A 95 10.10 4.05 -2.10
N GLU A 96 11.06 3.13 -2.07
CA GLU A 96 10.96 1.89 -2.83
C GLU A 96 9.60 1.23 -2.63
N ILE A 97 8.94 1.57 -1.53
CA ILE A 97 7.63 1.02 -1.23
C ILE A 97 6.53 1.72 -2.03
N PHE A 98 6.73 3.02 -2.26
CA PHE A 98 5.75 3.81 -3.02
C PHE A 98 5.83 3.48 -4.50
N ASN A 99 7.05 3.39 -5.02
CA ASN A 99 7.27 3.09 -6.43
C ASN A 99 6.81 1.68 -6.76
N LEU A 100 7.03 0.75 -5.83
CA LEU A 100 6.64 -0.63 -6.03
C LEU A 100 5.13 -0.80 -5.90
N LEU A 101 4.54 -0.01 -5.00
CA LEU A 101 3.09 -0.08 -4.78
C LEU A 101 2.33 0.12 -6.09
N GLN A 102 2.70 1.16 -6.83
CA GLN A 102 2.05 1.45 -8.10
C GLN A 102 2.36 0.37 -9.13
N ASP A 103 3.41 -0.40 -8.88
CA ASP A 103 3.81 -1.47 -9.78
C ASP A 103 2.97 -2.73 -9.54
N LEU A 104 2.51 -2.91 -8.31
CA LEU A 104 1.70 -4.05 -7.96
C LEU A 104 0.22 -3.76 -8.15
N MET A 105 -0.19 -2.55 -7.79
CA MET A 105 -1.58 -2.13 -7.93
C MET A 105 -2.06 -2.30 -9.36
N GLN A 106 -1.19 -1.96 -10.32
CA GLN A 106 -1.52 -2.07 -11.72
C GLN A 106 -1.60 -3.54 -12.16
N CYS A 107 -1.07 -4.42 -11.32
CA CYS A 107 -1.07 -5.85 -11.61
C CYS A 107 -2.44 -6.46 -11.33
N ASN A 108 -3.03 -6.08 -10.20
CA ASN A 108 -4.34 -6.58 -9.81
C ASN A 108 -5.22 -6.81 -11.03
N SER A 109 -5.85 -7.98 -11.08
CA SER A 109 -6.73 -8.33 -12.20
C SER A 109 -7.49 -7.11 -12.70
N ILE A 110 -7.33 -6.80 -13.98
CA ILE A 110 -8.01 -5.65 -14.57
C ILE A 110 -9.15 -6.11 -15.49
N ASN A 111 -8.81 -6.97 -16.45
CA ASN A 111 -9.80 -7.47 -17.40
C ASN A 111 -9.85 -9.00 -17.36
N VAL A 112 -9.86 -9.56 -16.17
CA VAL A 112 -9.91 -11.01 -16.00
C VAL A 112 -11.36 -11.50 -15.88
N MET A 113 -12.11 -11.37 -16.97
CA MET A 113 -13.49 -11.81 -16.99
C MET A 113 -13.71 -12.99 -16.04
N GLU A 114 -14.37 -12.74 -14.91
CA GLU A 114 -14.64 -13.78 -13.94
C GLU A 114 -15.94 -13.51 -13.19
N GLU A 115 -16.60 -14.58 -12.77
CA GLU A 115 -17.87 -14.47 -12.05
C GLU A 115 -17.77 -13.39 -10.97
N PRO A 116 -18.78 -12.50 -10.93
CA PRO A 116 -18.84 -11.40 -9.96
C PRO A 116 -19.10 -11.90 -8.55
N VAL A 117 -18.50 -11.24 -7.57
CA VAL A 117 -18.68 -11.61 -6.16
C VAL A 117 -19.16 -10.43 -5.34
N ILE A 118 -20.40 -10.53 -4.85
CA ILE A 118 -20.98 -9.47 -4.03
C ILE A 118 -21.70 -10.05 -2.82
N ILE A 119 -21.28 -9.63 -1.63
CA ILE A 119 -21.88 -10.10 -0.39
C ILE A 119 -23.20 -9.39 -0.12
N THR A 120 -23.27 -8.11 -0.50
CA THR A 120 -24.48 -7.32 -0.31
C THR A 120 -24.70 -6.34 -1.46
N ARG A 121 -25.92 -6.30 -1.97
CA ARG A 121 -26.25 -5.41 -3.07
C ARG A 121 -27.09 -4.23 -2.59
N ASN A 122 -26.89 -3.07 -3.22
CA ASN A 122 -27.62 -1.87 -2.85
C ASN A 122 -27.98 -1.05 -4.09
N SER A 123 -29.28 -0.87 -4.32
CA SER A 123 -29.76 -0.12 -5.47
C SER A 123 -28.98 1.18 -5.63
N HIS A 124 -28.95 1.71 -6.84
CA HIS A 124 -28.24 2.95 -7.13
C HIS A 124 -29.06 4.16 -6.67
N PRO A 125 -28.36 5.19 -6.17
CA PRO A 125 -29.00 6.42 -5.69
C PRO A 125 -29.58 7.24 -6.83
N ALA A 126 -30.69 7.92 -6.55
CA ALA A 126 -31.34 8.75 -7.56
C ALA A 126 -30.71 10.14 -7.61
N GLU A 127 -29.99 10.41 -8.69
CA GLU A 127 -29.33 11.70 -8.87
C GLU A 127 -30.23 12.66 -9.65
N LEU A 128 -30.10 13.95 -9.33
CA LEU A 128 -30.91 14.97 -10.01
C LEU A 128 -30.03 16.14 -10.46
N ASP A 129 -30.53 16.92 -11.41
CA ASP A 129 -29.79 18.07 -11.93
C ASP A 129 -30.69 18.93 -12.81
N LEU A 130 -30.28 20.18 -13.02
CA LEU A 130 -31.05 21.11 -13.83
C LEU A 130 -30.27 21.50 -15.09
N PRO A 131 -30.98 21.71 -16.20
CA PRO A 131 -30.37 22.09 -17.48
C PRO A 131 -29.82 23.51 -17.46
N ARG A 132 -28.98 23.83 -18.43
CA ARG A 132 -28.39 25.16 -18.52
C ARG A 132 -28.97 25.94 -19.69
N ALA A 133 -28.59 27.20 -19.80
CA ALA A 133 -29.07 28.06 -20.89
C ALA A 133 -27.94 28.45 -21.83
N PRO A 134 -28.25 28.49 -23.14
CA PRO A 134 -27.28 28.84 -24.17
C PRO A 134 -26.88 30.32 -24.11
N GLN A 135 -26.16 30.78 -25.13
CA GLN A 135 -25.73 32.16 -25.20
C GLN A 135 -26.48 32.92 -26.28
N PRO A 136 -26.85 34.17 -25.98
CA PRO A 136 -27.57 35.04 -26.91
C PRO A 136 -26.73 35.46 -28.11
N PRO A 137 -27.25 35.27 -29.31
CA PRO A 137 -26.56 35.63 -30.56
C PRO A 137 -26.45 37.14 -30.74
N ASN A 138 -25.48 37.56 -31.55
CA ASN A 138 -25.27 38.98 -31.82
C ASN A 138 -24.98 39.22 -33.29
N ALA A 139 -25.68 40.18 -33.88
CA ALA A 139 -25.51 40.51 -35.28
C ALA A 139 -26.06 41.90 -35.60
N LEU A 140 -25.83 42.36 -36.82
CA LEU A 140 -26.31 43.67 -37.24
C LEU A 140 -26.33 43.77 -38.77
N GLY A 141 -26.78 44.92 -39.27
CA GLY A 141 -26.85 45.14 -40.70
C GLY A 141 -26.91 46.61 -41.07
N TYR A 142 -26.80 46.89 -42.36
CA TYR A 142 -26.85 48.27 -42.85
C TYR A 142 -27.81 48.40 -44.03
N THR A 143 -28.00 49.62 -44.50
CA THR A 143 -28.88 49.89 -45.63
C THR A 143 -28.48 51.17 -46.35
N VAL A 144 -28.28 51.06 -47.67
CA VAL A 144 -27.90 52.21 -48.47
C VAL A 144 -29.06 52.68 -49.34
N SER A 145 -29.14 53.99 -49.54
CA SER A 145 -30.22 54.57 -50.35
C SER A 145 -29.74 55.85 -51.03
N SER A 146 -30.43 56.23 -52.11
CA SER A 146 -30.08 57.43 -52.86
C SER A 146 -31.33 58.23 -53.22
N LEU B 1 -4.07 -0.10 15.77
CA LEU B 1 -3.04 0.84 15.32
C LEU B 1 -3.38 2.26 15.74
N PHE B 2 -2.47 3.19 15.48
CA PHE B 2 -2.68 4.59 15.83
C PHE B 2 -3.35 5.35 14.70
N ARG B 3 -4.53 5.89 14.98
CA ARG B 3 -5.29 6.64 13.99
C ARG B 3 -4.79 8.08 13.89
N LEU B 4 -4.53 8.52 12.67
CA LEU B 4 -4.04 9.88 12.44
C LEU B 4 -5.18 10.83 12.12
N ARG B 5 -4.86 12.09 11.88
CA ARG B 5 -5.86 13.10 11.57
C ARG B 5 -5.64 13.68 10.18
N HIS B 6 -4.39 13.67 9.73
CA HIS B 6 -4.05 14.19 8.42
C HIS B 6 -2.95 13.35 7.77
N PHE B 7 -2.79 13.52 6.46
CA PHE B 7 -1.78 12.77 5.71
C PHE B 7 -0.44 13.52 5.70
N PRO B 8 0.59 12.90 6.29
CA PRO B 8 1.93 13.48 6.36
C PRO B 8 2.61 13.53 5.00
N CYS B 9 2.63 12.39 4.30
CA CYS B 9 3.24 12.30 2.99
C CYS B 9 2.74 13.41 2.08
N GLY B 10 3.65 14.00 1.30
CA GLY B 10 3.27 15.07 0.40
C GLY B 10 3.18 14.60 -1.04
N ASN B 11 4.23 13.96 -1.53
CA ASN B 11 4.25 13.47 -2.90
C ASN B 11 3.50 12.14 -3.01
N VAL B 12 2.26 12.20 -3.47
CA VAL B 12 1.43 11.01 -3.62
C VAL B 12 0.99 10.83 -5.07
N ASN B 13 1.04 9.60 -5.55
CA ASN B 13 0.64 9.30 -6.92
C ASN B 13 -0.58 8.38 -6.94
N TYR B 14 -1.76 8.96 -6.82
CA TYR B 14 -3.00 8.19 -6.81
C TYR B 14 -2.89 6.99 -7.74
N GLY B 15 -3.60 5.91 -7.40
CA GLY B 15 -3.57 4.71 -8.21
C GLY B 15 -4.93 4.37 -8.80
N TYR B 16 -5.79 3.81 -7.97
CA TYR B 16 -7.14 3.43 -8.42
C TYR B 16 -7.93 4.65 -8.83
N GLN B 17 -7.62 5.19 -10.01
CA GLN B 17 -8.32 6.37 -10.52
C GLN B 17 -9.75 6.03 -10.91
N GLN B 18 -10.70 6.79 -10.39
CA GLN B 18 -12.11 6.57 -10.68
C GLN B 18 -12.65 7.67 -11.59
N GLN B 19 -13.90 7.52 -12.01
CA GLN B 19 -14.54 8.49 -12.89
C GLN B 19 -15.90 8.91 -12.33
N GLY A 1 4.81 -6.17 -13.94
CA GLY A 1 5.77 -6.07 -12.85
C GLY A 1 5.55 -7.13 -11.79
N SER A 2 6.53 -8.03 -11.64
CA SER A 2 6.45 -9.09 -10.66
C SER A 2 7.78 -9.82 -10.52
N SER A 3 8.06 -10.30 -9.32
CA SER A 3 9.32 -11.01 -9.05
C SER A 3 9.19 -11.87 -7.80
N GLY A 4 9.33 -13.18 -7.98
CA GLY A 4 9.24 -14.10 -6.85
C GLY A 4 10.34 -15.14 -6.86
N SER A 5 10.93 -15.39 -5.70
CA SER A 5 12.01 -16.37 -5.58
C SER A 5 11.97 -17.04 -4.21
N SER A 6 11.63 -18.33 -4.20
CA SER A 6 11.56 -19.09 -2.95
C SER A 6 12.95 -19.53 -2.51
N GLY A 7 13.06 -19.93 -1.25
CA GLY A 7 14.34 -20.38 -0.72
C GLY A 7 14.23 -20.90 0.70
N LEU A 8 14.14 -22.21 0.83
CA LEU A 8 14.03 -22.84 2.15
C LEU A 8 15.38 -22.89 2.85
N ASN A 9 15.76 -21.78 3.47
CA ASN A 9 17.04 -21.70 4.18
C ASN A 9 17.02 -20.56 5.20
N ARG A 10 17.77 -20.74 6.29
CA ARG A 10 17.84 -19.73 7.33
C ARG A 10 18.78 -18.59 6.93
N ASP A 11 18.22 -17.40 6.80
CA ASP A 11 19.01 -16.22 6.42
C ASP A 11 18.41 -14.96 7.02
N SER A 12 19.10 -14.41 8.01
CA SER A 12 18.64 -13.19 8.67
C SER A 12 17.95 -12.25 7.69
N VAL A 13 16.78 -11.76 8.05
CA VAL A 13 16.03 -10.85 7.19
C VAL A 13 16.59 -9.43 7.27
N PRO A 14 17.18 -8.98 6.15
CA PRO A 14 17.77 -7.64 6.06
C PRO A 14 16.71 -6.54 6.07
N ASP A 15 17.11 -5.35 6.51
CA ASP A 15 16.19 -4.21 6.56
C ASP A 15 16.14 -3.49 5.22
N ASN A 16 16.87 -4.02 4.24
CA ASN A 16 16.91 -3.42 2.91
C ASN A 16 16.21 -4.32 1.89
N HIS A 17 15.75 -5.48 2.34
CA HIS A 17 15.06 -6.42 1.47
C HIS A 17 14.10 -5.70 0.55
N PRO A 18 14.16 -6.03 -0.75
CA PRO A 18 13.29 -5.42 -1.77
C PRO A 18 11.83 -5.87 -1.62
N THR A 19 11.64 -7.11 -1.18
CA THR A 19 10.30 -7.64 -1.01
C THR A 19 9.82 -7.47 0.43
N LYS A 20 10.77 -7.30 1.35
CA LYS A 20 10.45 -7.12 2.76
C LYS A 20 10.89 -5.74 3.24
N PHE A 21 10.02 -5.08 4.00
CA PHE A 21 10.32 -3.75 4.53
C PHE A 21 9.90 -3.65 5.99
N LYS A 22 10.88 -3.39 6.86
CA LYS A 22 10.60 -3.26 8.29
C LYS A 22 10.13 -1.85 8.63
N VAL A 23 8.88 -1.74 9.05
CA VAL A 23 8.32 -0.45 9.42
C VAL A 23 8.13 -0.34 10.93
N THR A 24 7.53 0.76 11.36
CA THR A 24 7.30 1.00 12.78
C THR A 24 6.19 2.03 13.00
N ASN A 25 5.05 1.55 13.50
CA ASN A 25 3.91 2.42 13.75
C ASN A 25 4.30 3.60 14.64
N VAL A 26 4.29 4.79 14.05
CA VAL A 26 4.65 6.01 14.78
C VAL A 26 3.46 6.97 14.88
N ASP A 27 3.68 8.09 15.55
CA ASP A 27 2.62 9.09 15.71
C ASP A 27 3.01 10.39 15.01
N ASP A 28 2.16 11.40 15.16
CA ASP A 28 2.41 12.71 14.54
C ASP A 28 3.83 13.18 14.83
N GLU A 29 4.23 13.12 16.10
CA GLU A 29 5.57 13.54 16.49
C GLU A 29 6.64 12.71 15.79
N GLY A 30 6.37 11.42 15.64
CA GLY A 30 7.32 10.53 14.99
C GLY A 30 7.86 9.47 15.91
N VAL A 31 7.31 9.41 17.13
CA VAL A 31 7.74 8.43 18.12
C VAL A 31 7.46 7.01 17.64
N GLU A 32 8.08 6.04 18.29
CA GLU A 32 7.90 4.63 17.93
C GLU A 32 6.92 3.94 18.88
N LEU A 33 5.71 3.71 18.39
CA LEU A 33 4.69 3.06 19.20
C LEU A 33 4.78 1.54 19.09
N GLY A 34 4.65 1.02 17.88
CA GLY A 34 4.74 -0.42 17.67
C GLY A 34 5.54 -0.77 16.43
N SER A 35 6.51 -1.67 16.58
CA SER A 35 7.35 -2.10 15.47
C SER A 35 6.67 -3.20 14.67
N GLY A 36 6.82 -3.16 13.36
CA GLY A 36 6.22 -4.16 12.50
C GLY A 36 6.92 -4.27 11.15
N VAL A 37 6.58 -5.31 10.40
CA VAL A 37 7.18 -5.52 9.08
C VAL A 37 6.11 -5.53 7.98
N MET A 38 6.25 -4.62 7.03
CA MET A 38 5.31 -4.52 5.93
C MET A 38 5.77 -5.37 4.74
N GLU A 39 4.85 -6.16 4.20
CA GLU A 39 5.15 -7.03 3.07
C GLU A 39 4.30 -6.66 1.86
N LEU A 40 4.95 -6.50 0.71
CA LEU A 40 4.26 -6.15 -0.53
C LEU A 40 4.05 -7.37 -1.40
N THR A 41 2.86 -7.96 -1.31
CA THR A 41 2.53 -9.14 -2.10
C THR A 41 1.45 -8.83 -3.13
N GLN A 42 1.63 -9.36 -4.34
CA GLN A 42 0.67 -9.13 -5.41
C GLN A 42 -0.76 -9.06 -4.87
N SER A 43 -1.04 -9.88 -3.87
CA SER A 43 -2.37 -9.92 -3.25
C SER A 43 -2.70 -8.58 -2.62
N GLU A 44 -1.98 -8.23 -1.56
CA GLU A 44 -2.21 -6.98 -0.86
C GLU A 44 -1.12 -6.73 0.19
N LEU A 45 -1.28 -5.65 0.95
CA LEU A 45 -0.31 -5.31 1.99
C LEU A 45 -0.65 -5.99 3.30
N VAL A 46 0.36 -6.58 3.94
CA VAL A 46 0.16 -7.27 5.21
C VAL A 46 1.25 -6.87 6.22
N LEU A 47 0.83 -6.67 7.46
CA LEU A 47 1.77 -6.30 8.51
C LEU A 47 2.13 -7.50 9.38
N HIS A 48 3.24 -7.40 10.10
CA HIS A 48 3.70 -8.47 10.97
C HIS A 48 4.01 -7.95 12.37
N LEU A 49 3.16 -8.28 13.33
CA LEU A 49 3.37 -7.85 14.71
C LEU A 49 3.41 -9.04 15.66
N HIS A 50 3.50 -8.76 16.95
CA HIS A 50 3.55 -9.81 17.96
C HIS A 50 2.34 -9.72 18.90
N ARG A 51 2.38 -8.75 19.80
CA ARG A 51 1.30 -8.56 20.76
C ARG A 51 -0.06 -8.56 20.06
N ARG A 52 -0.21 -7.67 19.08
CA ARG A 52 -1.45 -7.57 18.32
C ARG A 52 -1.52 -8.65 17.24
N GLU A 53 -2.56 -8.59 16.42
CA GLU A 53 -2.74 -9.56 15.35
C GLU A 53 -2.20 -9.01 14.03
N ALA A 54 -2.29 -9.82 12.98
CA ALA A 54 -1.82 -9.43 11.66
C ALA A 54 -2.85 -8.58 10.94
N VAL A 55 -2.40 -7.46 10.36
CA VAL A 55 -3.29 -6.56 9.64
C VAL A 55 -3.04 -6.64 8.14
N ARG A 56 -4.09 -6.37 7.36
CA ARG A 56 -4.00 -6.41 5.91
C ARG A 56 -4.77 -5.25 5.29
N TRP A 57 -4.45 -4.94 4.03
CA TRP A 57 -5.12 -3.86 3.31
C TRP A 57 -5.12 -4.11 1.81
N PRO A 58 -6.31 -4.32 1.24
CA PRO A 58 -6.48 -4.58 -0.19
C PRO A 58 -6.17 -3.35 -1.03
N TYR A 59 -5.24 -3.50 -1.96
CA TYR A 59 -4.85 -2.40 -2.85
C TYR A 59 -6.08 -1.60 -3.27
N LEU A 60 -7.23 -2.24 -3.27
CA LEU A 60 -8.48 -1.57 -3.65
C LEU A 60 -8.86 -0.50 -2.65
N CYS A 61 -9.16 -0.91 -1.42
CA CYS A 61 -9.53 0.03 -0.37
C CYS A 61 -8.60 1.24 -0.36
N LEU A 62 -7.32 0.99 -0.59
CA LEU A 62 -6.32 2.06 -0.61
C LEU A 62 -6.77 3.20 -1.51
N ARG A 63 -7.05 4.35 -0.91
CA ARG A 63 -7.49 5.53 -1.65
C ARG A 63 -6.31 6.44 -1.96
N ARG A 64 -5.35 6.48 -1.04
CA ARG A 64 -4.17 7.32 -1.21
C ARG A 64 -2.94 6.68 -0.56
N TYR A 65 -1.85 6.61 -1.31
CA TYR A 65 -0.61 6.03 -0.79
C TYR A 65 0.61 6.78 -1.32
N GLY A 66 1.26 7.52 -0.44
CA GLY A 66 2.43 8.28 -0.82
C GLY A 66 3.68 7.88 -0.04
N TYR A 67 4.69 8.73 -0.07
CA TYR A 67 5.94 8.46 0.64
C TYR A 67 6.58 9.75 1.12
N ASP A 68 7.64 9.62 1.92
CA ASP A 68 8.35 10.77 2.44
C ASP A 68 9.65 10.35 3.11
N SER A 69 10.34 11.31 3.72
CA SER A 69 11.61 11.04 4.39
C SER A 69 11.41 10.07 5.55
N ASN A 70 11.92 8.85 5.38
CA ASN A 70 11.80 7.83 6.43
C ASN A 70 10.39 7.80 6.99
N LEU A 71 9.41 8.10 6.16
CA LEU A 71 8.01 8.10 6.58
C LEU A 71 7.11 7.48 5.51
N PHE A 72 6.32 6.50 5.92
CA PHE A 72 5.41 5.83 4.99
C PHE A 72 4.04 5.64 5.62
N SER A 73 3.04 6.30 5.05
CA SER A 73 1.68 6.21 5.57
C SER A 73 0.68 6.00 4.43
N PHE A 74 -0.48 5.45 4.76
CA PHE A 74 -1.52 5.19 3.77
C PHE A 74 -2.91 5.29 4.39
N GLU A 75 -3.84 5.90 3.67
CA GLU A 75 -5.20 6.07 4.14
C GLU A 75 -6.12 4.99 3.56
N SER A 76 -7.26 4.76 4.22
CA SER A 76 -8.20 3.76 3.76
C SER A 76 -9.62 4.09 4.25
N GLY A 77 -10.62 3.64 3.51
CA GLY A 77 -12.00 3.89 3.88
C GLY A 77 -12.33 3.35 5.25
N ARG A 78 -13.61 3.03 5.47
CA ARG A 78 -14.07 2.51 6.74
C ARG A 78 -14.54 1.06 6.60
N ARG A 79 -14.77 0.64 5.36
CA ARG A 79 -15.22 -0.72 5.08
C ARG A 79 -14.10 -1.73 5.34
N CYS A 80 -12.88 -1.22 5.48
CA CYS A 80 -11.73 -2.08 5.73
C CYS A 80 -11.75 -2.63 7.16
N GLN A 81 -10.76 -3.45 7.48
CA GLN A 81 -10.67 -4.03 8.81
C GLN A 81 -10.41 -2.97 9.87
N THR A 82 -9.20 -2.42 9.86
CA THR A 82 -8.82 -1.39 10.81
C THR A 82 -9.85 -0.26 10.85
N GLY A 83 -10.46 0.00 9.71
CA GLY A 83 -11.46 1.06 9.62
C GLY A 83 -10.87 2.39 9.18
N GLN A 84 -11.67 3.44 9.25
CA GLN A 84 -11.23 4.77 8.85
C GLN A 84 -10.04 5.22 9.69
N GLY A 85 -9.25 6.14 9.14
CA GLY A 85 -8.10 6.65 9.87
C GLY A 85 -6.81 6.45 9.10
N ILE A 86 -5.86 7.37 9.30
CA ILE A 86 -4.57 7.30 8.62
C ILE A 86 -3.50 6.67 9.52
N PHE A 87 -2.84 5.64 9.01
CA PHE A 87 -1.80 4.97 9.77
C PHE A 87 -0.43 5.23 9.16
N ALA A 88 0.48 5.76 9.98
CA ALA A 88 1.84 6.06 9.51
C ALA A 88 2.85 5.11 10.15
N PHE A 89 3.97 4.90 9.46
CA PHE A 89 5.02 4.03 9.96
C PHE A 89 6.39 4.50 9.50
N LYS A 90 7.40 4.28 10.34
CA LYS A 90 8.76 4.69 10.02
C LYS A 90 9.50 3.59 9.28
N CYS A 91 9.88 3.87 8.04
CA CYS A 91 10.60 2.90 7.21
C CYS A 91 11.88 3.50 6.66
N SER A 92 12.76 2.65 6.14
CA SER A 92 14.03 3.09 5.58
C SER A 92 13.91 3.31 4.07
N ARG A 93 13.12 2.47 3.42
CA ARG A 93 12.92 2.57 1.97
C ARG A 93 11.49 2.98 1.65
N ALA A 94 11.01 4.01 2.34
CA ALA A 94 9.65 4.50 2.12
C ALA A 94 9.34 4.61 0.64
N GLU A 95 10.18 5.34 -0.10
CA GLU A 95 9.99 5.52 -1.53
C GLU A 95 9.81 4.17 -2.23
N GLU A 96 10.79 3.28 -2.06
CA GLU A 96 10.74 1.97 -2.68
C GLU A 96 9.32 1.40 -2.64
N ILE A 97 8.74 1.34 -1.45
CA ILE A 97 7.39 0.83 -1.27
C ILE A 97 6.39 1.64 -2.08
N PHE A 98 6.65 2.94 -2.20
CA PHE A 98 5.76 3.82 -2.95
C PHE A 98 5.98 3.68 -4.45
N ASN A 99 7.15 3.16 -4.82
CA ASN A 99 7.49 2.97 -6.22
C ASN A 99 7.08 1.57 -6.69
N LEU A 100 7.07 0.62 -5.77
CA LEU A 100 6.70 -0.75 -6.08
C LEU A 100 5.19 -0.94 -6.01
N LEU A 101 4.55 -0.25 -5.08
CA LEU A 101 3.10 -0.33 -4.90
C LEU A 101 2.39 -0.20 -6.24
N GLN A 102 2.53 0.96 -6.88
CA GLN A 102 1.89 1.22 -8.17
C GLN A 102 2.27 0.13 -9.18
N ASP A 103 3.48 -0.39 -9.05
CA ASP A 103 3.96 -1.43 -9.95
C ASP A 103 3.18 -2.73 -9.74
N LEU A 104 2.65 -2.91 -8.53
CA LEU A 104 1.89 -4.10 -8.19
C LEU A 104 0.41 -3.92 -8.50
N MET A 105 -0.07 -2.69 -8.33
CA MET A 105 -1.48 -2.37 -8.60
C MET A 105 -1.77 -2.49 -10.09
N GLN A 106 -1.11 -1.66 -10.90
CA GLN A 106 -1.31 -1.68 -12.33
C GLN A 106 -1.42 -3.11 -12.86
N CYS A 107 -0.61 -4.00 -12.31
CA CYS A 107 -0.61 -5.39 -12.72
C CYS A 107 -2.04 -5.89 -12.94
N ASN A 108 -2.92 -5.57 -11.99
CA ASN A 108 -4.31 -5.98 -12.07
C ASN A 108 -4.44 -7.50 -11.94
N SER A 109 -3.88 -8.05 -10.88
CA SER A 109 -3.92 -9.49 -10.64
C SER A 109 -5.22 -10.08 -11.15
N ILE A 110 -5.13 -11.23 -11.83
CA ILE A 110 -6.30 -11.90 -12.36
C ILE A 110 -6.63 -13.16 -11.57
N ASN A 111 -5.67 -14.09 -11.51
CA ASN A 111 -5.87 -15.34 -10.78
C ASN A 111 -6.37 -15.07 -9.37
N VAL A 112 -6.16 -13.84 -8.89
CA VAL A 112 -6.60 -13.46 -7.55
C VAL A 112 -8.09 -13.67 -7.38
N MET A 113 -8.85 -13.35 -8.43
CA MET A 113 -10.31 -13.51 -8.41
C MET A 113 -10.88 -13.04 -7.06
N GLU A 114 -10.51 -11.82 -6.66
CA GLU A 114 -10.98 -11.25 -5.41
C GLU A 114 -11.88 -10.05 -5.66
N GLU A 115 -12.74 -10.15 -6.68
CA GLU A 115 -13.65 -9.06 -7.02
C GLU A 115 -14.95 -9.61 -7.60
N PRO A 116 -16.00 -8.78 -7.58
CA PRO A 116 -17.32 -9.16 -8.10
C PRO A 116 -17.32 -9.29 -9.62
N VAL A 117 -18.45 -9.74 -10.17
CA VAL A 117 -18.59 -9.91 -11.60
C VAL A 117 -18.01 -8.72 -12.35
N ILE A 118 -16.90 -8.93 -13.03
CA ILE A 118 -16.24 -7.87 -13.79
C ILE A 118 -15.58 -8.43 -15.04
N ILE A 119 -15.59 -7.64 -16.12
CA ILE A 119 -14.98 -8.05 -17.37
C ILE A 119 -13.55 -7.56 -17.48
N THR A 120 -12.61 -8.49 -17.65
CA THR A 120 -11.20 -8.13 -17.77
C THR A 120 -10.47 -9.13 -18.66
N ARG A 121 -9.20 -8.81 -18.97
CA ARG A 121 -8.39 -9.68 -19.82
C ARG A 121 -7.67 -10.73 -18.99
N ASN A 122 -7.95 -11.99 -19.27
CA ASN A 122 -7.33 -13.10 -18.55
C ASN A 122 -5.81 -13.06 -18.71
N SER A 123 -5.11 -13.61 -17.72
CA SER A 123 -3.64 -13.64 -17.75
C SER A 123 -3.10 -14.55 -16.66
N HIS A 124 -1.79 -14.74 -16.66
CA HIS A 124 -1.13 -15.60 -15.67
C HIS A 124 0.31 -15.15 -15.44
N PRO A 125 0.64 -14.88 -14.17
CA PRO A 125 2.00 -14.44 -13.79
C PRO A 125 3.02 -15.56 -13.93
N ALA A 126 4.20 -15.33 -13.36
CA ALA A 126 5.28 -16.33 -13.41
C ALA A 126 6.16 -16.25 -12.17
N GLU A 127 7.04 -17.24 -12.01
CA GLU A 127 7.94 -17.29 -10.87
C GLU A 127 9.20 -18.07 -11.20
N LEU A 128 10.06 -18.24 -10.20
CA LEU A 128 11.31 -18.97 -10.40
C LEU A 128 11.80 -19.56 -9.07
N ASP A 129 12.96 -20.22 -9.12
CA ASP A 129 13.53 -20.82 -7.92
C ASP A 129 15.05 -20.94 -8.06
N LEU A 130 15.71 -21.22 -6.94
CA LEU A 130 17.17 -21.36 -6.93
C LEU A 130 17.58 -22.77 -6.54
N PRO A 131 18.62 -23.29 -7.20
CA PRO A 131 19.14 -24.64 -6.95
C PRO A 131 19.83 -24.75 -5.59
N ARG A 132 20.47 -25.88 -5.35
CA ARG A 132 21.17 -26.11 -4.10
C ARG A 132 22.65 -26.40 -4.33
N ALA A 133 23.50 -25.72 -3.58
CA ALA A 133 24.94 -25.89 -3.70
C ALA A 133 25.45 -26.99 -2.77
N PRO A 134 26.43 -27.77 -3.25
CA PRO A 134 27.02 -28.86 -2.48
C PRO A 134 27.85 -28.36 -1.29
N GLN A 135 28.68 -29.23 -0.74
CA GLN A 135 29.52 -28.88 0.39
C GLN A 135 30.88 -29.58 0.31
N PRO A 136 31.95 -28.85 0.67
CA PRO A 136 33.31 -29.39 0.64
C PRO A 136 33.55 -30.45 1.70
N PRO A 137 34.43 -31.41 1.39
CA PRO A 137 34.77 -32.50 2.32
C PRO A 137 35.56 -32.02 3.53
N ASN A 138 36.13 -32.96 4.27
CA ASN A 138 36.91 -32.63 5.45
C ASN A 138 38.19 -33.45 5.50
N ALA A 139 38.96 -33.29 6.57
CA ALA A 139 40.21 -34.01 6.75
C ALA A 139 40.25 -34.73 8.09
N LEU A 140 41.37 -35.39 8.36
CA LEU A 140 41.53 -36.12 9.62
C LEU A 140 42.94 -35.95 10.17
N GLY A 141 43.17 -36.44 11.38
CA GLY A 141 44.48 -36.34 12.00
C GLY A 141 45.06 -37.68 12.37
N TYR A 142 45.94 -37.69 13.36
CA TYR A 142 46.58 -38.93 13.81
C TYR A 142 46.90 -38.86 15.30
N THR A 143 47.46 -39.95 15.83
CA THR A 143 47.82 -40.03 17.23
C THR A 143 49.01 -40.94 17.45
N VAL A 144 49.68 -40.77 18.59
CA VAL A 144 50.85 -41.59 18.91
C VAL A 144 50.44 -43.04 19.17
N SER A 145 51.43 -43.88 19.44
CA SER A 145 51.19 -45.30 19.70
C SER A 145 52.45 -46.00 20.18
N SER A 146 52.36 -47.31 20.39
CA SER A 146 53.50 -48.09 20.86
C SER A 146 54.00 -47.57 22.21
N LEU B 1 -3.69 0.70 15.57
CA LEU B 1 -2.82 1.62 14.84
C LEU B 1 -3.13 3.06 15.20
N PHE B 2 -2.12 3.92 15.14
CA PHE B 2 -2.28 5.33 15.46
C PHE B 2 -2.99 6.06 14.32
N ARG B 3 -3.82 7.04 14.69
CA ARG B 3 -4.56 7.81 13.70
C ARG B 3 -3.97 9.21 13.55
N LEU B 4 -3.84 9.67 12.31
CA LEU B 4 -3.29 10.99 12.04
C LEU B 4 -4.38 11.96 11.61
N ARG B 5 -4.05 13.25 11.59
CA ARG B 5 -5.01 14.27 11.22
C ARG B 5 -4.75 14.77 9.80
N HIS B 6 -3.47 14.92 9.46
CA HIS B 6 -3.08 15.38 8.14
C HIS B 6 -2.00 14.49 7.54
N PHE B 7 -2.23 14.01 6.33
CA PHE B 7 -1.28 13.14 5.65
C PHE B 7 0.11 13.76 5.64
N PRO B 8 1.08 13.04 6.24
CA PRO B 8 2.47 13.49 6.32
C PRO B 8 3.16 13.47 4.97
N CYS B 9 2.95 12.40 4.21
CA CYS B 9 3.55 12.26 2.89
C CYS B 9 2.98 13.28 1.92
N GLY B 10 3.85 14.02 1.26
CA GLY B 10 3.41 15.02 0.31
C GLY B 10 3.18 14.44 -1.08
N ASN B 11 4.26 14.20 -1.81
CA ASN B 11 4.18 13.65 -3.16
C ASN B 11 3.49 12.28 -3.14
N VAL B 12 2.31 12.21 -3.74
CA VAL B 12 1.56 10.97 -3.79
C VAL B 12 1.02 10.70 -5.19
N ASN B 13 0.83 9.43 -5.52
CA ASN B 13 0.33 9.04 -6.84
C ASN B 13 -0.82 8.05 -6.71
N TYR B 14 -2.01 8.57 -6.42
CA TYR B 14 -3.19 7.73 -6.26
C TYR B 14 -3.17 6.58 -7.27
N GLY B 15 -3.67 5.43 -6.85
CA GLY B 15 -3.71 4.27 -7.72
C GLY B 15 -5.11 3.93 -8.19
N TYR B 16 -5.72 2.93 -7.56
CA TYR B 16 -7.07 2.51 -7.92
C TYR B 16 -8.00 3.71 -8.04
N GLN B 17 -7.97 4.58 -7.03
CA GLN B 17 -8.80 5.78 -7.02
C GLN B 17 -10.15 5.50 -7.70
N GLN B 18 -10.81 4.43 -7.28
CA GLN B 18 -12.10 4.05 -7.84
C GLN B 18 -13.09 5.21 -7.75
N GLN B 19 -14.10 5.20 -8.61
CA GLN B 19 -15.11 6.25 -8.62
C GLN B 19 -16.51 5.65 -8.62
N GLY A 1 38.06 -2.63 -20.04
CA GLY A 1 37.12 -3.73 -20.10
C GLY A 1 37.09 -4.55 -18.83
N SER A 2 35.94 -5.13 -18.52
CA SER A 2 35.79 -5.94 -17.32
C SER A 2 34.44 -6.66 -17.32
N SER A 3 34.39 -7.80 -16.63
CA SER A 3 33.17 -8.60 -16.55
C SER A 3 33.25 -9.62 -15.43
N GLY A 4 32.10 -10.04 -14.93
CA GLY A 4 32.07 -11.03 -13.86
C GLY A 4 30.70 -11.15 -13.23
N SER A 5 30.59 -12.00 -12.21
CA SER A 5 29.33 -12.22 -11.53
C SER A 5 29.54 -12.87 -10.16
N SER A 6 28.60 -12.66 -9.25
CA SER A 6 28.69 -13.22 -7.92
C SER A 6 27.31 -13.30 -7.27
N GLY A 7 26.98 -14.48 -6.74
CA GLY A 7 25.69 -14.67 -6.09
C GLY A 7 25.81 -14.80 -4.59
N LEU A 8 24.71 -14.55 -3.89
CA LEU A 8 24.69 -14.63 -2.43
C LEU A 8 23.34 -15.12 -1.94
N ASN A 9 23.32 -15.61 -0.70
CA ASN A 9 22.09 -16.12 -0.10
C ASN A 9 22.03 -15.79 1.39
N ARG A 10 20.86 -15.40 1.86
CA ARG A 10 20.67 -15.07 3.26
C ARG A 10 19.45 -15.78 3.84
N ASP A 11 19.54 -16.18 5.10
CA ASP A 11 18.44 -16.87 5.78
C ASP A 11 17.50 -15.87 6.42
N SER A 12 18.01 -15.11 7.39
CA SER A 12 17.21 -14.12 8.10
C SER A 12 16.84 -12.96 7.18
N VAL A 13 15.63 -12.44 7.36
CA VAL A 13 15.15 -11.32 6.55
C VAL A 13 15.99 -10.07 6.78
N PRO A 14 16.64 -9.59 5.72
CA PRO A 14 17.49 -8.39 5.78
C PRO A 14 16.68 -7.12 5.98
N ASP A 15 17.32 -6.08 6.51
CA ASP A 15 16.66 -4.81 6.75
C ASP A 15 16.38 -4.09 5.44
N ASN A 16 16.78 -4.71 4.33
CA ASN A 16 16.57 -4.12 3.01
C ASN A 16 16.00 -5.16 2.04
N HIS A 17 15.12 -6.01 2.54
CA HIS A 17 14.49 -7.04 1.72
C HIS A 17 13.52 -6.44 0.72
N PRO A 18 13.49 -7.01 -0.49
CA PRO A 18 12.60 -6.54 -1.57
C PRO A 18 11.13 -6.83 -1.27
N THR A 19 10.86 -8.05 -0.84
CA THR A 19 9.49 -8.46 -0.52
C THR A 19 9.12 -8.08 0.91
N LYS A 20 10.12 -7.99 1.77
CA LYS A 20 9.90 -7.63 3.17
C LYS A 20 10.43 -6.23 3.46
N PHE A 21 9.69 -5.48 4.28
CA PHE A 21 10.09 -4.13 4.64
C PHE A 21 9.83 -3.86 6.11
N LYS A 22 10.89 -3.82 6.91
CA LYS A 22 10.78 -3.57 8.34
C LYS A 22 10.35 -2.13 8.61
N VAL A 23 9.11 -1.97 9.08
CA VAL A 23 8.57 -0.65 9.37
C VAL A 23 8.33 -0.47 10.87
N THR A 24 8.13 0.77 11.30
CA THR A 24 7.89 1.07 12.71
C THR A 24 6.71 2.02 12.87
N ASN A 25 5.57 1.49 13.27
CA ASN A 25 4.38 2.29 13.47
C ASN A 25 4.65 3.46 14.41
N VAL A 26 4.33 4.66 13.96
CA VAL A 26 4.54 5.86 14.76
C VAL A 26 3.26 6.67 14.90
N ASP A 27 3.34 7.79 15.61
CA ASP A 27 2.18 8.65 15.82
C ASP A 27 2.32 9.95 15.03
N ASP A 28 1.35 10.85 15.20
CA ASP A 28 1.36 12.12 14.49
C ASP A 28 2.67 12.86 14.73
N GLU A 29 3.17 12.79 15.97
CA GLU A 29 4.42 13.46 16.32
C GLU A 29 5.60 12.82 15.61
N GLY A 30 5.53 11.49 15.44
CA GLY A 30 6.61 10.77 14.79
C GLY A 30 7.36 9.87 15.73
N VAL A 31 6.76 9.57 16.88
CA VAL A 31 7.39 8.71 17.88
C VAL A 31 7.25 7.24 17.49
N GLU A 32 8.05 6.39 18.13
CA GLU A 32 8.02 4.96 17.86
C GLU A 32 7.20 4.23 18.91
N LEU A 33 6.03 3.75 18.51
CA LEU A 33 5.14 3.02 19.41
C LEU A 33 5.43 1.53 19.36
N GLY A 34 5.35 0.94 18.17
CA GLY A 34 5.61 -0.47 18.02
C GLY A 34 6.19 -0.81 16.66
N SER A 35 7.11 -1.78 16.64
CA SER A 35 7.76 -2.19 15.40
C SER A 35 6.90 -3.20 14.66
N GLY A 36 6.91 -3.11 13.32
CA GLY A 36 6.12 -4.03 12.51
C GLY A 36 6.81 -4.36 11.20
N VAL A 37 6.37 -5.44 10.56
CA VAL A 37 6.94 -5.86 9.29
C VAL A 37 5.94 -5.70 8.16
N MET A 38 6.32 -4.92 7.15
CA MET A 38 5.46 -4.69 6.00
C MET A 38 5.87 -5.57 4.82
N GLU A 39 4.88 -6.21 4.21
CA GLU A 39 5.14 -7.09 3.06
C GLU A 39 4.32 -6.66 1.85
N LEU A 40 4.99 -6.55 0.71
CA LEU A 40 4.33 -6.14 -0.52
C LEU A 40 4.05 -7.35 -1.41
N THR A 41 2.85 -7.91 -1.27
CA THR A 41 2.45 -9.06 -2.07
C THR A 41 1.41 -8.69 -3.11
N GLN A 42 1.59 -9.18 -4.33
CA GLN A 42 0.66 -8.89 -5.41
C GLN A 42 -0.78 -8.92 -4.93
N SER A 43 -1.02 -9.69 -3.86
CA SER A 43 -2.36 -9.82 -3.30
C SER A 43 -2.77 -8.54 -2.58
N GLU A 44 -1.99 -8.17 -1.56
CA GLU A 44 -2.27 -6.97 -0.79
C GLU A 44 -1.15 -6.69 0.22
N LEU A 45 -1.31 -5.63 0.99
CA LEU A 45 -0.32 -5.26 2.00
C LEU A 45 -0.63 -5.89 3.34
N VAL A 46 0.37 -6.48 3.97
CA VAL A 46 0.20 -7.12 5.27
C VAL A 46 1.18 -6.56 6.29
N LEU A 47 0.74 -6.48 7.54
CA LEU A 47 1.57 -5.96 8.61
C LEU A 47 1.71 -6.98 9.74
N HIS A 48 2.90 -7.07 10.31
CA HIS A 48 3.17 -8.01 11.40
C HIS A 48 3.86 -7.30 12.57
N LEU A 49 3.20 -7.31 13.73
CA LEU A 49 3.75 -6.68 14.91
C LEU A 49 3.95 -7.70 16.04
N HIS A 50 3.35 -8.87 15.87
CA HIS A 50 3.45 -9.92 16.87
C HIS A 50 2.72 -11.18 16.41
N ARG A 51 2.79 -12.23 17.22
CA ARG A 51 2.13 -13.49 16.90
C ARG A 51 0.69 -13.26 16.46
N ARG A 52 0.06 -12.24 17.04
CA ARG A 52 -1.33 -11.91 16.71
C ARG A 52 -1.52 -11.81 15.20
N GLU A 53 -2.76 -11.96 14.76
CA GLU A 53 -3.08 -11.89 13.33
C GLU A 53 -2.45 -10.65 12.70
N ALA A 54 -2.38 -10.64 11.37
CA ALA A 54 -1.79 -9.53 10.64
C ALA A 54 -2.87 -8.74 9.90
N VAL A 55 -2.68 -7.44 9.81
CA VAL A 55 -3.63 -6.56 9.12
C VAL A 55 -3.38 -6.55 7.62
N ARG A 56 -4.44 -6.71 6.84
CA ARG A 56 -4.33 -6.73 5.38
C ARG A 56 -4.99 -5.48 4.79
N TRP A 57 -4.34 -4.91 3.77
CA TRP A 57 -4.87 -3.72 3.11
C TRP A 57 -5.03 -3.96 1.62
N PRO A 58 -6.29 -3.98 1.16
CA PRO A 58 -6.61 -4.20 -0.26
C PRO A 58 -6.21 -3.02 -1.12
N TYR A 59 -5.24 -3.23 -2.00
CA TYR A 59 -4.77 -2.17 -2.89
C TYR A 59 -5.95 -1.39 -3.48
N LEU A 60 -7.09 -2.04 -3.56
CA LEU A 60 -8.29 -1.42 -4.11
C LEU A 60 -8.75 -0.25 -3.22
N CYS A 61 -9.16 -0.57 -2.00
CA CYS A 61 -9.62 0.44 -1.05
C CYS A 61 -8.63 1.60 -0.98
N LEU A 62 -7.35 1.27 -0.92
CA LEU A 62 -6.30 2.29 -0.85
C LEU A 62 -6.67 3.52 -1.68
N ARG A 63 -7.28 4.50 -1.04
CA ARG A 63 -7.68 5.72 -1.72
C ARG A 63 -6.47 6.53 -2.17
N ARG A 64 -5.53 6.72 -1.25
CA ARG A 64 -4.31 7.48 -1.55
C ARG A 64 -3.11 6.89 -0.82
N TYR A 65 -1.96 6.89 -1.47
CA TYR A 65 -0.74 6.36 -0.88
C TYR A 65 0.46 7.26 -1.20
N GLY A 66 1.00 7.89 -0.18
CA GLY A 66 2.14 8.77 -0.37
C GLY A 66 3.43 8.19 0.21
N TYR A 67 4.44 9.03 0.37
CA TYR A 67 5.72 8.59 0.91
C TYR A 67 6.56 9.78 1.35
N ASP A 68 7.69 9.50 2.00
CA ASP A 68 8.58 10.55 2.48
C ASP A 68 9.94 9.98 2.86
N SER A 69 10.92 10.85 3.00
CA SER A 69 12.28 10.43 3.35
C SER A 69 12.25 9.35 4.44
N ASN A 70 11.65 9.69 5.58
CA ASN A 70 11.55 8.75 6.69
C ASN A 70 10.13 8.69 7.22
N LEU A 71 9.16 8.70 6.31
CA LEU A 71 7.75 8.64 6.68
C LEU A 71 6.92 8.02 5.56
N PHE A 72 6.14 7.01 5.89
CA PHE A 72 5.29 6.33 4.91
C PHE A 72 3.94 5.96 5.51
N SER A 73 2.89 6.62 5.03
CA SER A 73 1.54 6.36 5.53
C SER A 73 0.57 6.14 4.37
N PHE A 74 -0.60 5.58 4.69
CA PHE A 74 -1.62 5.31 3.68
C PHE A 74 -3.01 5.42 4.27
N GLU A 75 -3.92 6.04 3.52
CA GLU A 75 -5.29 6.22 3.97
C GLU A 75 -6.20 5.15 3.39
N SER A 76 -7.18 4.71 4.18
CA SER A 76 -8.11 3.68 3.75
C SER A 76 -9.54 4.09 4.06
N GLY A 77 -10.48 3.56 3.27
CA GLY A 77 -11.88 3.88 3.47
C GLY A 77 -12.41 3.36 4.80
N ARG A 78 -13.66 2.92 4.80
CA ARG A 78 -14.29 2.41 6.01
C ARG A 78 -14.57 0.91 5.89
N ARG A 79 -15.19 0.53 4.78
CA ARG A 79 -15.51 -0.88 4.53
C ARG A 79 -14.27 -1.75 4.68
N CYS A 80 -13.11 -1.13 4.66
CA CYS A 80 -11.85 -1.86 4.79
C CYS A 80 -11.79 -2.62 6.12
N GLN A 81 -11.20 -3.81 6.08
CA GLN A 81 -11.09 -4.63 7.27
C GLN A 81 -10.73 -3.80 8.50
N THR A 82 -9.75 -2.92 8.34
CA THR A 82 -9.32 -2.05 9.44
C THR A 82 -10.38 -0.99 9.75
N GLY A 83 -10.82 -0.28 8.71
CA GLY A 83 -11.83 0.75 8.91
C GLY A 83 -11.26 2.15 8.77
N GLN A 84 -12.14 3.14 8.76
CA GLN A 84 -11.72 4.53 8.64
C GLN A 84 -10.58 4.84 9.59
N GLY A 85 -9.54 5.49 9.08
CA GLY A 85 -8.39 5.84 9.90
C GLY A 85 -7.08 5.72 9.14
N ILE A 86 -6.22 6.72 9.29
CA ILE A 86 -4.93 6.73 8.62
C ILE A 86 -3.85 6.11 9.50
N PHE A 87 -2.99 5.30 8.88
CA PHE A 87 -1.90 4.65 9.62
C PHE A 87 -0.55 4.94 8.96
N ALA A 88 0.37 5.46 9.76
CA ALA A 88 1.71 5.79 9.27
C ALA A 88 2.77 4.88 9.90
N PHE A 89 3.97 4.91 9.33
CA PHE A 89 5.07 4.08 9.83
C PHE A 89 6.41 4.65 9.39
N LYS A 90 7.39 4.60 10.29
CA LYS A 90 8.72 5.11 10.00
C LYS A 90 9.60 4.01 9.42
N CYS A 91 10.16 4.26 8.24
CA CYS A 91 11.03 3.30 7.57
C CYS A 91 12.22 3.99 6.93
N SER A 92 13.04 3.21 6.23
CA SER A 92 14.23 3.75 5.57
C SER A 92 14.12 3.57 4.05
N ARG A 93 13.30 2.61 3.63
CA ARG A 93 13.13 2.33 2.21
C ARG A 93 11.70 2.67 1.77
N ALA A 94 11.18 3.79 2.25
CA ALA A 94 9.84 4.22 1.91
C ALA A 94 9.64 4.29 0.40
N GLU A 95 10.41 5.17 -0.25
CA GLU A 95 10.32 5.34 -1.70
C GLU A 95 10.15 3.98 -2.39
N GLU A 96 11.08 3.07 -2.12
CA GLU A 96 11.04 1.74 -2.71
C GLU A 96 9.62 1.18 -2.70
N ILE A 97 8.99 1.25 -1.53
CA ILE A 97 7.63 0.75 -1.37
C ILE A 97 6.64 1.58 -2.19
N PHE A 98 6.92 2.88 -2.31
CA PHE A 98 6.06 3.78 -3.05
C PHE A 98 6.21 3.56 -4.56
N ASN A 99 7.41 3.12 -4.96
CA ASN A 99 7.69 2.89 -6.37
C ASN A 99 7.17 1.51 -6.80
N LEU A 100 7.11 0.58 -5.85
CA LEU A 100 6.64 -0.77 -6.13
C LEU A 100 5.12 -0.85 -5.98
N LEU A 101 4.60 -0.21 -4.94
CA LEU A 101 3.16 -0.22 -4.69
C LEU A 101 2.38 0.06 -5.96
N GLN A 102 2.58 1.25 -6.53
CA GLN A 102 1.89 1.64 -7.75
C GLN A 102 2.12 0.60 -8.85
N ASP A 103 3.24 -0.11 -8.77
CA ASP A 103 3.57 -1.12 -9.76
C ASP A 103 2.79 -2.41 -9.50
N LEU A 104 2.55 -2.70 -8.23
CA LEU A 104 1.82 -3.90 -7.84
C LEU A 104 0.32 -3.71 -8.06
N MET A 105 -0.14 -2.48 -7.89
CA MET A 105 -1.56 -2.17 -8.07
C MET A 105 -2.01 -2.48 -9.49
N GLN A 106 -1.10 -2.31 -10.45
CA GLN A 106 -1.40 -2.57 -11.85
C GLN A 106 -0.94 -3.96 -12.26
N CYS A 107 0.19 -4.38 -11.71
CA CYS A 107 0.75 -5.70 -12.01
C CYS A 107 -0.22 -6.81 -11.62
N ASN A 108 -1.28 -6.43 -10.90
CA ASN A 108 -2.28 -7.40 -10.46
C ASN A 108 -2.89 -8.12 -11.64
N SER A 109 -3.59 -9.22 -11.36
CA SER A 109 -4.23 -10.02 -12.41
C SER A 109 -5.36 -9.24 -13.07
N ILE A 110 -5.03 -8.49 -14.11
CA ILE A 110 -6.01 -7.70 -14.83
C ILE A 110 -6.13 -8.15 -16.29
N ASN A 111 -4.99 -8.41 -16.91
CA ASN A 111 -4.97 -8.85 -18.29
C ASN A 111 -5.08 -10.37 -18.38
N VAL A 112 -5.75 -10.97 -17.41
CA VAL A 112 -5.94 -12.41 -17.38
C VAL A 112 -7.39 -12.78 -17.16
N MET A 113 -8.15 -12.88 -18.26
CA MET A 113 -9.56 -13.22 -18.19
C MET A 113 -9.84 -14.17 -17.03
N GLU A 114 -10.81 -13.80 -16.19
CA GLU A 114 -11.17 -14.62 -15.04
C GLU A 114 -12.68 -14.66 -14.85
N GLU A 115 -13.12 -15.34 -13.80
CA GLU A 115 -14.54 -15.46 -13.51
C GLU A 115 -15.28 -14.16 -13.83
N PRO A 116 -16.53 -14.28 -14.30
CA PRO A 116 -17.36 -13.13 -14.65
C PRO A 116 -17.79 -12.32 -13.42
N VAL A 117 -18.06 -11.03 -13.63
CA VAL A 117 -18.48 -10.16 -12.54
C VAL A 117 -19.82 -9.51 -12.85
N ILE A 118 -20.60 -9.25 -11.80
CA ILE A 118 -21.91 -8.62 -11.96
C ILE A 118 -21.86 -7.14 -11.59
N ILE A 119 -22.41 -6.29 -12.45
CA ILE A 119 -22.44 -4.86 -12.20
C ILE A 119 -23.82 -4.28 -12.47
N THR A 120 -24.82 -5.16 -12.56
CA THR A 120 -26.19 -4.73 -12.81
C THR A 120 -26.52 -3.45 -12.06
N ARG A 121 -27.35 -2.61 -12.65
CA ARG A 121 -27.74 -1.35 -12.04
C ARG A 121 -28.86 -0.68 -12.84
N ASN A 122 -29.35 0.44 -12.32
CA ASN A 122 -30.43 1.18 -12.99
C ASN A 122 -29.91 1.89 -14.24
N SER A 123 -30.81 2.26 -15.13
CA SER A 123 -30.44 2.93 -16.37
C SER A 123 -31.30 4.18 -16.57
N HIS A 124 -30.78 5.32 -16.11
CA HIS A 124 -31.50 6.58 -16.25
C HIS A 124 -31.56 7.02 -17.71
N PRO A 125 -32.69 7.66 -18.09
CA PRO A 125 -32.90 8.14 -19.46
C PRO A 125 -32.00 9.31 -19.81
N ALA A 126 -31.90 9.61 -21.10
CA ALA A 126 -31.07 10.70 -21.58
C ALA A 126 -31.64 11.32 -22.85
N GLU A 127 -31.21 12.54 -23.16
CA GLU A 127 -31.68 13.23 -24.35
C GLU A 127 -30.86 12.82 -25.57
N LEU A 128 -31.56 12.55 -26.67
CA LEU A 128 -30.91 12.14 -27.91
C LEU A 128 -30.61 13.35 -28.79
N ASP A 129 -29.41 13.38 -29.37
CA ASP A 129 -29.02 14.49 -30.23
C ASP A 129 -28.45 13.96 -31.55
N LEU A 130 -28.28 14.87 -32.51
CA LEU A 130 -27.75 14.49 -33.82
C LEU A 130 -26.37 15.11 -34.04
N PRO A 131 -25.51 14.37 -34.76
CA PRO A 131 -24.14 14.82 -35.06
C PRO A 131 -24.13 15.98 -36.05
N ARG A 132 -22.93 16.45 -36.39
CA ARG A 132 -22.77 17.55 -37.32
C ARG A 132 -22.13 17.07 -38.62
N ALA A 133 -22.70 17.48 -39.75
CA ALA A 133 -22.17 17.09 -41.06
C ALA A 133 -21.88 18.32 -41.92
N PRO A 134 -20.82 18.23 -42.74
CA PRO A 134 -20.42 19.33 -43.63
C PRO A 134 -21.42 19.54 -44.77
N GLN A 135 -21.19 20.59 -45.55
CA GLN A 135 -22.07 20.91 -46.67
C GLN A 135 -21.27 21.04 -47.97
N PRO A 136 -21.86 20.56 -49.08
CA PRO A 136 -21.22 20.63 -50.40
C PRO A 136 -21.11 22.05 -50.93
N PRO A 137 -20.00 22.35 -51.61
CA PRO A 137 -19.76 23.67 -52.19
C PRO A 137 -20.68 23.96 -53.38
N ASN A 138 -20.41 25.08 -54.05
CA ASN A 138 -21.22 25.47 -55.21
C ASN A 138 -20.33 25.80 -56.40
N ALA A 139 -20.95 26.00 -57.55
CA ALA A 139 -20.21 26.33 -58.77
C ALA A 139 -21.03 27.25 -59.68
N LEU A 140 -20.39 27.74 -60.73
CA LEU A 140 -21.07 28.63 -61.68
C LEU A 140 -20.53 28.42 -63.09
N GLY A 141 -21.10 29.14 -64.05
CA GLY A 141 -20.67 29.03 -65.43
C GLY A 141 -20.59 30.37 -66.13
N TYR A 142 -20.42 30.34 -67.45
CA TYR A 142 -20.32 31.56 -68.24
C TYR A 142 -20.97 31.38 -69.60
N THR A 143 -21.23 32.49 -70.29
CA THR A 143 -21.85 32.46 -71.60
C THR A 143 -21.35 33.61 -72.47
N VAL A 144 -21.38 33.40 -73.78
CA VAL A 144 -20.93 34.42 -74.73
C VAL A 144 -21.94 34.61 -75.85
N SER A 145 -21.95 35.81 -76.43
CA SER A 145 -22.88 36.13 -77.50
C SER A 145 -22.24 37.10 -78.50
N SER A 146 -22.52 36.88 -79.79
CA SER A 146 -21.96 37.74 -80.83
C SER A 146 -22.66 37.47 -82.16
N LEU B 1 -0.99 0.88 14.93
CA LEU B 1 -2.02 1.40 14.04
C LEU B 1 -2.53 2.76 14.54
N PHE B 2 -1.61 3.57 15.05
CA PHE B 2 -1.97 4.89 15.57
C PHE B 2 -2.90 5.61 14.60
N ARG B 3 -3.99 6.16 15.13
CA ARG B 3 -4.97 6.88 14.32
C ARG B 3 -4.55 8.33 14.13
N LEU B 4 -4.11 8.66 12.92
CA LEU B 4 -3.68 10.01 12.60
C LEU B 4 -4.88 10.92 12.33
N ARG B 5 -4.61 12.17 12.00
CA ARG B 5 -5.66 13.13 11.71
C ARG B 5 -5.46 13.77 10.33
N HIS B 6 -4.21 14.02 9.98
CA HIS B 6 -3.89 14.63 8.69
C HIS B 6 -2.77 13.85 7.99
N PHE B 7 -2.90 13.68 6.69
CA PHE B 7 -1.91 12.95 5.90
C PHE B 7 -0.59 13.71 5.87
N PRO B 8 0.44 13.13 6.51
CA PRO B 8 1.78 13.72 6.56
C PRO B 8 2.48 13.71 5.21
N CYS B 9 2.47 12.56 4.55
CA CYS B 9 3.09 12.42 3.25
C CYS B 9 2.37 13.26 2.19
N GLY B 10 2.88 14.45 1.95
CA GLY B 10 2.27 15.33 0.96
C GLY B 10 2.19 14.70 -0.42
N ASN B 11 3.35 14.36 -0.98
CA ASN B 11 3.40 13.75 -2.30
C ASN B 11 2.65 12.43 -2.32
N VAL B 12 1.56 12.38 -3.07
CA VAL B 12 0.74 11.18 -3.17
C VAL B 12 0.33 10.92 -4.62
N ASN B 13 0.25 9.65 -4.99
CA ASN B 13 -0.13 9.27 -6.34
C ASN B 13 -1.36 8.37 -6.31
N TYR B 14 -2.53 8.99 -6.25
CA TYR B 14 -3.80 8.24 -6.23
C TYR B 14 -3.79 7.12 -7.26
N GLY B 15 -4.04 5.90 -6.81
CA GLY B 15 -4.06 4.76 -7.71
C GLY B 15 -5.47 4.38 -8.13
N TYR B 16 -5.61 3.18 -8.69
CA TYR B 16 -6.91 2.70 -9.14
C TYR B 16 -7.75 3.85 -9.69
N GLN B 17 -7.12 4.74 -10.45
CA GLN B 17 -7.81 5.88 -11.03
C GLN B 17 -9.03 5.43 -11.83
N GLN B 18 -10.19 5.97 -11.48
CA GLN B 18 -11.43 5.62 -12.17
C GLN B 18 -12.35 6.84 -12.29
N GLN B 19 -13.26 6.78 -13.25
CA GLN B 19 -14.20 7.88 -13.46
C GLN B 19 -14.58 8.53 -12.15
N GLY A 1 22.85 -23.78 -25.53
CA GLY A 1 22.45 -23.31 -24.22
C GLY A 1 23.60 -23.29 -23.23
N SER A 2 23.35 -22.75 -22.04
CA SER A 2 24.38 -22.67 -21.01
C SER A 2 23.75 -22.53 -19.63
N SER A 3 24.58 -22.63 -18.60
CA SER A 3 24.11 -22.51 -17.22
C SER A 3 24.85 -21.41 -16.48
N GLY A 4 24.28 -20.97 -15.35
CA GLY A 4 24.91 -19.92 -14.57
C GLY A 4 24.09 -19.54 -13.36
N SER A 5 22.84 -19.12 -13.59
CA SER A 5 21.95 -18.72 -12.51
C SER A 5 22.12 -19.64 -11.30
N SER A 6 21.79 -19.12 -10.12
CA SER A 6 21.92 -19.88 -8.89
C SER A 6 21.03 -19.28 -7.79
N GLY A 7 20.91 -20.02 -6.69
CA GLY A 7 20.10 -19.53 -5.58
C GLY A 7 20.94 -19.08 -4.40
N LEU A 8 21.22 -17.78 -4.35
CA LEU A 8 22.03 -17.22 -3.26
C LEU A 8 21.24 -16.15 -2.51
N ASN A 9 20.75 -16.51 -1.33
CA ASN A 9 19.99 -15.58 -0.50
C ASN A 9 20.51 -15.57 0.93
N ARG A 10 20.00 -14.62 1.73
CA ARG A 10 20.42 -14.51 3.12
C ARG A 10 19.31 -14.96 4.07
N ASP A 11 19.67 -15.75 5.07
CA ASP A 11 18.71 -16.25 6.04
C ASP A 11 17.98 -15.09 6.73
N SER A 12 18.72 -14.32 7.51
CA SER A 12 18.15 -13.19 8.23
C SER A 12 17.70 -12.09 7.26
N VAL A 13 16.45 -11.67 7.39
CA VAL A 13 15.90 -10.63 6.53
C VAL A 13 16.48 -9.26 6.87
N PRO A 14 17.11 -8.62 5.88
CA PRO A 14 17.72 -7.30 6.06
C PRO A 14 16.68 -6.20 6.25
N ASP A 15 17.15 -4.98 6.50
CA ASP A 15 16.26 -3.85 6.70
C ASP A 15 16.03 -3.11 5.38
N ASN A 16 16.65 -3.60 4.31
CA ASN A 16 16.51 -2.99 2.99
C ASN A 16 16.15 -4.04 1.94
N HIS A 17 15.48 -5.11 2.39
CA HIS A 17 15.07 -6.18 1.50
C HIS A 17 14.16 -5.66 0.39
N PRO A 18 14.36 -6.16 -0.84
CA PRO A 18 13.56 -5.75 -2.00
C PRO A 18 12.13 -6.25 -1.91
N THR A 19 11.93 -7.40 -1.27
CA THR A 19 10.60 -7.98 -1.13
C THR A 19 10.03 -7.71 0.27
N LYS A 20 10.92 -7.41 1.21
CA LYS A 20 10.51 -7.13 2.58
C LYS A 20 10.90 -5.72 2.99
N PHE A 21 10.07 -5.08 3.81
CA PHE A 21 10.33 -3.73 4.28
C PHE A 21 9.79 -3.52 5.69
N LYS A 22 10.70 -3.43 6.66
CA LYS A 22 10.32 -3.23 8.05
C LYS A 22 9.71 -1.85 8.25
N VAL A 23 8.75 -1.76 9.17
CA VAL A 23 8.09 -0.49 9.46
C VAL A 23 7.85 -0.33 10.95
N THR A 24 7.81 0.92 11.40
CA THR A 24 7.59 1.22 12.82
C THR A 24 6.42 2.17 13.01
N ASN A 25 5.29 1.64 13.46
CA ASN A 25 4.10 2.45 13.68
C ASN A 25 4.42 3.66 14.56
N VAL A 26 4.22 4.85 14.01
CA VAL A 26 4.48 6.08 14.74
C VAL A 26 3.21 6.89 14.93
N ASP A 27 3.30 7.95 15.73
CA ASP A 27 2.15 8.81 15.99
C ASP A 27 2.30 10.15 15.28
N ASP A 28 1.27 10.99 15.39
CA ASP A 28 1.28 12.30 14.76
C ASP A 28 2.60 13.01 15.02
N GLU A 29 3.16 12.81 16.21
CA GLU A 29 4.43 13.43 16.58
C GLU A 29 5.58 12.83 15.79
N GLY A 30 5.49 11.52 15.52
CA GLY A 30 6.54 10.86 14.78
C GLY A 30 7.33 9.89 15.64
N VAL A 31 6.86 9.68 16.86
CA VAL A 31 7.54 8.77 17.78
C VAL A 31 7.37 7.32 17.36
N GLU A 32 8.10 6.42 18.01
CA GLU A 32 8.02 5.00 17.70
C GLU A 32 7.25 4.25 18.77
N LEU A 33 6.07 3.76 18.41
CA LEU A 33 5.22 3.02 19.34
C LEU A 33 5.55 1.53 19.30
N GLY A 34 5.35 0.92 18.14
CA GLY A 34 5.62 -0.49 17.99
C GLY A 34 6.31 -0.82 16.67
N SER A 35 6.90 -2.00 16.60
CA SER A 35 7.60 -2.43 15.39
C SER A 35 6.77 -3.44 14.61
N GLY A 36 6.98 -3.49 13.29
CA GLY A 36 6.25 -4.42 12.45
C GLY A 36 6.91 -4.63 11.11
N VAL A 37 6.42 -5.61 10.37
CA VAL A 37 6.97 -5.92 9.05
C VAL A 37 5.90 -5.82 7.96
N MET A 38 6.19 -5.07 6.91
CA MET A 38 5.26 -4.90 5.81
C MET A 38 5.69 -5.72 4.60
N GLU A 39 4.73 -6.36 3.96
CA GLU A 39 5.02 -7.19 2.78
C GLU A 39 4.16 -6.74 1.59
N LEU A 40 4.80 -6.59 0.44
CA LEU A 40 4.11 -6.17 -0.77
C LEU A 40 3.83 -7.37 -1.68
N THR A 41 2.70 -8.03 -1.46
CA THR A 41 2.32 -9.18 -2.26
C THR A 41 1.27 -8.81 -3.31
N GLN A 42 1.43 -9.34 -4.52
CA GLN A 42 0.49 -9.07 -5.60
C GLN A 42 -0.95 -9.02 -5.08
N SER A 43 -1.19 -9.74 -3.99
CA SER A 43 -2.52 -9.79 -3.40
C SER A 43 -2.86 -8.48 -2.70
N GLU A 44 -2.17 -8.19 -1.61
CA GLU A 44 -2.39 -6.97 -0.84
C GLU A 44 -1.27 -6.73 0.17
N LEU A 45 -1.39 -5.67 0.94
CA LEU A 45 -0.39 -5.33 1.95
C LEU A 45 -0.71 -6.02 3.28
N VAL A 46 0.30 -6.63 3.87
CA VAL A 46 0.13 -7.33 5.15
C VAL A 46 1.19 -6.90 6.15
N LEU A 47 0.79 -6.79 7.42
CA LEU A 47 1.71 -6.39 8.48
C LEU A 47 1.96 -7.55 9.44
N HIS A 48 3.04 -7.43 10.21
CA HIS A 48 3.39 -8.47 11.19
C HIS A 48 3.75 -7.86 12.53
N LEU A 49 3.08 -8.33 13.59
CA LEU A 49 3.32 -7.82 14.93
C LEU A 49 3.56 -8.97 15.91
N HIS A 50 3.74 -8.63 17.18
CA HIS A 50 3.98 -9.63 18.22
C HIS A 50 2.85 -9.61 19.24
N ARG A 51 2.45 -8.41 19.67
CA ARG A 51 1.39 -8.27 20.65
C ARG A 51 0.02 -8.18 19.97
N ARG A 52 -0.06 -7.37 18.92
CA ARG A 52 -1.31 -7.21 18.18
C ARG A 52 -1.41 -8.23 17.05
N GLU A 53 -2.59 -8.31 16.44
CA GLU A 53 -2.81 -9.24 15.35
C GLU A 53 -2.29 -8.68 14.03
N ALA A 54 -2.21 -9.53 13.01
CA ALA A 54 -1.72 -9.11 11.71
C ALA A 54 -2.78 -8.31 10.96
N VAL A 55 -2.39 -7.14 10.46
CA VAL A 55 -3.30 -6.28 9.72
C VAL A 55 -3.16 -6.48 8.22
N ARG A 56 -4.27 -6.33 7.50
CA ARG A 56 -4.26 -6.50 6.05
C ARG A 56 -5.03 -5.37 5.37
N TRP A 57 -4.50 -4.88 4.26
CA TRP A 57 -5.14 -3.80 3.51
C TRP A 57 -5.20 -4.12 2.02
N PRO A 58 -6.42 -4.27 1.50
CA PRO A 58 -6.63 -4.59 0.08
C PRO A 58 -6.28 -3.41 -0.83
N TYR A 59 -5.39 -3.65 -1.78
CA TYR A 59 -4.95 -2.62 -2.72
C TYR A 59 -6.15 -1.82 -3.21
N LEU A 60 -7.29 -2.49 -3.39
CA LEU A 60 -8.50 -1.83 -3.85
C LEU A 60 -8.84 -0.62 -2.99
N CYS A 61 -8.96 -0.85 -1.68
CA CYS A 61 -9.28 0.22 -0.74
C CYS A 61 -8.17 1.27 -0.72
N LEU A 62 -6.94 0.83 -0.97
CA LEU A 62 -5.79 1.73 -0.97
C LEU A 62 -5.87 2.72 -2.13
N ARG A 63 -6.51 3.85 -1.88
CA ARG A 63 -6.66 4.87 -2.91
C ARG A 63 -5.51 5.88 -2.84
N ARG A 64 -5.34 6.49 -1.67
CA ARG A 64 -4.28 7.47 -1.49
C ARG A 64 -3.05 6.83 -0.83
N TYR A 65 -1.90 6.99 -1.47
CA TYR A 65 -0.66 6.42 -0.95
C TYR A 65 0.54 7.25 -1.40
N GLY A 66 1.28 7.78 -0.42
CA GLY A 66 2.44 8.58 -0.73
C GLY A 66 3.69 8.10 -0.02
N TYR A 67 4.63 9.01 0.22
CA TYR A 67 5.87 8.67 0.90
C TYR A 67 6.63 9.93 1.31
N ASP A 68 7.63 9.76 2.17
CA ASP A 68 8.44 10.88 2.64
C ASP A 68 9.70 10.39 3.33
N SER A 69 10.62 11.31 3.61
CA SER A 69 11.88 10.97 4.27
C SER A 69 11.63 10.03 5.45
N ASN A 70 12.07 8.79 5.31
CA ASN A 70 11.90 7.80 6.37
C ASN A 70 10.48 7.83 6.92
N LEU A 71 9.51 8.05 6.04
CA LEU A 71 8.11 8.11 6.44
C LEU A 71 7.21 7.51 5.36
N PHE A 72 6.26 6.69 5.78
CA PHE A 72 5.33 6.05 4.85
C PHE A 72 3.95 5.91 5.48
N SER A 73 2.94 6.49 4.82
CA SER A 73 1.57 6.43 5.31
C SER A 73 0.61 6.07 4.19
N PHE A 74 -0.53 5.51 4.56
CA PHE A 74 -1.54 5.11 3.58
C PHE A 74 -2.95 5.25 4.15
N GLU A 75 -3.90 5.64 3.30
CA GLU A 75 -5.27 5.81 3.73
C GLU A 75 -6.16 4.70 3.18
N SER A 76 -7.20 4.34 3.94
CA SER A 76 -8.12 3.29 3.53
C SER A 76 -9.54 3.61 3.96
N GLY A 77 -10.51 3.11 3.20
CA GLY A 77 -11.90 3.36 3.53
C GLY A 77 -12.27 2.89 4.91
N ARG A 78 -13.57 2.65 5.14
CA ARG A 78 -14.05 2.19 6.43
C ARG A 78 -14.40 0.71 6.39
N ARG A 79 -14.38 0.13 5.19
CA ARG A 79 -14.70 -1.28 5.02
C ARG A 79 -13.54 -2.16 5.46
N CYS A 80 -12.34 -1.59 5.45
CA CYS A 80 -11.13 -2.32 5.85
C CYS A 80 -11.24 -2.78 7.30
N GLN A 81 -10.66 -3.95 7.58
CA GLN A 81 -10.70 -4.51 8.93
C GLN A 81 -10.50 -3.41 9.98
N THR A 82 -9.36 -2.73 9.92
CA THR A 82 -9.06 -1.67 10.86
C THR A 82 -10.17 -0.62 10.89
N GLY A 83 -10.59 -0.18 9.71
CA GLY A 83 -11.65 0.81 9.62
C GLY A 83 -11.12 2.18 9.26
N GLN A 84 -12.02 3.12 8.98
CA GLN A 84 -11.65 4.47 8.63
C GLN A 84 -10.52 4.98 9.52
N GLY A 85 -9.52 5.61 8.91
CA GLY A 85 -8.40 6.12 9.68
C GLY A 85 -7.08 5.96 8.95
N ILE A 86 -6.18 6.92 9.12
CA ILE A 86 -4.88 6.88 8.47
C ILE A 86 -3.82 6.32 9.42
N PHE A 87 -2.82 5.65 8.85
CA PHE A 87 -1.74 5.07 9.65
C PHE A 87 -0.39 5.34 9.00
N ALA A 88 0.52 5.96 9.76
CA ALA A 88 1.85 6.28 9.25
C ALA A 88 2.90 5.40 9.92
N PHE A 89 4.02 5.22 9.24
CA PHE A 89 5.12 4.39 9.77
C PHE A 89 6.47 4.96 9.35
N LYS A 90 7.48 4.72 10.18
CA LYS A 90 8.83 5.20 9.89
C LYS A 90 9.68 4.09 9.25
N CYS A 91 10.21 4.37 8.07
CA CYS A 91 11.04 3.41 7.36
C CYS A 91 11.85 4.10 6.26
N SER A 92 13.15 4.19 6.45
CA SER A 92 14.03 4.83 5.47
C SER A 92 13.82 4.23 4.08
N ARG A 93 13.23 3.04 4.04
CA ARG A 93 12.96 2.36 2.79
C ARG A 93 11.52 2.60 2.32
N ALA A 94 10.99 3.77 2.65
CA ALA A 94 9.63 4.13 2.27
C ALA A 94 9.48 4.20 0.76
N GLU A 95 10.14 5.18 0.15
CA GLU A 95 10.08 5.37 -1.30
C GLU A 95 9.97 4.02 -2.01
N GLU A 96 10.95 3.16 -1.79
CA GLU A 96 10.95 1.84 -2.41
C GLU A 96 9.55 1.26 -2.46
N ILE A 97 8.87 1.23 -1.32
CA ILE A 97 7.52 0.70 -1.24
C ILE A 97 6.54 1.57 -2.03
N PHE A 98 6.78 2.87 -2.03
CA PHE A 98 5.93 3.80 -2.75
C PHE A 98 6.12 3.67 -4.27
N ASN A 99 7.30 3.21 -4.65
CA ASN A 99 7.62 3.02 -6.07
C ASN A 99 7.21 1.65 -6.55
N LEU A 100 7.19 0.68 -5.63
CA LEU A 100 6.81 -0.69 -5.96
C LEU A 100 5.30 -0.88 -5.87
N LEU A 101 4.65 -0.06 -5.05
CA LEU A 101 3.22 -0.14 -4.86
C LEU A 101 2.49 0.11 -6.19
N GLN A 102 2.73 1.27 -6.78
CA GLN A 102 2.11 1.63 -8.05
C GLN A 102 2.38 0.56 -9.11
N ASP A 103 3.40 -0.26 -8.87
CA ASP A 103 3.77 -1.33 -9.80
C ASP A 103 2.88 -2.55 -9.59
N LEU A 104 2.58 -2.84 -8.33
CA LEU A 104 1.75 -4.00 -8.00
C LEU A 104 0.27 -3.69 -8.22
N MET A 105 -0.13 -2.49 -7.85
CA MET A 105 -1.53 -2.07 -8.02
C MET A 105 -2.00 -2.31 -9.46
N GLN A 106 -1.12 -2.02 -10.42
CA GLN A 106 -1.45 -2.21 -11.83
C GLN A 106 -1.30 -3.67 -12.23
N CYS A 107 -0.56 -4.43 -11.43
CA CYS A 107 -0.34 -5.85 -11.72
C CYS A 107 -1.65 -6.63 -11.57
N ASN A 108 -2.38 -6.36 -10.50
CA ASN A 108 -3.64 -7.05 -10.25
C ASN A 108 -4.40 -7.29 -11.55
N SER A 109 -4.77 -8.55 -11.78
CA SER A 109 -5.50 -8.90 -12.99
C SER A 109 -6.99 -8.57 -12.86
N ILE A 110 -7.49 -7.74 -13.77
CA ILE A 110 -8.89 -7.35 -13.75
C ILE A 110 -9.69 -8.12 -14.80
N ASN A 111 -10.05 -9.35 -14.46
CA ASN A 111 -10.83 -10.20 -15.38
C ASN A 111 -10.27 -10.11 -16.80
N VAL A 112 -8.96 -9.94 -16.90
CA VAL A 112 -8.31 -9.85 -18.20
C VAL A 112 -7.67 -11.19 -18.59
N MET A 113 -7.95 -12.22 -17.81
CA MET A 113 -7.42 -13.55 -18.08
C MET A 113 -8.42 -14.63 -17.72
N GLU A 114 -8.30 -15.79 -18.35
CA GLU A 114 -9.20 -16.91 -18.09
C GLU A 114 -9.10 -17.37 -16.64
N GLU A 115 -10.09 -17.01 -15.83
CA GLU A 115 -10.10 -17.40 -14.43
C GLU A 115 -11.08 -18.54 -14.18
N PRO A 116 -10.76 -19.38 -13.18
CA PRO A 116 -11.60 -20.53 -12.82
C PRO A 116 -12.93 -20.10 -12.18
N VAL A 117 -13.73 -21.08 -11.79
CA VAL A 117 -15.02 -20.81 -11.16
C VAL A 117 -14.87 -20.63 -9.66
N ILE A 118 -15.53 -19.61 -9.12
CA ILE A 118 -15.47 -19.33 -7.69
C ILE A 118 -16.85 -19.00 -7.14
N ILE A 119 -17.16 -19.52 -5.95
CA ILE A 119 -18.44 -19.27 -5.32
C ILE A 119 -18.64 -17.79 -5.02
N THR A 120 -19.48 -17.13 -5.82
CA THR A 120 -19.76 -15.72 -5.64
C THR A 120 -21.26 -15.45 -5.59
N ARG A 121 -21.63 -14.25 -5.15
CA ARG A 121 -23.03 -13.87 -5.07
C ARG A 121 -23.57 -13.45 -6.43
N ASN A 122 -22.80 -12.63 -7.13
CA ASN A 122 -23.20 -12.15 -8.44
C ASN A 122 -22.18 -12.54 -9.50
N SER A 123 -22.66 -12.78 -10.73
CA SER A 123 -21.78 -13.17 -11.82
C SER A 123 -21.28 -11.95 -12.59
N HIS A 124 -19.98 -11.70 -12.51
CA HIS A 124 -19.38 -10.55 -13.19
C HIS A 124 -19.96 -10.39 -14.60
N PRO A 125 -20.64 -9.26 -14.83
CA PRO A 125 -21.26 -8.96 -16.13
C PRO A 125 -20.22 -8.68 -17.20
N ALA A 126 -20.56 -9.00 -18.45
CA ALA A 126 -19.66 -8.78 -19.57
C ALA A 126 -19.66 -7.31 -19.99
N GLU A 127 -18.79 -6.53 -19.35
CA GLU A 127 -18.69 -5.10 -19.65
C GLU A 127 -17.69 -4.86 -20.78
N LEU A 128 -18.21 -4.69 -21.99
CA LEU A 128 -17.37 -4.45 -23.16
C LEU A 128 -18.22 -4.07 -24.37
N ASP A 129 -17.57 -3.55 -25.40
CA ASP A 129 -18.26 -3.15 -26.62
C ASP A 129 -17.61 -3.78 -27.85
N LEU A 130 -18.32 -3.77 -28.97
CA LEU A 130 -17.80 -4.33 -30.21
C LEU A 130 -16.42 -3.80 -30.53
N PRO A 131 -15.39 -4.64 -30.35
CA PRO A 131 -14.00 -4.27 -30.62
C PRO A 131 -13.72 -4.08 -32.11
N ARG A 132 -13.14 -2.94 -32.47
CA ARG A 132 -12.83 -2.64 -33.85
C ARG A 132 -11.93 -3.73 -34.45
N ALA A 133 -11.52 -3.53 -35.70
CA ALA A 133 -10.66 -4.49 -36.38
C ALA A 133 -9.98 -3.85 -37.59
N PRO A 134 -8.72 -4.24 -37.82
CA PRO A 134 -7.93 -3.71 -38.95
C PRO A 134 -8.44 -4.22 -40.30
N GLN A 135 -8.19 -3.44 -41.35
CA GLN A 135 -8.62 -3.82 -42.69
C GLN A 135 -7.42 -4.09 -43.59
N PRO A 136 -7.39 -5.30 -44.18
CA PRO A 136 -6.31 -5.71 -45.07
C PRO A 136 -6.32 -4.96 -46.40
N PRO A 137 -5.23 -4.23 -46.68
CA PRO A 137 -5.09 -3.45 -47.91
C PRO A 137 -4.95 -4.33 -49.14
N ASN A 138 -6.01 -4.42 -49.93
CA ASN A 138 -6.00 -5.24 -51.15
C ASN A 138 -4.96 -4.71 -52.14
N ALA A 139 -4.45 -5.61 -52.98
CA ALA A 139 -3.46 -5.24 -53.97
C ALA A 139 -3.98 -5.49 -55.38
N LEU A 140 -3.63 -4.61 -56.31
CA LEU A 140 -4.06 -4.74 -57.70
C LEU A 140 -2.89 -5.12 -58.60
N GLY A 141 -3.05 -6.21 -59.34
CA GLY A 141 -1.99 -6.66 -60.23
C GLY A 141 -2.18 -8.10 -60.68
N TYR A 142 -2.52 -8.28 -61.94
CA TYR A 142 -2.74 -9.62 -62.50
C TYR A 142 -1.82 -9.87 -63.68
N THR A 143 -1.27 -11.08 -63.75
CA THR A 143 -0.37 -11.45 -64.84
C THR A 143 -1.03 -12.47 -65.77
N VAL A 144 -0.58 -12.50 -67.02
CA VAL A 144 -1.11 -13.42 -68.02
C VAL A 144 -0.63 -14.84 -67.77
N SER A 145 -1.50 -15.81 -68.02
CA SER A 145 -1.16 -17.22 -67.82
C SER A 145 0.26 -17.50 -68.32
N SER A 146 1.13 -17.89 -67.38
CA SER A 146 2.51 -18.19 -67.73
C SER A 146 2.64 -19.61 -68.28
N LEU B 1 -2.11 -0.07 16.21
CA LEU B 1 -1.88 1.00 15.24
C LEU B 1 -2.27 2.36 15.84
N PHE B 2 -1.89 3.43 15.16
CA PHE B 2 -2.19 4.78 15.62
C PHE B 2 -3.10 5.49 14.61
N ARG B 3 -4.10 6.20 15.13
CA ARG B 3 -5.03 6.93 14.28
C ARG B 3 -4.55 8.35 14.04
N LEU B 4 -4.37 8.70 12.77
CA LEU B 4 -3.92 10.04 12.40
C LEU B 4 -5.09 10.95 12.06
N ARG B 5 -4.80 12.23 11.86
CA ARG B 5 -5.84 13.20 11.52
C ARG B 5 -5.62 13.76 10.13
N HIS B 6 -4.35 13.82 9.70
CA HIS B 6 -4.02 14.33 8.38
C HIS B 6 -2.97 13.45 7.71
N PHE B 7 -2.81 13.62 6.39
CA PHE B 7 -1.85 12.84 5.63
C PHE B 7 -0.51 13.55 5.56
N PRO B 8 0.53 12.91 6.11
CA PRO B 8 1.89 13.46 6.13
C PRO B 8 2.52 13.50 4.74
N CYS B 9 2.47 12.36 4.04
CA CYS B 9 3.04 12.26 2.71
C CYS B 9 2.49 13.37 1.80
N GLY B 10 3.39 14.23 1.33
CA GLY B 10 2.98 15.32 0.47
C GLY B 10 2.69 14.86 -0.95
N ASN B 11 3.71 14.32 -1.60
CA ASN B 11 3.57 13.84 -2.98
C ASN B 11 2.91 12.46 -3.00
N VAL B 12 1.59 12.44 -3.19
CA VAL B 12 0.83 11.20 -3.25
C VAL B 12 0.36 10.90 -4.66
N ASN B 13 0.39 9.64 -5.03
CA ASN B 13 -0.04 9.21 -6.37
C ASN B 13 -1.25 8.29 -6.28
N TYR B 14 -2.44 8.89 -6.18
CA TYR B 14 -3.67 8.13 -6.09
C TYR B 14 -3.74 7.07 -7.20
N GLY B 15 -4.29 5.91 -6.85
CA GLY B 15 -4.41 4.83 -7.82
C GLY B 15 -5.85 4.45 -8.09
N TYR B 16 -6.40 3.62 -7.21
CA TYR B 16 -7.79 3.17 -7.36
C TYR B 16 -8.75 4.34 -7.29
N GLN B 17 -8.90 5.05 -8.42
CA GLN B 17 -9.79 6.20 -8.48
C GLN B 17 -11.12 5.82 -9.13
N GLN B 18 -11.11 4.74 -9.90
CA GLN B 18 -12.31 4.26 -10.56
C GLN B 18 -12.55 2.79 -10.29
N GLN B 19 -13.53 2.50 -9.42
CA GLN B 19 -13.85 1.12 -9.07
C GLN B 19 -14.78 0.50 -10.11
N GLY A 1 2.23 -14.79 -25.87
CA GLY A 1 3.44 -15.51 -25.56
C GLY A 1 4.28 -14.83 -24.51
N SER A 2 4.30 -15.40 -23.30
CA SER A 2 5.07 -14.82 -22.20
C SER A 2 5.91 -15.89 -21.51
N SER A 3 6.92 -15.44 -20.77
CA SER A 3 7.81 -16.36 -20.06
C SER A 3 8.78 -15.59 -19.17
N GLY A 4 8.80 -15.93 -17.89
CA GLY A 4 9.69 -15.27 -16.95
C GLY A 4 9.19 -15.37 -15.52
N SER A 5 10.09 -15.10 -14.57
CA SER A 5 9.73 -15.17 -13.15
C SER A 5 10.88 -14.65 -12.29
N SER A 6 10.56 -14.24 -11.06
CA SER A 6 11.56 -13.72 -10.14
C SER A 6 10.96 -13.52 -8.75
N GLY A 7 11.83 -13.32 -7.77
CA GLY A 7 11.36 -13.11 -6.41
C GLY A 7 11.82 -14.20 -5.47
N LEU A 8 13.14 -14.42 -5.40
CA LEU A 8 13.70 -15.44 -4.54
C LEU A 8 14.14 -14.85 -3.21
N ASN A 9 13.25 -14.90 -2.22
CA ASN A 9 13.54 -14.36 -0.89
C ASN A 9 13.92 -15.47 0.08
N ARG A 10 14.56 -15.11 1.18
CA ARG A 10 14.98 -16.08 2.18
C ARG A 10 14.34 -15.78 3.53
N ASP A 11 14.68 -16.58 4.54
CA ASP A 11 14.14 -16.39 5.88
C ASP A 11 14.60 -15.06 6.47
N SER A 12 15.91 -14.85 6.46
CA SER A 12 16.49 -13.62 7.01
C SER A 12 16.02 -12.40 6.22
N VAL A 13 15.07 -11.65 6.78
CA VAL A 13 14.54 -10.47 6.13
C VAL A 13 15.23 -9.21 6.64
N PRO A 14 16.12 -8.65 5.81
CA PRO A 14 16.87 -7.44 6.15
C PRO A 14 15.97 -6.20 6.17
N ASP A 15 16.58 -5.05 6.46
CA ASP A 15 15.84 -3.79 6.52
C ASP A 15 15.93 -3.05 5.19
N ASN A 16 16.49 -3.72 4.19
CA ASN A 16 16.63 -3.12 2.86
C ASN A 16 16.11 -4.06 1.78
N HIS A 17 15.35 -5.06 2.20
CA HIS A 17 14.78 -6.03 1.27
C HIS A 17 14.00 -5.32 0.17
N PRO A 18 14.13 -5.82 -1.08
CA PRO A 18 13.46 -5.25 -2.24
C PRO A 18 11.95 -5.50 -2.21
N THR A 19 11.55 -6.58 -1.55
CA THR A 19 10.13 -6.94 -1.44
C THR A 19 9.63 -6.77 -0.01
N LYS A 20 10.57 -6.64 0.93
CA LYS A 20 10.22 -6.47 2.33
C LYS A 20 10.79 -5.17 2.88
N PHE A 21 10.09 -4.57 3.84
CA PHE A 21 10.53 -3.32 4.46
C PHE A 21 10.03 -3.21 5.89
N LYS A 22 10.95 -3.37 6.84
CA LYS A 22 10.61 -3.29 8.25
C LYS A 22 10.13 -1.88 8.62
N VAL A 23 8.92 -1.79 9.16
CA VAL A 23 8.36 -0.50 9.56
C VAL A 23 8.14 -0.45 11.07
N THR A 24 7.96 0.76 11.59
CA THR A 24 7.73 0.96 13.01
C THR A 24 6.50 1.81 13.26
N ASN A 25 5.47 1.21 13.86
CA ASN A 25 4.24 1.94 14.16
C ASN A 25 4.51 3.16 15.01
N VAL A 26 4.05 4.31 14.54
CA VAL A 26 4.24 5.56 15.26
C VAL A 26 2.97 6.40 15.28
N ASP A 27 2.89 7.34 16.22
CA ASP A 27 1.72 8.21 16.33
C ASP A 27 2.00 9.59 15.74
N ASP A 28 1.02 10.48 15.86
CA ASP A 28 1.17 11.83 15.32
C ASP A 28 2.49 12.45 15.76
N GLU A 29 2.82 12.29 17.04
CA GLU A 29 4.07 12.84 17.58
C GLU A 29 5.28 12.22 16.89
N GLY A 30 5.11 11.00 16.39
CA GLY A 30 6.19 10.32 15.71
C GLY A 30 6.88 9.29 16.60
N VAL A 31 6.35 9.11 17.81
CA VAL A 31 6.92 8.15 18.75
C VAL A 31 6.82 6.73 18.21
N GLU A 32 7.50 5.80 18.88
CA GLU A 32 7.50 4.40 18.46
C GLU A 32 6.68 3.56 19.44
N LEU A 33 5.50 3.13 18.98
CA LEU A 33 4.62 2.30 19.82
C LEU A 33 4.99 0.82 19.70
N GLY A 34 4.97 0.31 18.48
CA GLY A 34 5.31 -1.08 18.25
C GLY A 34 5.94 -1.32 16.89
N SER A 35 6.81 -2.31 16.81
CA SER A 35 7.50 -2.63 15.56
C SER A 35 6.63 -3.53 14.68
N GLY A 36 6.84 -3.44 13.38
CA GLY A 36 6.07 -4.26 12.45
C GLY A 36 6.76 -4.42 11.11
N VAL A 37 6.34 -5.42 10.35
CA VAL A 37 6.92 -5.68 9.03
C VAL A 37 5.87 -5.60 7.94
N MET A 38 6.10 -4.71 6.97
CA MET A 38 5.16 -4.54 5.86
C MET A 38 5.55 -5.42 4.68
N GLU A 39 4.56 -6.13 4.14
CA GLU A 39 4.81 -7.03 3.01
C GLU A 39 4.01 -6.57 1.79
N LEU A 40 4.68 -6.51 0.64
CA LEU A 40 4.04 -6.09 -0.61
C LEU A 40 3.80 -7.29 -1.52
N THR A 41 2.53 -7.67 -1.67
CA THR A 41 2.16 -8.80 -2.51
C THR A 41 1.09 -8.40 -3.52
N GLN A 42 1.24 -8.86 -4.75
CA GLN A 42 0.28 -8.56 -5.80
C GLN A 42 -1.15 -8.58 -5.26
N SER A 43 -1.36 -9.34 -4.19
CA SER A 43 -2.68 -9.45 -3.59
C SER A 43 -3.02 -8.19 -2.80
N GLU A 44 -2.33 -7.99 -1.68
CA GLU A 44 -2.56 -6.82 -0.84
C GLU A 44 -1.42 -6.64 0.16
N LEU A 45 -1.51 -5.59 0.96
CA LEU A 45 -0.49 -5.30 1.96
C LEU A 45 -0.81 -5.98 3.28
N VAL A 46 0.22 -6.54 3.92
CA VAL A 46 0.06 -7.23 5.19
C VAL A 46 1.12 -6.81 6.19
N LEU A 47 0.69 -6.42 7.38
CA LEU A 47 1.61 -5.99 8.43
C LEU A 47 1.83 -7.10 9.46
N HIS A 48 3.07 -7.23 9.91
CA HIS A 48 3.41 -8.26 10.89
C HIS A 48 4.03 -7.64 12.14
N LEU A 49 3.27 -7.61 13.22
CA LEU A 49 3.74 -7.04 14.48
C LEU A 49 4.40 -8.10 15.35
N HIS A 50 4.87 -7.70 16.53
CA HIS A 50 5.52 -8.63 17.45
C HIS A 50 4.56 -9.72 17.89
N ARG A 51 3.63 -9.37 18.77
CA ARG A 51 2.65 -10.32 19.28
C ARG A 51 1.27 -10.05 18.68
N ARG A 52 1.00 -8.79 18.38
CA ARG A 52 -0.28 -8.40 17.81
C ARG A 52 -0.59 -9.22 16.55
N GLU A 53 -1.87 -9.31 16.22
CA GLU A 53 -2.30 -10.08 15.05
C GLU A 53 -1.75 -9.45 13.76
N ALA A 54 -2.15 -10.01 12.63
CA ALA A 54 -1.69 -9.51 11.34
C ALA A 54 -2.81 -8.80 10.59
N VAL A 55 -2.57 -7.54 10.22
CA VAL A 55 -3.57 -6.75 9.51
C VAL A 55 -3.31 -6.78 8.00
N ARG A 56 -4.38 -6.64 7.23
CA ARG A 56 -4.29 -6.65 5.77
C ARG A 56 -5.05 -5.48 5.16
N TRP A 57 -4.46 -4.87 4.14
CA TRP A 57 -5.09 -3.73 3.47
C TRP A 57 -5.11 -3.94 1.96
N PRO A 58 -6.32 -4.10 1.39
CA PRO A 58 -6.50 -4.30 -0.04
C PRO A 58 -6.18 -3.06 -0.85
N TYR A 59 -5.55 -3.25 -2.01
CA TYR A 59 -5.18 -2.14 -2.87
C TYR A 59 -6.42 -1.42 -3.39
N LEU A 60 -7.57 -2.06 -3.24
CA LEU A 60 -8.83 -1.48 -3.69
C LEU A 60 -9.24 -0.30 -2.81
N CYS A 61 -9.57 -0.60 -1.55
CA CYS A 61 -9.98 0.43 -0.60
C CYS A 61 -8.92 1.53 -0.51
N LEU A 62 -7.66 1.13 -0.47
CA LEU A 62 -6.55 2.07 -0.37
C LEU A 62 -6.85 3.34 -1.15
N ARG A 63 -7.30 4.37 -0.45
CA ARG A 63 -7.63 5.65 -1.08
C ARG A 63 -6.42 6.21 -1.83
N ARG A 64 -5.25 6.13 -1.20
CA ARG A 64 -4.02 6.63 -1.79
C ARG A 64 -2.79 6.10 -1.06
N TYR A 65 -1.62 6.32 -1.63
CA TYR A 65 -0.37 5.87 -1.03
C TYR A 65 0.77 6.83 -1.34
N GLY A 66 1.21 7.56 -0.33
CA GLY A 66 2.30 8.51 -0.52
C GLY A 66 3.59 8.04 0.12
N TYR A 67 4.54 8.96 0.28
CA TYR A 67 5.83 8.64 0.88
C TYR A 67 6.59 9.90 1.23
N ASP A 68 7.32 9.86 2.34
CA ASP A 68 8.11 11.01 2.79
C ASP A 68 9.44 10.55 3.36
N SER A 69 10.35 11.51 3.58
CA SER A 69 11.67 11.21 4.12
C SER A 69 11.55 10.28 5.33
N ASN A 70 12.33 9.19 5.30
CA ASN A 70 12.31 8.22 6.39
C ASN A 70 10.94 8.11 7.01
N LEU A 71 9.91 8.23 6.17
CA LEU A 71 8.52 8.15 6.65
C LEU A 71 7.61 7.60 5.56
N PHE A 72 6.66 6.75 5.96
CA PHE A 72 5.73 6.16 5.01
C PHE A 72 4.36 5.98 5.65
N SER A 73 3.31 6.45 4.96
CA SER A 73 1.95 6.34 5.46
C SER A 73 0.97 6.17 4.32
N PHE A 74 -0.26 5.78 4.65
CA PHE A 74 -1.31 5.57 3.65
C PHE A 74 -2.68 5.78 4.24
N GLU A 75 -3.62 6.25 3.43
CA GLU A 75 -4.99 6.49 3.88
C GLU A 75 -5.90 5.34 3.50
N SER A 76 -7.01 5.20 4.21
CA SER A 76 -7.96 4.13 3.95
C SER A 76 -9.38 4.56 4.36
N GLY A 77 -10.37 3.99 3.69
CA GLY A 77 -11.76 4.32 3.99
C GLY A 77 -12.29 3.51 5.17
N ARG A 78 -13.62 3.44 5.27
CA ARG A 78 -14.26 2.71 6.35
C ARG A 78 -14.75 1.35 5.86
N ARG A 79 -14.30 0.95 4.68
CA ARG A 79 -14.71 -0.32 4.11
C ARG A 79 -13.69 -1.41 4.41
N CYS A 80 -12.51 -0.99 4.88
CA CYS A 80 -11.45 -1.94 5.21
C CYS A 80 -11.67 -2.54 6.59
N GLN A 81 -10.90 -3.58 6.92
CA GLN A 81 -11.01 -4.25 8.21
C GLN A 81 -10.81 -3.26 9.34
N THR A 82 -9.58 -2.77 9.48
CA THR A 82 -9.25 -1.81 10.53
C THR A 82 -10.33 -0.76 10.68
N GLY A 83 -10.60 -0.02 9.60
CA GLY A 83 -11.62 1.01 9.64
C GLY A 83 -11.08 2.38 9.25
N GLN A 84 -11.97 3.32 9.01
CA GLN A 84 -11.58 4.67 8.63
C GLN A 84 -10.39 5.15 9.46
N GLY A 85 -9.57 6.00 8.87
CA GLY A 85 -8.40 6.51 9.56
C GLY A 85 -7.12 6.28 8.79
N ILE A 86 -6.10 7.08 9.08
CA ILE A 86 -4.82 6.96 8.41
C ILE A 86 -3.82 6.18 9.26
N PHE A 87 -2.88 5.52 8.59
CA PHE A 87 -1.87 4.72 9.29
C PHE A 87 -0.47 5.10 8.81
N ALA A 88 0.33 5.64 9.73
CA ALA A 88 1.69 6.04 9.41
C ALA A 88 2.71 5.17 10.14
N PHE A 89 3.81 4.86 9.47
CA PHE A 89 4.85 4.03 10.06
C PHE A 89 6.24 4.57 9.71
N LYS A 90 7.19 4.37 10.61
CA LYS A 90 8.56 4.83 10.40
C LYS A 90 9.36 3.81 9.60
N CYS A 91 9.90 4.24 8.46
CA CYS A 91 10.69 3.36 7.61
C CYS A 91 11.86 4.12 6.98
N SER A 92 12.68 3.41 6.23
CA SER A 92 13.84 4.01 5.58
C SER A 92 13.72 3.90 4.06
N ARG A 93 12.93 2.95 3.60
CA ARG A 93 12.73 2.74 2.17
C ARG A 93 11.33 3.15 1.75
N ALA A 94 10.91 4.34 2.17
CA ALA A 94 9.59 4.86 1.84
C ALA A 94 9.33 4.77 0.34
N GLU A 95 10.06 5.58 -0.43
CA GLU A 95 9.90 5.60 -1.88
C GLU A 95 9.79 4.17 -2.42
N GLU A 96 10.77 3.35 -2.11
CA GLU A 96 10.79 1.96 -2.57
C GLU A 96 9.39 1.36 -2.54
N ILE A 97 8.71 1.50 -1.40
CA ILE A 97 7.36 0.97 -1.24
C ILE A 97 6.37 1.76 -2.09
N PHE A 98 6.63 3.04 -2.27
CA PHE A 98 5.75 3.90 -3.05
C PHE A 98 5.93 3.64 -4.55
N ASN A 99 7.07 3.07 -4.91
CA ASN A 99 7.36 2.76 -6.30
C ASN A 99 6.92 1.33 -6.65
N LEU A 100 7.06 0.43 -5.68
CA LEU A 100 6.68 -0.97 -5.88
C LEU A 100 5.17 -1.14 -5.79
N LEU A 101 4.55 -0.39 -4.88
CA LEU A 101 3.10 -0.45 -4.69
C LEU A 101 2.37 -0.25 -6.02
N GLN A 102 2.73 0.81 -6.74
CA GLN A 102 2.10 1.11 -8.02
C GLN A 102 2.44 0.03 -9.05
N ASP A 103 3.54 -0.66 -8.84
CA ASP A 103 3.98 -1.72 -9.74
C ASP A 103 3.11 -2.97 -9.57
N LEU A 104 2.59 -3.15 -8.37
CA LEU A 104 1.74 -4.32 -8.08
C LEU A 104 0.28 -4.00 -8.38
N MET A 105 -0.17 -2.83 -7.95
CA MET A 105 -1.56 -2.42 -8.18
C MET A 105 -1.93 -2.56 -9.65
N GLN A 106 -0.99 -2.22 -10.53
CA GLN A 106 -1.22 -2.31 -11.97
C GLN A 106 -1.34 -3.77 -12.42
N CYS A 107 -0.73 -4.67 -11.65
CA CYS A 107 -0.77 -6.10 -11.96
C CYS A 107 -2.21 -6.59 -12.01
N ASN A 108 -3.13 -5.80 -11.45
CA ASN A 108 -4.54 -6.16 -11.42
C ASN A 108 -5.01 -6.62 -12.80
N SER A 109 -6.13 -7.33 -12.83
CA SER A 109 -6.69 -7.83 -14.09
C SER A 109 -7.87 -6.99 -14.52
N ILE A 110 -7.65 -5.69 -14.70
CA ILE A 110 -8.72 -4.78 -15.11
C ILE A 110 -9.01 -4.93 -16.60
N ASN A 111 -9.76 -3.98 -17.15
CA ASN A 111 -10.13 -4.00 -18.56
C ASN A 111 -8.94 -3.62 -19.43
N VAL A 112 -7.79 -4.23 -19.15
CA VAL A 112 -6.58 -3.95 -19.91
C VAL A 112 -6.58 -4.69 -21.25
N MET A 113 -7.74 -5.23 -21.61
CA MET A 113 -7.89 -5.96 -22.86
C MET A 113 -6.72 -6.92 -23.08
N GLU A 114 -6.43 -7.73 -22.06
CA GLU A 114 -5.34 -8.69 -22.13
C GLU A 114 -5.56 -9.84 -21.16
N GLU A 115 -5.14 -11.04 -21.57
CA GLU A 115 -5.29 -12.23 -20.74
C GLU A 115 -5.07 -11.90 -19.27
N PRO A 116 -5.95 -12.42 -18.40
CA PRO A 116 -5.87 -12.20 -16.96
C PRO A 116 -4.67 -12.90 -16.33
N VAL A 117 -4.06 -12.24 -15.34
CA VAL A 117 -2.91 -12.81 -14.66
C VAL A 117 -3.11 -12.80 -13.14
N ILE A 118 -3.17 -13.98 -12.55
CA ILE A 118 -3.36 -14.10 -11.11
C ILE A 118 -2.40 -15.13 -10.51
N ILE A 119 -2.05 -14.94 -9.24
CA ILE A 119 -1.14 -15.86 -8.56
C ILE A 119 -1.72 -16.30 -7.22
N THR A 120 -1.44 -17.55 -6.85
CA THR A 120 -1.93 -18.09 -5.59
C THR A 120 -0.84 -18.11 -4.52
N ARG A 121 -1.24 -18.23 -3.27
CA ARG A 121 -0.29 -18.27 -2.16
C ARG A 121 -0.99 -18.60 -0.85
N ASN A 122 -0.20 -18.91 0.17
CA ASN A 122 -0.75 -19.25 1.48
C ASN A 122 0.10 -18.64 2.60
N SER A 123 -0.36 -18.81 3.84
CA SER A 123 0.35 -18.27 4.99
C SER A 123 0.57 -19.36 6.05
N HIS A 124 1.30 -19.01 7.11
CA HIS A 124 1.57 -19.96 8.18
C HIS A 124 1.62 -19.24 9.53
N PRO A 125 0.76 -19.66 10.46
CA PRO A 125 0.68 -19.07 11.80
C PRO A 125 1.91 -19.41 12.64
N ALA A 126 1.92 -18.91 13.88
CA ALA A 126 3.03 -19.16 14.79
C ALA A 126 2.54 -19.81 16.09
N GLU A 127 3.48 -20.28 16.89
CA GLU A 127 3.15 -20.93 18.16
C GLU A 127 2.26 -20.03 19.01
N LEU A 128 1.87 -20.52 20.18
CA LEU A 128 1.02 -19.76 21.09
C LEU A 128 1.65 -19.68 22.48
N ASP A 129 0.96 -18.99 23.38
CA ASP A 129 1.45 -18.82 24.75
C ASP A 129 0.30 -18.90 25.75
N LEU A 130 0.61 -18.72 27.03
CA LEU A 130 -0.40 -18.76 28.08
C LEU A 130 -0.52 -17.42 28.77
N PRO A 131 -1.76 -17.00 29.05
CA PRO A 131 -2.06 -15.73 29.71
C PRO A 131 -1.62 -15.73 31.18
N ARG A 132 -2.09 -14.73 31.92
CA ARG A 132 -1.76 -14.63 33.34
C ARG A 132 -2.97 -14.97 34.21
N ALA A 133 -2.71 -15.66 35.32
CA ALA A 133 -3.77 -16.06 36.24
C ALA A 133 -4.28 -14.86 37.04
N PRO A 134 -5.61 -14.79 37.24
CA PRO A 134 -6.24 -13.70 37.98
C PRO A 134 -5.93 -13.77 39.47
N GLN A 135 -6.69 -13.03 40.26
CA GLN A 135 -6.50 -13.00 41.71
C GLN A 135 -7.65 -13.69 42.42
N PRO A 136 -7.38 -14.18 43.65
CA PRO A 136 -8.38 -14.88 44.46
C PRO A 136 -9.47 -13.95 44.97
N PRO A 137 -10.69 -14.48 45.09
CA PRO A 137 -11.84 -13.71 45.57
C PRO A 137 -11.74 -13.37 47.05
N ASN A 138 -12.83 -12.86 47.62
CA ASN A 138 -12.86 -12.51 49.03
C ASN A 138 -13.86 -13.37 49.79
N ALA A 139 -13.96 -13.14 51.10
CA ALA A 139 -14.88 -13.89 51.94
C ALA A 139 -15.88 -12.97 52.64
N LEU A 140 -16.73 -13.55 53.47
CA LEU A 140 -17.73 -12.77 54.20
C LEU A 140 -17.90 -13.31 55.62
N GLY A 141 -18.74 -12.63 56.40
CA GLY A 141 -18.98 -13.05 57.77
C GLY A 141 -20.38 -13.56 57.99
N TYR A 142 -20.97 -13.19 59.11
CA TYR A 142 -22.33 -13.62 59.45
C TYR A 142 -22.99 -12.66 60.43
N THR A 143 -24.27 -12.86 60.67
CA THR A 143 -25.02 -12.00 61.60
C THR A 143 -25.70 -12.83 62.68
N VAL A 144 -26.19 -12.15 63.71
CA VAL A 144 -26.87 -12.82 64.82
C VAL A 144 -28.00 -13.71 64.31
N SER A 145 -28.29 -14.76 65.07
CA SER A 145 -29.35 -15.69 64.70
C SER A 145 -30.44 -15.73 65.77
N SER A 146 -31.64 -16.12 65.37
CA SER A 146 -32.77 -16.20 66.28
C SER A 146 -32.82 -14.97 67.19
N LEU B 1 -1.83 -0.65 16.02
CA LEU B 1 -2.13 0.31 14.97
C LEU B 1 -2.64 1.62 15.56
N PHE B 2 -2.05 2.73 15.12
CA PHE B 2 -2.44 4.05 15.62
C PHE B 2 -3.39 4.73 14.63
N ARG B 3 -4.19 5.67 15.13
CA ARG B 3 -5.13 6.39 14.30
C ARG B 3 -4.68 7.83 14.09
N LEU B 4 -4.39 8.18 12.85
CA LEU B 4 -3.94 9.52 12.51
C LEU B 4 -5.11 10.38 12.04
N ARG B 5 -4.91 11.70 12.04
CA ARG B 5 -5.95 12.62 11.62
C ARG B 5 -5.49 13.44 10.41
N HIS B 6 -4.19 13.39 10.12
CA HIS B 6 -3.62 14.12 8.99
C HIS B 6 -2.73 13.21 8.15
N PHE B 7 -2.34 13.69 6.97
CA PHE B 7 -1.49 12.93 6.09
C PHE B 7 -0.15 13.63 5.88
N PRO B 8 0.92 13.04 6.43
CA PRO B 8 2.27 13.59 6.32
C PRO B 8 2.83 13.48 4.91
N CYS B 9 2.75 12.30 4.34
CA CYS B 9 3.25 12.06 2.98
C CYS B 9 2.92 13.24 2.07
N GLY B 10 3.73 13.42 1.03
CA GLY B 10 3.51 14.51 0.10
C GLY B 10 3.25 14.03 -1.31
N ASN B 11 4.28 13.47 -1.93
CA ASN B 11 4.16 12.96 -3.31
C ASN B 11 3.34 11.68 -3.33
N VAL B 12 2.02 11.82 -3.45
CA VAL B 12 1.13 10.66 -3.50
C VAL B 12 0.68 10.37 -4.93
N ASN B 13 0.52 9.10 -5.25
CA ASN B 13 0.09 8.69 -6.57
C ASN B 13 -0.98 7.60 -6.49
N TYR B 14 -1.94 7.64 -7.41
CA TYR B 14 -3.01 6.67 -7.45
C TYR B 14 -2.63 5.45 -8.28
N GLY B 15 -3.48 4.43 -8.27
CA GLY B 15 -3.21 3.23 -9.03
C GLY B 15 -4.47 2.62 -9.61
N TYR B 16 -5.11 1.76 -8.84
CA TYR B 16 -6.34 1.10 -9.27
C TYR B 16 -7.19 2.04 -10.13
N GLN B 17 -7.29 1.73 -11.42
CA GLN B 17 -8.07 2.54 -12.33
C GLN B 17 -9.34 1.81 -12.77
N GLN B 18 -10.44 2.55 -12.87
CA GLN B 18 -11.71 1.97 -13.28
C GLN B 18 -12.55 2.97 -14.05
N GLN B 19 -12.87 2.65 -15.30
CA GLN B 19 -13.67 3.54 -16.14
C GLN B 19 -14.92 3.99 -15.41
N GLY A 1 36.35 -16.84 -21.33
CA GLY A 1 36.35 -16.06 -20.11
C GLY A 1 35.16 -15.14 -20.00
N SER A 2 34.06 -15.65 -19.44
CA SER A 2 32.84 -14.87 -19.29
C SER A 2 31.87 -15.57 -18.34
N SER A 3 31.64 -14.95 -17.18
CA SER A 3 30.73 -15.51 -16.19
C SER A 3 30.12 -14.42 -15.33
N GLY A 4 29.00 -14.74 -14.69
CA GLY A 4 28.34 -13.76 -13.83
C GLY A 4 26.82 -13.88 -13.90
N SER A 5 26.18 -13.81 -12.74
CA SER A 5 24.73 -13.91 -12.66
C SER A 5 24.22 -13.39 -11.32
N SER A 6 22.90 -13.41 -11.15
CA SER A 6 22.28 -12.93 -9.92
C SER A 6 22.36 -13.99 -8.83
N GLY A 7 23.20 -13.73 -7.82
CA GLY A 7 23.36 -14.66 -6.73
C GLY A 7 23.11 -14.02 -5.37
N LEU A 8 21.85 -13.97 -4.96
CA LEU A 8 21.50 -13.37 -3.68
C LEU A 8 20.51 -14.27 -2.92
N ASN A 9 20.76 -14.45 -1.63
CA ASN A 9 19.90 -15.28 -0.79
C ASN A 9 20.33 -15.20 0.68
N ARG A 10 19.35 -15.02 1.56
CA ARG A 10 19.62 -14.93 2.98
C ARG A 10 18.62 -15.75 3.79
N ASP A 11 19.00 -16.12 5.00
CA ASP A 11 18.13 -16.91 5.88
C ASP A 11 17.06 -16.03 6.52
N SER A 12 17.51 -14.97 7.20
CA SER A 12 16.60 -14.06 7.87
C SER A 12 16.26 -12.87 6.97
N VAL A 13 15.11 -12.26 7.21
CA VAL A 13 14.66 -11.11 6.43
C VAL A 13 15.46 -9.87 6.79
N PRO A 14 16.22 -9.35 5.81
CA PRO A 14 17.04 -8.15 6.00
C PRO A 14 16.19 -6.89 6.14
N ASP A 15 16.82 -5.83 6.65
CA ASP A 15 16.12 -4.55 6.84
C ASP A 15 15.95 -3.82 5.51
N ASN A 16 16.48 -4.42 4.44
CA ASN A 16 16.39 -3.82 3.12
C ASN A 16 15.90 -4.83 2.09
N HIS A 17 15.01 -5.72 2.52
CA HIS A 17 14.46 -6.75 1.64
C HIS A 17 13.62 -6.12 0.53
N PRO A 18 13.75 -6.66 -0.68
CA PRO A 18 13.00 -6.17 -1.85
C PRO A 18 11.51 -6.48 -1.75
N THR A 19 11.18 -7.58 -1.10
CA THR A 19 9.79 -7.99 -0.94
C THR A 19 9.27 -7.63 0.45
N LYS A 20 10.17 -7.53 1.41
CA LYS A 20 9.80 -7.18 2.78
C LYS A 20 10.35 -5.82 3.17
N PHE A 21 9.68 -5.16 4.11
CA PHE A 21 10.10 -3.85 4.57
C PHE A 21 9.72 -3.63 6.03
N LYS A 22 10.71 -3.66 6.91
CA LYS A 22 10.48 -3.46 8.34
C LYS A 22 10.08 -2.02 8.63
N VAL A 23 8.86 -1.85 9.14
CA VAL A 23 8.36 -0.52 9.48
C VAL A 23 8.14 -0.38 10.98
N THR A 24 7.78 0.83 11.41
CA THR A 24 7.54 1.10 12.82
C THR A 24 6.35 2.05 13.00
N ASN A 25 5.22 1.50 13.43
CA ASN A 25 4.02 2.30 13.63
C ASN A 25 4.30 3.48 14.57
N VAL A 26 4.07 4.69 14.09
CA VAL A 26 4.30 5.89 14.88
C VAL A 26 3.03 6.72 15.00
N ASP A 27 3.13 7.83 15.73
CA ASP A 27 1.98 8.71 15.92
C ASP A 27 2.18 10.04 15.18
N ASP A 28 1.23 10.94 15.33
CA ASP A 28 1.30 12.24 14.68
C ASP A 28 2.62 12.93 15.00
N GLU A 29 3.08 12.80 16.24
CA GLU A 29 4.33 13.41 16.67
C GLU A 29 5.52 12.75 15.98
N GLY A 30 5.45 11.42 15.84
CA GLY A 30 6.53 10.69 15.21
C GLY A 30 7.17 9.67 16.14
N VAL A 31 6.59 9.52 17.32
CA VAL A 31 7.10 8.56 18.30
C VAL A 31 6.92 7.13 17.82
N GLU A 32 7.61 6.20 18.48
CA GLU A 32 7.52 4.79 18.13
C GLU A 32 6.59 4.04 19.08
N LEU A 33 5.48 3.56 18.56
CA LEU A 33 4.51 2.82 19.37
C LEU A 33 4.76 1.32 19.29
N GLY A 34 4.70 0.78 18.07
CA GLY A 34 4.93 -0.64 17.88
C GLY A 34 5.69 -0.94 16.62
N SER A 35 6.54 -1.96 16.66
CA SER A 35 7.33 -2.35 15.50
C SER A 35 6.61 -3.38 14.66
N GLY A 36 6.83 -3.33 13.35
CA GLY A 36 6.19 -4.27 12.45
C GLY A 36 6.86 -4.34 11.09
N VAL A 37 6.50 -5.34 10.30
CA VAL A 37 7.09 -5.52 8.98
C VAL A 37 6.01 -5.50 7.89
N MET A 38 6.15 -4.59 6.93
CA MET A 38 5.20 -4.49 5.84
C MET A 38 5.63 -5.32 4.64
N GLU A 39 4.77 -6.23 4.20
CA GLU A 39 5.08 -7.08 3.06
C GLU A 39 4.23 -6.69 1.85
N LEU A 40 4.88 -6.55 0.70
CA LEU A 40 4.18 -6.18 -0.53
C LEU A 40 3.94 -7.41 -1.40
N THR A 41 2.81 -8.07 -1.20
CA THR A 41 2.46 -9.25 -1.97
C THR A 41 1.33 -8.96 -2.95
N GLN A 42 1.48 -9.44 -4.18
CA GLN A 42 0.48 -9.24 -5.21
C GLN A 42 -0.93 -9.32 -4.63
N SER A 43 -1.07 -10.10 -3.56
CA SER A 43 -2.36 -10.28 -2.90
C SER A 43 -2.81 -8.98 -2.23
N GLU A 44 -2.03 -8.54 -1.24
CA GLU A 44 -2.35 -7.31 -0.51
C GLU A 44 -1.23 -6.97 0.47
N LEU A 45 -1.41 -5.87 1.18
CA LEU A 45 -0.42 -5.42 2.16
C LEU A 45 -0.67 -6.04 3.53
N VAL A 46 0.26 -6.87 3.99
CA VAL A 46 0.13 -7.52 5.28
C VAL A 46 1.22 -7.07 6.24
N LEU A 47 0.87 -6.91 7.51
CA LEU A 47 1.82 -6.48 8.52
C LEU A 47 2.23 -7.65 9.42
N HIS A 48 3.41 -7.54 10.02
CA HIS A 48 3.92 -8.58 10.90
C HIS A 48 4.43 -7.99 12.21
N LEU A 49 3.75 -8.33 13.31
CA LEU A 49 4.14 -7.83 14.62
C LEU A 49 4.69 -8.96 15.49
N HIS A 50 5.00 -8.64 16.74
CA HIS A 50 5.54 -9.62 17.67
C HIS A 50 4.41 -10.29 18.46
N ARG A 51 3.87 -9.55 19.44
CA ARG A 51 2.80 -10.08 20.27
C ARG A 51 1.44 -9.54 19.80
N ARG A 52 1.35 -9.21 18.51
CA ARG A 52 0.12 -8.69 17.94
C ARG A 52 -0.28 -9.49 16.71
N GLU A 53 -1.55 -9.39 16.33
CA GLU A 53 -2.07 -10.10 15.17
C GLU A 53 -1.56 -9.46 13.88
N ALA A 54 -1.98 -10.02 12.74
CA ALA A 54 -1.58 -9.51 11.44
C ALA A 54 -2.70 -8.70 10.80
N VAL A 55 -2.34 -7.55 10.25
CA VAL A 55 -3.32 -6.68 9.59
C VAL A 55 -3.14 -6.69 8.08
N ARG A 56 -4.25 -6.68 7.35
CA ARG A 56 -4.22 -6.69 5.89
C ARG A 56 -4.93 -5.47 5.33
N TRP A 57 -4.65 -5.16 4.06
CA TRP A 57 -5.25 -4.01 3.41
C TRP A 57 -5.33 -4.23 1.90
N PRO A 58 -6.56 -4.34 1.37
CA PRO A 58 -6.79 -4.56 -0.06
C PRO A 58 -6.45 -3.33 -0.89
N TYR A 59 -5.52 -3.49 -1.83
CA TYR A 59 -5.10 -2.39 -2.69
C TYR A 59 -6.31 -1.65 -3.25
N LEU A 60 -7.43 -2.36 -3.37
CA LEU A 60 -8.66 -1.77 -3.88
C LEU A 60 -9.15 -0.64 -2.99
N CYS A 61 -9.16 -0.89 -1.69
CA CYS A 61 -9.60 0.10 -0.71
C CYS A 61 -8.60 1.24 -0.60
N LEU A 62 -7.32 0.90 -0.69
CA LEU A 62 -6.25 1.90 -0.60
C LEU A 62 -6.58 3.12 -1.44
N ARG A 63 -7.21 4.11 -0.83
CA ARG A 63 -7.58 5.34 -1.53
C ARG A 63 -6.36 5.95 -2.20
N ARG A 64 -5.32 6.22 -1.42
CA ARG A 64 -4.10 6.82 -1.95
C ARG A 64 -2.89 6.37 -1.14
N TYR A 65 -1.70 6.61 -1.68
CA TYR A 65 -0.46 6.22 -1.02
C TYR A 65 0.67 7.20 -1.36
N GLY A 66 1.40 7.61 -0.33
CA GLY A 66 2.50 8.54 -0.54
C GLY A 66 3.81 8.02 0.02
N TYR A 67 4.82 8.88 0.08
CA TYR A 67 6.13 8.50 0.59
C TYR A 67 6.94 9.74 0.99
N ASP A 68 7.84 9.55 1.95
CA ASP A 68 8.67 10.65 2.43
C ASP A 68 10.05 10.14 2.83
N SER A 69 10.98 11.07 3.06
CA SER A 69 12.34 10.72 3.45
C SER A 69 12.34 9.69 4.57
N ASN A 70 11.65 10.03 5.67
CA ASN A 70 11.57 9.14 6.82
C ASN A 70 10.13 9.01 7.31
N LEU A 71 9.18 9.02 6.37
CA LEU A 71 7.77 8.91 6.71
C LEU A 71 7.01 8.20 5.60
N PHE A 72 6.20 7.21 5.98
CA PHE A 72 5.41 6.45 5.02
C PHE A 72 4.02 6.15 5.57
N SER A 73 3.00 6.70 4.92
CA SER A 73 1.62 6.49 5.35
C SER A 73 0.73 6.16 4.15
N PHE A 74 -0.49 5.73 4.44
CA PHE A 74 -1.44 5.36 3.41
C PHE A 74 -2.88 5.49 3.90
N GLU A 75 -3.78 5.90 3.01
CA GLU A 75 -5.18 6.06 3.36
C GLU A 75 -6.00 4.84 2.95
N SER A 76 -7.10 4.61 3.65
CA SER A 76 -7.97 3.47 3.35
C SER A 76 -9.41 3.76 3.79
N GLY A 77 -10.35 3.11 3.11
CA GLY A 77 -11.75 3.31 3.44
C GLY A 77 -12.15 2.65 4.73
N ARG A 78 -13.42 2.27 4.86
CA ARG A 78 -13.93 1.63 6.06
C ARG A 78 -14.16 0.14 5.82
N ARG A 79 -14.39 -0.23 4.57
CA ARG A 79 -14.63 -1.62 4.21
C ARG A 79 -13.49 -2.51 4.71
N CYS A 80 -12.34 -1.90 5.00
CA CYS A 80 -11.18 -2.64 5.48
C CYS A 80 -11.38 -3.09 6.93
N GLN A 81 -10.77 -4.22 7.27
CA GLN A 81 -10.89 -4.77 8.62
C GLN A 81 -10.78 -3.66 9.67
N THR A 82 -9.59 -3.06 9.76
CA THR A 82 -9.36 -1.99 10.72
C THR A 82 -10.47 -0.96 10.68
N GLY A 83 -10.71 -0.39 9.50
CA GLY A 83 -11.75 0.62 9.35
C GLY A 83 -11.21 1.96 8.91
N GLN A 84 -12.11 2.89 8.61
CA GLN A 84 -11.71 4.22 8.17
C GLN A 84 -10.65 4.81 9.10
N GLY A 85 -9.62 5.38 8.52
CA GLY A 85 -8.55 5.98 9.31
C GLY A 85 -7.18 5.83 8.66
N ILE A 86 -6.34 6.84 8.84
CA ILE A 86 -5.00 6.82 8.25
C ILE A 86 -3.97 6.29 9.26
N PHE A 87 -2.92 5.68 8.76
CA PHE A 87 -1.86 5.14 9.61
C PHE A 87 -0.48 5.39 9.00
N ALA A 88 0.39 6.03 9.77
CA ALA A 88 1.74 6.33 9.31
C ALA A 88 2.74 5.33 9.85
N PHE A 89 3.87 5.18 9.16
CA PHE A 89 4.91 4.25 9.59
C PHE A 89 6.29 4.76 9.19
N LYS A 90 7.22 4.76 10.15
CA LYS A 90 8.58 5.22 9.89
C LYS A 90 9.42 4.13 9.25
N CYS A 91 9.91 4.39 8.06
CA CYS A 91 10.73 3.42 7.33
C CYS A 91 11.98 4.08 6.75
N SER A 92 13.01 3.28 6.51
CA SER A 92 14.26 3.80 5.96
C SER A 92 14.21 3.84 4.44
N ARG A 93 13.47 2.91 3.86
CA ARG A 93 13.34 2.83 2.40
C ARG A 93 11.89 3.04 1.98
N ALA A 94 11.29 4.13 2.44
CA ALA A 94 9.90 4.44 2.11
C ALA A 94 9.69 4.46 0.60
N GLU A 95 10.45 5.31 -0.08
CA GLU A 95 10.35 5.43 -1.53
C GLU A 95 10.22 4.06 -2.19
N GLU A 96 11.18 3.18 -1.88
CA GLU A 96 11.18 1.83 -2.43
C GLU A 96 9.77 1.24 -2.45
N ILE A 97 9.12 1.25 -1.30
CA ILE A 97 7.76 0.72 -1.19
C ILE A 97 6.80 1.48 -2.09
N PHE A 98 7.04 2.78 -2.24
CA PHE A 98 6.19 3.62 -3.07
C PHE A 98 6.45 3.35 -4.55
N ASN A 99 7.61 2.77 -4.86
CA ASN A 99 7.98 2.46 -6.23
C ASN A 99 7.41 1.11 -6.65
N LEU A 100 7.26 0.20 -5.69
CA LEU A 100 6.72 -1.12 -5.97
C LEU A 100 5.21 -1.15 -5.80
N LEU A 101 4.71 -0.36 -4.84
CA LEU A 101 3.29 -0.29 -4.57
C LEU A 101 2.50 0.04 -5.85
N GLN A 102 2.86 1.16 -6.47
CA GLN A 102 2.20 1.60 -7.70
C GLN A 102 2.22 0.49 -8.74
N ASP A 103 3.28 -0.31 -8.73
CA ASP A 103 3.42 -1.41 -9.68
C ASP A 103 2.44 -2.53 -9.35
N LEU A 104 2.05 -2.63 -8.08
CA LEU A 104 1.12 -3.66 -7.64
C LEU A 104 -0.32 -3.19 -7.80
N MET A 105 -0.59 -1.96 -7.40
CA MET A 105 -1.93 -1.40 -7.51
C MET A 105 -2.46 -1.50 -8.93
N GLN A 106 -1.59 -1.21 -9.90
CA GLN A 106 -1.97 -1.27 -11.30
C GLN A 106 -2.07 -2.72 -11.78
N CYS A 107 -1.20 -3.57 -11.26
CA CYS A 107 -1.19 -4.98 -11.63
C CYS A 107 -2.60 -5.57 -11.54
N ASN A 108 -3.19 -5.50 -10.35
CA ASN A 108 -4.52 -6.04 -10.13
C ASN A 108 -5.40 -5.83 -11.37
N SER A 109 -6.03 -6.91 -11.82
CA SER A 109 -6.89 -6.85 -13.00
C SER A 109 -7.76 -5.59 -12.97
N ILE A 110 -7.53 -4.70 -13.93
CA ILE A 110 -8.30 -3.46 -14.02
C ILE A 110 -9.36 -3.55 -15.10
N ASN A 111 -10.62 -3.65 -14.68
CA ASN A 111 -11.74 -3.74 -15.61
C ASN A 111 -11.38 -4.60 -16.81
N VAL A 112 -10.70 -5.72 -16.55
CA VAL A 112 -10.30 -6.64 -17.60
C VAL A 112 -11.39 -7.67 -17.88
N MET A 113 -11.77 -8.41 -16.85
CA MET A 113 -12.81 -9.42 -16.99
C MET A 113 -14.11 -8.82 -17.51
N GLU A 114 -15.11 -9.67 -17.73
CA GLU A 114 -16.40 -9.21 -18.22
C GLU A 114 -17.44 -9.19 -17.11
N GLU A 115 -18.01 -8.02 -16.86
CA GLU A 115 -19.02 -7.87 -15.82
C GLU A 115 -20.39 -7.62 -16.42
N PRO A 116 -21.42 -8.20 -15.79
CA PRO A 116 -22.81 -8.06 -16.25
C PRO A 116 -23.35 -6.64 -16.05
N VAL A 117 -24.32 -6.25 -16.87
CA VAL A 117 -24.91 -4.93 -16.78
C VAL A 117 -26.10 -4.92 -15.82
N ILE A 118 -25.81 -4.86 -14.53
CA ILE A 118 -26.86 -4.86 -13.51
C ILE A 118 -27.86 -3.73 -13.76
N ILE A 119 -29.14 -4.02 -13.51
CA ILE A 119 -30.19 -3.04 -13.72
C ILE A 119 -30.02 -1.85 -12.77
N THR A 120 -30.17 -0.64 -13.31
CA THR A 120 -30.04 0.58 -12.51
C THR A 120 -31.26 1.47 -12.66
N ARG A 121 -31.51 2.29 -11.65
CA ARG A 121 -32.65 3.20 -11.66
C ARG A 121 -32.20 4.64 -11.95
N ASN A 122 -32.65 5.17 -13.08
CA ASN A 122 -32.29 6.54 -13.46
C ASN A 122 -33.53 7.39 -13.68
N SER A 123 -33.39 8.70 -13.55
CA SER A 123 -34.50 9.62 -13.74
C SER A 123 -34.13 10.73 -14.72
N HIS A 124 -33.48 10.36 -15.81
CA HIS A 124 -33.07 11.31 -16.82
C HIS A 124 -32.97 10.65 -18.20
N PRO A 125 -33.34 11.40 -19.24
CA PRO A 125 -33.32 10.91 -20.63
C PRO A 125 -31.90 10.73 -21.14
N ALA A 126 -31.75 9.93 -22.19
CA ALA A 126 -30.45 9.68 -22.79
C ALA A 126 -29.80 10.97 -23.27
N GLU A 127 -28.49 10.91 -23.55
CA GLU A 127 -27.76 12.08 -24.01
C GLU A 127 -26.98 11.76 -25.28
N LEU A 128 -26.81 12.77 -26.14
CA LEU A 128 -26.08 12.59 -27.38
C LEU A 128 -24.89 13.54 -27.45
N ASP A 129 -23.86 13.14 -28.19
CA ASP A 129 -22.67 13.95 -28.35
C ASP A 129 -22.46 14.33 -29.81
N LEU A 130 -21.76 15.44 -30.03
CA LEU A 130 -21.48 15.92 -31.38
C LEU A 130 -19.99 15.86 -31.69
N PRO A 131 -19.66 15.49 -32.94
CA PRO A 131 -18.27 15.39 -33.39
C PRO A 131 -17.60 16.75 -33.51
N ARG A 132 -16.35 16.83 -33.05
CA ARG A 132 -15.60 18.08 -33.10
C ARG A 132 -14.36 17.92 -33.98
N ALA A 133 -14.02 18.99 -34.69
CA ALA A 133 -12.86 18.98 -35.57
C ALA A 133 -12.16 20.33 -35.58
N PRO A 134 -10.83 20.31 -35.78
CA PRO A 134 -10.02 21.53 -35.81
C PRO A 134 -10.29 22.37 -37.05
N GLN A 135 -9.98 23.67 -36.96
CA GLN A 135 -10.20 24.59 -38.08
C GLN A 135 -8.87 25.19 -38.53
N PRO A 136 -8.50 24.94 -39.80
CA PRO A 136 -7.27 25.46 -40.39
C PRO A 136 -7.32 26.97 -40.61
N PRO A 137 -6.14 27.61 -40.55
CA PRO A 137 -6.03 29.05 -40.74
C PRO A 137 -6.29 29.48 -42.18
N ASN A 138 -6.07 30.75 -42.48
CA ASN A 138 -6.28 31.28 -43.82
C ASN A 138 -5.22 32.31 -44.17
N ALA A 139 -4.42 32.00 -45.20
CA ALA A 139 -3.37 32.92 -45.65
C ALA A 139 -3.07 32.72 -47.12
N LEU A 140 -2.14 33.52 -47.65
CA LEU A 140 -1.77 33.44 -49.06
C LEU A 140 -0.34 33.91 -49.27
N GLY A 141 0.40 33.20 -50.12
CA GLY A 141 1.77 33.56 -50.39
C GLY A 141 2.03 33.80 -51.87
N TYR A 142 3.09 34.55 -52.17
CA TYR A 142 3.43 34.85 -53.56
C TYR A 142 4.94 35.05 -53.71
N THR A 143 5.41 35.05 -54.94
CA THR A 143 6.83 35.23 -55.23
C THR A 143 7.04 35.84 -56.61
N VAL A 144 8.23 36.39 -56.84
CA VAL A 144 8.56 37.01 -58.12
C VAL A 144 10.05 36.90 -58.41
N SER A 145 10.38 36.66 -59.68
CA SER A 145 11.77 36.53 -60.08
C SER A 145 11.92 36.79 -61.58
N SER A 146 12.94 37.58 -61.94
CA SER A 146 13.19 37.91 -63.33
C SER A 146 13.99 36.80 -64.02
N LEU B 1 -4.45 0.45 15.62
CA LEU B 1 -3.40 1.33 15.10
C LEU B 1 -3.72 2.78 15.38
N PHE B 2 -2.68 3.62 15.43
CA PHE B 2 -2.87 5.04 15.69
C PHE B 2 -3.61 5.71 14.54
N ARG B 3 -4.55 6.59 14.89
CA ARG B 3 -5.33 7.30 13.89
C ARG B 3 -4.76 8.69 13.64
N LEU B 4 -4.65 9.06 12.37
CA LEU B 4 -4.12 10.36 11.98
C LEU B 4 -5.24 11.31 11.57
N ARG B 5 -4.94 12.60 11.54
CA ARG B 5 -5.92 13.61 11.15
C ARG B 5 -5.81 13.92 9.66
N HIS B 6 -4.59 14.07 9.17
CA HIS B 6 -4.35 14.37 7.77
C HIS B 6 -3.25 13.49 7.20
N PHE B 7 -3.02 13.61 5.89
CA PHE B 7 -1.98 12.83 5.23
C PHE B 7 -0.65 13.55 5.24
N PRO B 8 0.36 12.93 5.86
CA PRO B 8 1.71 13.51 5.97
C PRO B 8 2.43 13.53 4.62
N CYS B 9 2.45 12.39 3.95
CA CYS B 9 3.10 12.28 2.65
C CYS B 9 2.54 13.31 1.66
N GLY B 10 3.42 13.89 0.86
CA GLY B 10 3.00 14.88 -0.11
C GLY B 10 2.87 14.31 -1.51
N ASN B 11 3.97 13.83 -2.06
CA ASN B 11 3.98 13.26 -3.41
C ASN B 11 3.30 11.89 -3.41
N VAL B 12 1.97 11.90 -3.50
CA VAL B 12 1.21 10.66 -3.52
C VAL B 12 0.88 10.24 -4.95
N ASN B 13 0.51 8.96 -5.11
CA ASN B 13 0.18 8.43 -6.44
C ASN B 13 -1.25 7.87 -6.45
N TYR B 14 -2.20 8.73 -6.79
CA TYR B 14 -3.60 8.32 -6.83
C TYR B 14 -3.77 7.05 -7.68
N GLY B 15 -4.22 5.98 -7.04
CA GLY B 15 -4.41 4.72 -7.73
C GLY B 15 -5.86 4.48 -8.10
N TYR B 16 -6.61 3.85 -7.19
CA TYR B 16 -8.01 3.56 -7.42
C TYR B 16 -8.85 4.83 -7.36
N GLN B 17 -8.90 5.55 -8.48
CA GLN B 17 -9.67 6.79 -8.57
C GLN B 17 -10.41 6.89 -9.90
N GLN B 18 -11.67 7.30 -9.84
CA GLN B 18 -12.49 7.43 -11.04
C GLN B 18 -12.38 8.84 -11.61
N GLN B 19 -11.98 8.93 -12.88
CA GLN B 19 -11.84 10.22 -13.55
C GLN B 19 -13.19 10.71 -14.06
N GLY A 1 19.93 8.87 -6.74
CA GLY A 1 20.50 8.93 -5.41
C GLY A 1 19.94 7.86 -4.49
N SER A 2 20.80 7.32 -3.63
CA SER A 2 20.39 6.28 -2.70
C SER A 2 21.04 6.47 -1.34
N SER A 3 20.26 6.30 -0.27
CA SER A 3 20.77 6.45 1.08
C SER A 3 19.92 5.67 2.07
N GLY A 4 20.35 5.64 3.33
CA GLY A 4 19.63 4.92 4.35
C GLY A 4 20.43 4.72 5.61
N SER A 5 19.89 3.98 6.57
CA SER A 5 20.56 3.71 7.83
C SER A 5 20.27 2.30 8.32
N SER A 6 21.31 1.59 8.71
CA SER A 6 21.17 0.22 9.21
C SER A 6 22.39 -0.21 10.00
N GLY A 7 22.30 -1.38 10.64
CA GLY A 7 23.41 -1.88 11.43
C GLY A 7 23.53 -3.40 11.36
N LEU A 8 23.17 -4.05 12.46
CA LEU A 8 23.24 -5.51 12.52
C LEU A 8 21.85 -6.12 12.39
N ASN A 9 21.81 -7.43 12.15
CA ASN A 9 20.54 -8.14 11.99
C ASN A 9 20.47 -9.32 12.96
N ARG A 10 19.71 -9.17 14.04
CA ARG A 10 19.57 -10.22 15.03
C ARG A 10 18.39 -11.13 14.67
N ASP A 11 18.34 -11.55 13.42
CA ASP A 11 17.27 -12.42 12.95
C ASP A 11 17.60 -12.99 11.56
N SER A 12 16.80 -13.96 11.13
CA SER A 12 17.01 -14.59 9.83
C SER A 12 16.26 -13.82 8.73
N VAL A 13 16.19 -12.50 8.89
CA VAL A 13 15.50 -11.66 7.92
C VAL A 13 16.26 -10.35 7.70
N PRO A 14 16.69 -10.14 6.45
CA PRO A 14 17.44 -8.92 6.08
C PRO A 14 16.56 -7.68 6.10
N ASP A 15 17.16 -6.54 6.45
CA ASP A 15 16.43 -5.28 6.51
C ASP A 15 16.45 -4.58 5.15
N ASN A 16 16.75 -5.34 4.11
CA ASN A 16 16.80 -4.79 2.75
C ASN A 16 15.94 -5.62 1.80
N HIS A 17 15.19 -6.56 2.36
CA HIS A 17 14.31 -7.41 1.56
C HIS A 17 13.48 -6.59 0.58
N PRO A 18 13.43 -7.04 -0.69
CA PRO A 18 12.68 -6.35 -1.74
C PRO A 18 11.18 -6.47 -1.54
N THR A 19 10.73 -7.64 -1.11
CA THR A 19 9.31 -7.89 -0.88
C THR A 19 8.89 -7.41 0.51
N LYS A 20 9.76 -7.63 1.49
CA LYS A 20 9.47 -7.22 2.86
C LYS A 20 10.14 -5.88 3.18
N PHE A 21 9.59 -5.17 4.15
CA PHE A 21 10.13 -3.87 4.55
C PHE A 21 9.79 -3.58 6.01
N LYS A 22 10.80 -3.68 6.88
CA LYS A 22 10.61 -3.42 8.30
C LYS A 22 10.17 -1.98 8.53
N VAL A 23 9.02 -1.81 9.18
CA VAL A 23 8.49 -0.49 9.47
C VAL A 23 8.26 -0.31 10.97
N THR A 24 7.76 0.87 11.35
CA THR A 24 7.50 1.17 12.74
C THR A 24 6.34 2.16 12.89
N ASN A 25 5.19 1.68 13.33
CA ASN A 25 4.01 2.51 13.50
C ASN A 25 4.30 3.63 14.50
N VAL A 26 4.03 4.87 14.09
CA VAL A 26 4.25 6.03 14.93
C VAL A 26 3.01 6.92 14.98
N ASP A 27 3.02 7.88 15.91
CA ASP A 27 1.89 8.80 16.06
C ASP A 27 2.16 10.11 15.34
N ASP A 28 1.26 11.07 15.51
CA ASP A 28 1.41 12.38 14.87
C ASP A 28 2.77 12.99 15.19
N GLU A 29 3.09 13.09 16.47
CA GLU A 29 4.36 13.65 16.90
C GLU A 29 5.53 12.91 16.27
N GLY A 30 5.47 11.58 16.32
CA GLY A 30 6.54 10.77 15.76
C GLY A 30 7.00 9.68 16.70
N VAL A 31 6.29 9.52 17.81
CA VAL A 31 6.64 8.50 18.80
C VAL A 31 6.43 7.11 18.24
N GLU A 32 7.20 6.15 18.73
CA GLU A 32 7.10 4.77 18.29
C GLU A 32 6.21 3.95 19.22
N LEU A 33 5.07 3.53 18.70
CA LEU A 33 4.12 2.74 19.49
C LEU A 33 4.43 1.25 19.39
N GLY A 34 4.31 0.70 18.19
CA GLY A 34 4.58 -0.71 17.98
C GLY A 34 5.40 -0.95 16.73
N SER A 35 6.22 -2.01 16.76
CA SER A 35 7.07 -2.35 15.63
C SER A 35 6.42 -3.43 14.77
N GLY A 36 6.61 -3.32 13.46
CA GLY A 36 6.04 -4.29 12.55
C GLY A 36 6.73 -4.30 11.19
N VAL A 37 6.40 -5.28 10.37
CA VAL A 37 6.98 -5.39 9.03
C VAL A 37 5.91 -5.46 7.95
N MET A 38 5.99 -4.55 6.99
CA MET A 38 5.03 -4.50 5.90
C MET A 38 5.50 -5.34 4.72
N GLU A 39 4.62 -6.21 4.23
CA GLU A 39 4.95 -7.07 3.10
C GLU A 39 4.10 -6.72 1.88
N LEU A 40 4.76 -6.58 0.72
CA LEU A 40 4.06 -6.26 -0.51
C LEU A 40 3.77 -7.51 -1.33
N THR A 41 2.61 -8.10 -1.10
CA THR A 41 2.21 -9.31 -1.82
C THR A 41 1.05 -9.02 -2.77
N GLN A 42 1.16 -9.56 -3.98
CA GLN A 42 0.12 -9.36 -4.99
C GLN A 42 -1.26 -9.39 -4.36
N SER A 43 -1.39 -10.10 -3.25
CA SER A 43 -2.66 -10.21 -2.55
C SER A 43 -3.04 -8.89 -1.90
N GLU A 44 -2.22 -8.45 -0.95
CA GLU A 44 -2.48 -7.20 -0.24
C GLU A 44 -1.32 -6.86 0.70
N LEU A 45 -1.45 -5.75 1.42
CA LEU A 45 -0.42 -5.32 2.35
C LEU A 45 -0.67 -5.90 3.74
N VAL A 46 0.17 -6.86 4.13
CA VAL A 46 0.05 -7.49 5.44
C VAL A 46 1.17 -7.06 6.38
N LEU A 47 0.86 -6.97 7.67
CA LEU A 47 1.85 -6.57 8.66
C LEU A 47 2.25 -7.75 9.53
N HIS A 48 3.48 -7.71 10.04
CA HIS A 48 3.98 -8.78 10.89
C HIS A 48 4.42 -8.22 12.25
N LEU A 49 3.96 -8.85 13.32
CA LEU A 49 4.30 -8.43 14.67
C LEU A 49 4.84 -9.59 15.49
N HIS A 50 5.19 -9.32 16.75
CA HIS A 50 5.72 -10.34 17.63
C HIS A 50 4.68 -10.72 18.70
N ARG A 51 4.16 -11.95 18.59
CA ARG A 51 3.17 -12.43 19.54
C ARG A 51 1.91 -11.56 19.51
N ARG A 52 1.68 -10.93 18.36
CA ARG A 52 0.52 -10.07 18.19
C ARG A 52 -0.20 -10.36 16.88
N GLU A 53 -1.50 -10.08 16.84
CA GLU A 53 -2.29 -10.33 15.65
C GLU A 53 -1.71 -9.59 14.44
N ALA A 54 -2.13 -10.00 13.24
CA ALA A 54 -1.64 -9.39 12.02
C ALA A 54 -2.72 -8.52 11.37
N VAL A 55 -2.30 -7.62 10.50
CA VAL A 55 -3.23 -6.73 9.81
C VAL A 55 -3.05 -6.81 8.30
N ARG A 56 -4.11 -6.50 7.56
CA ARG A 56 -4.08 -6.53 6.10
C ARG A 56 -4.85 -5.35 5.51
N TRP A 57 -4.57 -5.05 4.24
CA TRP A 57 -5.23 -3.95 3.56
C TRP A 57 -5.26 -4.18 2.06
N PRO A 58 -6.47 -4.28 1.49
CA PRO A 58 -6.66 -4.50 0.05
C PRO A 58 -6.27 -3.28 -0.78
N TYR A 59 -5.36 -3.48 -1.73
CA TYR A 59 -4.90 -2.39 -2.59
C TYR A 59 -6.07 -1.54 -3.05
N LEU A 60 -7.27 -2.12 -3.04
CA LEU A 60 -8.47 -1.42 -3.47
C LEU A 60 -8.82 -0.30 -2.49
N CYS A 61 -9.02 -0.66 -1.23
CA CYS A 61 -9.35 0.31 -0.20
C CYS A 61 -8.38 1.49 -0.22
N LEU A 62 -7.12 1.19 -0.49
CA LEU A 62 -6.08 2.22 -0.55
C LEU A 62 -6.41 3.27 -1.60
N ARG A 63 -7.09 4.34 -1.19
CA ARG A 63 -7.46 5.41 -2.10
C ARG A 63 -6.27 6.32 -2.38
N ARG A 64 -5.51 6.63 -1.34
CA ARG A 64 -4.34 7.50 -1.48
C ARG A 64 -3.11 6.85 -0.84
N TYR A 65 -1.97 6.95 -1.53
CA TYR A 65 -0.74 6.38 -1.03
C TYR A 65 0.46 7.25 -1.41
N GLY A 66 1.09 7.86 -0.42
CA GLY A 66 2.24 8.72 -0.67
C GLY A 66 3.51 8.18 -0.04
N TYR A 67 4.52 9.03 0.07
CA TYR A 67 5.79 8.64 0.66
C TYR A 67 6.64 9.86 0.97
N ASP A 68 7.61 9.69 1.87
CA ASP A 68 8.50 10.77 2.27
C ASP A 68 9.90 10.24 2.56
N SER A 69 10.81 11.16 2.89
CA SER A 69 12.19 10.78 3.19
C SER A 69 12.23 9.60 4.16
N ASN A 70 11.71 9.82 5.36
CA ASN A 70 11.69 8.77 6.37
C ASN A 70 10.29 8.62 6.97
N LEU A 71 9.28 8.67 6.11
CA LEU A 71 7.90 8.54 6.56
C LEU A 71 7.04 7.90 5.47
N PHE A 72 6.30 6.86 5.84
CA PHE A 72 5.44 6.17 4.89
C PHE A 72 4.04 5.97 5.48
N SER A 73 3.07 6.68 4.93
CA SER A 73 1.69 6.59 5.40
C SER A 73 0.74 6.27 4.25
N PHE A 74 -0.41 5.71 4.59
CA PHE A 74 -1.41 5.35 3.58
C PHE A 74 -2.82 5.42 4.16
N GLU A 75 -3.77 5.83 3.33
CA GLU A 75 -5.17 5.93 3.76
C GLU A 75 -5.98 4.74 3.27
N SER A 76 -7.05 4.42 3.99
CA SER A 76 -7.92 3.30 3.62
C SER A 76 -9.35 3.55 4.09
N GLY A 77 -10.30 3.43 3.16
CA GLY A 77 -11.69 3.65 3.49
C GLY A 77 -12.12 2.86 4.72
N ARG A 78 -13.38 3.01 5.10
CA ARG A 78 -13.91 2.31 6.26
C ARG A 78 -14.31 0.88 5.91
N ARG A 79 -13.52 0.26 5.02
CA ARG A 79 -13.79 -1.11 4.60
C ARG A 79 -12.76 -2.06 5.17
N CYS A 80 -11.52 -1.59 5.29
CA CYS A 80 -10.43 -2.40 5.82
C CYS A 80 -10.75 -2.87 7.24
N GLN A 81 -10.29 -4.08 7.57
CA GLN A 81 -10.53 -4.66 8.89
C GLN A 81 -10.37 -3.59 9.97
N THR A 82 -9.21 -2.95 10.01
CA THR A 82 -8.94 -1.92 11.01
C THR A 82 -9.99 -0.82 10.95
N GLY A 83 -10.39 -0.44 9.74
CA GLY A 83 -11.39 0.59 9.58
C GLY A 83 -10.82 1.84 8.92
N GLN A 84 -11.69 2.81 8.65
CA GLN A 84 -11.27 4.05 8.02
C GLN A 84 -10.33 4.84 8.93
N GLY A 85 -9.11 5.06 8.48
CA GLY A 85 -8.14 5.79 9.26
C GLY A 85 -6.77 5.83 8.61
N ILE A 86 -6.00 6.88 8.91
CA ILE A 86 -4.67 7.03 8.34
C ILE A 86 -3.61 6.47 9.28
N PHE A 87 -2.78 5.58 8.76
CA PHE A 87 -1.71 4.96 9.55
C PHE A 87 -0.34 5.32 8.99
N ALA A 88 0.43 6.07 9.78
CA ALA A 88 1.77 6.47 9.37
C ALA A 88 2.84 5.61 10.02
N PHE A 89 3.78 5.12 9.21
CA PHE A 89 4.86 4.27 9.71
C PHE A 89 6.22 4.82 9.30
N LYS A 90 7.17 4.76 10.22
CA LYS A 90 8.52 5.26 9.96
C LYS A 90 9.37 4.18 9.28
N CYS A 91 10.05 4.57 8.20
CA CYS A 91 10.88 3.64 7.45
C CYS A 91 12.09 4.36 6.86
N SER A 92 12.90 3.63 6.10
CA SER A 92 14.08 4.19 5.47
C SER A 92 14.01 4.07 3.95
N ARG A 93 13.21 3.12 3.48
CA ARG A 93 13.05 2.89 2.05
C ARG A 93 11.65 3.28 1.59
N ALA A 94 11.04 4.23 2.30
CA ALA A 94 9.70 4.70 1.97
C ALA A 94 9.50 4.70 0.45
N GLU A 95 10.50 5.19 -0.28
CA GLU A 95 10.42 5.25 -1.73
C GLU A 95 10.24 3.86 -2.33
N GLU A 96 11.16 2.95 -2.00
CA GLU A 96 11.11 1.59 -2.51
C GLU A 96 9.67 1.08 -2.54
N ILE A 97 9.02 1.09 -1.38
CA ILE A 97 7.63 0.63 -1.27
C ILE A 97 6.71 1.46 -2.15
N PHE A 98 7.04 2.74 -2.29
CA PHE A 98 6.22 3.65 -3.10
C PHE A 98 6.38 3.33 -4.58
N ASN A 99 7.57 2.89 -4.97
CA ASN A 99 7.83 2.55 -6.36
C ASN A 99 7.27 1.18 -6.70
N LEU A 100 7.21 0.30 -5.71
CA LEU A 100 6.68 -1.05 -5.91
C LEU A 100 5.17 -1.06 -5.84
N LEU A 101 4.62 -0.30 -4.89
CA LEU A 101 3.17 -0.21 -4.72
C LEU A 101 2.48 0.16 -6.03
N GLN A 102 2.91 1.26 -6.62
CA GLN A 102 2.33 1.73 -7.88
C GLN A 102 2.47 0.66 -8.96
N ASP A 103 3.48 -0.19 -8.82
CA ASP A 103 3.71 -1.25 -9.79
C ASP A 103 2.70 -2.39 -9.61
N LEU A 104 2.40 -2.70 -8.36
CA LEU A 104 1.45 -3.77 -8.04
C LEU A 104 0.01 -3.31 -8.29
N MET A 105 -0.24 -2.03 -8.05
CA MET A 105 -1.57 -1.46 -8.25
C MET A 105 -1.99 -1.57 -9.72
N GLN A 106 -1.03 -1.40 -10.61
CA GLN A 106 -1.30 -1.47 -12.04
C GLN A 106 -1.37 -2.92 -12.51
N CYS A 107 -1.00 -3.85 -11.62
CA CYS A 107 -1.03 -5.26 -11.94
C CYS A 107 -2.44 -5.81 -11.88
N ASN A 108 -3.22 -5.32 -10.91
CA ASN A 108 -4.60 -5.77 -10.74
C ASN A 108 -5.46 -5.34 -11.92
N SER A 109 -6.73 -5.76 -11.91
CA SER A 109 -7.65 -5.42 -12.98
C SER A 109 -8.29 -4.05 -12.74
N ILE A 110 -7.95 -3.08 -13.58
CA ILE A 110 -8.49 -1.74 -13.46
C ILE A 110 -9.53 -1.46 -14.53
N ASN A 111 -9.08 -1.42 -15.79
CA ASN A 111 -9.97 -1.15 -16.91
C ASN A 111 -11.33 -1.83 -16.69
N VAL A 112 -11.30 -3.10 -16.31
CA VAL A 112 -12.52 -3.86 -16.06
C VAL A 112 -13.60 -2.97 -15.45
N MET A 113 -13.23 -2.21 -14.43
CA MET A 113 -14.16 -1.31 -13.77
C MET A 113 -15.02 -0.57 -14.78
N GLU A 114 -16.12 0.02 -14.31
CA GLU A 114 -17.03 0.76 -15.18
C GLU A 114 -17.54 -0.12 -16.31
N GLU A 115 -18.04 -1.30 -15.94
CA GLU A 115 -18.57 -2.25 -16.92
C GLU A 115 -19.54 -1.55 -17.88
N PRO A 116 -19.68 -2.12 -19.08
CA PRO A 116 -20.59 -1.56 -20.11
C PRO A 116 -22.05 -1.74 -19.74
N VAL A 117 -22.93 -1.37 -20.67
CA VAL A 117 -24.37 -1.49 -20.44
C VAL A 117 -24.72 -2.85 -19.83
N ILE A 118 -25.37 -2.81 -18.67
CA ILE A 118 -25.76 -4.02 -17.98
C ILE A 118 -27.28 -4.12 -17.85
N ILE A 119 -27.80 -5.33 -17.97
CA ILE A 119 -29.24 -5.56 -17.86
C ILE A 119 -29.85 -4.68 -16.78
N THR A 120 -29.11 -4.49 -15.69
CA THR A 120 -29.57 -3.67 -14.57
C THR A 120 -29.69 -2.20 -14.98
N ARG A 121 -30.47 -1.45 -14.22
CA ARG A 121 -30.67 -0.03 -14.51
C ARG A 121 -29.37 0.75 -14.29
N ASN A 122 -29.11 1.71 -15.18
CA ASN A 122 -27.91 2.51 -15.10
C ASN A 122 -27.97 3.71 -16.06
N SER A 123 -27.37 4.82 -15.66
CA SER A 123 -27.37 6.02 -16.48
C SER A 123 -26.29 5.95 -17.55
N HIS A 124 -26.52 6.63 -18.67
CA HIS A 124 -25.56 6.63 -19.77
C HIS A 124 -25.19 8.07 -20.16
N PRO A 125 -23.88 8.38 -20.07
CA PRO A 125 -23.37 9.72 -20.40
C PRO A 125 -23.44 10.01 -21.89
N ALA A 126 -23.11 11.24 -22.27
CA ALA A 126 -23.13 11.64 -23.66
C ALA A 126 -21.75 11.55 -24.30
N GLU A 127 -21.10 10.41 -24.08
CA GLU A 127 -19.76 10.19 -24.64
C GLU A 127 -19.84 9.70 -26.07
N LEU A 128 -19.12 10.37 -26.96
CA LEU A 128 -19.10 10.00 -28.38
C LEU A 128 -18.09 10.84 -29.15
N ASP A 129 -17.64 10.31 -30.28
CA ASP A 129 -16.66 11.02 -31.12
C ASP A 129 -16.49 10.32 -32.46
N LEU A 130 -16.55 11.08 -33.53
CA LEU A 130 -16.40 10.53 -34.88
C LEU A 130 -15.08 10.99 -35.51
N PRO A 131 -14.59 10.20 -36.48
CA PRO A 131 -13.34 10.51 -37.17
C PRO A 131 -13.47 11.72 -38.09
N ARG A 132 -12.40 12.01 -38.83
CA ARG A 132 -12.40 13.15 -39.75
C ARG A 132 -11.19 13.11 -40.67
N ALA A 133 -11.41 13.41 -41.94
CA ALA A 133 -10.33 13.40 -42.93
C ALA A 133 -10.57 14.43 -44.01
N PRO A 134 -9.52 15.16 -44.39
CA PRO A 134 -9.59 16.20 -45.44
C PRO A 134 -9.81 15.60 -46.82
N GLN A 135 -9.78 16.46 -47.84
CA GLN A 135 -9.97 16.03 -49.21
C GLN A 135 -9.05 16.79 -50.16
N PRO A 136 -8.19 16.04 -50.88
CA PRO A 136 -7.24 16.63 -51.83
C PRO A 136 -7.94 17.20 -53.06
N PRO A 137 -7.61 18.45 -53.40
CA PRO A 137 -8.19 19.14 -54.56
C PRO A 137 -7.70 18.55 -55.88
N ASN A 138 -8.07 19.20 -56.98
CA ASN A 138 -7.67 18.74 -58.31
C ASN A 138 -6.22 19.12 -58.60
N ALA A 139 -5.73 18.69 -59.76
CA ALA A 139 -4.36 18.99 -60.16
C ALA A 139 -4.33 19.99 -61.31
N LEU A 140 -4.74 19.53 -62.49
CA LEU A 140 -4.76 20.38 -63.67
C LEU A 140 -5.88 19.96 -64.62
N GLY A 141 -6.06 20.73 -65.69
CA GLY A 141 -7.10 20.43 -66.66
C GLY A 141 -6.58 20.41 -68.08
N TYR A 142 -7.24 21.13 -68.97
CA TYR A 142 -6.84 21.19 -70.36
C TYR A 142 -7.56 22.32 -71.09
N THR A 143 -7.07 22.66 -72.29
CA THR A 143 -7.67 23.72 -73.08
C THR A 143 -7.29 23.58 -74.56
N VAL A 144 -8.31 23.43 -75.41
CA VAL A 144 -8.08 23.28 -76.84
C VAL A 144 -8.59 24.50 -77.60
N SER A 145 -8.41 24.49 -78.92
CA SER A 145 -8.85 25.59 -79.76
C SER A 145 -9.37 25.07 -81.10
N SER A 146 -10.18 25.90 -81.77
CA SER A 146 -10.75 25.53 -83.06
C SER A 146 -11.13 26.77 -83.86
N LEU B 1 -3.44 0.11 16.04
CA LEU B 1 -2.73 1.13 15.27
C LEU B 1 -3.11 2.53 15.73
N PHE B 2 -2.45 3.52 15.15
CA PHE B 2 -2.71 4.92 15.49
C PHE B 2 -3.46 5.63 14.37
N ARG B 3 -4.50 6.37 14.73
CA ARG B 3 -5.30 7.09 13.75
C ARG B 3 -4.83 8.55 13.63
N LEU B 4 -4.48 8.96 12.42
CA LEU B 4 -4.02 10.32 12.18
C LEU B 4 -5.18 11.21 11.71
N ARG B 5 -4.96 12.52 11.77
CA ARG B 5 -5.98 13.48 11.36
C ARG B 5 -5.71 13.97 9.93
N HIS B 6 -4.44 14.20 9.62
CA HIS B 6 -4.05 14.68 8.30
C HIS B 6 -2.94 13.82 7.71
N PHE B 7 -2.71 13.95 6.41
CA PHE B 7 -1.67 13.18 5.74
C PHE B 7 -0.33 13.89 5.82
N PRO B 8 0.67 13.19 6.40
CA PRO B 8 2.02 13.73 6.55
C PRO B 8 2.76 13.87 5.23
N CYS B 9 2.76 12.79 4.44
CA CYS B 9 3.42 12.80 3.15
C CYS B 9 2.76 13.78 2.20
N GLY B 10 3.54 14.33 1.27
CA GLY B 10 3.02 15.29 0.32
C GLY B 10 2.86 14.69 -1.07
N ASN B 11 3.98 14.50 -1.76
CA ASN B 11 3.96 13.94 -3.10
C ASN B 11 3.27 12.57 -3.12
N VAL B 12 2.01 12.55 -3.52
CA VAL B 12 1.25 11.31 -3.58
C VAL B 12 0.77 11.03 -5.00
N ASN B 13 0.71 9.75 -5.35
CA ASN B 13 0.27 9.33 -6.68
C ASN B 13 -1.03 8.56 -6.60
N TYR B 14 -2.14 9.29 -6.44
CA TYR B 14 -3.46 8.67 -6.36
C TYR B 14 -3.57 7.49 -7.32
N GLY B 15 -4.01 6.35 -6.80
CA GLY B 15 -4.16 5.17 -7.62
C GLY B 15 -5.59 4.96 -8.09
N TYR B 16 -6.33 4.13 -7.37
CA TYR B 16 -7.72 3.84 -7.71
C TYR B 16 -8.51 5.12 -7.92
N GLN B 17 -9.65 5.02 -8.58
CA GLN B 17 -10.51 6.18 -8.83
C GLN B 17 -10.52 7.12 -7.63
N GLN B 18 -10.41 8.41 -7.89
CA GLN B 18 -10.41 9.41 -6.83
C GLN B 18 -11.61 10.33 -6.95
N GLN B 19 -12.57 10.17 -6.04
CA GLN B 19 -13.78 10.99 -6.04
C GLN B 19 -13.87 11.82 -4.77
N GLY A 1 20.08 -25.87 -26.36
CA GLY A 1 20.88 -25.64 -25.17
C GLY A 1 20.26 -24.63 -24.23
N SER A 2 20.55 -24.76 -22.94
CA SER A 2 20.01 -23.85 -21.94
C SER A 2 20.64 -24.12 -20.58
N SER A 3 20.42 -23.21 -19.64
CA SER A 3 20.96 -23.35 -18.29
C SER A 3 20.39 -22.27 -17.36
N GLY A 4 20.35 -22.58 -16.08
CA GLY A 4 19.82 -21.64 -15.10
C GLY A 4 19.17 -22.32 -13.92
N SER A 5 19.79 -22.19 -12.75
CA SER A 5 19.27 -22.81 -11.53
C SER A 5 19.96 -22.26 -10.29
N SER A 6 19.25 -21.45 -9.52
CA SER A 6 19.81 -20.86 -8.31
C SER A 6 18.70 -20.32 -7.41
N GLY A 7 19.02 -20.15 -6.13
CA GLY A 7 18.05 -19.64 -5.19
C GLY A 7 17.95 -18.13 -5.21
N LEU A 8 16.73 -17.61 -5.13
CA LEU A 8 16.50 -16.17 -5.14
C LEU A 8 17.29 -15.49 -4.02
N ASN A 9 17.14 -15.99 -2.81
CA ASN A 9 17.83 -15.44 -1.65
C ASN A 9 17.65 -16.32 -0.42
N ARG A 10 18.77 -16.78 0.14
CA ARG A 10 18.72 -17.63 1.33
C ARG A 10 19.47 -16.99 2.49
N ASP A 11 18.82 -16.05 3.16
CA ASP A 11 19.44 -15.35 4.29
C ASP A 11 18.39 -14.55 5.07
N SER A 12 18.76 -14.10 6.26
CA SER A 12 17.86 -13.33 7.10
C SER A 12 17.32 -12.12 6.35
N VAL A 13 16.01 -11.91 6.44
CA VAL A 13 15.37 -10.79 5.77
C VAL A 13 16.12 -9.49 6.02
N PRO A 14 16.70 -8.91 4.96
CA PRO A 14 17.45 -7.66 5.05
C PRO A 14 16.55 -6.46 5.33
N ASP A 15 17.14 -5.41 5.89
CA ASP A 15 16.40 -4.19 6.21
C ASP A 15 16.00 -3.44 4.94
N ASN A 16 16.41 -3.99 3.79
CA ASN A 16 16.10 -3.37 2.51
C ASN A 16 15.60 -4.41 1.50
N HIS A 17 14.79 -5.34 1.98
CA HIS A 17 14.24 -6.39 1.13
C HIS A 17 13.22 -5.82 0.15
N PRO A 18 13.23 -6.34 -1.09
CA PRO A 18 12.32 -5.90 -2.15
C PRO A 18 10.88 -6.34 -1.88
N THR A 19 10.72 -7.52 -1.29
CA THR A 19 9.41 -8.05 -0.99
C THR A 19 9.00 -7.74 0.45
N LYS A 20 9.99 -7.60 1.31
CA LYS A 20 9.75 -7.28 2.71
C LYS A 20 10.30 -5.92 3.08
N PHE A 21 9.63 -5.24 4.00
CA PHE A 21 10.07 -3.91 4.45
C PHE A 21 9.72 -3.68 5.91
N LYS A 22 10.74 -3.68 6.76
CA LYS A 22 10.55 -3.47 8.19
C LYS A 22 10.10 -2.04 8.48
N VAL A 23 8.99 -1.91 9.20
CA VAL A 23 8.46 -0.60 9.55
C VAL A 23 8.29 -0.45 11.06
N THR A 24 7.91 0.75 11.50
CA THR A 24 7.71 1.01 12.92
C THR A 24 6.45 1.84 13.15
N ASN A 25 5.42 1.20 13.68
CA ASN A 25 4.16 1.88 13.95
C ASN A 25 4.38 3.09 14.85
N VAL A 26 4.03 4.27 14.34
CA VAL A 26 4.18 5.51 15.10
C VAL A 26 2.86 6.25 15.22
N ASP A 27 2.89 7.39 15.90
CA ASP A 27 1.68 8.19 16.09
C ASP A 27 1.79 9.52 15.35
N ASP A 28 0.79 10.38 15.54
CA ASP A 28 0.77 11.68 14.89
C ASP A 28 2.06 12.44 15.15
N GLU A 29 2.53 12.39 16.39
CA GLU A 29 3.76 13.07 16.78
C GLU A 29 4.97 12.47 16.04
N GLY A 30 4.99 11.15 15.94
CA GLY A 30 6.08 10.48 15.26
C GLY A 30 6.83 9.54 16.19
N VAL A 31 6.26 9.27 17.35
CA VAL A 31 6.88 8.38 18.33
C VAL A 31 6.78 6.93 17.88
N GLU A 32 7.53 6.06 18.56
CA GLU A 32 7.53 4.63 18.24
C GLU A 32 6.65 3.86 19.22
N LEU A 33 5.56 3.31 18.72
CA LEU A 33 4.64 2.54 19.54
C LEU A 33 4.93 1.04 19.45
N GLY A 34 4.76 0.50 18.24
CA GLY A 34 5.01 -0.92 18.04
C GLY A 34 5.82 -1.19 16.78
N SER A 35 6.61 -2.25 16.80
CA SER A 35 7.45 -2.61 15.67
C SER A 35 6.77 -3.67 14.80
N GLY A 36 6.93 -3.56 13.49
CA GLY A 36 6.32 -4.51 12.58
C GLY A 36 7.00 -4.52 11.23
N VAL A 37 6.64 -5.51 10.40
CA VAL A 37 7.22 -5.64 9.07
C VAL A 37 6.14 -5.56 8.00
N MET A 38 6.26 -4.59 7.10
CA MET A 38 5.30 -4.42 6.02
C MET A 38 5.64 -5.30 4.83
N GLU A 39 4.66 -6.04 4.34
CA GLU A 39 4.87 -6.93 3.20
C GLU A 39 4.05 -6.48 2.00
N LEU A 40 4.71 -6.39 0.84
CA LEU A 40 4.05 -5.96 -0.39
C LEU A 40 3.74 -7.16 -1.29
N THR A 41 2.71 -7.91 -0.92
CA THR A 41 2.31 -9.08 -1.70
C THR A 41 1.21 -8.73 -2.70
N GLN A 42 1.40 -9.14 -3.94
CA GLN A 42 0.43 -8.88 -4.99
C GLN A 42 -1.00 -8.93 -4.45
N SER A 43 -1.20 -9.79 -3.45
CA SER A 43 -2.52 -9.95 -2.84
C SER A 43 -2.95 -8.67 -2.13
N GLU A 44 -2.17 -8.27 -1.13
CA GLU A 44 -2.47 -7.05 -0.37
C GLU A 44 -1.34 -6.73 0.59
N LEU A 45 -1.50 -5.64 1.34
CA LEU A 45 -0.49 -5.21 2.30
C LEU A 45 -0.77 -5.80 3.69
N VAL A 46 0.22 -6.51 4.23
CA VAL A 46 0.08 -7.12 5.54
C VAL A 46 1.19 -6.67 6.48
N LEU A 47 0.85 -6.46 7.75
CA LEU A 47 1.82 -6.03 8.74
C LEU A 47 2.15 -7.15 9.71
N HIS A 48 3.43 -7.53 9.75
CA HIS A 48 3.88 -8.60 10.64
C HIS A 48 4.51 -8.03 11.90
N LEU A 49 3.77 -8.08 12.99
CA LEU A 49 4.26 -7.55 14.27
C LEU A 49 4.79 -8.69 15.15
N HIS A 50 5.25 -8.33 16.35
CA HIS A 50 5.79 -9.32 17.27
C HIS A 50 4.80 -9.58 18.41
N ARG A 51 4.33 -10.82 18.50
CA ARG A 51 3.38 -11.19 19.55
C ARG A 51 2.40 -10.07 19.82
N ARG A 52 2.07 -9.31 18.78
CA ARG A 52 1.13 -8.19 18.90
C ARG A 52 -0.15 -8.47 18.12
N GLU A 53 -0.07 -8.33 16.80
CA GLU A 53 -1.22 -8.55 15.94
C GLU A 53 -0.82 -8.53 14.46
N ALA A 54 -1.80 -8.67 13.58
CA ALA A 54 -1.54 -8.65 12.15
C ALA A 54 -2.75 -8.10 11.38
N VAL A 55 -2.50 -7.08 10.58
CA VAL A 55 -3.56 -6.45 9.78
C VAL A 55 -3.32 -6.64 8.29
N ARG A 56 -4.36 -6.44 7.49
CA ARG A 56 -4.26 -6.60 6.05
C ARG A 56 -5.08 -5.52 5.34
N TRP A 57 -4.50 -4.92 4.30
CA TRP A 57 -5.17 -3.89 3.53
C TRP A 57 -5.10 -4.17 2.04
N PRO A 58 -6.26 -4.47 1.44
CA PRO A 58 -6.35 -4.78 0.01
C PRO A 58 -6.10 -3.54 -0.86
N TYR A 59 -5.09 -3.63 -1.72
CA TYR A 59 -4.75 -2.52 -2.61
C TYR A 59 -6.01 -1.82 -3.12
N LEU A 60 -7.10 -2.57 -3.21
CA LEU A 60 -8.37 -2.02 -3.67
C LEU A 60 -8.87 -0.92 -2.74
N CYS A 61 -9.09 -1.29 -1.48
CA CYS A 61 -9.57 -0.34 -0.49
C CYS A 61 -8.60 0.83 -0.34
N LEU A 62 -7.31 0.54 -0.45
CA LEU A 62 -6.28 1.56 -0.33
C LEU A 62 -6.61 2.78 -1.19
N ARG A 63 -7.20 3.79 -0.56
CA ARG A 63 -7.58 5.02 -1.26
C ARG A 63 -6.38 5.60 -2.00
N ARG A 64 -5.30 5.85 -1.27
CA ARG A 64 -4.08 6.41 -1.85
C ARG A 64 -2.85 5.99 -1.05
N TYR A 65 -1.68 6.30 -1.59
CA TYR A 65 -0.43 5.96 -0.93
C TYR A 65 0.66 6.99 -1.24
N GLY A 66 1.34 7.45 -0.20
CA GLY A 66 2.40 8.44 -0.38
C GLY A 66 3.75 7.93 0.08
N TYR A 67 4.72 8.83 0.16
CA TYR A 67 6.06 8.47 0.60
C TYR A 67 6.89 9.71 0.92
N ASP A 68 7.77 9.59 1.90
CA ASP A 68 8.62 10.71 2.30
C ASP A 68 10.00 10.22 2.72
N SER A 69 10.91 11.16 2.95
CA SER A 69 12.27 10.81 3.35
C SER A 69 12.27 9.77 4.47
N ASN A 70 11.58 10.08 5.55
CA ASN A 70 11.49 9.17 6.70
C ASN A 70 10.05 9.06 7.19
N LEU A 71 9.12 8.95 6.25
CA LEU A 71 7.70 8.82 6.58
C LEU A 71 6.95 8.05 5.50
N PHE A 72 6.18 7.06 5.92
CA PHE A 72 5.41 6.25 4.98
C PHE A 72 4.03 5.93 5.56
N SER A 73 3.00 6.55 4.98
CA SER A 73 1.63 6.32 5.43
C SER A 73 0.72 5.98 4.25
N PHE A 74 -0.49 5.53 4.57
CA PHE A 74 -1.46 5.16 3.54
C PHE A 74 -2.89 5.34 4.05
N GLU A 75 -3.77 5.79 3.17
CA GLU A 75 -5.17 6.00 3.53
C GLU A 75 -6.03 4.81 3.12
N SER A 76 -7.08 4.55 3.88
CA SER A 76 -7.97 3.44 3.61
C SER A 76 -9.41 3.79 3.99
N GLY A 77 -10.37 3.15 3.32
CA GLY A 77 -11.76 3.41 3.61
C GLY A 77 -12.21 2.78 4.91
N ARG A 78 -13.48 2.38 4.97
CA ARG A 78 -14.04 1.76 6.17
C ARG A 78 -14.23 0.26 5.96
N ARG A 79 -14.62 -0.13 4.75
CA ARG A 79 -14.84 -1.53 4.43
C ARG A 79 -13.69 -2.40 4.96
N CYS A 80 -12.52 -1.78 5.12
CA CYS A 80 -11.35 -2.50 5.61
C CYS A 80 -11.55 -2.93 7.06
N GLN A 81 -10.76 -3.90 7.50
CA GLN A 81 -10.86 -4.42 8.86
C GLN A 81 -10.76 -3.28 9.88
N THR A 82 -9.59 -2.67 9.96
CA THR A 82 -9.37 -1.56 10.89
C THR A 82 -10.46 -0.50 10.75
N GLY A 83 -10.94 -0.32 9.53
CA GLY A 83 -11.98 0.66 9.29
C GLY A 83 -11.41 2.03 8.93
N GLN A 84 -12.30 2.99 8.67
CA GLN A 84 -11.88 4.33 8.32
C GLN A 84 -10.75 4.81 9.22
N GLY A 85 -9.79 5.53 8.64
CA GLY A 85 -8.67 6.03 9.41
C GLY A 85 -7.35 5.86 8.69
N ILE A 86 -6.41 6.76 8.94
CA ILE A 86 -5.10 6.70 8.32
C ILE A 86 -4.03 6.21 9.30
N PHE A 87 -3.17 5.32 8.82
CA PHE A 87 -2.11 4.77 9.65
C PHE A 87 -0.73 5.05 9.05
N ALA A 88 0.13 5.69 9.82
CA ALA A 88 1.47 6.02 9.36
C ALA A 88 2.50 5.03 9.92
N PHE A 89 3.69 5.05 9.33
CA PHE A 89 4.76 4.15 9.76
C PHE A 89 6.12 4.72 9.40
N LYS A 90 6.96 4.94 10.41
CA LYS A 90 8.30 5.48 10.20
C LYS A 90 9.18 4.48 9.45
N CYS A 91 9.65 4.86 8.28
CA CYS A 91 10.50 4.01 7.47
C CYS A 91 11.61 4.81 6.79
N SER A 92 12.60 4.12 6.26
CA SER A 92 13.72 4.77 5.59
C SER A 92 13.65 4.54 4.07
N ARG A 93 13.14 3.38 3.69
CA ARG A 93 13.02 3.04 2.27
C ARG A 93 11.61 3.31 1.76
N ALA A 94 11.02 4.41 2.23
CA ALA A 94 9.67 4.78 1.82
C ALA A 94 9.52 4.72 0.30
N GLU A 95 10.40 5.41 -0.41
CA GLU A 95 10.36 5.44 -1.87
C GLU A 95 10.26 4.03 -2.43
N GLU A 96 11.20 3.17 -2.04
CA GLU A 96 11.22 1.79 -2.51
C GLU A 96 9.81 1.19 -2.51
N ILE A 97 9.15 1.25 -1.37
CA ILE A 97 7.80 0.72 -1.23
C ILE A 97 6.83 1.47 -2.14
N PHE A 98 7.10 2.75 -2.38
CA PHE A 98 6.25 3.56 -3.23
C PHE A 98 6.43 3.19 -4.71
N ASN A 99 7.66 2.82 -5.07
CA ASN A 99 7.97 2.44 -6.44
C ASN A 99 7.37 1.06 -6.76
N LEU A 100 7.23 0.23 -5.74
CA LEU A 100 6.67 -1.10 -5.91
C LEU A 100 5.14 -1.08 -5.82
N LEU A 101 4.62 -0.35 -4.85
CA LEU A 101 3.18 -0.23 -4.66
C LEU A 101 2.48 0.01 -5.99
N GLN A 102 2.93 1.04 -6.71
CA GLN A 102 2.33 1.38 -8.00
C GLN A 102 2.45 0.21 -8.97
N ASP A 103 3.58 -0.49 -8.92
CA ASP A 103 3.81 -1.63 -9.80
C ASP A 103 2.76 -2.71 -9.58
N LEU A 104 2.19 -2.74 -8.38
CA LEU A 104 1.16 -3.72 -8.04
C LEU A 104 -0.23 -3.19 -8.32
N MET A 105 -0.39 -1.87 -8.20
CA MET A 105 -1.68 -1.23 -8.45
C MET A 105 -2.04 -1.30 -9.93
N GLN A 106 -1.14 -0.80 -10.78
CA GLN A 106 -1.37 -0.81 -12.23
C GLN A 106 -1.84 -2.18 -12.69
N CYS A 107 -1.40 -3.22 -12.00
CA CYS A 107 -1.77 -4.59 -12.35
C CYS A 107 -3.27 -4.68 -12.64
N ASN A 108 -4.07 -4.09 -11.76
CA ASN A 108 -5.52 -4.11 -11.92
C ASN A 108 -6.09 -5.48 -11.59
N SER A 109 -5.69 -6.01 -10.43
CA SER A 109 -6.17 -7.32 -9.99
C SER A 109 -7.59 -7.58 -10.46
N ILE A 110 -7.76 -8.66 -11.23
CA ILE A 110 -9.08 -9.01 -11.74
C ILE A 110 -9.69 -10.16 -10.95
N ASN A 111 -10.68 -9.83 -10.12
CA ASN A 111 -11.35 -10.84 -9.29
C ASN A 111 -10.35 -11.86 -8.75
N VAL A 112 -9.22 -11.36 -8.25
CA VAL A 112 -8.18 -12.23 -7.70
C VAL A 112 -8.32 -12.36 -6.19
N MET A 113 -9.39 -13.04 -5.76
CA MET A 113 -9.64 -13.25 -4.34
C MET A 113 -9.90 -11.92 -3.63
N GLU A 114 -10.78 -11.11 -4.22
CA GLU A 114 -11.12 -9.82 -3.65
C GLU A 114 -12.46 -9.32 -4.21
N GLU A 115 -12.91 -8.18 -3.69
CA GLU A 115 -14.18 -7.60 -4.13
C GLU A 115 -14.26 -7.56 -5.65
N PRO A 116 -15.49 -7.61 -6.18
CA PRO A 116 -15.73 -7.58 -7.62
C PRO A 116 -15.42 -6.21 -8.24
N VAL A 117 -14.92 -6.24 -9.47
CA VAL A 117 -14.58 -5.01 -10.17
C VAL A 117 -14.92 -5.09 -11.66
N ILE A 118 -15.95 -4.37 -12.06
CA ILE A 118 -16.38 -4.36 -13.46
C ILE A 118 -15.30 -3.80 -14.36
N ILE A 119 -14.79 -4.63 -15.26
CA ILE A 119 -13.75 -4.21 -16.20
C ILE A 119 -14.34 -3.41 -17.35
N THR A 120 -15.40 -3.93 -17.94
CA THR A 120 -16.06 -3.26 -19.06
C THR A 120 -15.09 -2.38 -19.83
N ARG A 121 -13.91 -2.93 -20.13
CA ARG A 121 -12.88 -2.21 -20.86
C ARG A 121 -11.73 -3.13 -21.24
N ASN A 122 -11.13 -2.87 -22.40
CA ASN A 122 -10.01 -3.67 -22.87
C ASN A 122 -9.26 -2.96 -24.00
N SER A 123 -8.09 -3.48 -24.34
CA SER A 123 -7.27 -2.89 -25.39
C SER A 123 -6.25 -3.89 -25.92
N HIS A 124 -5.52 -3.49 -26.95
CA HIS A 124 -4.52 -4.36 -27.56
C HIS A 124 -3.44 -3.54 -28.25
N PRO A 125 -2.21 -3.59 -27.73
CA PRO A 125 -1.07 -2.87 -28.28
C PRO A 125 -0.62 -3.42 -29.63
N ALA A 126 0.46 -2.87 -30.16
CA ALA A 126 0.99 -3.31 -31.44
C ALA A 126 2.33 -2.63 -31.75
N GLU A 127 3.11 -3.25 -32.62
CA GLU A 127 4.41 -2.71 -33.01
C GLU A 127 4.84 -3.23 -34.38
N LEU A 128 5.94 -2.69 -34.88
CA LEU A 128 6.45 -3.10 -36.19
C LEU A 128 7.95 -2.80 -36.30
N ASP A 129 8.56 -3.23 -37.40
CA ASP A 129 9.97 -3.00 -37.63
C ASP A 129 10.33 -3.18 -39.10
N LEU A 130 11.52 -2.76 -39.48
CA LEU A 130 11.97 -2.87 -40.86
C LEU A 130 13.31 -3.61 -40.94
N PRO A 131 13.40 -4.57 -41.87
CA PRO A 131 14.63 -5.36 -42.07
C PRO A 131 15.77 -4.53 -42.66
N ARG A 132 16.87 -5.21 -42.96
CA ARG A 132 18.04 -4.53 -43.52
C ARG A 132 18.90 -5.51 -44.31
N ALA A 133 19.41 -5.05 -45.46
CA ALA A 133 20.24 -5.88 -46.31
C ALA A 133 21.41 -5.07 -46.87
N PRO A 134 22.63 -5.65 -46.77
CA PRO A 134 23.86 -5.02 -47.25
C PRO A 134 23.91 -4.95 -48.78
N GLN A 135 25.07 -4.61 -49.30
CA GLN A 135 25.26 -4.52 -50.75
C GLN A 135 26.66 -5.00 -51.15
N PRO A 136 26.69 -6.01 -52.03
CA PRO A 136 27.96 -6.58 -52.52
C PRO A 136 28.72 -5.62 -53.43
N PRO A 137 30.05 -5.61 -53.30
CA PRO A 137 30.92 -4.75 -54.12
C PRO A 137 30.95 -5.17 -55.58
N ASN A 138 31.85 -4.56 -56.35
CA ASN A 138 31.99 -4.87 -57.76
C ASN A 138 33.18 -4.13 -58.37
N ALA A 139 33.69 -4.65 -59.48
CA ALA A 139 34.82 -4.03 -60.16
C ALA A 139 35.12 -4.74 -61.47
N LEU A 140 35.81 -4.04 -62.37
CA LEU A 140 36.17 -4.61 -63.67
C LEU A 140 37.07 -3.66 -64.45
N GLY A 141 37.76 -4.19 -65.45
CA GLY A 141 38.64 -3.38 -66.27
C GLY A 141 39.04 -4.05 -67.56
N TYR A 142 39.78 -3.34 -68.40
CA TYR A 142 40.23 -3.88 -69.67
C TYR A 142 41.38 -3.06 -70.24
N THR A 143 41.89 -3.49 -71.39
CA THR A 143 43.00 -2.80 -72.04
C THR A 143 42.63 -2.41 -73.47
N VAL A 144 42.72 -1.11 -73.76
CA VAL A 144 42.40 -0.61 -75.09
C VAL A 144 43.62 0.03 -75.75
N SER A 145 43.47 0.43 -77.00
CA SER A 145 44.57 1.04 -77.75
C SER A 145 44.54 2.56 -77.60
N SER A 146 45.49 3.22 -78.26
CA SER A 146 45.58 4.68 -78.19
C SER A 146 45.16 5.30 -79.52
N LEU B 1 -1.52 0.01 15.92
CA LEU B 1 -2.24 0.77 14.89
C LEU B 1 -2.74 2.09 15.45
N PHE B 2 -2.09 3.18 15.06
CA PHE B 2 -2.46 4.51 15.51
C PHE B 2 -3.24 5.25 14.43
N ARG B 3 -4.43 5.76 14.79
CA ARG B 3 -5.27 6.48 13.85
C ARG B 3 -4.77 7.91 13.68
N LEU B 4 -4.70 8.37 12.43
CA LEU B 4 -4.24 9.72 12.13
C LEU B 4 -5.41 10.62 11.75
N ARG B 5 -5.17 11.92 11.72
CA ARG B 5 -6.20 12.89 11.36
C ARG B 5 -6.10 13.28 9.89
N HIS B 6 -4.87 13.51 9.42
CA HIS B 6 -4.64 13.89 8.04
C HIS B 6 -3.52 13.06 7.43
N PHE B 7 -3.21 13.33 6.16
CA PHE B 7 -2.16 12.60 5.46
C PHE B 7 -0.84 13.37 5.52
N PRO B 8 0.18 12.73 6.10
CA PRO B 8 1.52 13.34 6.23
C PRO B 8 2.23 13.48 4.88
N CYS B 9 2.25 12.40 4.12
CA CYS B 9 2.90 12.40 2.81
C CYS B 9 2.25 13.43 1.88
N GLY B 10 3.05 14.04 1.02
CA GLY B 10 2.53 15.03 0.10
C GLY B 10 2.30 14.46 -1.28
N ASN B 11 3.37 14.02 -1.93
CA ASN B 11 3.28 13.46 -3.27
C ASN B 11 2.69 12.05 -3.23
N VAL B 12 1.38 11.96 -3.32
CA VAL B 12 0.69 10.68 -3.29
C VAL B 12 0.35 10.20 -4.70
N ASN B 13 0.28 8.89 -4.88
CA ASN B 13 -0.03 8.29 -6.17
C ASN B 13 -1.43 7.70 -6.17
N TYR B 14 -2.42 8.50 -6.59
CA TYR B 14 -3.80 8.05 -6.63
C TYR B 14 -3.93 6.79 -7.48
N GLY B 15 -4.66 5.80 -6.95
CA GLY B 15 -4.85 4.56 -7.66
C GLY B 15 -6.30 4.13 -7.71
N TYR B 16 -6.64 3.11 -6.93
CA TYR B 16 -8.01 2.61 -6.89
C TYR B 16 -8.98 3.69 -6.42
N GLN B 17 -9.81 4.16 -7.34
CA GLN B 17 -10.78 5.20 -7.03
C GLN B 17 -12.08 4.59 -6.49
N GLN B 18 -12.25 3.30 -6.73
CA GLN B 18 -13.44 2.60 -6.27
C GLN B 18 -13.51 2.56 -4.75
N GLN B 19 -14.64 2.98 -4.19
CA GLN B 19 -14.83 3.00 -2.75
C GLN B 19 -15.17 1.60 -2.23
N GLY A 1 32.73 -4.38 -1.97
CA GLY A 1 32.49 -3.93 -0.61
C GLY A 1 33.61 -4.35 0.34
N SER A 2 34.53 -3.43 0.62
CA SER A 2 35.64 -3.73 1.51
C SER A 2 35.27 -3.46 2.96
N SER A 3 34.65 -2.31 3.20
CA SER A 3 34.24 -1.92 4.55
C SER A 3 32.97 -2.65 4.95
N GLY A 4 32.70 -2.69 6.25
CA GLY A 4 31.52 -3.36 6.76
C GLY A 4 30.93 -2.68 7.97
N SER A 5 30.19 -3.43 8.78
CA SER A 5 29.57 -2.89 9.97
C SER A 5 29.58 -3.91 11.11
N SER A 6 29.59 -3.42 12.35
CA SER A 6 29.60 -4.29 13.51
C SER A 6 28.23 -4.37 14.16
N GLY A 7 27.78 -5.58 14.45
CA GLY A 7 26.48 -5.77 15.07
C GLY A 7 25.57 -6.66 14.23
N LEU A 8 25.31 -7.86 14.72
CA LEU A 8 24.45 -8.80 14.02
C LEU A 8 23.02 -8.72 14.54
N ASN A 9 22.11 -8.29 13.68
CA ASN A 9 20.69 -8.17 14.06
C ASN A 9 19.83 -9.09 13.21
N ARG A 10 19.89 -8.90 11.89
CA ARG A 10 19.10 -9.72 10.97
C ARG A 10 19.45 -11.20 11.12
N ASP A 11 18.44 -12.04 11.18
CA ASP A 11 18.64 -13.48 11.31
C ASP A 11 18.14 -14.22 10.07
N SER A 12 16.85 -14.09 9.79
CA SER A 12 16.25 -14.75 8.63
C SER A 12 15.44 -13.76 7.79
N VAL A 13 15.64 -12.46 8.06
CA VAL A 13 14.95 -11.41 7.34
C VAL A 13 15.76 -10.13 7.31
N PRO A 14 16.36 -9.84 6.13
CA PRO A 14 17.18 -8.64 5.94
C PRO A 14 16.34 -7.36 5.96
N ASP A 15 16.93 -6.28 6.46
CA ASP A 15 16.25 -4.99 6.53
C ASP A 15 16.22 -4.33 5.16
N ASN A 16 16.70 -5.03 4.14
CA ASN A 16 16.72 -4.51 2.79
C ASN A 16 15.99 -5.44 1.83
N HIS A 17 15.16 -6.32 2.39
CA HIS A 17 14.39 -7.26 1.59
C HIS A 17 13.49 -6.53 0.59
N PRO A 18 13.50 -6.99 -0.67
CA PRO A 18 12.70 -6.39 -1.74
C PRO A 18 11.20 -6.64 -1.55
N THR A 19 10.87 -7.65 -0.73
CA THR A 19 9.48 -7.98 -0.47
C THR A 19 9.12 -7.70 0.99
N LYS A 20 10.13 -7.57 1.83
CA LYS A 20 9.91 -7.29 3.24
C LYS A 20 10.60 -5.99 3.66
N PHE A 21 9.84 -5.13 4.34
CA PHE A 21 10.36 -3.85 4.80
C PHE A 21 10.03 -3.60 6.27
N LYS A 22 11.03 -3.68 7.13
CA LYS A 22 10.84 -3.48 8.55
C LYS A 22 10.40 -2.05 8.84
N VAL A 23 9.12 -1.88 9.19
CA VAL A 23 8.58 -0.57 9.48
C VAL A 23 8.36 -0.39 10.98
N THR A 24 7.90 0.79 11.37
CA THR A 24 7.65 1.09 12.77
C THR A 24 6.48 2.05 12.94
N ASN A 25 5.36 1.53 13.43
CA ASN A 25 4.16 2.34 13.63
C ASN A 25 4.47 3.56 14.49
N VAL A 26 4.05 4.73 14.03
CA VAL A 26 4.27 5.98 14.75
C VAL A 26 2.99 6.78 14.89
N ASP A 27 3.05 7.87 15.63
CA ASP A 27 1.89 8.74 15.83
C ASP A 27 2.08 10.06 15.12
N ASP A 28 1.12 10.96 15.30
CA ASP A 28 1.18 12.28 14.67
C ASP A 28 2.54 12.92 14.84
N GLU A 29 3.02 12.95 16.08
CA GLU A 29 4.33 13.54 16.38
C GLU A 29 5.43 12.79 15.64
N GLY A 30 5.27 11.48 15.49
CA GLY A 30 6.26 10.68 14.81
C GLY A 30 6.95 9.70 15.72
N VAL A 31 6.56 9.70 17.00
CA VAL A 31 7.15 8.80 17.98
C VAL A 31 6.98 7.35 17.57
N GLU A 32 7.73 6.46 18.20
CA GLU A 32 7.66 5.03 17.90
C GLU A 32 6.75 4.31 18.90
N LEU A 33 5.55 3.95 18.45
CA LEU A 33 4.59 3.25 19.28
C LEU A 33 4.83 1.74 19.25
N GLY A 34 4.79 1.19 18.04
CA GLY A 34 5.00 -0.24 17.89
C GLY A 34 5.65 -0.60 16.56
N SER A 35 6.52 -1.60 16.58
CA SER A 35 7.21 -2.03 15.37
C SER A 35 6.40 -3.08 14.63
N GLY A 36 6.62 -3.17 13.32
CA GLY A 36 5.90 -4.13 12.51
C GLY A 36 6.59 -4.42 11.18
N VAL A 37 6.10 -5.41 10.46
CA VAL A 37 6.68 -5.78 9.18
C VAL A 37 5.65 -5.65 8.06
N MET A 38 6.02 -4.90 7.02
CA MET A 38 5.14 -4.70 5.88
C MET A 38 5.65 -5.43 4.65
N GLU A 39 4.80 -6.27 4.06
CA GLU A 39 5.18 -7.03 2.87
C GLU A 39 4.35 -6.60 1.66
N LEU A 40 5.01 -6.44 0.52
CA LEU A 40 4.34 -6.03 -0.70
C LEU A 40 4.11 -7.22 -1.62
N THR A 41 2.91 -7.78 -1.56
CA THR A 41 2.56 -8.92 -2.40
C THR A 41 1.41 -8.59 -3.35
N GLN A 42 1.59 -8.94 -4.62
CA GLN A 42 0.56 -8.68 -5.63
C GLN A 42 -0.84 -8.76 -5.02
N SER A 43 -1.02 -9.70 -4.09
CA SER A 43 -2.31 -9.89 -3.44
C SER A 43 -2.72 -8.64 -2.67
N GLU A 44 -1.92 -8.28 -1.66
CA GLU A 44 -2.20 -7.10 -0.86
C GLU A 44 -1.06 -6.82 0.11
N LEU A 45 -1.22 -5.79 0.93
CA LEU A 45 -0.19 -5.42 1.90
C LEU A 45 -0.40 -6.15 3.22
N VAL A 46 0.63 -6.89 3.63
CA VAL A 46 0.58 -7.66 4.87
C VAL A 46 1.40 -6.98 5.96
N LEU A 47 0.75 -6.65 7.07
CA LEU A 47 1.42 -6.00 8.19
C LEU A 47 1.49 -6.94 9.39
N HIS A 48 2.71 -7.16 9.89
CA HIS A 48 2.92 -8.04 11.03
C HIS A 48 3.33 -7.23 12.26
N LEU A 49 2.78 -7.59 13.41
CA LEU A 49 3.09 -6.90 14.66
C LEU A 49 3.37 -7.89 15.78
N HIS A 50 3.60 -7.38 16.99
CA HIS A 50 3.86 -8.22 18.14
C HIS A 50 2.72 -8.14 19.15
N ARG A 51 1.82 -7.18 18.95
CA ARG A 51 0.68 -7.01 19.84
C ARG A 51 -0.63 -7.19 19.09
N ARG A 52 -0.63 -6.82 17.82
CA ARG A 52 -1.82 -6.94 16.98
C ARG A 52 -1.68 -8.09 15.98
N GLU A 53 -2.81 -8.58 15.48
CA GLU A 53 -2.80 -9.67 14.51
C GLU A 53 -2.47 -9.16 13.12
N ALA A 54 -1.84 -10.01 12.32
CA ALA A 54 -1.47 -9.64 10.95
C ALA A 54 -2.56 -8.82 10.29
N VAL A 55 -2.26 -7.56 10.00
CA VAL A 55 -3.23 -6.67 9.37
C VAL A 55 -2.97 -6.56 7.87
N ARG A 56 -4.00 -6.86 7.08
CA ARG A 56 -3.88 -6.80 5.63
C ARG A 56 -4.61 -5.57 5.07
N TRP A 57 -4.14 -5.08 3.93
CA TRP A 57 -4.75 -3.92 3.30
C TRP A 57 -4.83 -4.10 1.79
N PRO A 58 -6.06 -3.98 1.25
CA PRO A 58 -6.30 -4.12 -0.19
C PRO A 58 -5.71 -2.97 -1.00
N TYR A 59 -5.16 -3.30 -2.16
CA TYR A 59 -4.56 -2.30 -3.03
C TYR A 59 -5.63 -1.47 -3.73
N LEU A 60 -6.78 -2.09 -3.98
CA LEU A 60 -7.89 -1.40 -4.63
C LEU A 60 -8.56 -0.41 -3.68
N CYS A 61 -9.37 -0.93 -2.77
CA CYS A 61 -10.07 -0.09 -1.80
C CYS A 61 -9.21 1.10 -1.40
N LEU A 62 -7.92 0.87 -1.27
CA LEU A 62 -6.98 1.93 -0.89
C LEU A 62 -7.43 3.27 -1.45
N ARG A 63 -7.43 4.30 -0.60
CA ARG A 63 -7.84 5.64 -1.01
C ARG A 63 -6.64 6.44 -1.50
N ARG A 64 -5.70 6.69 -0.59
CA ARG A 64 -4.50 7.45 -0.93
C ARG A 64 -3.25 6.79 -0.35
N TYR A 65 -2.12 6.96 -1.03
CA TYR A 65 -0.86 6.39 -0.58
C TYR A 65 0.32 7.22 -1.05
N GLY A 66 0.96 7.92 -0.12
CA GLY A 66 2.10 8.75 -0.46
C GLY A 66 3.39 8.22 0.13
N TYR A 67 4.44 9.03 0.08
CA TYR A 67 5.73 8.64 0.60
C TYR A 67 6.57 9.87 0.97
N ASP A 68 7.61 9.65 1.77
CA ASP A 68 8.49 10.73 2.19
C ASP A 68 9.88 10.20 2.54
N SER A 69 10.83 11.11 2.72
CA SER A 69 12.20 10.74 3.06
C SER A 69 12.21 9.50 3.95
N ASN A 70 11.81 9.68 5.20
CA ASN A 70 11.80 8.58 6.16
C ASN A 70 10.39 8.40 6.75
N LEU A 71 9.38 8.76 5.97
CA LEU A 71 8.00 8.64 6.41
C LEU A 71 7.11 8.10 5.29
N PHE A 72 6.30 7.10 5.61
CA PHE A 72 5.40 6.50 4.64
C PHE A 72 4.06 6.13 5.28
N SER A 73 3.03 6.91 4.95
CA SER A 73 1.70 6.67 5.50
C SER A 73 0.72 6.31 4.39
N PHE A 74 -0.45 5.79 4.78
CA PHE A 74 -1.47 5.39 3.83
C PHE A 74 -2.85 5.32 4.50
N GLU A 75 -3.87 5.77 3.79
CA GLU A 75 -5.23 5.75 4.31
C GLU A 75 -6.02 4.57 3.73
N SER A 76 -7.06 4.16 4.45
CA SER A 76 -7.89 3.05 4.01
C SER A 76 -9.36 3.32 4.32
N GLY A 77 -10.24 2.79 3.47
CA GLY A 77 -11.67 2.98 3.67
C GLY A 77 -12.17 2.38 4.97
N ARG A 78 -13.44 1.98 4.99
CA ARG A 78 -14.03 1.40 6.19
C ARG A 78 -14.33 -0.08 5.98
N ARG A 79 -14.67 -0.44 4.74
CA ARG A 79 -14.99 -1.82 4.40
C ARG A 79 -13.77 -2.72 4.58
N CYS A 80 -12.60 -2.10 4.70
CA CYS A 80 -11.35 -2.84 4.87
C CYS A 80 -11.34 -3.58 6.21
N GLN A 81 -10.22 -4.21 6.51
CA GLN A 81 -10.06 -4.95 7.77
C GLN A 81 -10.07 -4.00 8.96
N THR A 82 -9.10 -3.10 8.99
CA THR A 82 -8.99 -2.14 10.08
C THR A 82 -10.07 -1.08 9.99
N GLY A 83 -10.44 -0.71 8.77
CA GLY A 83 -11.47 0.28 8.56
C GLY A 83 -10.89 1.68 8.38
N GLN A 84 -11.74 2.70 8.55
CA GLN A 84 -11.31 4.08 8.40
C GLN A 84 -10.18 4.40 9.36
N GLY A 85 -9.37 5.39 9.00
CA GLY A 85 -8.25 5.79 9.84
C GLY A 85 -6.93 5.77 9.10
N ILE A 86 -6.08 6.76 9.38
CA ILE A 86 -4.78 6.86 8.73
C ILE A 86 -3.68 6.30 9.62
N PHE A 87 -2.77 5.53 9.04
CA PHE A 87 -1.68 4.94 9.79
C PHE A 87 -0.33 5.33 9.17
N ALA A 88 0.52 5.95 9.97
CA ALA A 88 1.84 6.37 9.51
C ALA A 88 2.93 5.41 9.98
N PHE A 89 3.76 4.96 9.05
CA PHE A 89 4.84 4.04 9.37
C PHE A 89 6.20 4.64 9.02
N LYS A 90 7.18 4.44 9.89
CA LYS A 90 8.52 4.95 9.67
C LYS A 90 9.43 3.88 9.08
N CYS A 91 9.90 4.12 7.85
CA CYS A 91 10.78 3.17 7.18
C CYS A 91 11.94 3.89 6.50
N SER A 92 13.09 3.23 6.43
CA SER A 92 14.27 3.81 5.82
C SER A 92 14.20 3.69 4.29
N ARG A 93 13.52 2.66 3.82
CA ARG A 93 13.38 2.43 2.38
C ARG A 93 11.93 2.64 1.94
N ALA A 94 11.34 3.75 2.36
CA ALA A 94 9.97 4.07 2.01
C ALA A 94 9.78 4.11 0.49
N GLU A 95 10.57 4.96 -0.17
CA GLU A 95 10.49 5.09 -1.62
C GLU A 95 10.25 3.73 -2.28
N GLU A 96 11.18 2.80 -2.07
CA GLU A 96 11.07 1.47 -2.64
C GLU A 96 9.63 0.98 -2.59
N ILE A 97 9.04 1.00 -1.40
CA ILE A 97 7.66 0.56 -1.21
C ILE A 97 6.70 1.41 -2.02
N PHE A 98 7.04 2.69 -2.18
CA PHE A 98 6.21 3.61 -2.94
C PHE A 98 6.38 3.41 -4.44
N ASN A 99 7.53 2.88 -4.83
CA ASN A 99 7.83 2.64 -6.24
C ASN A 99 7.36 1.25 -6.66
N LEU A 100 7.13 0.38 -5.67
CA LEU A 100 6.68 -0.97 -5.95
C LEU A 100 5.16 -1.07 -5.84
N LEU A 101 4.58 -0.24 -4.98
CA LEU A 101 3.13 -0.24 -4.79
C LEU A 101 2.41 -0.06 -6.12
N GLN A 102 2.63 1.09 -6.76
CA GLN A 102 2.00 1.39 -8.04
C GLN A 102 2.25 0.27 -9.04
N ASP A 103 3.40 -0.40 -8.90
CA ASP A 103 3.76 -1.49 -9.79
C ASP A 103 2.84 -2.69 -9.60
N LEU A 104 2.43 -2.92 -8.36
CA LEU A 104 1.54 -4.04 -8.03
C LEU A 104 0.09 -3.64 -8.25
N MET A 105 -0.24 -2.40 -7.92
CA MET A 105 -1.61 -1.90 -8.07
C MET A 105 -2.03 -1.91 -9.54
N GLN A 106 -1.16 -1.37 -10.40
CA GLN A 106 -1.44 -1.32 -11.83
C GLN A 106 -1.75 -2.71 -12.37
N CYS A 107 -1.17 -3.73 -11.76
CA CYS A 107 -1.38 -5.10 -12.19
C CYS A 107 -2.83 -5.53 -11.96
N ASN A 108 -3.47 -4.91 -10.96
CA ASN A 108 -4.86 -5.23 -10.64
C ASN A 108 -5.03 -6.71 -10.34
N SER A 109 -4.04 -7.29 -9.64
CA SER A 109 -4.08 -8.70 -9.29
C SER A 109 -5.48 -9.12 -8.89
N ILE A 110 -6.12 -9.95 -9.70
CA ILE A 110 -7.46 -10.44 -9.42
C ILE A 110 -7.42 -11.81 -8.75
N ASN A 111 -6.88 -11.85 -7.54
CA ASN A 111 -6.79 -13.09 -6.79
C ASN A 111 -6.53 -14.28 -7.72
N VAL A 112 -5.48 -14.17 -8.53
CA VAL A 112 -5.13 -15.23 -9.46
C VAL A 112 -4.35 -16.35 -8.76
N MET A 113 -4.41 -16.36 -7.43
CA MET A 113 -3.71 -17.37 -6.65
C MET A 113 -4.55 -17.79 -5.44
N GLU A 114 -4.25 -18.96 -4.90
CA GLU A 114 -4.97 -19.47 -3.74
C GLU A 114 -4.41 -18.88 -2.45
N GLU A 115 -5.26 -18.16 -1.71
CA GLU A 115 -4.86 -17.53 -0.46
C GLU A 115 -5.39 -18.32 0.73
N PRO A 116 -4.65 -18.28 1.86
CA PRO A 116 -5.02 -18.97 3.08
C PRO A 116 -6.24 -18.35 3.75
N VAL A 117 -7.10 -19.19 4.32
CA VAL A 117 -8.30 -18.72 5.00
C VAL A 117 -8.13 -18.76 6.51
N ILE A 118 -8.61 -17.71 7.18
CA ILE A 118 -8.52 -17.63 8.63
C ILE A 118 -9.60 -18.47 9.31
N ILE A 119 -9.26 -19.04 10.46
CA ILE A 119 -10.21 -19.87 11.21
C ILE A 119 -11.14 -19.01 12.06
N THR A 120 -11.09 -17.69 11.85
CA THR A 120 -11.93 -16.77 12.59
C THR A 120 -12.20 -15.50 11.78
N ARG A 121 -13.44 -15.04 11.81
CA ARG A 121 -13.83 -13.84 11.08
C ARG A 121 -14.74 -12.94 11.93
N ASN A 122 -14.49 -11.65 11.90
CA ASN A 122 -15.29 -10.69 12.66
C ASN A 122 -16.05 -9.75 11.73
N SER A 123 -17.00 -9.01 12.29
CA SER A 123 -17.80 -8.07 11.52
C SER A 123 -17.42 -6.63 11.84
N HIS A 124 -17.94 -5.70 11.05
CA HIS A 124 -17.64 -4.28 11.26
C HIS A 124 -18.93 -3.50 11.55
N PRO A 125 -19.34 -3.50 12.82
CA PRO A 125 -20.56 -2.80 13.26
C PRO A 125 -20.39 -1.28 13.21
N ALA A 126 -21.40 -0.57 13.71
CA ALA A 126 -21.37 0.89 13.72
C ALA A 126 -22.20 1.45 14.87
N GLU A 127 -22.10 2.76 15.09
CA GLU A 127 -22.84 3.40 16.16
C GLU A 127 -24.18 3.91 15.66
N LEU A 128 -25.26 3.44 16.27
CA LEU A 128 -26.61 3.84 15.88
C LEU A 128 -26.96 5.22 16.45
N ASP A 129 -27.62 6.04 15.65
CA ASP A 129 -28.01 7.38 16.06
C ASP A 129 -29.34 7.78 15.44
N LEU A 130 -29.92 8.85 15.95
CA LEU A 130 -31.21 9.34 15.45
C LEU A 130 -31.02 10.62 14.62
N PRO A 131 -31.75 10.71 13.51
CA PRO A 131 -31.67 11.88 12.62
C PRO A 131 -32.29 13.13 13.25
N ARG A 132 -32.02 14.28 12.64
CA ARG A 132 -32.55 15.54 13.14
C ARG A 132 -33.96 15.78 12.64
N ALA A 133 -34.52 16.94 12.98
CA ALA A 133 -35.86 17.29 12.55
C ALA A 133 -35.85 18.46 11.57
N PRO A 134 -36.77 18.43 10.59
CA PRO A 134 -36.88 19.47 9.58
C PRO A 134 -37.39 20.80 10.15
N GLN A 135 -37.33 21.84 9.34
CA GLN A 135 -37.80 23.16 9.77
C GLN A 135 -39.32 23.18 9.93
N PRO A 136 -39.80 23.91 10.95
CA PRO A 136 -41.23 24.03 11.23
C PRO A 136 -41.96 24.84 10.17
N PRO A 137 -43.22 24.47 9.89
CA PRO A 137 -44.06 25.16 8.90
C PRO A 137 -44.47 26.54 9.36
N ASN A 138 -45.36 27.17 8.60
CA ASN A 138 -45.85 28.51 8.92
C ASN A 138 -47.32 28.47 9.32
N ALA A 139 -47.86 29.64 9.66
CA ALA A 139 -49.26 29.74 10.06
C ALA A 139 -49.92 30.96 9.42
N LEU A 140 -51.22 31.09 9.61
CA LEU A 140 -51.97 32.21 9.06
C LEU A 140 -53.24 32.47 9.87
N GLY A 141 -53.68 33.73 9.87
CA GLY A 141 -54.87 34.10 10.61
C GLY A 141 -56.03 34.44 9.70
N TYR A 142 -57.00 35.18 10.23
CA TYR A 142 -58.17 35.57 9.46
C TYR A 142 -58.65 36.96 9.86
N THR A 143 -59.56 37.52 9.07
CA THR A 143 -60.10 38.85 9.35
C THR A 143 -61.62 38.86 9.19
N VAL A 144 -62.26 39.81 9.86
CA VAL A 144 -63.71 39.94 9.79
C VAL A 144 -64.14 40.80 8.62
N SER A 145 -65.33 40.50 8.07
CA SER A 145 -65.85 41.25 6.93
C SER A 145 -67.01 42.13 7.35
N SER A 146 -67.47 42.98 6.43
CA SER A 146 -68.57 43.88 6.71
C SER A 146 -69.77 43.13 7.29
N LEU B 1 -4.60 0.43 14.55
CA LEU B 1 -3.38 1.18 14.80
C LEU B 1 -3.68 2.63 15.17
N PHE B 2 -2.68 3.34 15.67
CA PHE B 2 -2.84 4.74 16.06
C PHE B 2 -3.55 5.53 14.96
N ARG B 3 -4.68 6.13 15.32
CA ARG B 3 -5.46 6.91 14.36
C ARG B 3 -4.90 8.34 14.26
N LEU B 4 -4.61 8.77 13.04
CA LEU B 4 -4.08 10.11 12.80
C LEU B 4 -5.20 11.09 12.49
N ARG B 5 -4.85 12.38 12.41
CA ARG B 5 -5.83 13.41 12.10
C ARG B 5 -5.67 13.91 10.66
N HIS B 6 -4.42 14.04 10.23
CA HIS B 6 -4.14 14.51 8.88
C HIS B 6 -2.97 13.74 8.28
N PHE B 7 -2.93 13.68 6.95
CA PHE B 7 -1.86 12.97 6.25
C PHE B 7 -0.52 13.69 6.43
N PRO B 8 0.48 12.96 6.91
CA PRO B 8 1.82 13.50 7.14
C PRO B 8 2.55 13.80 5.83
N CYS B 9 2.54 12.84 4.91
CA CYS B 9 3.20 13.01 3.62
C CYS B 9 2.50 14.09 2.79
N GLY B 10 3.25 14.71 1.89
CA GLY B 10 2.70 15.76 1.05
C GLY B 10 2.59 15.34 -0.40
N ASN B 11 3.63 14.66 -0.91
CA ASN B 11 3.64 14.21 -2.29
C ASN B 11 3.10 12.78 -2.40
N VAL B 12 1.84 12.67 -2.81
CA VAL B 12 1.20 11.36 -2.96
C VAL B 12 0.83 11.10 -4.40
N ASN B 13 1.06 9.87 -4.86
CA ASN B 13 0.75 9.49 -6.23
C ASN B 13 -0.51 8.62 -6.28
N TYR B 14 -1.66 9.24 -6.03
CA TYR B 14 -2.93 8.53 -6.05
C TYR B 14 -2.94 7.46 -7.13
N GLY B 15 -3.49 6.29 -6.79
CA GLY B 15 -3.56 5.20 -7.74
C GLY B 15 -4.95 5.00 -8.30
N TYR B 16 -5.79 4.31 -7.53
CA TYR B 16 -7.16 4.04 -7.96
C TYR B 16 -7.99 5.32 -7.99
N GLN B 17 -8.44 5.70 -9.17
CA GLN B 17 -9.25 6.91 -9.33
C GLN B 17 -9.88 6.96 -10.72
N GLN B 18 -11.02 7.64 -10.82
CA GLN B 18 -11.73 7.77 -12.09
C GLN B 18 -10.79 8.30 -13.17
N GLN B 19 -10.73 7.58 -14.29
CA GLN B 19 -9.87 7.98 -15.40
C GLN B 19 -10.70 8.22 -16.66
N GLY A 1 15.82 -9.76 -25.04
CA GLY A 1 16.72 -8.88 -24.33
C GLY A 1 16.71 -9.12 -22.83
N SER A 2 17.88 -9.26 -22.24
CA SER A 2 17.99 -9.50 -20.81
C SER A 2 19.38 -9.11 -20.30
N SER A 3 19.48 -8.88 -19.00
CA SER A 3 20.75 -8.50 -18.38
C SER A 3 20.65 -8.55 -16.86
N GLY A 4 21.78 -8.80 -16.21
CA GLY A 4 21.81 -8.86 -14.76
C GLY A 4 22.89 -9.80 -14.24
N SER A 5 23.28 -9.60 -12.99
CA SER A 5 24.30 -10.44 -12.38
C SER A 5 24.27 -10.31 -10.86
N SER A 6 24.12 -11.44 -10.17
CA SER A 6 24.07 -11.45 -8.71
C SER A 6 24.18 -12.88 -8.19
N GLY A 7 24.42 -13.00 -6.88
CA GLY A 7 24.55 -14.31 -6.27
C GLY A 7 24.80 -14.23 -4.78
N LEU A 8 23.75 -14.46 -3.99
CA LEU A 8 23.87 -14.41 -2.54
C LEU A 8 22.64 -15.04 -1.88
N ASN A 9 22.86 -15.70 -0.75
CA ASN A 9 21.78 -16.34 -0.02
C ASN A 9 21.83 -15.98 1.47
N ARG A 10 20.68 -15.59 2.01
CA ARG A 10 20.60 -15.21 3.42
C ARG A 10 19.48 -15.98 4.13
N ASP A 11 19.46 -15.90 5.45
CA ASP A 11 18.44 -16.59 6.23
C ASP A 11 17.46 -15.59 6.85
N SER A 12 17.98 -14.73 7.73
CA SER A 12 17.14 -13.73 8.40
C SER A 12 16.74 -12.63 7.42
N VAL A 13 15.56 -12.07 7.64
CA VAL A 13 15.05 -11.01 6.78
C VAL A 13 15.79 -9.69 7.03
N PRO A 14 16.50 -9.21 5.99
CA PRO A 14 17.26 -7.95 6.07
C PRO A 14 16.36 -6.73 6.16
N ASP A 15 16.88 -5.67 6.75
CA ASP A 15 16.11 -4.43 6.90
C ASP A 15 16.09 -3.64 5.59
N ASN A 16 16.56 -4.27 4.51
CA ASN A 16 16.60 -3.64 3.20
C ASN A 16 16.01 -4.55 2.14
N HIS A 17 15.22 -5.53 2.57
CA HIS A 17 14.60 -6.47 1.65
C HIS A 17 13.64 -5.76 0.70
N PRO A 18 13.64 -6.19 -0.58
CA PRO A 18 12.79 -5.60 -1.61
C PRO A 18 11.32 -5.92 -1.39
N THR A 19 11.03 -7.18 -1.05
CA THR A 19 9.67 -7.62 -0.81
C THR A 19 9.25 -7.37 0.63
N LYS A 20 10.23 -7.29 1.52
CA LYS A 20 9.97 -7.05 2.93
C LYS A 20 10.55 -5.71 3.38
N PHE A 21 9.77 -4.96 4.14
CA PHE A 21 10.21 -3.66 4.63
C PHE A 21 9.83 -3.48 6.10
N LYS A 22 10.84 -3.50 6.97
CA LYS A 22 10.62 -3.33 8.40
C LYS A 22 10.14 -1.91 8.72
N VAL A 23 8.95 -1.82 9.30
CA VAL A 23 8.37 -0.53 9.66
C VAL A 23 8.12 -0.44 11.15
N THR A 24 7.90 0.78 11.65
CA THR A 24 7.63 1.00 13.06
C THR A 24 6.42 1.89 13.26
N ASN A 25 5.33 1.31 13.76
CA ASN A 25 4.11 2.05 14.01
C ASN A 25 4.36 3.23 14.94
N VAL A 26 4.30 4.44 14.39
CA VAL A 26 4.52 5.64 15.18
C VAL A 26 3.26 6.50 15.23
N ASP A 27 3.35 7.63 15.90
CA ASP A 27 2.21 8.54 16.03
C ASP A 27 2.48 9.85 15.30
N ASP A 28 1.56 10.80 15.43
CA ASP A 28 1.69 12.09 14.77
C ASP A 28 3.03 12.74 15.11
N GLU A 29 3.44 12.60 16.36
CA GLU A 29 4.71 13.17 16.82
C GLU A 29 5.89 12.48 16.16
N GLY A 30 5.79 11.16 16.02
CA GLY A 30 6.86 10.40 15.40
C GLY A 30 7.50 9.42 16.36
N VAL A 31 6.83 9.16 17.48
CA VAL A 31 7.34 8.23 18.48
C VAL A 31 7.17 6.79 18.04
N GLU A 32 7.88 5.88 18.71
CA GLU A 32 7.81 4.46 18.37
C GLU A 32 6.82 3.74 19.28
N LEU A 33 5.69 3.32 18.70
CA LEU A 33 4.66 2.62 19.46
C LEU A 33 4.86 1.10 19.37
N GLY A 34 4.86 0.58 18.15
CA GLY A 34 5.05 -0.85 17.96
C GLY A 34 5.79 -1.16 16.68
N SER A 35 6.71 -2.14 16.76
CA SER A 35 7.49 -2.53 15.60
C SER A 35 6.74 -3.55 14.75
N GLY A 36 6.83 -3.38 13.43
CA GLY A 36 6.15 -4.29 12.52
C GLY A 36 6.85 -4.41 11.19
N VAL A 37 6.48 -5.43 10.42
CA VAL A 37 7.09 -5.65 9.10
C VAL A 37 6.04 -5.60 8.00
N MET A 38 6.24 -4.70 7.05
CA MET A 38 5.31 -4.54 5.93
C MET A 38 5.69 -5.46 4.78
N GLU A 39 4.70 -6.16 4.23
CA GLU A 39 4.94 -7.07 3.11
C GLU A 39 4.05 -6.72 1.92
N LEU A 40 4.66 -6.64 0.75
CA LEU A 40 3.93 -6.31 -0.47
C LEU A 40 3.66 -7.55 -1.30
N THR A 41 2.53 -8.21 -1.02
CA THR A 41 2.15 -9.42 -1.74
C THR A 41 1.00 -9.16 -2.70
N GLN A 42 1.12 -9.64 -3.92
CA GLN A 42 0.09 -9.45 -4.94
C GLN A 42 -1.29 -9.44 -4.29
N SER A 43 -1.50 -10.32 -3.32
CA SER A 43 -2.78 -10.41 -2.62
C SER A 43 -3.15 -9.08 -1.98
N GLU A 44 -2.32 -8.64 -1.03
CA GLU A 44 -2.56 -7.38 -0.33
C GLU A 44 -1.40 -7.07 0.62
N LEU A 45 -1.51 -5.95 1.33
CA LEU A 45 -0.49 -5.53 2.27
C LEU A 45 -0.72 -6.14 3.65
N VAL A 46 0.24 -6.91 4.12
CA VAL A 46 0.14 -7.56 5.43
C VAL A 46 1.19 -7.02 6.39
N LEU A 47 0.79 -6.80 7.64
CA LEU A 47 1.70 -6.29 8.65
C LEU A 47 2.01 -7.36 9.71
N HIS A 48 3.29 -7.58 9.96
CA HIS A 48 3.72 -8.58 10.94
C HIS A 48 4.23 -7.90 12.21
N LEU A 49 3.64 -8.27 13.34
CA LEU A 49 4.03 -7.70 14.63
C LEU A 49 4.32 -8.81 15.65
N HIS A 50 4.85 -8.41 16.80
CA HIS A 50 5.18 -9.37 17.86
C HIS A 50 4.16 -9.28 18.99
N ARG A 51 4.06 -8.11 19.61
CA ARG A 51 3.13 -7.90 20.70
C ARG A 51 1.69 -7.82 20.19
N ARG A 52 1.47 -6.98 19.20
CA ARG A 52 0.14 -6.80 18.62
C ARG A 52 -0.14 -7.88 17.59
N GLU A 53 -1.32 -7.82 16.96
CA GLU A 53 -1.71 -8.79 15.95
C GLU A 53 -1.31 -8.33 14.56
N ALA A 54 -1.66 -9.11 13.56
CA ALA A 54 -1.34 -8.79 12.17
C ALA A 54 -2.56 -8.25 11.44
N VAL A 55 -2.35 -7.18 10.65
CA VAL A 55 -3.43 -6.57 9.90
C VAL A 55 -3.18 -6.69 8.40
N ARG A 56 -4.25 -6.53 7.61
CA ARG A 56 -4.15 -6.62 6.16
C ARG A 56 -4.94 -5.50 5.50
N TRP A 57 -4.59 -5.19 4.26
CA TRP A 57 -5.25 -4.13 3.51
C TRP A 57 -5.25 -4.44 2.02
N PRO A 58 -6.44 -4.72 1.47
CA PRO A 58 -6.60 -5.04 0.04
C PRO A 58 -6.36 -3.82 -0.85
N TYR A 59 -5.49 -3.97 -1.84
CA TYR A 59 -5.18 -2.89 -2.76
C TYR A 59 -6.45 -2.15 -3.18
N LEU A 60 -7.55 -2.88 -3.25
CA LEU A 60 -8.83 -2.29 -3.64
C LEU A 60 -9.22 -1.17 -2.70
N CYS A 61 -9.36 -1.49 -1.42
CA CYS A 61 -9.73 -0.49 -0.41
C CYS A 61 -8.75 0.67 -0.42
N LEU A 62 -7.46 0.36 -0.55
CA LEU A 62 -6.43 1.38 -0.57
C LEU A 62 -6.83 2.56 -1.45
N ARG A 63 -7.20 3.67 -0.80
CA ARG A 63 -7.62 4.86 -1.52
C ARG A 63 -6.41 5.53 -2.20
N ARG A 64 -5.37 5.79 -1.43
CA ARG A 64 -4.16 6.41 -1.97
C ARG A 64 -2.93 6.01 -1.15
N TYR A 65 -1.76 6.09 -1.79
CA TYR A 65 -0.52 5.73 -1.12
C TYR A 65 0.57 6.75 -1.43
N GLY A 66 1.10 7.39 -0.38
CA GLY A 66 2.14 8.37 -0.56
C GLY A 66 3.42 8.02 0.19
N TYR A 67 4.52 8.63 -0.20
CA TYR A 67 5.82 8.37 0.43
C TYR A 67 6.44 9.67 0.93
N ASP A 68 7.50 9.53 1.72
CA ASP A 68 8.20 10.69 2.26
C ASP A 68 9.51 10.28 2.93
N SER A 69 10.19 11.24 3.53
CA SER A 69 11.46 10.98 4.20
C SER A 69 11.25 10.18 5.47
N ASN A 70 11.91 9.03 5.57
CA ASN A 70 11.78 8.16 6.74
C ASN A 70 10.35 8.13 7.25
N LEU A 71 9.40 8.41 6.35
CA LEU A 71 7.99 8.41 6.71
C LEU A 71 7.15 7.71 5.65
N PHE A 72 6.33 6.75 6.09
CA PHE A 72 5.48 6.00 5.17
C PHE A 72 4.08 5.83 5.75
N SER A 73 3.09 6.41 5.07
CA SER A 73 1.71 6.32 5.51
C SER A 73 0.77 6.13 4.33
N PHE A 74 -0.43 5.60 4.61
CA PHE A 74 -1.41 5.38 3.57
C PHE A 74 -2.83 5.59 4.10
N GLU A 75 -3.71 6.09 3.24
CA GLU A 75 -5.09 6.34 3.63
C GLU A 75 -6.03 5.31 3.01
N SER A 76 -6.97 4.81 3.82
CA SER A 76 -7.92 3.81 3.36
C SER A 76 -9.32 4.12 3.88
N GLY A 77 -10.32 3.97 3.03
CA GLY A 77 -11.69 4.22 3.42
C GLY A 77 -12.21 3.21 4.42
N ARG A 78 -13.27 3.57 5.13
CA ARG A 78 -13.86 2.68 6.14
C ARG A 78 -14.06 1.28 5.56
N ARG A 79 -14.20 1.19 4.24
CA ARG A 79 -14.40 -0.09 3.58
C ARG A 79 -13.35 -1.10 4.03
N CYS A 80 -12.23 -0.59 4.54
CA CYS A 80 -11.14 -1.45 4.99
C CYS A 80 -11.50 -2.13 6.32
N GLN A 81 -10.73 -3.14 6.68
CA GLN A 81 -10.98 -3.87 7.93
C GLN A 81 -10.90 -2.94 9.13
N THR A 82 -9.69 -2.46 9.42
CA THR A 82 -9.48 -1.55 10.55
C THR A 82 -10.53 -0.46 10.58
N GLY A 83 -10.85 0.08 9.40
CA GLY A 83 -11.84 1.13 9.31
C GLY A 83 -11.23 2.47 8.91
N GLN A 84 -12.07 3.48 8.74
CA GLN A 84 -11.61 4.81 8.35
C GLN A 84 -10.49 5.28 9.29
N GLY A 85 -9.47 5.89 8.70
CA GLY A 85 -8.35 6.37 9.50
C GLY A 85 -7.02 6.18 8.81
N ILE A 86 -6.11 7.13 8.97
CA ILE A 86 -4.79 7.05 8.36
C ILE A 86 -3.77 6.46 9.33
N PHE A 87 -2.87 5.64 8.81
CA PHE A 87 -1.84 5.01 9.63
C PHE A 87 -0.45 5.26 9.06
N ALA A 88 0.42 5.83 9.89
CA ALA A 88 1.78 6.13 9.47
C ALA A 88 2.78 5.15 10.08
N PHE A 89 3.95 5.04 9.45
CA PHE A 89 4.99 4.12 9.93
C PHE A 89 6.37 4.61 9.51
N LYS A 90 7.32 4.54 10.43
CA LYS A 90 8.68 4.97 10.16
C LYS A 90 9.49 3.86 9.50
N CYS A 91 9.97 4.12 8.29
CA CYS A 91 10.74 3.14 7.54
C CYS A 91 11.99 3.79 6.95
N SER A 92 12.86 2.95 6.37
CA SER A 92 14.10 3.44 5.77
C SER A 92 13.94 3.60 4.27
N ARG A 93 13.25 2.65 3.64
CA ARG A 93 13.02 2.69 2.20
C ARG A 93 11.57 2.99 1.88
N ALA A 94 11.08 4.13 2.37
CA ALA A 94 9.70 4.53 2.13
C ALA A 94 9.40 4.63 0.64
N GLU A 95 10.17 5.45 -0.05
CA GLU A 95 9.98 5.63 -1.49
C GLU A 95 9.89 4.29 -2.20
N GLU A 96 10.91 3.46 -2.02
CA GLU A 96 10.95 2.14 -2.64
C GLU A 96 9.57 1.49 -2.63
N ILE A 97 8.92 1.52 -1.47
CA ILE A 97 7.59 0.94 -1.33
C ILE A 97 6.57 1.66 -2.22
N PHE A 98 6.75 2.97 -2.37
CA PHE A 98 5.85 3.77 -3.18
C PHE A 98 6.11 3.54 -4.67
N ASN A 99 7.30 3.03 -4.98
CA ASN A 99 7.67 2.75 -6.36
C ASN A 99 7.27 1.33 -6.76
N LEU A 100 7.13 0.46 -5.78
CA LEU A 100 6.74 -0.92 -6.03
C LEU A 100 5.24 -1.09 -5.98
N LEU A 101 4.59 -0.36 -5.08
CA LEU A 101 3.14 -0.42 -4.94
C LEU A 101 2.45 -0.16 -6.27
N GLN A 102 2.78 0.97 -6.89
CA GLN A 102 2.19 1.34 -8.18
C GLN A 102 2.41 0.24 -9.21
N ASP A 103 3.55 -0.44 -9.11
CA ASP A 103 3.88 -1.52 -10.04
C ASP A 103 2.91 -2.68 -9.88
N LEU A 104 2.31 -2.80 -8.70
CA LEU A 104 1.36 -3.87 -8.43
C LEU A 104 -0.08 -3.41 -8.69
N MET A 105 -0.30 -2.10 -8.57
CA MET A 105 -1.62 -1.54 -8.79
C MET A 105 -1.93 -1.44 -10.29
N GLN A 106 -1.01 -0.82 -11.03
CA GLN A 106 -1.18 -0.65 -12.47
C GLN A 106 -1.60 -1.96 -13.12
N CYS A 107 -1.19 -3.08 -12.52
CA CYS A 107 -1.52 -4.40 -13.05
C CYS A 107 -3.01 -4.47 -13.42
N ASN A 108 -3.83 -3.69 -12.71
CA ASN A 108 -5.26 -3.68 -12.96
C ASN A 108 -5.86 -5.07 -12.81
N SER A 109 -5.47 -5.77 -11.74
CA SER A 109 -5.96 -7.12 -11.47
C SER A 109 -7.41 -7.26 -11.93
N ILE A 110 -7.61 -8.01 -13.02
CA ILE A 110 -8.93 -8.23 -13.56
C ILE A 110 -9.53 -9.53 -13.03
N ASN A 111 -9.02 -10.65 -13.54
CA ASN A 111 -9.51 -11.97 -13.13
C ASN A 111 -8.42 -12.74 -12.41
N VAL A 112 -7.89 -12.15 -11.33
CA VAL A 112 -6.84 -12.80 -10.55
C VAL A 112 -7.25 -12.93 -9.08
N MET A 113 -7.82 -11.86 -8.54
CA MET A 113 -8.26 -11.86 -7.14
C MET A 113 -9.24 -13.00 -6.89
N GLU A 114 -9.79 -13.04 -5.68
CA GLU A 114 -10.75 -14.07 -5.30
C GLU A 114 -12.17 -13.52 -5.29
N GLU A 115 -13.14 -14.40 -5.09
CA GLU A 115 -14.54 -14.01 -5.06
C GLU A 115 -14.71 -12.63 -4.44
N PRO A 116 -15.72 -11.88 -4.91
CA PRO A 116 -16.00 -10.53 -4.41
C PRO A 116 -16.54 -10.54 -2.99
N VAL A 117 -16.40 -9.41 -2.30
CA VAL A 117 -16.88 -9.29 -0.93
C VAL A 117 -18.02 -8.29 -0.84
N ILE A 118 -19.07 -8.66 -0.09
CA ILE A 118 -20.22 -7.79 0.09
C ILE A 118 -20.18 -7.09 1.44
N ILE A 119 -20.27 -5.76 1.41
CA ILE A 119 -20.24 -4.97 2.64
C ILE A 119 -21.58 -4.27 2.86
N THR A 120 -22.01 -4.22 4.12
CA THR A 120 -23.27 -3.57 4.48
C THR A 120 -23.39 -2.20 3.82
N ARG A 121 -24.62 -1.73 3.68
CA ARG A 121 -24.89 -0.43 3.07
C ARG A 121 -24.21 0.69 3.87
N ASN A 122 -23.92 1.78 3.19
CA ASN A 122 -23.27 2.93 3.83
C ASN A 122 -24.15 4.16 3.74
N SER A 123 -23.76 5.22 4.46
CA SER A 123 -24.51 6.46 4.46
C SER A 123 -23.93 7.46 3.47
N HIS A 124 -24.59 8.61 3.32
CA HIS A 124 -24.14 9.64 2.40
C HIS A 124 -24.73 11.00 2.79
N PRO A 125 -23.90 12.05 2.68
CA PRO A 125 -24.31 13.41 3.02
C PRO A 125 -25.31 13.98 2.00
N ALA A 126 -25.61 15.26 2.13
CA ALA A 126 -26.54 15.93 1.22
C ALA A 126 -25.85 17.05 0.44
N GLU A 127 -26.36 17.32 -0.75
CA GLU A 127 -25.80 18.37 -1.59
C GLU A 127 -26.23 19.76 -1.12
N LEU A 128 -25.38 20.75 -1.35
CA LEU A 128 -25.68 22.11 -0.93
C LEU A 128 -26.11 22.96 -2.13
N ASP A 129 -27.34 23.47 -2.08
CA ASP A 129 -27.87 24.29 -3.16
C ASP A 129 -27.03 25.55 -3.34
N LEU A 130 -27.27 26.26 -4.44
CA LEU A 130 -26.53 27.49 -4.73
C LEU A 130 -27.45 28.71 -4.65
N PRO A 131 -26.88 29.85 -4.24
CA PRO A 131 -27.62 31.11 -4.12
C PRO A 131 -28.03 31.67 -5.47
N ARG A 132 -29.03 32.55 -5.46
CA ARG A 132 -29.53 33.17 -6.69
C ARG A 132 -28.87 34.52 -6.92
N ALA A 133 -29.25 35.18 -8.01
CA ALA A 133 -28.69 36.49 -8.34
C ALA A 133 -29.80 37.51 -8.58
N PRO A 134 -29.49 38.79 -8.33
CA PRO A 134 -30.45 39.89 -8.51
C PRO A 134 -30.77 40.14 -9.98
N GLN A 135 -31.57 41.17 -10.23
CA GLN A 135 -31.96 41.51 -11.59
C GLN A 135 -31.77 43.01 -11.84
N PRO A 136 -31.53 43.37 -13.12
CA PRO A 136 -31.32 44.76 -13.52
C PRO A 136 -32.60 45.58 -13.44
N PRO A 137 -32.47 46.86 -13.09
CA PRO A 137 -33.60 47.79 -12.96
C PRO A 137 -34.23 48.12 -14.31
N ASN A 138 -35.27 48.95 -14.29
CA ASN A 138 -35.95 49.34 -15.52
C ASN A 138 -35.83 50.85 -15.75
N ALA A 139 -36.39 51.31 -16.85
CA ALA A 139 -36.35 52.73 -17.20
C ALA A 139 -37.74 53.27 -17.47
N LEU A 140 -37.83 54.57 -17.76
CA LEU A 140 -39.10 55.21 -18.04
C LEU A 140 -38.99 56.15 -19.24
N GLY A 141 -40.11 56.37 -19.92
CA GLY A 141 -40.11 57.25 -21.08
C GLY A 141 -40.84 58.56 -20.81
N TYR A 142 -41.42 59.14 -21.85
CA TYR A 142 -42.14 60.40 -21.72
C TYR A 142 -43.28 60.47 -22.74
N THR A 143 -44.44 60.95 -22.28
CA THR A 143 -45.61 61.07 -23.14
C THR A 143 -45.81 62.52 -23.59
N VAL A 144 -46.15 62.69 -24.87
CA VAL A 144 -46.38 64.02 -25.42
C VAL A 144 -47.85 64.25 -25.72
N SER A 145 -48.36 65.38 -25.27
CA SER A 145 -49.77 65.72 -25.49
C SER A 145 -50.15 65.57 -26.96
N SER A 146 -51.44 65.38 -27.21
CA SER A 146 -51.94 65.23 -28.57
C SER A 146 -52.00 66.57 -29.29
N LEU B 1 -4.49 0.50 15.15
CA LEU B 1 -3.30 1.32 14.95
C LEU B 1 -3.57 2.77 15.34
N PHE B 2 -2.54 3.60 15.27
CA PHE B 2 -2.67 5.02 15.61
C PHE B 2 -3.32 5.80 14.47
N ARG B 3 -4.28 6.64 14.82
CA ARG B 3 -4.99 7.44 13.83
C ARG B 3 -4.27 8.78 13.60
N LEU B 4 -4.34 9.27 12.37
CA LEU B 4 -3.71 10.54 12.02
C LEU B 4 -4.75 11.57 11.57
N ARG B 5 -4.43 12.85 11.77
CA ARG B 5 -5.33 13.93 11.38
C ARG B 5 -5.17 14.27 9.91
N HIS B 6 -3.93 14.47 9.49
CA HIS B 6 -3.63 14.81 8.10
C HIS B 6 -2.62 13.84 7.51
N PHE B 7 -2.57 13.79 6.18
CA PHE B 7 -1.64 12.90 5.48
C PHE B 7 -0.28 13.56 5.33
N PRO B 8 0.75 12.93 5.93
CA PRO B 8 2.13 13.43 5.87
C PRO B 8 2.74 13.30 4.47
N CYS B 9 2.55 12.14 3.87
CA CYS B 9 3.09 11.89 2.54
C CYS B 9 2.41 12.78 1.50
N GLY B 10 3.05 13.91 1.19
CA GLY B 10 2.49 14.83 0.22
C GLY B 10 2.40 14.23 -1.17
N ASN B 11 3.55 13.87 -1.73
CA ASN B 11 3.60 13.28 -3.06
C ASN B 11 2.97 11.89 -3.07
N VAL B 12 1.74 11.81 -3.55
CA VAL B 12 1.02 10.54 -3.61
C VAL B 12 0.61 10.21 -5.05
N ASN B 13 0.71 8.93 -5.40
CA ASN B 13 0.35 8.48 -6.74
C ASN B 13 -1.02 7.83 -6.75
N TYR B 14 -2.07 8.65 -6.82
CA TYR B 14 -3.44 8.17 -6.84
C TYR B 14 -3.58 6.97 -7.79
N GLY B 15 -4.14 5.88 -7.28
CA GLY B 15 -4.31 4.69 -8.08
C GLY B 15 -5.72 4.14 -8.00
N TYR B 16 -5.95 2.97 -8.59
CA TYR B 16 -7.26 2.34 -8.59
C TYR B 16 -8.35 3.36 -8.88
N GLN B 17 -8.08 4.24 -9.84
CA GLN B 17 -9.04 5.26 -10.23
C GLN B 17 -9.68 4.93 -11.58
N GLN B 18 -10.87 5.48 -11.81
CA GLN B 18 -11.59 5.24 -13.05
C GLN B 18 -12.32 6.49 -13.52
N GLN B 19 -12.19 6.80 -14.81
CA GLN B 19 -12.83 7.97 -15.38
C GLN B 19 -12.85 9.12 -14.38
N GLY A 1 13.11 -3.80 -22.67
CA GLY A 1 13.33 -5.22 -22.53
C GLY A 1 13.94 -5.59 -21.19
N SER A 2 13.37 -6.60 -20.55
CA SER A 2 13.86 -7.05 -19.24
C SER A 2 13.29 -8.43 -18.90
N SER A 3 14.19 -9.35 -18.55
CA SER A 3 13.79 -10.70 -18.20
C SER A 3 14.78 -11.34 -17.22
N GLY A 4 14.28 -12.19 -16.35
CA GLY A 4 15.13 -12.85 -15.37
C GLY A 4 14.43 -13.08 -14.04
N SER A 5 14.06 -14.33 -13.79
CA SER A 5 13.37 -14.68 -12.55
C SER A 5 14.20 -15.67 -11.73
N SER A 6 14.85 -15.16 -10.70
CA SER A 6 15.67 -15.98 -9.83
C SER A 6 15.97 -15.27 -8.51
N GLY A 7 16.54 -16.01 -7.56
CA GLY A 7 16.86 -15.45 -6.26
C GLY A 7 17.35 -16.48 -5.28
N LEU A 8 18.38 -16.13 -4.52
CA LEU A 8 18.95 -17.04 -3.53
C LEU A 8 18.13 -17.02 -2.24
N ASN A 9 18.49 -17.88 -1.30
CA ASN A 9 17.80 -17.95 -0.02
C ASN A 9 18.53 -17.14 1.04
N ARG A 10 17.78 -16.66 2.03
CA ARG A 10 18.35 -15.86 3.11
C ARG A 10 17.95 -16.41 4.47
N ASP A 11 18.83 -16.27 5.45
CA ASP A 11 18.58 -16.75 6.80
C ASP A 11 17.47 -15.95 7.47
N SER A 12 17.64 -14.62 7.47
CA SER A 12 16.66 -13.73 8.09
C SER A 12 16.26 -12.62 7.12
N VAL A 13 15.07 -12.07 7.34
CA VAL A 13 14.57 -10.99 6.48
C VAL A 13 15.32 -9.69 6.74
N PRO A 14 16.05 -9.21 5.72
CA PRO A 14 16.82 -7.97 5.81
C PRO A 14 15.93 -6.73 5.88
N ASP A 15 16.51 -5.64 6.36
CA ASP A 15 15.76 -4.38 6.47
C ASP A 15 15.56 -3.74 5.11
N ASN A 16 16.08 -4.39 4.07
CA ASN A 16 15.95 -3.88 2.71
C ASN A 16 15.45 -4.95 1.76
N HIS A 17 14.61 -5.85 2.29
CA HIS A 17 14.05 -6.93 1.49
C HIS A 17 13.14 -6.37 0.39
N PRO A 18 13.25 -6.97 -0.81
CA PRO A 18 12.44 -6.55 -1.96
C PRO A 18 10.97 -6.91 -1.80
N THR A 19 10.69 -7.93 -1.01
CA THR A 19 9.32 -8.36 -0.77
C THR A 19 8.83 -7.92 0.60
N LYS A 20 9.76 -7.80 1.55
CA LYS A 20 9.42 -7.38 2.90
C LYS A 20 10.06 -6.03 3.22
N PHE A 21 9.42 -5.28 4.12
CA PHE A 21 9.93 -3.97 4.52
C PHE A 21 9.63 -3.70 5.99
N LYS A 22 10.67 -3.77 6.82
CA LYS A 22 10.52 -3.54 8.25
C LYS A 22 10.11 -2.09 8.52
N VAL A 23 8.89 -1.91 9.03
CA VAL A 23 8.39 -0.58 9.34
C VAL A 23 8.18 -0.40 10.84
N THR A 24 7.97 0.85 11.26
CA THR A 24 7.75 1.14 12.67
C THR A 24 6.58 2.11 12.85
N ASN A 25 5.43 1.55 13.20
CA ASN A 25 4.22 2.35 13.41
C ASN A 25 4.50 3.49 14.39
N VAL A 26 4.18 4.72 13.96
CA VAL A 26 4.39 5.88 14.80
C VAL A 26 3.11 6.71 14.93
N ASP A 27 3.19 7.83 15.64
CA ASP A 27 2.05 8.70 15.83
C ASP A 27 2.25 10.04 15.13
N ASP A 28 1.31 10.95 15.32
CA ASP A 28 1.38 12.27 14.69
C ASP A 28 2.74 12.91 14.94
N GLU A 29 3.18 12.90 16.20
CA GLU A 29 4.45 13.48 16.58
C GLU A 29 5.60 12.77 15.86
N GLY A 30 5.51 11.46 15.76
CA GLY A 30 6.55 10.68 15.10
C GLY A 30 7.24 9.71 16.05
N VAL A 31 6.60 9.44 17.18
CA VAL A 31 7.16 8.53 18.17
C VAL A 31 6.98 7.07 17.73
N GLU A 32 7.76 6.19 18.34
CA GLU A 32 7.69 4.76 18.02
C GLU A 32 6.80 4.02 19.01
N LEU A 33 5.67 3.51 18.53
CA LEU A 33 4.75 2.78 19.39
C LEU A 33 4.99 1.27 19.27
N GLY A 34 4.82 0.73 18.07
CA GLY A 34 5.03 -0.69 17.87
C GLY A 34 5.78 -0.99 16.58
N SER A 35 6.65 -1.99 16.62
CA SER A 35 7.43 -2.37 15.45
C SER A 35 6.70 -3.43 14.63
N GLY A 36 6.75 -3.28 13.31
CA GLY A 36 6.10 -4.24 12.44
C GLY A 36 6.79 -4.37 11.09
N VAL A 37 6.42 -5.40 10.34
CA VAL A 37 7.03 -5.64 9.03
C VAL A 37 5.97 -5.61 7.93
N MET A 38 6.16 -4.71 6.97
CA MET A 38 5.22 -4.58 5.86
C MET A 38 5.69 -5.37 4.64
N GLU A 39 4.83 -6.25 4.14
CA GLU A 39 5.17 -7.07 2.98
C GLU A 39 4.38 -6.63 1.75
N LEU A 40 5.08 -6.44 0.65
CA LEU A 40 4.45 -6.03 -0.60
C LEU A 40 4.22 -7.22 -1.52
N THR A 41 3.14 -7.95 -1.27
CA THR A 41 2.81 -9.12 -2.07
C THR A 41 1.73 -8.78 -3.11
N GLN A 42 1.92 -9.26 -4.33
CA GLN A 42 0.96 -9.02 -5.40
C GLN A 42 -0.47 -9.00 -4.87
N SER A 43 -0.75 -9.90 -3.92
CA SER A 43 -2.08 -9.98 -3.34
C SER A 43 -2.47 -8.66 -2.69
N GLU A 44 -1.74 -8.28 -1.64
CA GLU A 44 -2.02 -7.03 -0.94
C GLU A 44 -0.96 -6.76 0.13
N LEU A 45 -1.15 -5.68 0.88
CA LEU A 45 -0.21 -5.31 1.93
C LEU A 45 -0.57 -6.00 3.25
N VAL A 46 0.42 -6.64 3.86
CA VAL A 46 0.20 -7.33 5.13
C VAL A 46 1.30 -6.99 6.14
N LEU A 47 0.91 -6.74 7.38
CA LEU A 47 1.85 -6.41 8.44
C LEU A 47 2.14 -7.62 9.31
N HIS A 48 3.21 -7.55 10.09
CA HIS A 48 3.59 -8.64 10.98
C HIS A 48 3.90 -8.12 12.38
N LEU A 49 3.04 -8.44 13.34
CA LEU A 49 3.22 -8.00 14.71
C LEU A 49 3.54 -9.18 15.62
N HIS A 50 3.63 -8.91 16.92
CA HIS A 50 3.93 -9.95 17.90
C HIS A 50 2.69 -10.33 18.70
N ARG A 51 2.16 -9.36 19.45
CA ARG A 51 0.97 -9.58 20.27
C ARG A 51 -0.30 -9.20 19.50
N ARG A 52 -0.18 -8.21 18.62
CA ARG A 52 -1.31 -7.75 17.82
C ARG A 52 -1.58 -8.71 16.66
N GLU A 53 -2.79 -8.64 16.12
CA GLU A 53 -3.17 -9.50 15.00
C GLU A 53 -2.50 -9.04 13.70
N ALA A 54 -2.73 -9.78 12.63
CA ALA A 54 -2.15 -9.44 11.33
C ALA A 54 -3.03 -8.46 10.57
N VAL A 55 -2.52 -7.25 10.38
CA VAL A 55 -3.26 -6.22 9.66
C VAL A 55 -2.93 -6.23 8.17
N ARG A 56 -3.98 -6.23 7.34
CA ARG A 56 -3.80 -6.25 5.90
C ARG A 56 -4.54 -5.08 5.25
N TRP A 57 -4.23 -4.82 3.98
CA TRP A 57 -4.86 -3.74 3.25
C TRP A 57 -4.89 -4.04 1.75
N PRO A 58 -6.10 -4.24 1.21
CA PRO A 58 -6.29 -4.54 -0.22
C PRO A 58 -5.98 -3.33 -1.10
N TYR A 59 -4.98 -3.47 -1.97
CA TYR A 59 -4.60 -2.39 -2.87
C TYR A 59 -5.82 -1.67 -3.42
N LEU A 60 -6.94 -2.39 -3.49
CA LEU A 60 -8.19 -1.81 -3.99
C LEU A 60 -8.68 -0.69 -3.07
N CYS A 61 -9.12 -1.06 -1.87
CA CYS A 61 -9.61 -0.08 -0.92
C CYS A 61 -8.63 1.09 -0.78
N LEU A 62 -7.35 0.77 -0.73
CA LEU A 62 -6.31 1.80 -0.61
C LEU A 62 -6.73 3.08 -1.33
N ARG A 63 -7.30 4.02 -0.58
CA ARG A 63 -7.73 5.29 -1.15
C ARG A 63 -6.57 6.02 -1.81
N ARG A 64 -5.53 6.28 -1.04
CA ARG A 64 -4.35 6.97 -1.55
C ARG A 64 -3.08 6.46 -0.88
N TYR A 65 -1.99 6.43 -1.63
CA TYR A 65 -0.71 5.96 -1.10
C TYR A 65 0.38 7.00 -1.31
N GLY A 66 0.92 7.52 -0.20
CA GLY A 66 1.96 8.52 -0.28
C GLY A 66 3.31 8.00 0.20
N TYR A 67 4.32 8.86 0.18
CA TYR A 67 5.65 8.48 0.60
C TYR A 67 6.43 9.69 1.12
N ASP A 68 7.51 9.43 1.85
CA ASP A 68 8.34 10.50 2.39
C ASP A 68 9.73 9.99 2.73
N SER A 69 10.68 10.90 2.85
CA SER A 69 12.06 10.54 3.18
C SER A 69 12.10 9.46 4.25
N ASN A 70 11.52 9.76 5.41
CA ASN A 70 11.49 8.81 6.52
C ASN A 70 10.07 8.70 7.10
N LEU A 71 9.08 8.77 6.23
CA LEU A 71 7.69 8.68 6.64
C LEU A 71 6.81 8.12 5.53
N PHE A 72 6.08 7.05 5.82
CA PHE A 72 5.21 6.43 4.84
C PHE A 72 3.84 6.11 5.44
N SER A 73 2.81 6.77 4.94
CA SER A 73 1.46 6.57 5.44
C SER A 73 0.50 6.23 4.29
N PHE A 74 -0.69 5.75 4.64
CA PHE A 74 -1.69 5.40 3.64
C PHE A 74 -3.09 5.57 4.20
N GLU A 75 -4.06 5.77 3.31
CA GLU A 75 -5.45 5.96 3.71
C GLU A 75 -6.23 4.65 3.61
N SER A 76 -7.29 4.54 4.39
CA SER A 76 -8.12 3.34 4.39
C SER A 76 -9.58 3.68 4.64
N GLY A 77 -10.47 3.11 3.83
CA GLY A 77 -11.89 3.38 3.98
C GLY A 77 -12.44 2.86 5.29
N ARG A 78 -13.64 2.29 5.26
CA ARG A 78 -14.28 1.76 6.46
C ARG A 78 -14.61 0.28 6.28
N ARG A 79 -14.97 -0.11 5.05
CA ARG A 79 -15.32 -1.49 4.75
C ARG A 79 -14.11 -2.40 4.95
N CYS A 80 -12.93 -1.82 5.07
CA CYS A 80 -11.70 -2.58 5.26
C CYS A 80 -11.68 -3.24 6.63
N GLN A 81 -10.57 -3.90 6.95
CA GLN A 81 -10.43 -4.58 8.23
C GLN A 81 -10.12 -3.58 9.34
N THR A 82 -9.06 -2.80 9.14
CA THR A 82 -8.66 -1.80 10.14
C THR A 82 -9.75 -0.76 10.33
N GLY A 83 -10.35 -0.31 9.24
CA GLY A 83 -11.40 0.68 9.31
C GLY A 83 -10.88 2.10 9.12
N GLN A 84 -11.80 3.06 9.04
CA GLN A 84 -11.42 4.45 8.85
C GLN A 84 -10.26 4.83 9.76
N GLY A 85 -9.38 5.70 9.26
CA GLY A 85 -8.23 6.12 10.04
C GLY A 85 -6.93 6.01 9.27
N ILE A 86 -6.13 7.07 9.30
CA ILE A 86 -4.85 7.08 8.60
C ILE A 86 -3.72 6.59 9.51
N PHE A 87 -2.97 5.60 9.03
CA PHE A 87 -1.87 5.04 9.79
C PHE A 87 -0.53 5.38 9.14
N ALA A 88 0.37 5.97 9.92
CA ALA A 88 1.68 6.34 9.42
C ALA A 88 2.76 5.39 9.94
N PHE A 89 3.88 5.33 9.22
CA PHE A 89 4.99 4.45 9.61
C PHE A 89 6.33 5.11 9.29
N LYS A 90 7.35 4.77 10.08
CA LYS A 90 8.68 5.31 9.87
C LYS A 90 9.61 4.28 9.24
N CYS A 91 10.42 4.73 8.29
CA CYS A 91 11.35 3.84 7.60
C CYS A 91 12.43 4.63 6.88
N SER A 92 13.27 3.93 6.13
CA SER A 92 14.37 4.57 5.39
C SER A 92 14.25 4.27 3.90
N ARG A 93 13.59 3.18 3.58
CA ARG A 93 13.41 2.77 2.18
C ARG A 93 11.98 3.00 1.72
N ALA A 94 11.35 4.04 2.27
CA ALA A 94 9.97 4.37 1.91
C ALA A 94 9.78 4.39 0.40
N GLU A 95 10.55 5.25 -0.27
CA GLU A 95 10.47 5.38 -1.72
C GLU A 95 10.38 4.00 -2.38
N GLU A 96 11.32 3.13 -2.03
CA GLU A 96 11.36 1.78 -2.59
C GLU A 96 9.96 1.16 -2.58
N ILE A 97 9.26 1.27 -1.46
CA ILE A 97 7.93 0.72 -1.33
C ILE A 97 6.93 1.50 -2.18
N PHE A 98 7.13 2.80 -2.29
CA PHE A 98 6.26 3.65 -3.07
C PHE A 98 6.44 3.40 -4.57
N ASN A 99 7.65 3.00 -4.94
CA ASN A 99 7.96 2.72 -6.34
C ASN A 99 7.40 1.37 -6.77
N LEU A 100 7.35 0.43 -5.83
CA LEU A 100 6.83 -0.90 -6.11
C LEU A 100 5.31 -0.95 -5.93
N LEU A 101 4.81 -0.19 -4.96
CA LEU A 101 3.38 -0.14 -4.69
C LEU A 101 2.59 0.05 -5.98
N GLN A 102 2.81 1.18 -6.63
CA GLN A 102 2.11 1.49 -7.88
C GLN A 102 2.38 0.42 -8.92
N ASP A 103 3.54 -0.20 -8.84
CA ASP A 103 3.92 -1.24 -9.79
C ASP A 103 3.13 -2.52 -9.52
N LEU A 104 2.69 -2.70 -8.28
CA LEU A 104 1.91 -3.88 -7.91
C LEU A 104 0.42 -3.63 -8.06
N MET A 105 -0.01 -2.41 -7.70
CA MET A 105 -1.41 -2.05 -7.79
C MET A 105 -1.95 -2.30 -9.20
N GLN A 106 -1.27 -1.73 -10.20
CA GLN A 106 -1.68 -1.90 -11.59
C GLN A 106 -1.92 -3.37 -11.91
N CYS A 107 -1.07 -4.23 -11.37
CA CYS A 107 -1.19 -5.67 -11.61
C CYS A 107 -2.62 -6.15 -11.32
N ASN A 108 -3.29 -5.49 -10.39
CA ASN A 108 -4.66 -5.84 -10.03
C ASN A 108 -4.76 -7.33 -9.74
N SER A 109 -3.92 -7.82 -8.84
CA SER A 109 -3.91 -9.24 -8.48
C SER A 109 -4.98 -9.52 -7.41
N ILE A 110 -6.24 -9.42 -7.81
CA ILE A 110 -7.34 -9.67 -6.88
C ILE A 110 -7.62 -11.16 -6.75
N ASN A 111 -8.76 -11.49 -6.15
CA ASN A 111 -9.15 -12.88 -5.95
C ASN A 111 -9.61 -13.50 -7.26
N VAL A 112 -8.83 -13.29 -8.32
CA VAL A 112 -9.17 -13.83 -9.63
C VAL A 112 -9.09 -15.36 -9.63
N MET A 113 -8.15 -15.90 -8.87
CA MET A 113 -7.98 -17.35 -8.78
C MET A 113 -9.28 -18.03 -8.35
N GLU A 114 -9.25 -19.35 -8.26
CA GLU A 114 -10.42 -20.11 -7.85
C GLU A 114 -11.20 -19.39 -6.75
N GLU A 115 -12.29 -18.75 -7.12
CA GLU A 115 -13.11 -18.01 -6.16
C GLU A 115 -14.42 -17.56 -6.81
N PRO A 116 -15.42 -17.24 -5.96
CA PRO A 116 -16.73 -16.79 -6.42
C PRO A 116 -16.67 -15.39 -7.04
N VAL A 117 -17.80 -14.96 -7.61
CA VAL A 117 -17.88 -13.65 -8.24
C VAL A 117 -18.34 -12.59 -7.23
N ILE A 118 -17.83 -11.38 -7.38
CA ILE A 118 -18.20 -10.28 -6.50
C ILE A 118 -18.37 -8.97 -7.27
N ILE A 119 -19.30 -8.13 -6.82
CA ILE A 119 -19.55 -6.86 -7.47
C ILE A 119 -18.41 -5.89 -7.23
N THR A 120 -17.35 -6.01 -8.03
CA THR A 120 -16.18 -5.13 -7.91
C THR A 120 -15.59 -4.83 -9.27
N ARG A 121 -14.57 -3.98 -9.29
CA ARG A 121 -13.91 -3.59 -10.53
C ARG A 121 -12.57 -4.32 -10.68
N ASN A 122 -12.49 -5.20 -11.68
CA ASN A 122 -11.28 -5.95 -11.94
C ASN A 122 -10.99 -6.04 -13.43
N SER A 123 -9.82 -6.57 -13.77
CA SER A 123 -9.43 -6.71 -15.17
C SER A 123 -8.91 -8.12 -15.44
N HIS A 124 -8.56 -8.37 -16.70
CA HIS A 124 -8.05 -9.68 -17.10
C HIS A 124 -6.66 -9.92 -16.52
N PRO A 125 -6.57 -10.88 -15.59
CA PRO A 125 -5.29 -11.23 -14.94
C PRO A 125 -4.32 -11.92 -15.89
N ALA A 126 -3.20 -12.37 -15.35
CA ALA A 126 -2.18 -13.05 -16.15
C ALA A 126 -1.95 -14.47 -15.65
N GLU A 127 -1.16 -15.24 -16.39
CA GLU A 127 -0.86 -16.62 -16.02
C GLU A 127 0.63 -16.89 -16.12
N LEU A 128 1.08 -17.94 -15.43
CA LEU A 128 2.50 -18.31 -15.43
C LEU A 128 2.89 -18.92 -16.76
N ASP A 129 4.05 -18.52 -17.28
CA ASP A 129 4.55 -19.04 -18.55
C ASP A 129 5.08 -20.45 -18.38
N LEU A 130 5.60 -21.02 -19.47
CA LEU A 130 6.15 -22.37 -19.45
C LEU A 130 7.64 -22.36 -19.75
N PRO A 131 8.35 -23.39 -19.28
CA PRO A 131 9.79 -23.53 -19.50
C PRO A 131 10.14 -23.83 -20.94
N ARG A 132 11.42 -23.73 -21.28
CA ARG A 132 11.89 -23.99 -22.63
C ARG A 132 12.49 -25.39 -22.74
N ALA A 133 12.50 -25.92 -23.95
CA ALA A 133 13.06 -27.25 -24.20
C ALA A 133 14.46 -27.38 -23.61
N PRO A 134 14.83 -28.61 -23.23
CA PRO A 134 16.15 -28.90 -22.65
C PRO A 134 17.27 -28.76 -23.66
N GLN A 135 18.45 -29.23 -23.28
CA GLN A 135 19.62 -29.16 -24.17
C GLN A 135 20.16 -30.55 -24.45
N PRO A 136 20.75 -30.72 -25.65
CA PRO A 136 21.32 -32.00 -26.08
C PRO A 136 22.58 -32.35 -25.30
N PRO A 137 22.83 -33.67 -25.15
CA PRO A 137 24.01 -34.17 -24.43
C PRO A 137 25.31 -33.90 -25.17
N ASN A 138 26.37 -34.60 -24.77
CA ASN A 138 27.67 -34.44 -25.41
C ASN A 138 28.12 -35.74 -26.06
N ALA A 139 29.29 -35.71 -26.71
CA ALA A 139 29.83 -36.90 -27.36
C ALA A 139 30.63 -37.74 -26.39
N LEU A 140 31.22 -38.82 -26.89
CA LEU A 140 32.03 -39.71 -26.06
C LEU A 140 33.39 -39.94 -26.69
N GLY A 141 34.43 -39.99 -25.85
CA GLY A 141 35.77 -40.20 -26.32
C GLY A 141 36.05 -41.66 -26.64
N TYR A 142 37.28 -42.09 -26.38
CA TYR A 142 37.67 -43.47 -26.65
C TYR A 142 38.84 -43.88 -25.76
N THR A 143 39.17 -45.17 -25.79
CA THR A 143 40.27 -45.69 -24.99
C THR A 143 41.19 -46.58 -25.83
N VAL A 144 42.25 -47.08 -25.20
CA VAL A 144 43.21 -47.94 -25.89
C VAL A 144 43.66 -49.08 -24.99
N SER A 145 44.24 -50.11 -25.60
CA SER A 145 44.71 -51.28 -24.86
C SER A 145 46.19 -51.15 -24.55
N SER A 146 46.73 -52.15 -23.83
CA SER A 146 48.14 -52.14 -23.46
C SER A 146 48.97 -52.88 -24.50
N LEU B 1 -2.89 0.13 15.87
CA LEU B 1 -2.21 1.21 15.18
C LEU B 1 -2.63 2.58 15.73
N PHE B 2 -1.94 3.63 15.29
CA PHE B 2 -2.25 4.98 15.74
C PHE B 2 -2.95 5.77 14.64
N ARG B 3 -4.19 6.19 14.91
CA ARG B 3 -4.96 6.94 13.93
C ARG B 3 -4.36 8.33 13.72
N LEU B 4 -4.52 8.86 12.52
CA LEU B 4 -3.99 10.17 12.18
C LEU B 4 -5.11 11.14 11.82
N ARG B 5 -4.80 12.43 11.78
CA ARG B 5 -5.78 13.45 11.45
C ARG B 5 -5.64 13.89 9.99
N HIS B 6 -4.40 14.10 9.56
CA HIS B 6 -4.13 14.53 8.19
C HIS B 6 -2.94 13.76 7.62
N PHE B 7 -2.90 13.66 6.29
CA PHE B 7 -1.82 12.95 5.61
C PHE B 7 -0.50 13.71 5.75
N PRO B 8 0.45 13.12 6.48
CA PRO B 8 1.77 13.73 6.70
C PRO B 8 2.62 13.75 5.43
N CYS B 9 2.03 13.29 4.33
CA CYS B 9 2.74 13.26 3.05
C CYS B 9 2.32 14.43 2.17
N GLY B 10 1.11 14.34 1.61
CA GLY B 10 0.62 15.41 0.75
C GLY B 10 0.75 15.07 -0.72
N ASN B 11 1.89 14.50 -1.10
CA ASN B 11 2.14 14.13 -2.49
C ASN B 11 1.81 12.67 -2.73
N VAL B 12 0.56 12.40 -3.11
CA VAL B 12 0.11 11.04 -3.38
C VAL B 12 -0.23 10.85 -4.85
N ASN B 13 0.16 9.72 -5.41
CA ASN B 13 -0.09 9.41 -6.81
C ASN B 13 -1.34 8.53 -6.95
N TYR B 14 -2.51 9.15 -6.90
CA TYR B 14 -3.77 8.42 -7.03
C TYR B 14 -3.62 7.24 -7.99
N GLY B 15 -4.13 6.08 -7.58
CA GLY B 15 -4.06 4.90 -8.42
C GLY B 15 -5.42 4.36 -8.79
N TYR B 16 -6.15 3.85 -7.80
CA TYR B 16 -7.47 3.30 -8.03
C TYR B 16 -8.51 4.40 -8.22
N GLN B 17 -8.38 5.46 -7.41
CA GLN B 17 -9.30 6.59 -7.48
C GLN B 17 -9.15 7.33 -8.82
N GLN B 18 -10.02 6.99 -9.77
CA GLN B 18 -9.98 7.63 -11.08
C GLN B 18 -10.28 9.12 -10.97
N GLN B 19 -9.62 9.90 -11.83
CA GLN B 19 -9.82 11.35 -11.83
C GLN B 19 -11.02 11.74 -12.69
#